data_4E2S
#
_entry.id   4E2S
#
_cell.length_a   93.098
_cell.length_b   174.894
_cell.length_c   154.300
_cell.angle_alpha   90.000
_cell.angle_beta   99.260
_cell.angle_gamma   90.000
#
_symmetry.space_group_name_H-M   'P 1 21 1'
#
loop_
_entity.id
_entity.type
_entity.pdbx_description
1 polymer 'Ureidoglycine aminohydrolase'
2 non-polymer 'MANGANESE (II) ION'
3 non-polymer '(2S)-amino(carbamoylamino)ethanoic acid'
4 water water
#
_entity_poly.entity_id   1
_entity_poly.type   'polypeptide(L)'
_entity_poly.pdbx_seq_one_letter_code
;GHMKTNPIYWKATNPTLSPSHLQDLPGFTRSVYKRDHALITPESHVYSPLPDWTNTLGAYLITPATGSHFVMYLAKMKEM
SSSGLPPQDIERLIFVVEGAVTLTNTSSSSKKLTVDSYAYLPPNFHHSLDCVESATLVVFERRYEYLGSHTTELIVGSTD
KQPLLETPGEVFELRKLLPMSVAYDFNIHTMDFQPGEFLNVKEVHYNQHGLLLLEGQGIYRLGDNWYPVQAGDVIWMAPF
VPQWYAALGKTRSRYLLYKDVNRNPL
;
_entity_poly.pdbx_strand_id   A,B,C,D,E,F,G,H,I,J,K,L,M,N,O,P
#
# COMPACT_ATOMS: atom_id res chain seq x y z
N PRO A 7 27.37 -48.48 -15.64
CA PRO A 7 27.51 -47.70 -16.91
C PRO A 7 28.63 -46.70 -16.67
N ILE A 8 29.79 -46.94 -17.28
CA ILE A 8 30.97 -46.10 -17.13
C ILE A 8 30.71 -44.60 -17.02
N TYR A 9 31.18 -44.00 -15.92
CA TYR A 9 31.03 -42.57 -15.68
C TYR A 9 29.58 -42.09 -15.60
N TRP A 10 28.68 -42.96 -15.19
CA TRP A 10 27.26 -42.57 -15.11
C TRP A 10 27.00 -41.37 -14.22
N LYS A 11 27.65 -41.33 -13.05
CA LYS A 11 27.46 -40.23 -12.12
C LYS A 11 28.02 -38.91 -12.63
N ALA A 12 28.84 -38.98 -13.68
CA ALA A 12 29.43 -37.78 -14.24
C ALA A 12 28.43 -36.90 -14.98
N THR A 13 27.26 -37.46 -15.29
CA THR A 13 26.19 -36.71 -15.97
C THR A 13 24.86 -36.90 -15.23
N ASN A 14 24.92 -37.71 -14.17
CA ASN A 14 23.79 -37.98 -13.28
C ASN A 14 24.43 -37.94 -11.90
N PRO A 15 24.83 -36.74 -11.45
CA PRO A 15 25.47 -36.57 -10.14
C PRO A 15 24.52 -36.80 -8.97
N THR A 16 25.03 -37.43 -7.91
CA THR A 16 24.23 -37.74 -6.72
C THR A 16 23.43 -36.53 -6.25
N LEU A 17 24.10 -35.40 -6.06
CA LEU A 17 23.39 -34.19 -5.70
C LEU A 17 23.15 -33.52 -7.05
N SER A 18 21.93 -33.68 -7.54
CA SER A 18 21.49 -33.13 -8.82
C SER A 18 21.01 -31.67 -8.74
N PRO A 19 21.06 -30.97 -9.86
CA PRO A 19 20.61 -29.58 -9.89
C PRO A 19 19.16 -29.43 -9.45
N SER A 20 18.33 -30.42 -9.76
CA SER A 20 16.90 -30.38 -9.41
C SER A 20 16.61 -30.63 -7.94
N HIS A 21 17.59 -31.13 -7.21
CA HIS A 21 17.42 -31.36 -5.78
C HIS A 21 17.50 -30.03 -5.02
N LEU A 22 18.00 -29.02 -5.70
CA LEU A 22 18.13 -27.71 -5.10
C LEU A 22 17.10 -26.71 -5.61
N GLN A 23 15.94 -27.17 -6.04
CA GLN A 23 14.96 -26.23 -6.57
C GLN A 23 14.12 -25.49 -5.53
N ASP A 24 14.31 -25.84 -4.25
CA ASP A 24 13.57 -25.17 -3.18
C ASP A 24 14.57 -24.40 -2.34
N LEU A 25 15.72 -24.14 -2.96
CA LEU A 25 16.80 -23.38 -2.35
C LEU A 25 17.27 -22.31 -3.34
N PRO A 26 16.56 -21.17 -3.41
CA PRO A 26 16.87 -20.05 -4.29
C PRO A 26 18.21 -19.39 -4.02
N GLY A 27 19.06 -19.36 -5.03
CA GLY A 27 20.37 -18.76 -4.90
C GLY A 27 21.45 -19.73 -4.47
N PHE A 28 21.05 -20.88 -3.91
CA PHE A 28 22.01 -21.85 -3.45
C PHE A 28 22.80 -22.52 -4.56
N THR A 29 24.11 -22.63 -4.35
CA THR A 29 24.98 -23.32 -5.29
C THR A 29 26.30 -23.71 -4.63
N ARG A 30 26.93 -24.73 -5.16
CA ARG A 30 28.21 -25.20 -4.63
C ARG A 30 29.39 -24.56 -5.36
N SER A 31 29.10 -23.90 -6.47
CA SER A 31 30.13 -23.27 -7.29
C SER A 31 30.80 -22.10 -6.62
N VAL A 32 32.09 -21.96 -6.90
CA VAL A 32 32.93 -20.91 -6.37
C VAL A 32 33.88 -20.51 -7.49
N TYR A 33 34.25 -19.23 -7.52
CA TYR A 33 35.20 -18.72 -8.52
C TYR A 33 36.06 -17.69 -7.85
N LYS A 34 37.31 -18.03 -7.59
CA LYS A 34 38.21 -17.10 -6.93
C LYS A 34 39.44 -16.73 -7.76
N ARG A 35 40.32 -15.93 -7.16
CA ARG A 35 41.53 -15.44 -7.81
C ARG A 35 42.41 -16.52 -8.40
N ASP A 36 42.61 -17.63 -7.71
CA ASP A 36 43.47 -18.66 -8.25
C ASP A 36 42.87 -20.03 -8.51
N HIS A 37 41.59 -20.20 -8.22
CA HIS A 37 40.94 -21.48 -8.48
C HIS A 37 39.44 -21.29 -8.67
N ALA A 38 38.75 -22.40 -8.92
CA ALA A 38 37.32 -22.38 -9.13
C ALA A 38 36.70 -23.76 -9.02
N LEU A 39 35.56 -23.84 -8.37
CA LEU A 39 34.85 -25.09 -8.25
C LEU A 39 33.53 -24.85 -8.98
N ILE A 40 33.41 -25.40 -10.18
CA ILE A 40 32.20 -25.26 -10.98
C ILE A 40 31.35 -26.51 -10.85
N THR A 41 30.17 -26.35 -10.30
CA THR A 41 29.26 -27.46 -10.07
C THR A 41 28.09 -27.44 -11.06
N PRO A 42 27.41 -28.58 -11.24
CA PRO A 42 26.27 -28.77 -12.14
C PRO A 42 25.17 -27.72 -12.19
N GLU A 43 24.69 -27.29 -11.03
CA GLU A 43 23.61 -26.30 -11.00
C GLU A 43 23.99 -24.95 -11.58
N SER A 44 25.25 -24.79 -11.98
CA SER A 44 25.72 -23.54 -12.54
C SER A 44 26.09 -23.61 -14.04
N HIS A 45 26.04 -24.80 -14.60
CA HIS A 45 26.36 -24.97 -16.00
C HIS A 45 25.43 -24.11 -16.83
N VAL A 46 26.00 -23.33 -17.74
CA VAL A 46 25.22 -22.45 -18.59
C VAL A 46 25.33 -22.96 -20.04
N TYR A 47 24.40 -23.83 -20.41
CA TYR A 47 24.38 -24.40 -21.76
C TYR A 47 23.76 -23.40 -22.73
N SER A 48 24.45 -23.23 -23.84
CA SER A 48 24.04 -22.28 -24.87
C SER A 48 24.69 -22.69 -26.17
N PRO A 49 23.99 -22.51 -27.30
CA PRO A 49 24.54 -22.87 -28.61
C PRO A 49 26.05 -22.63 -28.73
N LEU A 50 26.77 -23.65 -29.18
CA LEU A 50 28.22 -23.52 -29.35
C LEU A 50 28.54 -22.78 -30.65
N PRO A 51 29.45 -21.79 -30.57
CA PRO A 51 29.87 -20.99 -31.72
C PRO A 51 30.52 -21.87 -32.80
N ASP A 52 29.97 -21.82 -34.01
CA ASP A 52 30.48 -22.59 -35.16
C ASP A 52 29.89 -23.99 -35.19
N TRP A 53 29.80 -24.63 -34.03
CA TRP A 53 29.22 -25.96 -33.98
C TRP A 53 27.84 -25.91 -34.61
N THR A 54 27.37 -27.05 -35.07
CA THR A 54 26.06 -27.12 -35.67
C THR A 54 25.11 -27.81 -34.75
N ASN A 55 24.10 -27.07 -34.31
CA ASN A 55 23.09 -27.65 -33.45
C ASN A 55 23.68 -28.41 -32.26
N THR A 56 24.32 -27.70 -31.34
CA THR A 56 24.89 -28.35 -30.17
C THR A 56 24.93 -27.37 -29.03
N LEU A 57 24.43 -27.79 -27.87
CA LEU A 57 24.45 -26.91 -26.73
C LEU A 57 25.78 -27.13 -26.00
N GLY A 58 26.38 -26.06 -25.52
CA GLY A 58 27.64 -26.20 -24.83
C GLY A 58 27.80 -25.21 -23.69
N ALA A 59 28.50 -25.62 -22.65
CA ALA A 59 28.70 -24.72 -21.50
C ALA A 59 30.17 -24.60 -21.12
N TYR A 60 30.72 -23.42 -21.33
CA TYR A 60 32.11 -23.16 -21.00
C TYR A 60 32.31 -23.14 -19.48
N LEU A 61 33.35 -23.82 -19.02
CA LEU A 61 33.66 -23.90 -17.60
C LEU A 61 34.84 -23.00 -17.28
N ILE A 62 35.81 -22.98 -18.20
CA ILE A 62 37.02 -22.17 -18.08
C ILE A 62 37.39 -21.57 -19.45
N THR A 63 37.90 -20.35 -19.44
CA THR A 63 38.38 -19.70 -20.67
C THR A 63 39.52 -18.83 -20.23
N PRO A 64 40.22 -18.20 -21.18
CA PRO A 64 41.34 -17.34 -20.78
C PRO A 64 40.92 -16.13 -19.98
N ALA A 65 39.62 -15.86 -19.94
CA ALA A 65 39.12 -14.72 -19.17
C ALA A 65 39.55 -14.88 -17.72
N THR A 66 39.76 -16.13 -17.30
CA THR A 66 40.18 -16.44 -15.94
C THR A 66 41.69 -16.28 -15.75
N GLY A 67 42.40 -16.09 -16.85
CA GLY A 67 43.83 -15.96 -16.77
C GLY A 67 44.53 -17.24 -17.23
N SER A 68 43.75 -18.17 -17.75
CA SER A 68 44.28 -19.43 -18.24
C SER A 68 44.68 -19.25 -19.70
N HIS A 69 45.26 -20.30 -20.28
CA HIS A 69 45.67 -20.26 -21.67
C HIS A 69 44.88 -21.31 -22.47
N PHE A 70 43.80 -21.81 -21.88
CA PHE A 70 42.98 -22.82 -22.53
C PHE A 70 41.51 -22.66 -22.17
N VAL A 71 40.64 -23.33 -22.91
CA VAL A 71 39.22 -23.29 -22.60
C VAL A 71 38.82 -24.70 -22.28
N MET A 72 37.81 -24.86 -21.41
CA MET A 72 37.29 -26.16 -21.03
C MET A 72 35.78 -26.02 -21.13
N TYR A 73 35.12 -26.96 -21.79
CA TYR A 73 33.68 -26.88 -21.90
C TYR A 73 33.01 -28.20 -22.17
N LEU A 74 31.73 -28.27 -21.85
CA LEU A 74 30.97 -29.49 -22.07
C LEU A 74 30.13 -29.36 -23.31
N ALA A 75 30.14 -30.39 -24.14
CA ALA A 75 29.38 -30.38 -25.37
C ALA A 75 28.27 -31.41 -25.27
N LYS A 76 27.04 -30.95 -25.46
CA LYS A 76 25.87 -31.80 -25.43
C LYS A 76 25.41 -32.02 -26.86
N MET A 77 25.83 -33.12 -27.49
CA MET A 77 25.41 -33.39 -28.86
C MET A 77 24.19 -34.29 -28.87
N LYS A 78 23.32 -34.05 -29.83
CA LYS A 78 22.10 -34.82 -30.00
C LYS A 78 21.97 -35.30 -31.42
N GLU A 79 20.81 -35.88 -31.72
CA GLU A 79 20.49 -36.42 -33.03
C GLU A 79 20.96 -35.48 -34.12
N MET A 80 21.73 -36.02 -35.07
CA MET A 80 22.24 -35.21 -36.17
C MET A 80 22.67 -33.80 -35.71
N SER A 81 23.88 -33.73 -35.15
CA SER A 81 24.52 -32.49 -34.67
C SER A 81 26.02 -32.71 -34.87
N SER A 82 26.73 -31.71 -35.37
CA SER A 82 28.17 -31.89 -35.62
C SER A 82 29.06 -30.76 -35.13
N SER A 83 30.34 -31.06 -34.95
CA SER A 83 31.30 -30.09 -34.49
C SER A 83 31.63 -29.09 -35.57
N GLY A 84 32.26 -28.00 -35.15
CA GLY A 84 32.65 -26.95 -36.06
C GLY A 84 34.13 -26.72 -35.89
N LEU A 85 34.86 -26.73 -37.00
CA LEU A 85 36.30 -26.51 -36.94
C LEU A 85 36.54 -25.37 -35.99
N PRO A 86 37.49 -25.54 -35.05
CA PRO A 86 37.81 -24.48 -34.10
C PRO A 86 38.59 -23.40 -34.82
N PRO A 87 38.77 -22.24 -34.17
CA PRO A 87 39.51 -21.16 -34.82
C PRO A 87 40.86 -21.65 -35.35
N GLN A 88 41.56 -20.79 -36.07
CA GLN A 88 42.85 -21.15 -36.63
C GLN A 88 43.92 -21.28 -35.56
N ASP A 89 44.86 -22.20 -35.78
CA ASP A 89 45.96 -22.47 -34.86
C ASP A 89 45.49 -22.91 -33.46
N ILE A 90 44.29 -23.47 -33.38
CA ILE A 90 43.78 -23.92 -32.10
C ILE A 90 43.75 -25.45 -32.08
N GLU A 91 44.43 -26.03 -31.09
CA GLU A 91 44.42 -27.49 -30.97
C GLU A 91 43.20 -27.89 -30.14
N ARG A 92 42.60 -29.01 -30.47
CA ARG A 92 41.43 -29.47 -29.77
C ARG A 92 41.62 -30.89 -29.28
N LEU A 93 41.01 -31.19 -28.13
CA LEU A 93 41.06 -32.51 -27.54
C LEU A 93 39.67 -32.83 -26.98
N ILE A 94 39.08 -33.93 -27.42
CA ILE A 94 37.77 -34.27 -26.90
C ILE A 94 37.79 -35.61 -26.16
N PHE A 95 36.98 -35.71 -25.12
CA PHE A 95 36.87 -36.93 -24.33
C PHE A 95 35.39 -37.27 -24.20
N VAL A 96 35.04 -38.49 -24.58
CA VAL A 96 33.66 -38.95 -24.52
C VAL A 96 33.21 -39.43 -23.13
N VAL A 97 32.43 -38.60 -22.46
CA VAL A 97 31.93 -38.89 -21.13
C VAL A 97 30.58 -39.62 -21.17
N GLU A 98 29.84 -39.48 -22.26
CA GLU A 98 28.54 -40.13 -22.41
C GLU A 98 28.25 -40.32 -23.90
N GLY A 99 27.46 -41.34 -24.21
CA GLY A 99 27.09 -41.61 -25.60
C GLY A 99 28.25 -42.04 -26.48
N ALA A 100 28.20 -41.61 -27.73
CA ALA A 100 29.23 -41.94 -28.68
C ALA A 100 29.17 -40.96 -29.83
N VAL A 101 30.30 -40.74 -30.49
CA VAL A 101 30.34 -39.81 -31.59
C VAL A 101 31.32 -40.30 -32.62
N THR A 102 31.07 -40.00 -33.89
CA THR A 102 31.95 -40.44 -34.96
C THR A 102 32.93 -39.36 -35.40
N LEU A 103 34.21 -39.73 -35.46
CA LEU A 103 35.27 -38.83 -35.89
C LEU A 103 35.72 -39.16 -37.32
N THR A 104 35.71 -38.16 -38.19
CA THR A 104 36.11 -38.32 -39.58
C THR A 104 36.93 -37.11 -39.94
N ASN A 105 37.43 -37.06 -41.17
CA ASN A 105 38.21 -35.91 -41.61
C ASN A 105 38.23 -35.75 -43.13
N SER A 108 42.00 -39.72 -43.19
CA SER A 108 41.97 -41.16 -42.96
C SER A 108 40.66 -41.67 -42.30
N SER A 109 40.23 -42.84 -42.74
CA SER A 109 39.03 -43.55 -42.27
C SER A 109 38.33 -43.05 -40.99
N SER A 110 37.00 -43.13 -41.00
CA SER A 110 36.18 -42.70 -39.87
C SER A 110 36.48 -43.53 -38.61
N LYS A 111 36.12 -43.02 -37.43
CA LYS A 111 36.37 -43.74 -36.21
C LYS A 111 35.23 -43.53 -35.19
N LYS A 112 34.76 -44.62 -34.60
CA LYS A 112 33.68 -44.51 -33.63
C LYS A 112 34.27 -44.39 -32.24
N LEU A 113 34.01 -43.27 -31.59
CA LEU A 113 34.52 -43.01 -30.26
C LEU A 113 33.44 -43.16 -29.22
N THR A 114 33.52 -44.22 -28.42
CA THR A 114 32.54 -44.45 -27.38
C THR A 114 33.01 -43.80 -26.08
N VAL A 115 32.30 -44.08 -24.98
CA VAL A 115 32.66 -43.52 -23.68
C VAL A 115 34.08 -43.92 -23.39
N ASP A 116 34.82 -43.04 -22.73
CA ASP A 116 36.21 -43.27 -22.35
C ASP A 116 37.16 -43.08 -23.52
N SER A 117 36.62 -42.80 -24.71
CA SER A 117 37.48 -42.60 -25.86
C SER A 117 37.82 -41.12 -26.02
N TYR A 118 38.91 -40.83 -26.72
CA TYR A 118 39.32 -39.45 -26.91
C TYR A 118 40.02 -39.23 -28.23
N ALA A 119 40.13 -37.97 -28.62
CA ALA A 119 40.79 -37.62 -29.86
C ALA A 119 41.47 -36.27 -29.72
N TYR A 120 42.76 -36.24 -30.06
CA TYR A 120 43.53 -35.01 -30.01
C TYR A 120 43.78 -34.64 -31.48
N LEU A 121 43.44 -33.42 -31.87
CA LEU A 121 43.62 -33.00 -33.25
C LEU A 121 44.59 -31.84 -33.29
N PRO A 122 45.59 -31.91 -34.16
CA PRO A 122 46.56 -30.82 -34.25
C PRO A 122 45.92 -29.54 -34.78
N PRO A 123 46.55 -28.37 -34.52
CA PRO A 123 46.01 -27.10 -35.00
C PRO A 123 45.85 -27.09 -36.52
N ASN A 124 44.73 -26.55 -36.97
CA ASN A 124 44.44 -26.47 -38.40
C ASN A 124 44.13 -27.84 -39.00
N PHE A 125 44.27 -28.90 -38.21
CA PHE A 125 43.97 -30.24 -38.70
C PHE A 125 42.47 -30.37 -38.99
N HIS A 126 42.12 -30.29 -40.27
CA HIS A 126 40.73 -30.40 -40.67
C HIS A 126 40.09 -31.70 -40.21
N HIS A 127 38.88 -31.59 -39.66
CA HIS A 127 38.14 -32.75 -39.17
C HIS A 127 36.74 -32.33 -38.74
N SER A 128 35.99 -33.29 -38.22
CA SER A 128 34.63 -33.05 -37.78
C SER A 128 34.09 -34.21 -36.97
N LEU A 129 33.50 -33.88 -35.83
CA LEU A 129 32.89 -34.90 -34.99
C LEU A 129 31.40 -34.77 -35.27
N ASP A 130 30.78 -35.89 -35.61
CA ASP A 130 29.35 -35.90 -35.91
C ASP A 130 28.69 -36.86 -34.94
N CYS A 131 27.40 -36.66 -34.67
CA CYS A 131 26.69 -37.51 -33.73
C CYS A 131 25.31 -37.84 -34.30
N VAL A 132 24.84 -39.07 -34.08
CA VAL A 132 23.52 -39.46 -34.58
C VAL A 132 22.56 -39.85 -33.46
N GLU A 133 23.10 -40.08 -32.27
CA GLU A 133 22.29 -40.42 -31.11
C GLU A 133 22.45 -39.31 -30.08
N SER A 134 23.40 -39.48 -29.17
CA SER A 134 23.66 -38.48 -28.14
C SER A 134 25.07 -38.68 -27.61
N ALA A 135 25.67 -37.60 -27.12
CA ALA A 135 27.00 -37.70 -26.58
C ALA A 135 27.33 -36.47 -25.76
N THR A 136 28.08 -36.68 -24.68
CA THR A 136 28.53 -35.59 -23.83
C THR A 136 30.05 -35.56 -23.95
N LEU A 137 30.56 -34.48 -24.54
CA LEU A 137 31.98 -34.34 -24.70
C LEU A 137 32.58 -33.28 -23.80
N VAL A 138 33.71 -33.60 -23.18
CA VAL A 138 34.44 -32.64 -22.36
C VAL A 138 35.60 -32.31 -23.29
N VAL A 139 35.70 -31.05 -23.69
CA VAL A 139 36.74 -30.65 -24.61
C VAL A 139 37.66 -29.55 -24.10
N PHE A 140 38.89 -29.59 -24.60
CA PHE A 140 39.91 -28.63 -24.26
C PHE A 140 40.43 -28.06 -25.57
N GLU A 141 40.73 -26.77 -25.58
CA GLU A 141 41.25 -26.11 -26.77
C GLU A 141 42.25 -25.06 -26.30
N ARG A 142 43.25 -24.81 -27.12
CA ARG A 142 44.28 -23.86 -26.77
C ARG A 142 44.97 -23.38 -28.04
N ARG A 143 45.50 -22.17 -28.02
CA ARG A 143 46.23 -21.66 -29.18
C ARG A 143 47.59 -22.31 -29.04
N TYR A 144 47.81 -23.40 -29.79
CA TYR A 144 49.07 -24.15 -29.76
C TYR A 144 50.29 -23.25 -29.78
N GLU A 145 51.19 -23.47 -28.83
CA GLU A 145 52.39 -22.66 -28.80
C GLU A 145 53.48 -23.34 -29.58
N TYR A 146 53.53 -23.01 -30.86
CA TYR A 146 54.51 -23.54 -31.79
C TYR A 146 55.89 -23.30 -31.21
N LEU A 147 56.74 -24.30 -31.35
CA LEU A 147 58.12 -24.23 -30.86
C LEU A 147 59.01 -24.83 -31.94
N GLY A 148 59.80 -23.99 -32.58
CA GLY A 148 60.70 -24.47 -33.62
C GLY A 148 60.02 -25.10 -34.82
N SER A 149 60.44 -26.31 -35.15
CA SER A 149 59.91 -27.04 -36.29
C SER A 149 59.12 -28.25 -35.81
N HIS A 150 58.66 -28.18 -34.56
CA HIS A 150 57.89 -29.28 -34.00
C HIS A 150 56.43 -29.20 -34.43
N THR A 151 55.82 -30.35 -34.65
CA THR A 151 54.41 -30.41 -35.04
C THR A 151 53.76 -31.57 -34.31
N THR A 152 52.43 -31.57 -34.27
CA THR A 152 51.71 -32.64 -33.60
C THR A 152 50.97 -33.48 -34.63
N GLU A 153 50.38 -34.58 -34.16
CA GLU A 153 49.66 -35.48 -35.04
C GLU A 153 48.37 -36.00 -34.42
N LEU A 154 47.45 -36.40 -35.28
CA LEU A 154 46.17 -36.94 -34.84
C LEU A 154 46.37 -38.08 -33.86
N ILE A 155 45.90 -37.91 -32.65
CA ILE A 155 46.03 -38.95 -31.63
C ILE A 155 44.62 -39.42 -31.25
N VAL A 156 44.42 -40.74 -31.30
CA VAL A 156 43.14 -41.31 -30.96
C VAL A 156 43.40 -42.55 -30.11
N GLY A 157 42.81 -42.59 -28.91
CA GLY A 157 43.01 -43.74 -28.06
C GLY A 157 41.89 -43.94 -27.06
N SER A 158 42.17 -44.69 -26.00
CA SER A 158 41.20 -44.98 -24.96
C SER A 158 41.88 -45.17 -23.63
N THR A 159 41.40 -44.46 -22.62
CA THR A 159 41.94 -44.55 -21.28
C THR A 159 42.48 -45.94 -20.94
N ASP A 160 41.59 -46.94 -20.92
CA ASP A 160 41.97 -48.32 -20.58
C ASP A 160 43.16 -48.86 -21.36
N LYS A 161 43.31 -48.43 -22.61
CA LYS A 161 44.42 -48.88 -23.46
C LYS A 161 45.74 -48.16 -23.12
N GLN A 162 45.70 -47.24 -22.18
CA GLN A 162 46.92 -46.55 -21.79
C GLN A 162 47.50 -47.22 -20.54
N PRO A 163 48.84 -47.31 -20.50
CA PRO A 163 49.62 -47.91 -19.40
C PRO A 163 49.79 -47.07 -18.14
N LEU A 164 49.86 -47.74 -16.99
CA LEU A 164 50.08 -47.04 -15.75
C LEU A 164 51.48 -46.49 -15.81
N LEU A 165 51.69 -45.32 -15.22
CA LEU A 165 53.00 -44.72 -15.23
C LEU A 165 53.62 -44.70 -13.84
N GLU A 166 54.94 -44.63 -13.82
CA GLU A 166 55.70 -44.59 -12.56
C GLU A 166 55.24 -43.33 -11.85
N THR A 167 54.86 -43.45 -10.59
CA THR A 167 54.42 -42.30 -9.80
C THR A 167 55.24 -42.24 -8.53
N PRO A 168 56.52 -41.90 -8.65
CA PRO A 168 57.43 -41.81 -7.50
C PRO A 168 56.92 -40.84 -6.46
N GLY A 169 56.88 -41.29 -5.21
CA GLY A 169 56.42 -40.45 -4.13
C GLY A 169 54.91 -40.38 -4.02
N GLU A 170 54.20 -41.20 -4.79
CA GLU A 170 52.75 -41.20 -4.78
C GLU A 170 52.18 -42.62 -4.85
N VAL A 171 50.86 -42.75 -4.89
CA VAL A 171 50.22 -44.06 -4.95
C VAL A 171 49.04 -44.07 -5.91
N PHE A 172 48.65 -42.89 -6.40
CA PHE A 172 47.54 -42.86 -7.31
C PHE A 172 48.00 -43.52 -8.61
N GLU A 173 47.04 -44.00 -9.39
CA GLU A 173 47.33 -44.65 -10.64
C GLU A 173 47.24 -43.61 -11.75
N LEU A 174 48.35 -43.42 -12.44
CA LEU A 174 48.40 -42.41 -13.49
C LEU A 174 48.46 -42.91 -14.94
N ARG A 175 47.74 -42.23 -15.82
CA ARG A 175 47.74 -42.54 -17.24
C ARG A 175 47.76 -41.19 -17.97
N LYS A 176 48.41 -41.15 -19.13
CA LYS A 176 48.50 -39.91 -19.91
C LYS A 176 47.95 -40.22 -21.30
N LEU A 177 46.95 -39.47 -21.74
CA LEU A 177 46.33 -39.71 -23.03
C LEU A 177 47.18 -39.32 -24.23
N LEU A 178 48.12 -38.41 -24.02
CA LEU A 178 48.97 -37.95 -25.10
C LEU A 178 50.44 -38.32 -24.94
N PRO A 179 51.21 -38.26 -26.02
CA PRO A 179 52.63 -38.60 -25.93
C PRO A 179 53.29 -37.53 -25.08
N MET A 180 54.46 -37.84 -24.53
CA MET A 180 55.19 -36.88 -23.71
C MET A 180 56.17 -36.06 -24.53
N SER A 181 56.23 -36.34 -25.83
CA SER A 181 57.11 -35.61 -26.76
C SER A 181 57.10 -34.10 -26.53
N VAL A 182 58.26 -33.48 -26.70
CA VAL A 182 58.41 -32.05 -26.50
C VAL A 182 57.50 -31.24 -27.44
N ALA A 183 56.86 -31.93 -28.37
CA ALA A 183 55.97 -31.28 -29.33
C ALA A 183 54.68 -30.81 -28.67
N TYR A 184 54.05 -31.70 -27.93
CA TYR A 184 52.81 -31.41 -27.23
C TYR A 184 53.04 -30.41 -26.11
N ASP A 185 52.23 -29.35 -26.09
CA ASP A 185 52.37 -28.34 -25.06
C ASP A 185 51.38 -28.50 -23.90
N PHE A 186 50.73 -29.67 -23.86
CA PHE A 186 49.80 -30.01 -22.79
C PHE A 186 49.52 -31.48 -22.91
N ASN A 187 49.10 -32.09 -21.82
CA ASN A 187 48.79 -33.50 -21.83
C ASN A 187 47.53 -33.66 -21.02
N ILE A 188 46.88 -34.82 -21.11
CA ILE A 188 45.67 -35.04 -20.33
C ILE A 188 45.86 -36.27 -19.48
N HIS A 189 46.10 -36.06 -18.19
CA HIS A 189 46.30 -37.17 -17.28
C HIS A 189 44.99 -37.74 -16.73
N THR A 190 45.02 -39.02 -16.46
CA THR A 190 43.89 -39.71 -15.86
C THR A 190 44.52 -40.09 -14.52
N MET A 191 43.83 -39.81 -13.42
CA MET A 191 44.39 -40.12 -12.09
C MET A 191 43.37 -40.84 -11.23
N ASP A 192 43.75 -41.98 -10.69
CA ASP A 192 42.85 -42.76 -9.87
C ASP A 192 43.34 -42.94 -8.45
N PHE A 193 42.45 -42.68 -7.49
CA PHE A 193 42.74 -42.80 -6.07
C PHE A 193 41.78 -43.81 -5.44
N GLN A 194 42.32 -44.68 -4.60
CA GLN A 194 41.50 -45.65 -3.91
C GLN A 194 41.01 -44.96 -2.64
N PRO A 195 39.87 -45.41 -2.09
CA PRO A 195 39.37 -44.78 -0.87
C PRO A 195 40.43 -44.67 0.22
N GLY A 196 40.69 -43.44 0.67
CA GLY A 196 41.67 -43.22 1.70
C GLY A 196 42.97 -42.61 1.21
N GLU A 197 43.34 -42.90 -0.02
CA GLU A 197 44.58 -42.38 -0.57
C GLU A 197 44.52 -40.87 -0.81
N PHE A 198 45.69 -40.24 -0.89
CA PHE A 198 45.77 -38.80 -1.11
C PHE A 198 47.16 -38.37 -1.56
N LEU A 199 47.27 -37.14 -2.03
CA LEU A 199 48.55 -36.63 -2.49
C LEU A 199 49.48 -36.41 -1.33
N ASN A 200 50.73 -36.83 -1.51
CA ASN A 200 51.73 -36.66 -0.48
C ASN A 200 52.34 -35.29 -0.60
N VAL A 201 52.43 -34.78 -1.82
CA VAL A 201 52.96 -33.45 -2.05
C VAL A 201 51.83 -32.45 -2.21
N LYS A 202 51.92 -31.36 -1.48
CA LYS A 202 50.91 -30.33 -1.56
C LYS A 202 51.43 -29.37 -2.62
N GLU A 203 51.28 -29.79 -3.87
CA GLU A 203 51.77 -29.07 -5.02
C GLU A 203 51.58 -27.56 -5.08
N VAL A 204 52.57 -26.91 -5.67
CA VAL A 204 52.58 -25.48 -5.90
C VAL A 204 53.47 -25.33 -7.10
N HIS A 205 52.89 -25.46 -8.29
CA HIS A 205 53.67 -25.37 -9.51
C HIS A 205 53.19 -24.29 -10.49
N TYR A 206 53.99 -24.01 -11.52
CA TYR A 206 53.62 -23.01 -12.51
C TYR A 206 52.54 -23.58 -13.43
N ASN A 207 52.42 -24.90 -13.49
CA ASN A 207 51.42 -25.55 -14.34
C ASN A 207 50.00 -25.15 -13.99
N GLN A 208 49.07 -25.32 -14.93
CA GLN A 208 47.68 -24.98 -14.65
C GLN A 208 46.77 -26.15 -14.94
N HIS A 209 45.61 -26.19 -14.30
CA HIS A 209 44.70 -27.30 -14.51
C HIS A 209 43.24 -26.96 -14.78
N GLY A 210 42.56 -27.96 -15.31
CA GLY A 210 41.15 -27.89 -15.60
C GLY A 210 40.79 -29.34 -15.37
N LEU A 211 40.28 -29.71 -14.19
CA LEU A 211 39.94 -31.10 -13.94
C LEU A 211 38.45 -31.39 -13.88
N LEU A 212 38.12 -32.67 -14.09
CA LEU A 212 36.75 -33.15 -14.07
C LEU A 212 36.69 -34.50 -13.34
N LEU A 213 36.20 -34.49 -12.11
CA LEU A 213 36.08 -35.72 -11.32
C LEU A 213 35.12 -36.66 -12.05
N LEU A 214 35.65 -37.71 -12.66
CA LEU A 214 34.86 -38.67 -13.41
C LEU A 214 34.19 -39.74 -12.57
N GLU A 215 34.87 -40.19 -11.53
CA GLU A 215 34.34 -41.23 -10.64
C GLU A 215 34.58 -40.92 -9.16
N GLY A 216 33.62 -41.31 -8.32
CA GLY A 216 33.78 -41.13 -6.88
C GLY A 216 33.57 -39.76 -6.24
N GLN A 217 34.05 -39.66 -5.01
CA GLN A 217 33.95 -38.45 -4.22
C GLN A 217 35.15 -38.31 -3.27
N GLY A 218 35.35 -37.11 -2.74
CA GLY A 218 36.46 -36.89 -1.84
C GLY A 218 36.60 -35.45 -1.40
N ILE A 219 37.72 -35.12 -0.78
CA ILE A 219 37.99 -33.76 -0.32
C ILE A 219 39.09 -33.15 -1.17
N TYR A 220 38.89 -31.90 -1.54
CA TYR A 220 39.86 -31.20 -2.35
C TYR A 220 40.29 -29.89 -1.70
N ARG A 221 41.59 -29.66 -1.61
CA ARG A 221 42.09 -28.43 -1.04
C ARG A 221 42.65 -27.53 -2.14
N LEU A 222 42.39 -26.23 -2.03
CA LEU A 222 42.87 -25.27 -3.01
C LEU A 222 43.10 -24.01 -2.20
N GLY A 223 44.37 -23.63 -2.05
CA GLY A 223 44.69 -22.46 -1.27
C GLY A 223 44.24 -22.78 0.13
N ASP A 224 43.64 -21.83 0.84
CA ASP A 224 43.18 -22.13 2.19
C ASP A 224 41.71 -22.51 2.18
N ASN A 225 41.25 -23.09 1.07
CA ASN A 225 39.86 -23.51 0.92
C ASN A 225 39.71 -25.03 0.81
N TRP A 226 38.78 -25.59 1.58
CA TRP A 226 38.53 -27.03 1.58
C TRP A 226 37.17 -27.29 0.97
N TYR A 227 37.12 -28.16 -0.03
CA TYR A 227 35.88 -28.45 -0.73
C TYR A 227 35.45 -29.90 -0.89
N PRO A 228 34.20 -30.21 -0.51
CA PRO A 228 33.75 -31.59 -0.68
C PRO A 228 33.40 -31.68 -2.18
N VAL A 229 33.77 -32.77 -2.84
CA VAL A 229 33.46 -32.91 -4.27
C VAL A 229 32.84 -34.25 -4.64
N GLN A 230 32.10 -34.26 -5.74
CA GLN A 230 31.45 -35.47 -6.20
C GLN A 230 31.61 -35.61 -7.72
N ALA A 231 31.34 -36.79 -8.24
CA ALA A 231 31.44 -37.03 -9.67
C ALA A 231 30.64 -35.98 -10.41
N GLY A 232 31.23 -35.41 -11.44
CA GLY A 232 30.54 -34.40 -12.22
C GLY A 232 31.09 -33.03 -11.92
N ASP A 233 31.82 -32.91 -10.81
CA ASP A 233 32.41 -31.64 -10.41
C ASP A 233 33.56 -31.26 -11.31
N VAL A 234 33.73 -29.95 -11.49
CA VAL A 234 34.80 -29.43 -12.31
C VAL A 234 35.60 -28.39 -11.55
N ILE A 235 36.93 -28.56 -11.55
CA ILE A 235 37.79 -27.63 -10.85
C ILE A 235 38.77 -26.93 -11.77
N TRP A 236 39.01 -25.65 -11.50
CA TRP A 236 39.98 -24.87 -12.26
C TRP A 236 41.07 -24.50 -11.27
N MET A 237 42.31 -24.82 -11.59
CA MET A 237 43.44 -24.51 -10.74
C MET A 237 44.39 -23.61 -11.50
N ALA A 238 44.46 -22.35 -11.11
CA ALA A 238 45.35 -21.41 -11.77
C ALA A 238 46.78 -21.69 -11.34
N PRO A 239 47.75 -21.24 -12.15
CA PRO A 239 49.15 -21.46 -11.81
C PRO A 239 49.48 -21.07 -10.38
N PHE A 240 50.31 -21.89 -9.73
CA PHE A 240 50.81 -21.70 -8.37
C PHE A 240 49.90 -21.77 -7.17
N VAL A 241 48.66 -22.22 -7.35
CA VAL A 241 47.76 -22.32 -6.21
C VAL A 241 48.00 -23.65 -5.50
N PRO A 242 48.09 -23.62 -4.16
CA PRO A 242 48.32 -24.86 -3.40
C PRO A 242 47.17 -25.85 -3.65
N GLN A 243 47.51 -27.08 -4.02
CA GLN A 243 46.52 -28.09 -4.35
C GLN A 243 46.81 -29.48 -3.76
N TRP A 244 45.76 -30.11 -3.24
CA TRP A 244 45.87 -31.43 -2.65
C TRP A 244 44.53 -32.13 -2.77
N TYR A 245 44.54 -33.46 -2.70
CA TYR A 245 43.33 -34.24 -2.81
C TYR A 245 43.35 -35.49 -1.96
N ALA A 246 42.17 -36.04 -1.74
CA ALA A 246 42.01 -37.27 -0.99
C ALA A 246 40.68 -37.90 -1.40
N ALA A 247 40.74 -39.17 -1.80
CA ALA A 247 39.56 -39.91 -2.22
C ALA A 247 38.87 -40.53 -0.99
N LEU A 248 37.54 -40.46 -0.96
CA LEU A 248 36.75 -40.99 0.15
C LEU A 248 35.59 -41.86 -0.34
N GLY A 249 35.05 -42.70 0.54
CA GLY A 249 33.91 -43.53 0.18
C GLY A 249 34.19 -45.00 -0.16
N LYS A 250 33.17 -45.68 -0.68
CA LYS A 250 33.29 -47.09 -1.04
C LYS A 250 34.02 -47.30 -2.36
N THR A 251 33.61 -46.53 -3.36
CA THR A 251 34.17 -46.60 -4.71
C THR A 251 35.41 -45.71 -4.89
N ARG A 252 36.25 -46.05 -5.86
CA ARG A 252 37.46 -45.30 -6.13
C ARG A 252 37.17 -43.95 -6.78
N SER A 253 38.20 -43.12 -6.88
CA SER A 253 38.09 -41.80 -7.49
C SER A 253 38.93 -41.72 -8.76
N ARG A 254 38.40 -41.00 -9.75
CA ARG A 254 39.11 -40.80 -11.02
C ARG A 254 38.72 -39.46 -11.63
N TYR A 255 39.73 -38.71 -12.06
CA TYR A 255 39.46 -37.44 -12.70
C TYR A 255 40.36 -37.20 -13.91
N LEU A 256 39.82 -36.49 -14.88
CA LEU A 256 40.54 -36.15 -16.11
C LEU A 256 41.26 -34.86 -15.75
N LEU A 257 42.44 -34.62 -16.32
CA LEU A 257 43.19 -33.44 -15.94
C LEU A 257 44.07 -32.81 -17.01
N TYR A 258 43.80 -31.54 -17.33
CA TYR A 258 44.58 -30.81 -18.31
C TYR A 258 45.83 -30.32 -17.59
N LYS A 259 46.98 -30.40 -18.26
CA LYS A 259 48.24 -29.93 -17.69
C LYS A 259 49.19 -29.50 -18.79
N ASP A 260 49.66 -28.26 -18.73
CA ASP A 260 50.58 -27.76 -19.73
C ASP A 260 51.99 -28.25 -19.43
N VAL A 261 52.73 -28.59 -20.49
CA VAL A 261 54.10 -29.09 -20.38
C VAL A 261 54.91 -28.78 -21.64
N ASN A 262 56.21 -29.05 -21.56
CA ASN A 262 57.14 -28.87 -22.67
C ASN A 262 57.33 -27.46 -23.22
N ARG A 263 57.26 -26.44 -22.37
CA ARG A 263 57.44 -25.07 -22.83
C ARG A 263 58.06 -24.22 -21.72
N ASN A 264 59.04 -23.38 -22.06
CA ASN A 264 59.67 -22.54 -21.04
C ASN A 264 58.60 -21.74 -20.30
N PRO A 265 58.55 -21.87 -18.97
CA PRO A 265 57.57 -21.15 -18.15
C PRO A 265 57.90 -19.69 -17.96
N LEU A 266 58.70 -19.14 -18.86
CA LEU A 266 59.09 -17.74 -18.76
C LEU A 266 58.02 -16.77 -19.25
N PRO B 7 53.76 -51.62 19.65
CA PRO B 7 53.22 -51.03 20.92
C PRO B 7 51.89 -50.35 20.60
N ILE B 8 50.84 -50.72 21.33
CA ILE B 8 49.52 -50.14 21.08
C ILE B 8 49.52 -48.63 21.36
N TYR B 9 49.00 -47.86 20.40
CA TYR B 9 48.92 -46.39 20.54
C TYR B 9 50.29 -45.70 20.60
N TRP B 10 51.29 -46.30 19.96
CA TRP B 10 52.62 -45.73 19.98
C TRP B 10 52.68 -44.30 19.41
N LYS B 11 52.07 -44.09 18.26
CA LYS B 11 52.09 -42.77 17.64
C LYS B 11 51.40 -41.72 18.50
N ALA B 12 50.39 -42.12 19.26
CA ALA B 12 49.67 -41.19 20.12
C ALA B 12 50.59 -40.63 21.21
N THR B 13 51.79 -41.19 21.30
CA THR B 13 52.79 -40.78 22.29
C THR B 13 54.01 -40.24 21.56
N ASN B 14 54.13 -40.62 20.30
CA ASN B 14 55.25 -40.17 19.50
C ASN B 14 54.75 -39.72 18.13
N PRO B 15 53.97 -38.63 18.11
CA PRO B 15 53.42 -38.07 16.88
C PRO B 15 54.42 -37.98 15.73
N THR B 16 53.95 -38.32 14.53
CA THR B 16 54.77 -38.28 13.34
C THR B 16 55.46 -36.93 13.26
N LEU B 17 54.70 -35.86 13.42
CA LEU B 17 55.30 -34.53 13.44
C LEU B 17 55.40 -34.20 14.92
N SER B 18 56.61 -34.33 15.46
CA SER B 18 56.86 -34.09 16.86
C SER B 18 57.11 -32.61 17.08
N PRO B 19 56.98 -32.16 18.34
CA PRO B 19 57.18 -30.75 18.69
C PRO B 19 58.58 -30.20 18.37
N SER B 20 59.60 -31.06 18.45
CA SER B 20 60.96 -30.60 18.17
C SER B 20 61.20 -30.38 16.68
N HIS B 21 60.49 -31.12 15.85
CA HIS B 21 60.67 -30.95 14.42
C HIS B 21 60.44 -29.47 14.05
N LEU B 22 59.76 -28.76 14.94
CA LEU B 22 59.42 -27.36 14.73
C LEU B 22 60.35 -26.40 15.48
N GLN B 23 61.54 -26.84 15.86
CA GLN B 23 62.41 -25.94 16.63
C GLN B 23 62.95 -24.76 15.87
N ASP B 24 62.79 -24.72 14.54
CA ASP B 24 63.27 -23.59 13.77
C ASP B 24 62.13 -22.76 13.17
N LEU B 25 60.93 -22.91 13.72
CA LEU B 25 59.76 -22.16 13.26
C LEU B 25 59.17 -21.42 14.47
N PRO B 26 59.74 -20.26 14.79
CA PRO B 26 59.30 -19.45 15.92
C PRO B 26 57.82 -19.11 15.93
N GLY B 27 57.15 -19.49 17.01
CA GLY B 27 55.74 -19.18 17.17
C GLY B 27 54.78 -20.05 16.40
N PHE B 28 55.30 -20.85 15.48
CA PHE B 28 54.45 -21.72 14.69
C PHE B 28 53.81 -22.81 15.55
N THR B 29 52.53 -23.03 15.31
CA THR B 29 51.80 -24.07 16.02
C THR B 29 50.58 -24.43 15.17
N ARG B 30 50.11 -25.67 15.34
CA ARG B 30 48.94 -26.16 14.63
C ARG B 30 47.71 -26.01 15.50
N SER B 31 47.88 -25.41 16.66
CA SER B 31 46.78 -25.24 17.60
C SER B 31 45.87 -24.03 17.44
N VAL B 32 44.57 -24.30 17.58
CA VAL B 32 43.56 -23.28 17.45
C VAL B 32 42.50 -23.41 18.54
N TYR B 33 42.15 -22.27 19.13
CA TYR B 33 41.14 -22.22 20.16
C TYR B 33 40.07 -21.28 19.67
N LYS B 34 39.08 -21.82 18.98
CA LYS B 34 38.00 -20.99 18.47
C LYS B 34 36.90 -20.83 19.51
N ARG B 35 35.88 -20.06 19.17
CA ARG B 35 34.77 -19.80 20.06
C ARG B 35 33.91 -21.01 20.40
N ASP B 36 33.82 -21.96 19.47
CA ASP B 36 32.99 -23.15 19.68
C ASP B 36 33.69 -24.50 19.53
N HIS B 37 35.01 -24.48 19.41
CA HIS B 37 35.82 -25.69 19.28
C HIS B 37 37.30 -25.36 19.47
N ALA B 38 38.14 -26.39 19.42
CA ALA B 38 39.58 -26.20 19.57
C ALA B 38 40.37 -27.44 19.13
N LEU B 39 41.52 -27.21 18.54
CA LEU B 39 42.40 -28.28 18.12
C LEU B 39 43.67 -28.08 18.92
N ILE B 40 43.90 -28.93 19.92
CA ILE B 40 45.12 -28.81 20.72
C ILE B 40 46.07 -29.88 20.28
N THR B 41 47.25 -29.44 19.86
CA THR B 41 48.29 -30.33 19.39
C THR B 41 49.44 -30.38 20.39
N PRO B 42 50.40 -31.29 20.20
CA PRO B 42 51.57 -31.47 21.07
C PRO B 42 52.53 -30.32 21.33
N GLU B 43 52.85 -29.53 20.32
CA GLU B 43 53.80 -28.42 20.51
C GLU B 43 53.24 -27.31 21.40
N SER B 44 51.99 -27.49 21.82
CA SER B 44 51.32 -26.50 22.67
C SER B 44 50.95 -27.02 24.06
N HIS B 45 51.16 -28.32 24.28
CA HIS B 45 50.86 -28.92 25.58
C HIS B 45 51.70 -28.24 26.65
N VAL B 46 51.08 -27.91 27.77
CA VAL B 46 51.79 -27.28 28.85
C VAL B 46 51.68 -28.16 30.11
N TYR B 47 52.78 -28.82 30.45
CA TYR B 47 52.82 -29.69 31.62
C TYR B 47 53.27 -28.94 32.85
N SER B 48 52.78 -29.38 34.00
CA SER B 48 53.10 -28.75 35.27
C SER B 48 52.78 -29.72 36.40
N PRO B 49 53.49 -29.60 37.54
CA PRO B 49 53.24 -30.49 38.67
C PRO B 49 51.76 -30.58 39.01
N LEU B 50 51.22 -31.79 38.92
CA LEU B 50 49.82 -32.02 39.21
C LEU B 50 49.66 -31.97 40.74
N PRO B 51 48.88 -31.00 41.25
CA PRO B 51 48.69 -30.91 42.70
C PRO B 51 48.21 -32.24 43.27
N ASP B 52 48.48 -32.46 44.55
CA ASP B 52 48.04 -33.68 45.22
C ASP B 52 48.51 -34.99 44.61
N TRP B 53 49.21 -34.91 43.49
CA TRP B 53 49.72 -36.11 42.85
C TRP B 53 51.19 -36.26 43.25
N THR B 54 51.78 -37.41 42.96
CA THR B 54 53.16 -37.59 43.34
C THR B 54 54.05 -37.98 42.17
N ASN B 55 54.93 -37.05 41.79
CA ASN B 55 55.88 -37.27 40.71
C ASN B 55 55.15 -37.41 39.38
N THR B 56 54.06 -36.65 39.23
CA THR B 56 53.26 -36.68 38.00
C THR B 56 53.04 -35.29 37.39
N LEU B 57 53.36 -35.15 36.10
CA LEU B 57 53.15 -33.90 35.40
C LEU B 57 51.81 -33.96 34.71
N GLY B 58 51.12 -32.81 34.69
CA GLY B 58 49.83 -32.74 34.06
C GLY B 58 49.72 -31.59 33.07
N ALA B 59 48.81 -31.74 32.12
CA ALA B 59 48.58 -30.70 31.12
C ALA B 59 47.09 -30.65 30.83
N TYR B 60 46.40 -29.68 31.40
CA TYR B 60 44.96 -29.55 31.16
C TYR B 60 44.73 -29.12 29.72
N LEU B 61 43.90 -29.86 29.00
CA LEU B 61 43.59 -29.55 27.62
C LEU B 61 42.27 -28.80 27.49
N ILE B 62 41.31 -29.16 28.34
CA ILE B 62 40.00 -28.52 28.33
C ILE B 62 39.56 -28.32 29.78
N THR B 63 38.90 -27.20 30.07
CA THR B 63 38.37 -26.94 31.40
C THR B 63 37.10 -26.11 31.22
N PRO B 64 36.22 -26.12 32.23
CA PRO B 64 34.96 -25.35 32.11
C PRO B 64 35.17 -23.88 31.76
N ALA B 65 36.42 -23.48 31.53
CA ALA B 65 36.70 -22.10 31.17
C ALA B 65 36.41 -21.93 29.67
N THR B 66 36.21 -23.05 28.98
CA THR B 66 35.91 -23.01 27.55
C THR B 66 34.39 -23.08 27.36
N GLY B 67 33.66 -23.18 28.45
CA GLY B 67 32.22 -23.28 28.35
C GLY B 67 31.79 -24.74 28.46
N SER B 68 32.74 -25.61 28.79
CA SER B 68 32.46 -27.04 28.96
C SER B 68 32.09 -27.30 30.41
N HIS B 69 31.65 -28.51 30.70
CA HIS B 69 31.31 -28.86 32.09
C HIS B 69 32.26 -29.93 32.61
N PHE B 70 33.40 -30.08 31.92
CA PHE B 70 34.40 -31.08 32.32
C PHE B 70 35.85 -30.61 32.12
N VAL B 71 36.79 -31.46 32.53
CA VAL B 71 38.20 -31.17 32.34
C VAL B 71 38.81 -32.38 31.67
N MET B 72 39.81 -32.14 30.82
CA MET B 72 40.54 -33.20 30.14
C MET B 72 42.01 -32.84 30.23
N TYR B 73 42.82 -33.78 30.70
CA TYR B 73 44.23 -33.52 30.84
C TYR B 73 45.10 -34.75 30.70
N LEU B 74 46.31 -34.55 30.23
CA LEU B 74 47.23 -35.64 30.08
C LEU B 74 48.05 -35.65 31.36
N ALA B 75 48.19 -36.83 31.96
CA ALA B 75 48.95 -36.97 33.19
C ALA B 75 50.15 -37.90 32.99
N LYS B 76 51.35 -37.34 33.06
CA LYS B 76 52.58 -38.12 32.90
C LYS B 76 53.09 -38.61 34.25
N MET B 77 52.76 -39.86 34.58
CA MET B 77 53.20 -40.46 35.85
C MET B 77 54.57 -41.11 35.68
N LYS B 78 55.52 -40.68 36.50
CA LYS B 78 56.88 -41.19 36.45
C LYS B 78 57.10 -42.27 37.50
N GLU B 79 58.35 -42.54 37.85
CA GLU B 79 58.63 -43.59 38.82
C GLU B 79 58.08 -43.33 40.22
N MET B 80 57.57 -44.39 40.84
CA MET B 80 57.00 -44.32 42.18
C MET B 80 56.03 -43.16 42.24
N SER B 81 55.18 -43.06 41.22
CA SER B 81 54.20 -42.00 41.13
C SER B 81 52.85 -42.44 41.69
N SER B 82 52.11 -41.51 42.25
CA SER B 82 50.79 -41.80 42.82
C SER B 82 49.82 -40.64 42.57
N SER B 83 48.55 -40.97 42.43
CA SER B 83 47.51 -39.98 42.15
C SER B 83 46.98 -39.23 43.34
N GLY B 84 46.11 -38.27 43.05
CA GLY B 84 45.48 -37.48 44.08
C GLY B 84 43.99 -37.57 43.91
N LEU B 85 43.25 -37.42 45.00
CA LEU B 85 41.80 -37.48 44.95
C LEU B 85 41.17 -36.21 44.37
N PRO B 86 40.10 -36.38 43.59
CA PRO B 86 39.43 -35.21 43.02
C PRO B 86 38.63 -34.53 44.12
N PRO B 87 38.09 -33.33 43.86
CA PRO B 87 37.30 -32.67 44.91
C PRO B 87 35.95 -33.37 45.17
N GLN B 88 35.21 -32.88 46.16
CA GLN B 88 33.91 -33.44 46.50
C GLN B 88 32.97 -33.43 45.30
N ASP B 89 32.33 -34.56 45.02
CA ASP B 89 31.38 -34.73 43.92
C ASP B 89 31.96 -34.74 42.52
N ILE B 90 33.28 -34.83 42.41
CA ILE B 90 33.90 -34.85 41.10
C ILE B 90 34.09 -36.30 40.70
N GLU B 91 33.40 -36.72 39.66
CA GLU B 91 33.55 -38.09 39.18
C GLU B 91 34.83 -38.06 38.36
N ARG B 92 35.35 -39.23 38.01
CA ARG B 92 36.60 -39.28 37.24
C ARG B 92 36.72 -40.52 36.37
N LEU B 93 37.35 -40.34 35.21
CA LEU B 93 37.58 -41.42 34.27
C LEU B 93 39.02 -41.29 33.83
N ILE B 94 39.74 -42.41 33.82
CA ILE B 94 41.13 -42.42 33.36
C ILE B 94 41.30 -43.51 32.31
N PHE B 95 42.17 -43.25 31.34
CA PHE B 95 42.45 -44.18 30.27
C PHE B 95 43.96 -44.29 30.14
N VAL B 96 44.48 -45.49 29.97
CA VAL B 96 45.92 -45.67 29.84
C VAL B 96 46.32 -45.68 28.37
N VAL B 97 47.14 -44.73 27.97
CA VAL B 97 47.60 -44.64 26.59
C VAL B 97 49.06 -45.10 26.52
N GLU B 98 49.69 -45.19 27.67
CA GLU B 98 51.08 -45.62 27.76
C GLU B 98 51.47 -46.08 29.16
N GLY B 99 52.30 -47.12 29.21
CA GLY B 99 52.76 -47.62 30.50
C GLY B 99 51.77 -48.50 31.24
N ALA B 100 51.92 -48.52 32.55
CA ALA B 100 51.07 -49.33 33.40
C ALA B 100 50.93 -48.66 34.75
N VAL B 101 49.78 -48.87 35.39
CA VAL B 101 49.54 -48.30 36.70
C VAL B 101 48.60 -49.23 37.46
N THR B 102 48.67 -49.16 38.78
CA THR B 102 47.81 -50.00 39.59
C THR B 102 46.73 -49.16 40.26
N LEU B 103 45.51 -49.68 40.25
CA LEU B 103 44.37 -49.00 40.87
C LEU B 103 43.88 -49.83 42.05
N THR B 104 43.59 -49.19 43.17
CA THR B 104 43.11 -49.90 44.36
C THR B 104 41.84 -49.26 44.96
N ASN B 105 41.04 -50.08 45.67
CA ASN B 105 39.79 -49.67 46.34
C ASN B 105 40.07 -48.57 47.37
N SER B 108 35.99 -51.68 44.41
CA SER B 108 36.65 -52.46 45.46
C SER B 108 37.45 -53.57 44.79
N SER B 109 38.73 -53.63 45.15
CA SER B 109 39.70 -54.62 44.65
C SER B 109 41.06 -53.96 44.35
N SER B 110 41.66 -54.40 43.25
CA SER B 110 42.93 -53.87 42.78
C SER B 110 43.24 -54.51 41.43
N LYS B 111 43.55 -53.66 40.45
CA LYS B 111 43.86 -54.16 39.14
C LYS B 111 45.03 -53.43 38.53
N LYS B 112 45.71 -54.13 37.62
CA LYS B 112 46.86 -53.59 36.90
C LYS B 112 46.40 -53.06 35.54
N LEU B 113 46.35 -51.75 35.41
CA LEU B 113 45.90 -51.16 34.16
C LEU B 113 47.08 -50.92 33.23
N THR B 114 46.94 -51.41 32.01
CA THR B 114 47.98 -51.27 31.01
C THR B 114 47.37 -50.52 29.83
N VAL B 115 48.14 -50.27 28.77
CA VAL B 115 47.58 -49.56 27.62
C VAL B 115 46.22 -50.16 27.34
N ASP B 116 45.25 -49.29 27.02
CA ASP B 116 43.87 -49.68 26.71
C ASP B 116 42.95 -49.98 27.89
N SER B 117 43.50 -49.90 29.09
CA SER B 117 42.71 -50.15 30.28
C SER B 117 42.16 -48.81 30.80
N TYR B 118 40.98 -48.86 31.40
CA TYR B 118 40.37 -47.65 31.95
C TYR B 118 39.62 -47.92 33.25
N ALA B 119 39.33 -46.86 33.99
CA ALA B 119 38.59 -46.98 35.24
C ALA B 119 37.77 -45.72 35.48
N TYR B 120 36.49 -45.91 35.76
CA TYR B 120 35.60 -44.78 36.04
C TYR B 120 35.37 -44.83 37.55
N LEU B 121 35.50 -43.70 38.24
CA LEU B 121 35.31 -43.69 39.67
C LEU B 121 34.18 -42.74 40.05
N PRO B 122 33.10 -43.28 40.65
CA PRO B 122 31.93 -42.47 41.06
C PRO B 122 32.32 -41.30 41.93
N PRO B 123 31.40 -40.36 42.14
CA PRO B 123 31.78 -39.24 42.99
C PRO B 123 32.13 -39.68 44.42
N ASN B 124 33.17 -39.07 44.97
CA ASN B 124 33.64 -39.33 46.32
C ASN B 124 34.04 -40.76 46.57
N PHE B 125 34.34 -41.50 45.50
CA PHE B 125 34.75 -42.90 45.59
C PHE B 125 36.25 -42.96 45.83
N HIS B 126 36.67 -43.30 47.05
CA HIS B 126 38.09 -43.38 47.36
C HIS B 126 38.85 -44.42 46.56
N HIS B 127 39.90 -43.98 45.89
CA HIS B 127 40.72 -44.87 45.07
C HIS B 127 42.15 -44.36 45.06
N SER B 128 42.98 -44.96 44.22
CA SER B 128 44.36 -44.55 44.10
C SER B 128 45.08 -45.22 42.95
N LEU B 129 45.83 -44.41 42.21
CA LEU B 129 46.63 -44.90 41.09
C LEU B 129 48.09 -44.89 41.53
N ASP B 130 48.80 -46.00 41.29
CA ASP B 130 50.21 -46.10 41.67
C ASP B 130 51.01 -46.72 40.52
N CYS B 131 52.03 -46.00 40.09
CA CYS B 131 52.87 -46.41 38.99
C CYS B 131 54.33 -46.59 39.47
N VAL B 132 54.96 -47.69 39.07
CA VAL B 132 56.34 -47.94 39.49
C VAL B 132 57.38 -47.33 38.53
N GLU B 133 57.12 -47.41 37.23
CA GLU B 133 58.05 -46.87 36.24
C GLU B 133 57.53 -45.62 35.55
N SER B 134 56.63 -45.78 34.58
CA SER B 134 56.06 -44.63 33.89
C SER B 134 54.72 -44.95 33.29
N ALA B 135 53.87 -43.94 33.19
CA ALA B 135 52.56 -44.13 32.62
C ALA B 135 52.01 -42.80 32.13
N THR B 136 51.23 -42.88 31.07
CA THR B 136 50.60 -41.72 30.49
C THR B 136 49.11 -41.99 30.54
N LEU B 137 48.39 -41.07 31.15
CA LEU B 137 46.94 -41.19 31.30
C LEU B 137 46.19 -39.98 30.74
N VAL B 138 45.09 -40.25 30.06
CA VAL B 138 44.26 -39.17 29.57
C VAL B 138 43.09 -39.27 30.55
N VAL B 139 42.73 -38.18 31.22
CA VAL B 139 41.62 -38.29 32.15
C VAL B 139 40.57 -37.19 32.08
N PHE B 140 39.34 -37.54 32.47
CA PHE B 140 38.21 -36.62 32.48
C PHE B 140 37.62 -36.56 33.89
N GLU B 141 37.30 -35.37 34.36
CA GLU B 141 36.68 -35.24 35.68
C GLU B 141 35.52 -34.28 35.51
N ARG B 142 34.49 -34.43 36.35
CA ARG B 142 33.30 -33.60 36.23
C ARG B 142 32.43 -33.60 37.47
N ARG B 143 31.87 -32.43 37.78
CA ARG B 143 30.95 -32.26 38.89
C ARG B 143 29.78 -33.17 38.53
N TYR B 144 29.64 -34.30 39.23
CA TYR B 144 28.56 -35.26 38.94
C TYR B 144 27.17 -34.65 39.13
N GLU B 145 26.28 -34.96 38.20
CA GLU B 145 24.91 -34.44 38.29
C GLU B 145 23.94 -35.47 38.82
N TYR B 146 23.78 -35.43 40.14
CA TYR B 146 22.93 -36.35 40.88
C TYR B 146 21.48 -36.27 40.41
N LEU B 147 21.02 -37.35 39.80
CA LEU B 147 19.66 -37.43 39.30
C LEU B 147 18.88 -38.32 40.25
N GLY B 148 18.00 -37.70 41.03
CA GLY B 148 17.19 -38.45 41.98
C GLY B 148 18.04 -39.23 42.98
N SER B 149 17.68 -40.49 43.20
CA SER B 149 18.41 -41.35 44.12
C SER B 149 19.34 -42.34 43.41
N HIS B 150 19.76 -42.01 42.19
CA HIS B 150 20.65 -42.89 41.43
C HIS B 150 22.11 -42.68 41.80
N THR B 151 22.94 -43.66 41.43
CA THR B 151 24.38 -43.60 41.69
C THR B 151 25.14 -44.49 40.74
N THR B 152 26.32 -44.03 40.38
CA THR B 152 27.16 -44.79 39.46
C THR B 152 28.05 -45.68 40.30
N GLU B 153 28.76 -46.59 39.66
CA GLU B 153 29.64 -47.48 40.38
C GLU B 153 30.97 -47.70 39.66
N LEU B 154 31.96 -48.18 40.41
CA LEU B 154 33.28 -48.44 39.86
C LEU B 154 33.16 -49.28 38.59
N ILE B 155 33.87 -48.86 37.56
CA ILE B 155 33.87 -49.60 36.30
C ILE B 155 35.29 -49.67 35.83
N VAL B 156 35.83 -50.87 35.68
CA VAL B 156 37.18 -51.02 35.20
C VAL B 156 37.11 -52.00 34.04
N GLY B 157 37.78 -51.69 32.94
CA GLY B 157 37.73 -52.56 31.79
C GLY B 157 38.86 -52.40 30.79
N SER B 158 38.64 -52.89 29.59
CA SER B 158 39.63 -52.83 28.54
C SER B 158 38.90 -52.55 27.24
N THR B 159 39.42 -51.61 26.45
CA THR B 159 38.77 -51.24 25.19
C THR B 159 38.40 -52.41 24.28
N ASP B 160 39.32 -53.36 24.17
CA ASP B 160 39.13 -54.55 23.34
C ASP B 160 38.08 -55.54 23.85
N LYS B 161 37.85 -55.57 25.15
CA LYS B 161 36.85 -56.48 25.68
C LYS B 161 35.45 -55.88 25.51
N GLN B 162 35.38 -54.65 25.00
CA GLN B 162 34.08 -54.01 24.80
C GLN B 162 33.52 -54.44 23.46
N PRO B 163 32.25 -54.85 23.45
CA PRO B 163 31.62 -55.30 22.21
C PRO B 163 31.31 -54.20 21.19
N LEU B 164 31.41 -54.56 19.90
CA LEU B 164 31.07 -53.60 18.85
C LEU B 164 29.56 -53.35 18.98
N LEU B 165 29.13 -52.10 18.77
CA LEU B 165 27.72 -51.75 18.87
C LEU B 165 27.13 -51.31 17.53
N GLU B 166 25.81 -51.45 17.38
CA GLU B 166 25.17 -51.06 16.14
C GLU B 166 25.26 -49.56 15.96
N THR B 167 25.61 -49.16 14.75
CA THR B 167 25.77 -47.76 14.41
C THR B 167 24.84 -47.47 13.26
N PRO B 168 23.54 -47.42 13.55
CA PRO B 168 22.56 -47.16 12.48
C PRO B 168 22.90 -45.90 11.68
N GLY B 169 23.01 -46.05 10.36
CA GLY B 169 23.31 -44.92 9.50
C GLY B 169 24.78 -44.60 9.36
N GLU B 170 25.63 -45.22 10.17
CA GLU B 170 27.08 -45.00 10.09
C GLU B 170 27.78 -46.32 9.75
N VAL B 171 29.10 -46.28 9.60
CA VAL B 171 29.85 -47.49 9.24
C VAL B 171 31.09 -47.68 10.10
N PHE B 172 31.34 -46.74 11.00
CA PHE B 172 32.50 -46.86 11.86
C PHE B 172 32.23 -47.93 12.90
N GLU B 173 33.25 -48.29 13.68
CA GLU B 173 33.08 -49.30 14.72
C GLU B 173 33.12 -48.64 16.06
N LEU B 174 31.98 -48.67 16.73
CA LEU B 174 31.81 -48.01 18.01
C LEU B 174 31.72 -48.91 19.25
N ARG B 175 32.48 -48.55 20.26
CA ARG B 175 32.46 -49.27 21.52
C ARG B 175 32.16 -48.19 22.53
N LYS B 176 31.62 -48.58 23.68
CA LYS B 176 31.33 -47.64 24.75
C LYS B 176 31.98 -48.30 25.96
N LEU B 177 32.84 -47.54 26.64
CA LEU B 177 33.56 -48.07 27.81
C LEU B 177 32.72 -48.14 29.07
N LEU B 178 31.68 -47.31 29.15
CA LEU B 178 30.83 -47.29 30.33
C LEU B 178 29.43 -47.78 30.03
N PRO B 179 28.65 -48.08 31.07
CA PRO B 179 27.28 -48.57 30.85
C PRO B 179 26.44 -47.40 30.39
N MET B 180 25.26 -47.68 29.88
CA MET B 180 24.35 -46.66 29.40
C MET B 180 23.21 -46.39 30.38
N SER B 181 23.21 -47.07 31.52
CA SER B 181 22.15 -46.87 32.49
C SER B 181 22.13 -45.41 32.92
N VAL B 182 20.92 -44.90 33.08
CA VAL B 182 20.67 -43.52 33.45
C VAL B 182 21.61 -42.91 34.51
N ALA B 183 22.18 -43.73 35.38
CA ALA B 183 23.05 -43.22 36.43
C ALA B 183 24.26 -42.45 35.91
N TYR B 184 24.79 -42.88 34.77
CA TYR B 184 25.94 -42.24 34.16
C TYR B 184 25.56 -41.00 33.37
N ASP B 185 26.16 -39.87 33.75
CA ASP B 185 25.87 -38.63 33.08
C ASP B 185 26.84 -38.38 31.92
N PHE B 186 27.60 -39.43 31.57
CA PHE B 186 28.55 -39.41 30.46
C PHE B 186 29.11 -40.79 30.14
N ASN B 187 29.72 -40.92 28.97
CA ASN B 187 30.31 -42.17 28.54
C ASN B 187 31.53 -41.87 27.68
N ILE B 188 32.36 -42.87 27.40
CA ILE B 188 33.51 -42.68 26.53
C ILE B 188 33.41 -43.68 25.39
N HIS B 189 33.26 -43.15 24.18
CA HIS B 189 33.15 -44.01 23.00
C HIS B 189 34.50 -44.22 22.32
N THR B 190 34.60 -45.32 21.58
CA THR B 190 35.79 -45.66 20.82
C THR B 190 35.31 -45.75 19.38
N MET B 191 35.81 -44.89 18.51
CA MET B 191 35.35 -44.89 17.16
C MET B 191 36.41 -45.18 16.13
N ASP B 192 36.20 -46.28 15.41
CA ASP B 192 37.13 -46.74 14.40
C ASP B 192 36.62 -46.56 12.98
N PHE B 193 37.49 -45.99 12.14
CA PHE B 193 37.18 -45.76 10.75
C PHE B 193 38.23 -46.44 9.89
N GLN B 194 37.79 -47.09 8.83
CA GLN B 194 38.70 -47.72 7.89
C GLN B 194 39.08 -46.59 6.94
N PRO B 195 40.24 -46.68 6.29
CA PRO B 195 40.63 -45.59 5.38
C PRO B 195 39.56 -45.23 4.36
N GLY B 196 39.37 -43.93 4.15
CA GLY B 196 38.38 -43.47 3.19
C GLY B 196 36.97 -43.43 3.74
N GLU B 197 36.80 -43.82 5.00
CA GLU B 197 35.48 -43.80 5.61
C GLU B 197 35.27 -42.49 6.35
N PHE B 198 34.01 -42.09 6.48
CA PHE B 198 33.69 -40.84 7.15
C PHE B 198 32.30 -40.93 7.72
N LEU B 199 31.94 -39.90 8.49
CA LEU B 199 30.62 -39.81 9.11
C LEU B 199 29.59 -39.41 8.05
N ASN B 200 28.51 -40.17 7.93
CA ASN B 200 27.47 -39.84 6.98
C ASN B 200 26.69 -38.64 7.53
N VAL B 201 26.38 -38.66 8.82
CA VAL B 201 25.66 -37.55 9.44
C VAL B 201 26.64 -36.45 9.85
N LYS B 202 26.30 -35.21 9.48
CA LYS B 202 27.13 -34.05 9.83
C LYS B 202 26.61 -33.45 11.13
N GLU B 203 26.87 -34.16 12.21
CA GLU B 203 26.43 -33.81 13.54
C GLU B 203 26.34 -32.34 14.00
N VAL B 204 25.24 -32.09 14.70
CA VAL B 204 24.89 -30.82 15.31
C VAL B 204 24.02 -31.26 16.49
N HIS B 205 24.60 -31.28 17.68
CA HIS B 205 23.85 -31.73 18.86
C HIS B 205 24.28 -30.97 20.10
N TYR B 206 23.45 -31.02 21.14
CA TYR B 206 23.76 -30.35 22.40
C TYR B 206 24.93 -31.02 23.12
N ASN B 207 25.13 -32.30 22.87
CA ASN B 207 26.21 -33.04 23.51
C ASN B 207 27.52 -32.32 23.22
N GLN B 208 28.39 -32.21 24.23
CA GLN B 208 29.70 -31.58 24.06
C GLN B 208 30.74 -32.70 24.03
N HIS B 209 31.87 -32.48 23.38
CA HIS B 209 32.90 -33.54 23.28
C HIS B 209 34.32 -33.20 23.71
N GLY B 210 35.08 -34.28 23.89
CA GLY B 210 36.48 -34.20 24.24
C GLY B 210 37.13 -35.43 23.61
N LEU B 211 37.90 -35.27 22.53
CA LEU B 211 38.51 -36.45 21.93
C LEU B 211 40.02 -36.45 21.84
N LEU B 212 40.58 -37.64 21.67
CA LEU B 212 42.03 -37.83 21.53
C LEU B 212 42.26 -38.84 20.44
N LEU B 213 42.87 -38.43 19.34
CA LEU B 213 43.12 -39.36 18.25
C LEU B 213 44.20 -40.37 18.66
N LEU B 214 43.76 -41.57 19.02
CA LEU B 214 44.64 -42.65 19.46
C LEU B 214 45.55 -43.19 18.37
N GLU B 215 45.02 -43.30 17.16
CA GLU B 215 45.81 -43.79 16.04
C GLU B 215 45.23 -43.43 14.68
N GLY B 216 46.11 -43.26 13.71
CA GLY B 216 45.70 -42.93 12.35
C GLY B 216 45.93 -41.47 12.01
N GLN B 217 45.12 -40.97 11.09
CA GLN B 217 45.18 -39.59 10.62
C GLN B 217 44.06 -39.39 9.61
N GLY B 218 43.79 -38.13 9.26
CA GLY B 218 42.72 -37.83 8.31
C GLY B 218 42.29 -36.38 8.40
N ILE B 219 41.01 -36.10 8.10
CA ILE B 219 40.54 -34.72 8.15
C ILE B 219 39.36 -34.52 9.09
N TYR B 220 39.37 -33.41 9.82
CA TYR B 220 38.27 -33.12 10.71
C TYR B 220 37.68 -31.76 10.39
N ARG B 221 36.36 -31.72 10.18
CA ARG B 221 35.69 -30.45 9.92
C ARG B 221 34.95 -30.01 11.19
N LEU B 222 35.20 -28.77 11.61
CA LEU B 222 34.56 -28.21 12.78
C LEU B 222 34.02 -26.83 12.43
N GLY B 223 32.72 -26.78 12.19
CA GLY B 223 32.08 -25.54 11.80
C GLY B 223 32.41 -25.35 10.34
N ASP B 224 33.08 -24.25 10.02
CA ASP B 224 33.45 -24.00 8.65
C ASP B 224 34.97 -24.16 8.53
N ASN B 225 35.57 -24.78 9.53
CA ASN B 225 37.00 -24.99 9.54
C ASN B 225 37.39 -26.42 9.16
N TRP B 226 38.60 -26.58 8.63
CA TRP B 226 39.07 -27.90 8.23
C TRP B 226 40.47 -28.10 8.74
N TYR B 227 40.70 -29.26 9.35
CA TYR B 227 42.00 -29.56 9.93
C TYR B 227 42.58 -30.95 9.69
N PRO B 228 43.82 -31.00 9.19
CA PRO B 228 44.45 -32.31 8.99
C PRO B 228 44.81 -32.74 10.42
N VAL B 229 44.55 -34.00 10.77
CA VAL B 229 44.85 -34.48 12.12
C VAL B 229 45.66 -35.78 12.13
N GLN B 230 46.43 -35.97 13.20
CA GLN B 230 47.29 -37.14 13.36
C GLN B 230 47.22 -37.64 14.80
N ALA B 231 47.65 -38.87 15.03
CA ALA B 231 47.62 -39.47 16.36
C ALA B 231 48.30 -38.55 17.35
N GLY B 232 47.65 -38.33 18.48
CA GLY B 232 48.20 -37.44 19.50
C GLY B 232 47.42 -36.14 19.60
N ASP B 233 46.80 -35.74 18.50
CA ASP B 233 46.01 -34.52 18.46
C ASP B 233 44.84 -34.62 19.40
N VAL B 234 44.37 -33.46 19.84
CA VAL B 234 43.23 -33.40 20.74
C VAL B 234 42.28 -32.31 20.26
N ILE B 235 40.99 -32.62 20.32
CA ILE B 235 39.95 -31.71 19.88
C ILE B 235 38.86 -31.47 20.91
N TRP B 236 38.47 -30.21 21.05
CA TRP B 236 37.42 -29.78 21.96
C TRP B 236 36.21 -29.41 21.11
N MET B 237 35.07 -30.03 21.39
CA MET B 237 33.87 -29.74 20.61
C MET B 237 32.72 -29.23 21.46
N ALA B 238 32.63 -27.91 21.61
CA ALA B 238 31.55 -27.29 22.38
C ALA B 238 30.21 -27.66 21.77
N PRO B 239 29.11 -27.55 22.56
CA PRO B 239 27.76 -27.87 22.11
C PRO B 239 27.35 -27.22 20.80
N PHE B 240 26.66 -28.01 19.97
CA PHE B 240 26.15 -27.58 18.70
C PHE B 240 27.11 -27.21 17.57
N VAL B 241 28.41 -27.33 17.79
CA VAL B 241 29.34 -27.04 16.72
C VAL B 241 29.21 -28.15 15.65
N PRO B 242 29.07 -27.77 14.38
CA PRO B 242 28.96 -28.82 13.36
C PRO B 242 30.29 -29.62 13.35
N GLN B 243 30.22 -30.95 13.32
CA GLN B 243 31.41 -31.78 13.34
C GLN B 243 31.40 -32.89 12.31
N TRP B 244 32.59 -33.30 11.86
CA TRP B 244 32.72 -34.35 10.85
C TRP B 244 34.16 -34.85 10.71
N TYR B 245 34.30 -36.14 10.43
CA TYR B 245 35.61 -36.76 10.27
C TYR B 245 35.66 -37.74 9.10
N ALA B 246 36.84 -37.83 8.49
CA ALA B 246 37.09 -38.75 7.40
C ALA B 246 38.48 -39.31 7.68
N ALA B 247 38.61 -40.63 7.63
CA ALA B 247 39.90 -41.28 7.88
C ALA B 247 40.69 -41.47 6.60
N LEU B 248 41.98 -41.17 6.66
CA LEU B 248 42.87 -41.31 5.52
C LEU B 248 44.13 -42.08 5.91
N GLY B 249 44.87 -42.53 4.91
CA GLY B 249 46.10 -43.27 5.18
C GLY B 249 46.05 -44.77 5.02
N LYS B 250 47.18 -45.41 5.29
CA LYS B 250 47.30 -46.87 5.18
C LYS B 250 46.58 -47.60 6.32
N THR B 251 46.79 -47.13 7.54
CA THR B 251 46.18 -47.73 8.71
C THR B 251 44.83 -47.09 9.03
N ARG B 252 44.12 -47.68 9.98
CA ARG B 252 42.80 -47.20 10.41
C ARG B 252 42.96 -46.03 11.37
N SER B 253 41.85 -45.38 11.68
CA SER B 253 41.81 -44.26 12.60
C SER B 253 41.02 -44.68 13.81
N ARG B 254 41.47 -44.30 14.99
CA ARG B 254 40.76 -44.61 16.21
C ARG B 254 40.81 -43.40 17.09
N TYR B 255 39.68 -43.04 17.69
CA TYR B 255 39.71 -41.91 18.59
C TYR B 255 38.84 -42.11 19.80
N LEU B 256 39.39 -41.68 20.94
CA LEU B 256 38.74 -41.77 22.24
C LEU B 256 37.81 -40.58 22.30
N LEU B 257 36.58 -40.77 22.78
CA LEU B 257 35.66 -39.64 22.82
C LEU B 257 34.69 -39.56 23.97
N TYR B 258 34.75 -38.45 24.69
CA TYR B 258 33.87 -38.18 25.82
C TYR B 258 32.53 -37.71 25.27
N LYS B 259 31.47 -37.86 26.04
CA LYS B 259 30.14 -37.44 25.61
C LYS B 259 29.16 -37.40 26.79
N ASP B 260 28.54 -36.24 27.00
CA ASP B 260 27.58 -36.11 28.09
C ASP B 260 26.25 -36.77 27.68
N VAL B 261 25.60 -37.43 28.63
CA VAL B 261 24.37 -38.16 28.34
C VAL B 261 23.41 -38.27 29.51
N ASN B 262 22.28 -38.91 29.23
CA ASN B 262 21.22 -39.17 30.20
C ASN B 262 20.86 -38.06 31.15
N ARG B 263 20.76 -36.83 30.63
CA ARG B 263 20.39 -35.67 31.44
C ARG B 263 19.58 -34.71 30.58
N ASN B 264 18.59 -34.07 31.16
CA ASN B 264 17.76 -33.12 30.42
C ASN B 264 18.60 -31.89 30.13
N PRO B 265 18.68 -31.49 28.85
CA PRO B 265 19.46 -30.32 28.44
C PRO B 265 18.92 -28.93 28.77
N LEU B 266 17.81 -28.87 29.51
CA LEU B 266 17.26 -27.59 29.91
C LEU B 266 18.27 -26.96 30.86
N PRO C 7 -0.57 -33.81 1.70
CA PRO C 7 -0.59 -33.82 3.19
C PRO C 7 0.12 -32.60 3.78
N ILE C 8 -0.56 -31.97 4.73
CA ILE C 8 -0.05 -30.80 5.43
C ILE C 8 1.42 -30.93 5.79
N TYR C 9 2.20 -29.90 5.49
CA TYR C 9 3.62 -29.90 5.84
C TYR C 9 4.32 -31.21 5.46
N TRP C 10 4.21 -31.61 4.20
CA TRP C 10 4.83 -32.85 3.77
C TRP C 10 6.33 -32.67 3.58
N LYS C 11 6.72 -31.56 2.94
CA LYS C 11 8.14 -31.28 2.69
C LYS C 11 8.86 -30.97 4.01
N ALA C 12 8.11 -30.71 5.06
CA ALA C 12 8.69 -30.42 6.35
C ALA C 12 9.45 -31.65 6.84
N THR C 13 8.92 -32.83 6.50
CA THR C 13 9.53 -34.09 6.90
C THR C 13 10.11 -34.84 5.71
N ASN C 14 10.00 -34.22 4.52
CA ASN C 14 10.52 -34.78 3.27
C ASN C 14 11.14 -33.65 2.44
N PRO C 15 12.20 -33.00 2.97
CA PRO C 15 12.86 -31.89 2.27
C PRO C 15 13.28 -32.18 0.83
N THR C 16 13.16 -31.15 -0.01
CA THR C 16 13.51 -31.27 -1.42
C THR C 16 14.96 -31.70 -1.52
N LEU C 17 15.84 -31.06 -0.75
CA LEU C 17 17.24 -31.45 -0.71
C LEU C 17 17.32 -32.32 0.53
N SER C 18 17.27 -33.64 0.31
CA SER C 18 17.31 -34.62 1.38
C SER C 18 18.72 -34.99 1.76
N PRO C 19 18.88 -35.59 2.95
CA PRO C 19 20.18 -36.01 3.46
C PRO C 19 20.83 -37.01 2.52
N SER C 20 20.01 -37.83 1.89
CA SER C 20 20.52 -38.86 0.98
C SER C 20 21.25 -38.28 -0.22
N HIS C 21 20.62 -37.29 -0.85
CA HIS C 21 21.20 -36.62 -2.02
C HIS C 21 22.63 -36.16 -1.75
N LEU C 22 23.01 -36.14 -0.49
CA LEU C 22 24.33 -35.67 -0.12
C LEU C 22 25.32 -36.77 0.23
N GLN C 23 24.97 -38.02 -0.02
CA GLN C 23 25.86 -39.13 0.31
C GLN C 23 27.17 -39.22 -0.50
N ASP C 24 27.31 -38.41 -1.54
CA ASP C 24 28.53 -38.39 -2.36
C ASP C 24 29.29 -37.09 -2.17
N LEU C 25 29.03 -36.42 -1.05
CA LEU C 25 29.70 -35.16 -0.71
C LEU C 25 30.13 -35.23 0.75
N PRO C 26 31.28 -35.88 1.03
CA PRO C 26 31.78 -36.01 2.40
C PRO C 26 31.92 -34.68 3.14
N GLY C 27 31.40 -34.64 4.36
CA GLY C 27 31.49 -33.45 5.19
C GLY C 27 30.64 -32.26 4.81
N PHE C 28 29.93 -32.35 3.69
CA PHE C 28 29.10 -31.24 3.26
C PHE C 28 27.84 -31.09 4.10
N THR C 29 27.50 -29.84 4.43
CA THR C 29 26.30 -29.51 5.20
C THR C 29 25.92 -28.06 5.01
N ARG C 30 24.62 -27.78 5.05
CA ARG C 30 24.11 -26.42 4.90
C ARG C 30 24.03 -25.79 6.30
N SER C 31 24.15 -26.62 7.33
CA SER C 31 24.08 -26.16 8.71
C SER C 31 25.20 -25.21 9.13
N VAL C 32 24.84 -24.25 9.98
CA VAL C 32 25.77 -23.27 10.49
C VAL C 32 25.38 -22.93 11.91
N TYR C 33 26.37 -22.66 12.74
CA TYR C 33 26.13 -22.28 14.11
C TYR C 33 27.07 -21.13 14.43
N LYS C 34 26.52 -19.93 14.55
CA LYS C 34 27.34 -18.78 14.86
C LYS C 34 26.98 -18.21 16.22
N ARG C 35 27.60 -17.11 16.57
CA ARG C 35 27.42 -16.45 17.86
C ARG C 35 25.98 -16.08 18.24
N ASP C 36 25.27 -15.43 17.32
CA ASP C 36 23.91 -14.99 17.57
C ASP C 36 22.80 -15.69 16.79
N HIS C 37 23.14 -16.74 16.08
CA HIS C 37 22.11 -17.44 15.33
C HIS C 37 22.60 -18.80 14.85
N ALA C 38 21.67 -19.57 14.30
CA ALA C 38 22.00 -20.89 13.77
C ALA C 38 21.02 -21.32 12.69
N LEU C 39 21.52 -22.12 11.75
CA LEU C 39 20.73 -22.68 10.67
C LEU C 39 20.93 -24.17 10.77
N ILE C 40 19.98 -24.88 11.36
CA ILE C 40 20.11 -26.31 11.52
C ILE C 40 19.30 -27.05 10.46
N THR C 41 20.00 -27.83 9.63
CA THR C 41 19.34 -28.55 8.56
C THR C 41 19.33 -30.07 8.76
N PRO C 42 18.40 -30.79 8.07
CA PRO C 42 18.24 -32.25 8.16
C PRO C 42 19.49 -33.10 8.23
N GLU C 43 20.33 -33.04 7.22
CA GLU C 43 21.55 -33.82 7.18
C GLU C 43 22.41 -33.61 8.45
N SER C 44 21.91 -32.81 9.37
CA SER C 44 22.63 -32.54 10.62
C SER C 44 21.92 -33.03 11.86
N HIS C 45 20.67 -33.45 11.72
CA HIS C 45 19.90 -33.91 12.89
C HIS C 45 20.52 -35.17 13.47
N VAL C 46 20.64 -35.20 14.79
CA VAL C 46 21.19 -36.36 15.49
C VAL C 46 20.11 -36.97 16.39
N TYR C 47 19.47 -38.02 15.91
CA TYR C 47 18.39 -38.67 16.66
C TYR C 47 18.90 -39.72 17.60
N SER C 48 18.42 -39.63 18.83
CA SER C 48 18.80 -40.57 19.86
C SER C 48 17.54 -40.94 20.62
N PRO C 49 17.52 -42.12 21.27
CA PRO C 49 16.33 -42.54 22.03
C PRO C 49 16.04 -41.41 23.00
N LEU C 50 14.77 -41.08 23.18
CA LEU C 50 14.41 -39.96 24.04
C LEU C 50 14.04 -40.34 25.48
N PRO C 51 14.93 -40.03 26.45
CA PRO C 51 14.75 -40.32 27.88
C PRO C 51 13.30 -40.17 28.35
N ASP C 52 12.84 -41.16 29.12
CA ASP C 52 11.50 -41.19 29.68
C ASP C 52 10.37 -41.31 28.64
N TRP C 53 10.75 -41.65 27.40
CA TRP C 53 9.76 -41.83 26.32
C TRP C 53 9.80 -43.29 25.88
N THR C 54 8.70 -43.78 25.31
CA THR C 54 8.66 -45.16 24.85
C THR C 54 8.72 -45.19 23.33
N ASN C 55 9.69 -45.94 22.81
CA ASN C 55 9.90 -46.08 21.38
C ASN C 55 9.82 -44.71 20.70
N THR C 56 10.58 -43.75 21.19
CA THR C 56 10.56 -42.41 20.61
C THR C 56 11.93 -41.79 20.40
N LEU C 57 12.32 -41.67 19.14
CA LEU C 57 13.60 -41.07 18.77
C LEU C 57 13.43 -39.55 18.81
N GLY C 58 14.39 -38.86 19.41
CA GLY C 58 14.32 -37.41 19.49
C GLY C 58 15.61 -36.71 19.06
N ALA C 59 15.50 -35.45 18.66
CA ALA C 59 16.66 -34.70 18.23
C ALA C 59 16.58 -33.26 18.69
N TYR C 60 17.46 -32.88 19.62
CA TYR C 60 17.47 -31.52 20.13
C TYR C 60 18.15 -30.58 19.14
N LEU C 61 17.44 -29.52 18.76
CA LEU C 61 17.95 -28.53 17.81
C LEU C 61 18.46 -27.28 18.52
N ILE C 62 17.88 -26.97 19.67
CA ILE C 62 18.27 -25.79 20.45
C ILE C 62 18.12 -26.05 21.95
N THR C 63 19.16 -25.72 22.73
CA THR C 63 19.15 -25.87 24.19
C THR C 63 19.94 -24.69 24.75
N PRO C 64 19.68 -24.32 26.00
CA PRO C 64 20.34 -23.20 26.70
C PRO C 64 21.86 -23.12 26.55
N ALA C 65 22.45 -24.13 25.92
CA ALA C 65 23.88 -24.13 25.71
C ALA C 65 24.25 -23.08 24.66
N THR C 66 23.22 -22.52 24.02
CA THR C 66 23.43 -21.50 22.98
C THR C 66 23.23 -20.13 23.59
N GLY C 67 22.75 -20.12 24.83
CA GLY C 67 22.45 -18.88 25.51
C GLY C 67 20.94 -18.64 25.47
N SER C 68 20.19 -19.63 25.00
CA SER C 68 18.74 -19.53 24.95
C SER C 68 18.15 -19.98 26.31
N HIS C 69 16.86 -19.76 26.51
CA HIS C 69 16.21 -20.17 27.76
C HIS C 69 15.22 -21.30 27.50
N PHE C 70 15.19 -21.80 26.27
CA PHE C 70 14.27 -22.86 25.91
C PHE C 70 14.92 -24.01 25.15
N VAL C 71 14.23 -25.13 25.09
CA VAL C 71 14.74 -26.26 24.34
C VAL C 71 13.79 -26.50 23.19
N MET C 72 14.31 -26.96 22.06
CA MET C 72 13.51 -27.26 20.89
C MET C 72 13.97 -28.59 20.34
N TYR C 73 13.03 -29.53 20.18
CA TYR C 73 13.39 -30.82 19.64
C TYR C 73 12.30 -31.45 18.80
N LEU C 74 12.70 -32.42 18.00
CA LEU C 74 11.80 -33.13 17.13
C LEU C 74 11.63 -34.51 17.74
N ALA C 75 10.39 -34.95 17.85
CA ALA C 75 10.12 -36.25 18.42
C ALA C 75 9.49 -37.17 17.38
N LYS C 76 10.26 -38.18 16.94
CA LYS C 76 9.80 -39.17 15.97
C LYS C 76 9.19 -40.33 16.75
N MET C 77 7.86 -40.32 16.84
CA MET C 77 7.13 -41.36 17.56
C MET C 77 6.73 -42.50 16.61
N LYS C 78 7.14 -43.72 16.95
CA LYS C 78 6.83 -44.89 16.15
C LYS C 78 5.59 -45.56 16.77
N GLU C 79 5.42 -46.87 16.59
CA GLU C 79 4.26 -47.58 17.15
C GLU C 79 4.32 -47.86 18.65
N MET C 80 3.16 -47.77 19.32
CA MET C 80 3.05 -48.05 20.76
C MET C 80 3.98 -47.19 21.61
N SER C 81 4.27 -46.01 21.10
CA SER C 81 5.15 -45.05 21.77
C SER C 81 4.37 -44.17 22.74
N SER C 82 5.04 -43.75 23.81
CA SER C 82 4.43 -42.90 24.83
C SER C 82 5.33 -41.72 25.17
N SER C 83 4.73 -40.59 25.55
CA SER C 83 5.48 -39.39 25.92
C SER C 83 6.01 -39.53 27.34
N GLY C 84 6.93 -38.64 27.72
CA GLY C 84 7.50 -38.70 29.05
C GLY C 84 7.45 -37.36 29.75
N LEU C 85 6.94 -37.35 30.97
CA LEU C 85 6.81 -36.13 31.75
C LEU C 85 8.12 -35.35 31.82
N PRO C 86 8.03 -34.02 31.82
CA PRO C 86 9.20 -33.14 31.89
C PRO C 86 9.57 -32.79 33.34
N PRO C 87 10.81 -32.33 33.57
CA PRO C 87 11.25 -31.99 34.92
C PRO C 87 10.29 -31.00 35.61
N GLN C 88 10.47 -30.83 36.91
CA GLN C 88 9.63 -29.92 37.68
C GLN C 88 9.72 -28.50 37.15
N ASP C 89 8.60 -27.80 37.20
CA ASP C 89 8.51 -26.41 36.76
C ASP C 89 8.79 -26.13 35.28
N ILE C 90 8.65 -27.14 34.45
CA ILE C 90 8.89 -26.95 33.03
C ILE C 90 7.61 -27.06 32.24
N GLU C 91 7.33 -26.02 31.45
CA GLU C 91 6.14 -26.03 30.62
C GLU C 91 6.50 -26.67 29.27
N ARG C 92 5.53 -27.34 28.66
CA ARG C 92 5.75 -28.03 27.39
C ARG C 92 4.68 -27.68 26.34
N LEU C 93 5.13 -27.47 25.12
CA LEU C 93 4.25 -27.13 23.99
C LEU C 93 4.60 -28.11 22.87
N ILE C 94 3.61 -28.86 22.41
CA ILE C 94 3.85 -29.82 21.35
C ILE C 94 2.96 -29.48 20.16
N PHE C 95 3.57 -29.55 18.98
CA PHE C 95 2.89 -29.25 17.72
C PHE C 95 3.08 -30.45 16.82
N VAL C 96 1.98 -30.98 16.29
CA VAL C 96 2.06 -32.15 15.43
C VAL C 96 2.35 -31.80 13.99
N VAL C 97 3.43 -32.37 13.47
CA VAL C 97 3.86 -32.13 12.11
C VAL C 97 3.53 -33.29 11.14
N GLU C 98 3.42 -34.50 11.68
CA GLU C 98 3.12 -35.68 10.86
C GLU C 98 2.54 -36.74 11.79
N GLY C 99 1.63 -37.55 11.27
CA GLY C 99 1.04 -38.59 12.09
C GLY C 99 -0.05 -38.16 13.05
N ALA C 100 -0.25 -38.94 14.12
CA ALA C 100 -1.27 -38.63 15.10
C ALA C 100 -0.97 -39.24 16.47
N VAL C 101 -1.36 -38.50 17.52
CA VAL C 101 -1.14 -38.94 18.90
C VAL C 101 -2.33 -38.51 19.77
N THR C 102 -2.54 -39.25 20.86
CA THR C 102 -3.65 -38.96 21.76
C THR C 102 -3.20 -38.31 23.07
N LEU C 103 -3.74 -37.13 23.35
CA LEU C 103 -3.41 -36.44 24.57
C LEU C 103 -4.44 -36.82 25.62
N THR C 104 -3.96 -37.29 26.76
CA THR C 104 -4.83 -37.69 27.88
C THR C 104 -4.13 -37.17 29.11
N ASN C 105 -4.90 -36.85 30.14
CA ASN C 105 -4.33 -36.36 31.39
C ASN C 105 -4.88 -37.10 32.60
N SER C 108 -9.04 -35.05 32.00
CA SER C 108 -10.04 -34.22 31.32
C SER C 108 -10.27 -34.61 29.85
N SER C 109 -11.13 -35.62 29.65
CA SER C 109 -11.50 -36.11 28.32
C SER C 109 -10.38 -36.18 27.27
N SER C 110 -9.91 -37.40 27.00
CA SER C 110 -8.86 -37.64 26.03
C SER C 110 -9.09 -36.86 24.75
N LYS C 111 -8.01 -36.49 24.06
CA LYS C 111 -8.09 -35.73 22.82
C LYS C 111 -7.19 -36.28 21.73
N LYS C 112 -7.74 -36.44 20.54
CA LYS C 112 -6.99 -36.94 19.40
C LYS C 112 -6.34 -35.76 18.69
N LEU C 113 -5.01 -35.78 18.65
CA LEU C 113 -4.24 -34.72 18.03
C LEU C 113 -3.63 -35.17 16.72
N THR C 114 -3.97 -34.48 15.65
CA THR C 114 -3.46 -34.81 14.33
C THR C 114 -2.57 -33.67 13.79
N VAL C 115 -2.22 -33.75 12.52
CA VAL C 115 -1.39 -32.74 11.90
C VAL C 115 -2.02 -31.36 12.03
N ASP C 116 -1.21 -30.40 12.47
CA ASP C 116 -1.63 -29.00 12.64
C ASP C 116 -2.28 -28.77 14.00
N SER C 117 -2.39 -29.85 14.78
CA SER C 117 -2.96 -29.75 16.13
C SER C 117 -1.82 -29.42 17.10
N TYR C 118 -2.17 -28.92 18.27
CA TYR C 118 -1.17 -28.58 19.27
C TYR C 118 -1.72 -28.58 20.68
N ALA C 119 -0.85 -28.74 21.67
CA ALA C 119 -1.27 -28.72 23.06
C ALA C 119 -0.21 -28.05 23.92
N TYR C 120 -0.67 -27.28 24.89
CA TYR C 120 0.21 -26.59 25.80
C TYR C 120 -0.05 -27.09 27.21
N LEU C 121 1.01 -27.57 27.85
CA LEU C 121 0.89 -28.09 29.19
C LEU C 121 1.56 -27.19 30.19
N PRO C 122 0.80 -26.68 31.16
CA PRO C 122 1.44 -25.80 32.14
C PRO C 122 2.50 -26.60 32.91
N PRO C 123 3.37 -25.89 33.63
CA PRO C 123 4.39 -26.63 34.38
C PRO C 123 3.73 -27.53 35.42
N ASN C 124 4.33 -28.70 35.64
CA ASN C 124 3.82 -29.63 36.62
C ASN C 124 2.39 -30.11 36.33
N PHE C 125 1.97 -30.02 35.07
CA PHE C 125 0.64 -30.48 34.65
C PHE C 125 0.77 -31.90 34.08
N HIS C 126 0.25 -32.89 34.81
CA HIS C 126 0.34 -34.26 34.34
C HIS C 126 -0.43 -34.54 33.05
N HIS C 127 0.23 -35.22 32.12
CA HIS C 127 -0.36 -35.54 30.85
C HIS C 127 0.33 -36.77 30.30
N SER C 128 -0.01 -37.11 29.06
CA SER C 128 0.58 -38.23 28.38
C SER C 128 0.25 -38.17 26.91
N LEU C 129 1.24 -38.48 26.09
CA LEU C 129 1.04 -38.51 24.65
C LEU C 129 1.29 -39.95 24.28
N ASP C 130 0.27 -40.57 23.70
CA ASP C 130 0.37 -41.95 23.30
C ASP C 130 0.05 -42.00 21.82
N CYS C 131 0.92 -42.68 21.08
CA CYS C 131 0.79 -42.81 19.65
C CYS C 131 0.81 -44.31 19.35
N VAL C 132 0.05 -44.71 18.33
CA VAL C 132 -0.01 -46.11 17.93
C VAL C 132 0.60 -46.40 16.56
N GLU C 133 0.75 -45.36 15.73
CA GLU C 133 1.33 -45.52 14.40
C GLU C 133 2.65 -44.80 14.33
N SER C 134 2.57 -43.49 14.18
CA SER C 134 3.75 -42.64 14.09
C SER C 134 3.34 -41.19 14.21
N ALA C 135 4.32 -40.32 14.36
CA ALA C 135 4.06 -38.91 14.46
C ALA C 135 5.34 -38.15 14.73
N THR C 136 5.44 -36.98 14.10
CA THR C 136 6.57 -36.10 14.29
C THR C 136 6.00 -34.98 15.15
N LEU C 137 6.74 -34.61 16.19
CA LEU C 137 6.31 -33.56 17.08
C LEU C 137 7.43 -32.58 17.29
N VAL C 138 7.16 -31.30 17.05
CA VAL C 138 8.16 -30.29 17.31
C VAL C 138 7.73 -29.80 18.69
N VAL C 139 8.65 -29.86 19.66
CA VAL C 139 8.30 -29.45 21.02
C VAL C 139 9.27 -28.46 21.67
N PHE C 140 8.69 -27.58 22.47
CA PHE C 140 9.44 -26.55 23.17
C PHE C 140 9.20 -26.67 24.67
N GLU C 141 10.27 -26.60 25.46
CA GLU C 141 10.13 -26.68 26.91
C GLU C 141 10.93 -25.56 27.56
N ARG C 142 10.43 -25.05 28.68
CA ARG C 142 11.10 -23.96 29.37
C ARG C 142 10.82 -23.95 30.86
N ARG C 143 11.73 -23.34 31.61
CA ARG C 143 11.55 -23.21 33.04
C ARG C 143 10.61 -22.01 33.16
N TYR C 144 9.35 -22.29 33.46
CA TYR C 144 8.34 -21.26 33.59
C TYR C 144 8.79 -20.10 34.46
N GLU C 145 8.48 -18.89 34.03
CA GLU C 145 8.84 -17.70 34.80
C GLU C 145 7.64 -17.21 35.62
N TYR C 146 7.31 -17.93 36.69
CA TYR C 146 6.19 -17.58 37.56
C TYR C 146 6.15 -16.09 37.89
N LEU C 147 5.04 -15.45 37.56
CA LEU C 147 4.87 -14.02 37.77
C LEU C 147 3.71 -13.77 38.72
N GLY C 148 4.00 -13.78 40.02
CA GLY C 148 2.93 -13.56 40.99
C GLY C 148 1.93 -14.69 40.94
N SER C 149 0.70 -14.39 41.34
CA SER C 149 -0.38 -15.39 41.36
C SER C 149 -0.79 -15.99 40.00
N HIS C 150 -0.51 -15.28 38.91
CA HIS C 150 -0.89 -15.76 37.60
C HIS C 150 -0.38 -17.15 37.26
N THR C 151 -1.22 -17.95 36.61
CA THR C 151 -0.84 -19.31 36.20
C THR C 151 -1.55 -19.68 34.89
N THR C 152 -0.83 -20.37 34.01
CA THR C 152 -1.35 -20.80 32.72
C THR C 152 -2.19 -22.05 32.92
N GLU C 153 -2.68 -22.61 31.83
CA GLU C 153 -3.47 -23.83 31.89
C GLU C 153 -3.52 -24.54 30.53
N LEU C 154 -3.92 -25.80 30.56
CA LEU C 154 -4.01 -26.61 29.35
C LEU C 154 -4.63 -25.86 28.17
N ILE C 155 -3.96 -25.93 27.03
CA ILE C 155 -4.44 -25.26 25.81
C ILE C 155 -4.29 -26.20 24.59
N VAL C 156 -5.41 -26.77 24.13
CA VAL C 156 -5.39 -27.66 22.97
C VAL C 156 -6.10 -26.99 21.78
N GLY C 157 -5.53 -27.13 20.58
CA GLY C 157 -6.13 -26.51 19.41
C GLY C 157 -5.51 -26.81 18.06
N SER C 158 -5.89 -26.03 17.06
CA SER C 158 -5.39 -26.17 15.69
C SER C 158 -5.14 -24.80 15.07
N THR C 159 -4.11 -24.72 14.24
CA THR C 159 -3.75 -23.46 13.61
C THR C 159 -4.87 -22.90 12.75
N ASP C 160 -5.56 -23.77 12.03
CA ASP C 160 -6.65 -23.32 11.17
C ASP C 160 -7.73 -22.56 11.94
N LYS C 161 -8.10 -23.09 13.09
CA LYS C 161 -9.11 -22.47 13.94
C LYS C 161 -8.61 -21.28 14.73
N GLN C 162 -7.36 -20.88 14.53
CA GLN C 162 -6.84 -19.72 15.25
C GLN C 162 -7.03 -18.51 14.34
N PRO C 163 -7.47 -17.38 14.91
CA PRO C 163 -7.70 -16.15 14.16
C PRO C 163 -6.48 -15.42 13.60
N LEU C 164 -6.62 -14.94 12.37
CA LEU C 164 -5.57 -14.19 11.69
C LEU C 164 -5.35 -12.87 12.40
N LEU C 165 -4.19 -12.70 13.02
CA LEU C 165 -3.92 -11.47 13.70
C LEU C 165 -3.40 -10.43 12.74
N GLU C 166 -3.42 -9.19 13.16
CA GLU C 166 -2.96 -8.10 12.31
C GLU C 166 -1.61 -7.59 12.81
N THR C 167 -0.73 -7.20 11.89
CA THR C 167 0.55 -6.67 12.31
C THR C 167 0.86 -5.38 11.57
N PRO C 168 0.86 -4.25 12.29
CA PRO C 168 1.14 -2.96 11.67
C PRO C 168 2.49 -2.85 10.96
N GLY C 169 2.46 -2.43 9.70
CA GLY C 169 3.68 -2.28 8.96
C GLY C 169 4.07 -3.51 8.16
N GLU C 170 3.44 -4.64 8.43
CA GLU C 170 3.77 -5.87 7.72
C GLU C 170 2.60 -6.41 6.89
N VAL C 171 2.90 -7.41 6.05
CA VAL C 171 1.92 -8.03 5.17
C VAL C 171 1.76 -9.53 5.46
N PHE C 172 2.67 -10.10 6.22
CA PHE C 172 2.57 -11.51 6.53
C PHE C 172 1.36 -11.82 7.38
N GLU C 173 0.78 -13.00 7.18
CA GLU C 173 -0.39 -13.43 7.94
C GLU C 173 0.07 -14.18 9.17
N LEU C 174 -0.36 -13.68 10.33
CA LEU C 174 0.01 -14.22 11.62
C LEU C 174 -1.11 -14.79 12.49
N ARG C 175 -0.77 -15.86 13.20
CA ARG C 175 -1.66 -16.53 14.13
C ARG C 175 -0.80 -16.86 15.34
N LYS C 176 -1.36 -16.72 16.54
CA LYS C 176 -0.64 -17.02 17.77
C LYS C 176 -1.33 -18.19 18.47
N LEU C 177 -0.68 -19.34 18.44
CA LEU C 177 -1.24 -20.56 19.04
C LEU C 177 -1.72 -20.54 20.49
N LEU C 178 -1.17 -19.64 21.31
CA LEU C 178 -1.55 -19.59 22.73
C LEU C 178 -2.11 -18.23 23.11
N PRO C 179 -2.72 -18.13 24.31
CA PRO C 179 -3.31 -16.89 24.84
C PRO C 179 -2.25 -15.81 24.94
N MET C 180 -2.66 -14.55 24.91
CA MET C 180 -1.69 -13.46 25.03
C MET C 180 -1.63 -12.96 26.47
N SER C 181 -2.36 -13.63 27.35
CA SER C 181 -2.41 -13.27 28.77
C SER C 181 -1.02 -13.16 29.37
N VAL C 182 -0.87 -12.22 30.31
CA VAL C 182 0.39 -11.98 30.99
C VAL C 182 0.97 -13.23 31.65
N ALA C 183 0.11 -14.16 32.02
CA ALA C 183 0.52 -15.40 32.67
C ALA C 183 1.48 -16.19 31.79
N TYR C 184 1.26 -16.14 30.48
CA TYR C 184 2.10 -16.85 29.52
C TYR C 184 3.39 -16.09 29.23
N ASP C 185 4.52 -16.77 29.46
CA ASP C 185 5.84 -16.17 29.27
C ASP C 185 6.39 -16.32 27.85
N PHE C 186 5.52 -16.70 26.92
CA PHE C 186 5.90 -16.85 25.54
C PHE C 186 4.71 -17.36 24.73
N ASN C 187 4.78 -17.18 23.42
CA ASN C 187 3.71 -17.62 22.52
C ASN C 187 4.37 -18.33 21.33
N ILE C 188 3.58 -19.04 20.52
CA ILE C 188 4.11 -19.70 19.34
C ILE C 188 3.36 -19.09 18.17
N HIS C 189 4.07 -18.42 17.27
CA HIS C 189 3.42 -17.77 16.13
C HIS C 189 3.53 -18.61 14.88
N THR C 190 2.61 -18.35 13.97
CA THR C 190 2.60 -19.02 12.68
C THR C 190 2.60 -17.87 11.70
N MET C 191 3.54 -17.85 10.77
CA MET C 191 3.63 -16.74 9.85
C MET C 191 3.61 -17.16 8.39
N ASP C 192 2.72 -16.51 7.63
CA ASP C 192 2.60 -16.81 6.21
C ASP C 192 3.05 -15.63 5.35
N PHE C 193 3.81 -15.96 4.30
CA PHE C 193 4.36 -15.01 3.36
C PHE C 193 4.03 -15.49 1.96
N GLN C 194 3.44 -14.62 1.14
CA GLN C 194 3.13 -15.01 -0.24
C GLN C 194 4.41 -14.74 -1.02
N PRO C 195 4.62 -15.46 -2.12
CA PRO C 195 5.85 -15.21 -2.89
C PRO C 195 6.00 -13.73 -3.23
N GLY C 196 7.20 -13.19 -3.00
CA GLY C 196 7.46 -11.79 -3.29
C GLY C 196 7.39 -10.90 -2.06
N GLU C 197 6.82 -11.40 -0.97
CA GLU C 197 6.68 -10.64 0.26
C GLU C 197 7.83 -10.80 1.22
N PHE C 198 8.05 -9.79 2.05
CA PHE C 198 9.15 -9.80 3.00
C PHE C 198 8.87 -8.95 4.23
N LEU C 199 9.70 -9.09 5.26
CA LEU C 199 9.52 -8.28 6.47
C LEU C 199 9.95 -6.86 6.15
N ASN C 200 9.17 -5.89 6.59
CA ASN C 200 9.53 -4.49 6.34
C ASN C 200 10.51 -3.99 7.36
N VAL C 201 10.30 -4.38 8.61
CA VAL C 201 11.21 -3.96 9.66
C VAL C 201 12.37 -4.96 9.74
N LYS C 202 13.60 -4.45 9.77
CA LYS C 202 14.78 -5.29 9.90
C LYS C 202 14.91 -5.49 11.40
N GLU C 203 14.08 -6.38 11.91
CA GLU C 203 14.01 -6.64 13.33
C GLU C 203 15.29 -6.83 14.13
N VAL C 204 15.35 -6.12 15.25
CA VAL C 204 16.42 -6.22 16.21
C VAL C 204 15.70 -6.02 17.54
N HIS C 205 15.57 -7.11 18.29
CA HIS C 205 14.84 -7.08 19.57
C HIS C 205 15.42 -8.03 20.60
N TYR C 206 15.08 -7.81 21.87
CA TYR C 206 15.57 -8.66 22.96
C TYR C 206 15.01 -10.09 22.85
N ASN C 207 13.82 -10.22 22.26
CA ASN C 207 13.17 -11.52 22.08
C ASN C 207 14.08 -12.49 21.37
N GLN C 208 13.92 -13.76 21.66
CA GLN C 208 14.71 -14.80 21.03
C GLN C 208 13.76 -15.73 20.30
N HIS C 209 14.28 -16.47 19.34
CA HIS C 209 13.44 -17.35 18.56
C HIS C 209 14.02 -18.73 18.34
N GLY C 210 13.15 -19.58 17.83
CA GLY C 210 13.45 -20.93 17.45
C GLY C 210 12.33 -21.11 16.43
N LEU C 211 12.66 -21.50 15.21
CA LEU C 211 11.59 -21.66 14.22
C LEU C 211 11.74 -22.84 13.27
N LEU C 212 10.61 -23.28 12.74
CA LEU C 212 10.57 -24.40 11.82
C LEU C 212 9.84 -23.97 10.58
N LEU C 213 10.50 -24.06 9.43
CA LEU C 213 9.85 -23.70 8.18
C LEU C 213 9.00 -24.88 7.75
N LEU C 214 7.69 -24.77 7.91
CA LEU C 214 6.78 -25.85 7.55
C LEU C 214 6.49 -25.94 6.06
N GLU C 215 6.36 -24.81 5.39
CA GLU C 215 6.09 -24.82 3.96
C GLU C 215 6.91 -23.77 3.25
N GLY C 216 7.09 -23.98 1.94
CA GLY C 216 7.82 -23.03 1.11
C GLY C 216 9.34 -22.95 1.17
N GLN C 217 9.83 -21.85 0.65
CA GLN C 217 11.26 -21.60 0.60
C GLN C 217 11.48 -20.09 0.53
N GLY C 218 12.74 -19.68 0.73
CA GLY C 218 13.06 -18.27 0.66
C GLY C 218 14.49 -17.96 1.06
N ILE C 219 14.72 -16.72 1.46
CA ILE C 219 16.04 -16.28 1.88
C ILE C 219 15.91 -15.75 3.29
N TYR C 220 16.80 -16.14 4.18
CA TYR C 220 16.72 -15.62 5.52
C TYR C 220 17.98 -14.85 5.83
N ARG C 221 17.84 -13.63 6.32
CA ARG C 221 19.02 -12.86 6.68
C ARG C 221 19.16 -12.85 8.20
N LEU C 222 20.37 -13.13 8.66
CA LEU C 222 20.66 -13.19 10.09
C LEU C 222 22.00 -12.48 10.29
N GLY C 223 21.94 -11.26 10.81
CA GLY C 223 23.16 -10.49 10.99
C GLY C 223 23.60 -10.10 9.60
N ASP C 224 24.87 -10.31 9.27
CA ASP C 224 25.37 -9.99 7.93
C ASP C 224 25.46 -11.25 7.07
N ASN C 225 24.70 -12.27 7.44
CA ASN C 225 24.71 -13.53 6.70
C ASN C 225 23.38 -13.77 6.02
N TRP C 226 23.42 -14.37 4.83
CA TRP C 226 22.21 -14.66 4.05
C TRP C 226 22.09 -16.15 3.78
N TYR C 227 20.92 -16.71 4.07
CA TYR C 227 20.72 -18.13 3.90
C TYR C 227 19.50 -18.56 3.08
N PRO C 228 19.73 -19.29 1.98
CA PRO C 228 18.58 -19.74 1.19
C PRO C 228 17.98 -20.84 2.10
N VAL C 229 16.65 -20.90 2.20
CA VAL C 229 16.04 -21.91 3.05
C VAL C 229 14.90 -22.68 2.41
N GLN C 230 14.60 -23.83 2.97
CA GLN C 230 13.56 -24.72 2.45
C GLN C 230 12.82 -25.33 3.62
N ALA C 231 11.63 -25.85 3.33
CA ALA C 231 10.81 -26.49 4.36
C ALA C 231 11.61 -27.60 5.03
N GLY C 232 11.51 -27.68 6.35
CA GLY C 232 12.25 -28.69 7.09
C GLY C 232 13.36 -28.03 7.88
N ASP C 233 13.84 -26.90 7.39
CA ASP C 233 14.91 -26.15 8.04
C ASP C 233 14.49 -25.60 9.41
N VAL C 234 15.48 -25.41 10.28
CA VAL C 234 15.27 -24.89 11.63
C VAL C 234 16.23 -23.75 11.89
N ILE C 235 15.75 -22.69 12.54
CA ILE C 235 16.59 -21.55 12.84
C ILE C 235 16.55 -21.12 14.29
N TRP C 236 17.73 -20.76 14.79
CA TRP C 236 17.92 -20.28 16.14
C TRP C 236 18.25 -18.82 15.95
N MET C 237 17.63 -17.96 16.75
CA MET C 237 17.88 -16.54 16.67
C MET C 237 18.09 -16.03 18.11
N ALA C 238 19.33 -15.65 18.43
CA ALA C 238 19.66 -15.15 19.76
C ALA C 238 19.12 -13.75 19.95
N PRO C 239 18.89 -13.36 21.21
CA PRO C 239 18.38 -12.01 21.40
C PRO C 239 19.23 -11.01 20.62
N PHE C 240 18.57 -9.96 20.13
CA PHE C 240 19.20 -8.87 19.40
C PHE C 240 19.92 -9.17 18.09
N VAL C 241 19.63 -10.31 17.48
CA VAL C 241 20.26 -10.62 16.22
C VAL C 241 19.46 -9.99 15.09
N PRO C 242 20.15 -9.28 14.17
CA PRO C 242 19.43 -8.66 13.05
C PRO C 242 18.79 -9.79 12.23
N GLN C 243 17.49 -9.68 11.97
CA GLN C 243 16.80 -10.72 11.22
C GLN C 243 15.84 -10.19 10.17
N TRP C 244 15.80 -10.87 9.03
CA TRP C 244 14.93 -10.51 7.92
C TRP C 244 14.61 -11.73 7.07
N TYR C 245 13.40 -11.75 6.51
CA TYR C 245 12.96 -12.88 5.68
C TYR C 245 12.16 -12.51 4.44
N ALA C 246 12.36 -13.28 3.37
CA ALA C 246 11.64 -13.09 2.12
C ALA C 246 11.23 -14.44 1.58
N ALA C 247 10.00 -14.54 1.10
CA ALA C 247 9.47 -15.77 0.54
C ALA C 247 9.66 -15.76 -0.95
N LEU C 248 9.95 -16.93 -1.52
CA LEU C 248 10.17 -17.06 -2.96
C LEU C 248 9.55 -18.33 -3.52
N GLY C 249 9.32 -18.35 -4.84
CA GLY C 249 8.75 -19.53 -5.46
C GLY C 249 7.30 -19.40 -5.88
N LYS C 250 6.65 -20.53 -6.14
CA LYS C 250 5.25 -20.52 -6.55
C LYS C 250 4.35 -20.67 -5.34
N THR C 251 4.76 -21.53 -4.40
CA THR C 251 4.02 -21.78 -3.18
C THR C 251 4.38 -20.75 -2.13
N ARG C 252 3.53 -20.62 -1.12
CA ARG C 252 3.74 -19.67 -0.04
C ARG C 252 4.66 -20.17 1.07
N SER C 253 5.09 -19.24 1.91
CA SER C 253 5.95 -19.56 3.04
C SER C 253 5.17 -19.69 4.34
N ARG C 254 5.58 -20.64 5.16
CA ARG C 254 4.93 -20.87 6.43
C ARG C 254 5.95 -21.35 7.45
N TYR C 255 6.11 -20.61 8.55
CA TYR C 255 7.02 -21.07 9.57
C TYR C 255 6.48 -20.93 10.99
N LEU C 256 6.84 -21.89 11.83
CA LEU C 256 6.42 -21.92 13.21
C LEU C 256 7.44 -21.08 13.95
N LEU C 257 7.00 -20.29 14.92
CA LEU C 257 7.93 -19.44 15.64
C LEU C 257 7.75 -19.33 17.14
N TYR C 258 8.84 -19.53 17.86
CA TYR C 258 8.83 -19.39 19.31
C TYR C 258 9.19 -17.95 19.62
N LYS C 259 8.60 -17.39 20.67
CA LYS C 259 8.88 -16.02 21.07
C LYS C 259 8.50 -15.81 22.52
N ASP C 260 9.45 -15.30 23.31
CA ASP C 260 9.19 -15.03 24.72
C ASP C 260 8.50 -13.67 24.89
N VAL C 261 7.63 -13.58 25.89
CA VAL C 261 6.90 -12.35 26.15
C VAL C 261 6.45 -12.21 27.60
N ASN C 262 5.76 -11.11 27.87
CA ASN C 262 5.21 -10.81 29.18
C ASN C 262 6.17 -10.88 30.36
N ARG C 263 7.45 -10.61 30.12
CA ARG C 263 8.42 -10.64 31.22
C ARG C 263 9.46 -9.55 31.04
N ASN C 264 9.59 -8.69 32.05
CA ASN C 264 10.55 -7.60 32.00
C ASN C 264 11.88 -8.17 31.52
N PRO C 265 12.51 -7.52 30.53
CA PRO C 265 13.80 -8.01 30.02
C PRO C 265 14.96 -7.65 30.96
N LEU C 266 14.66 -6.77 31.92
CA LEU C 266 15.66 -6.33 32.89
C LEU C 266 16.05 -7.51 33.74
N PRO D 7 4.83 6.51 -14.68
CA PRO D 7 5.67 6.73 -15.89
C PRO D 7 6.67 5.58 -16.05
N ILE D 8 6.91 5.19 -17.29
CA ILE D 8 7.82 4.10 -17.59
C ILE D 8 9.26 4.37 -17.18
N TYR D 9 9.82 3.49 -16.36
CA TYR D 9 11.20 3.64 -15.90
C TYR D 9 11.38 4.90 -15.07
N TRP D 10 10.31 5.32 -14.40
CA TRP D 10 10.35 6.52 -13.58
C TRP D 10 11.35 6.37 -12.45
N LYS D 11 11.16 5.36 -11.61
CA LYS D 11 12.03 5.14 -10.47
C LYS D 11 13.49 4.90 -10.87
N ALA D 12 13.71 4.58 -12.15
CA ALA D 12 15.06 4.35 -12.62
C ALA D 12 15.88 5.64 -12.47
N THR D 13 15.21 6.77 -12.62
CA THR D 13 15.88 8.08 -12.50
C THR D 13 15.41 8.85 -11.26
N ASN D 14 14.57 8.21 -10.45
CA ASN D 14 14.06 8.76 -9.21
C ASN D 14 13.97 7.60 -8.25
N PRO D 15 15.12 7.08 -7.81
CA PRO D 15 15.14 5.95 -6.89
C PRO D 15 14.58 6.20 -5.50
N THR D 16 13.94 5.18 -4.96
CA THR D 16 13.34 5.24 -3.64
C THR D 16 14.31 5.82 -2.64
N LEU D 17 15.51 5.26 -2.58
CA LEU D 17 16.52 5.80 -1.69
C LEU D 17 17.32 6.70 -2.62
N SER D 18 17.24 8.01 -2.43
CA SER D 18 17.97 8.94 -3.29
C SER D 18 19.21 9.42 -2.60
N PRO D 19 20.19 9.94 -3.37
CA PRO D 19 21.44 10.41 -2.76
C PRO D 19 21.20 11.41 -1.62
N SER D 20 20.34 12.40 -1.85
CA SER D 20 20.05 13.42 -0.84
C SER D 20 19.58 12.84 0.48
N HIS D 21 18.94 11.67 0.42
CA HIS D 21 18.47 11.00 1.62
C HIS D 21 19.66 10.62 2.50
N LEU D 22 20.84 10.63 1.90
CA LEU D 22 22.06 10.27 2.61
C LEU D 22 22.94 11.46 3.00
N GLN D 23 22.43 12.68 2.85
CA GLN D 23 23.22 13.87 3.18
C GLN D 23 23.63 13.93 4.65
N ASP D 24 23.13 13.01 5.46
CA ASP D 24 23.48 12.98 6.88
C ASP D 24 24.23 11.71 7.28
N LEU D 25 24.84 11.03 6.33
CA LEU D 25 25.60 9.82 6.62
C LEU D 25 26.90 9.88 5.83
N PRO D 26 27.88 10.64 6.36
CA PRO D 26 29.20 10.88 5.81
C PRO D 26 29.97 9.63 5.44
N GLY D 27 30.20 9.43 4.15
CA GLY D 27 30.94 8.28 3.69
C GLY D 27 30.07 7.08 3.39
N PHE D 28 28.82 7.14 3.83
CA PHE D 28 27.90 6.05 3.61
C PHE D 28 27.69 5.86 2.11
N THR D 29 27.49 4.61 1.72
CA THR D 29 27.26 4.29 0.33
C THR D 29 26.96 2.81 0.16
N ARG D 30 26.08 2.51 -0.78
CA ARG D 30 25.72 1.13 -1.06
C ARG D 30 26.70 0.55 -2.08
N SER D 31 27.36 1.42 -2.84
CA SER D 31 28.30 0.99 -3.87
C SER D 31 29.41 0.06 -3.39
N VAL D 32 29.76 -0.89 -4.25
CA VAL D 32 30.80 -1.86 -3.96
C VAL D 32 31.48 -2.24 -5.27
N TYR D 33 32.81 -2.18 -5.30
CA TYR D 33 33.55 -2.55 -6.51
C TYR D 33 34.54 -3.64 -6.08
N LYS D 34 34.26 -4.87 -6.47
CA LYS D 34 35.11 -5.99 -6.09
C LYS D 34 35.84 -6.63 -7.27
N ARG D 35 36.61 -7.67 -6.98
CA ARG D 35 37.40 -8.34 -8.01
C ARG D 35 36.67 -8.78 -9.27
N ASP D 36 35.53 -9.42 -9.11
CA ASP D 36 34.76 -9.92 -10.25
C ASP D 36 33.38 -9.30 -10.42
N HIS D 37 33.15 -8.16 -9.80
CA HIS D 37 31.85 -7.52 -9.95
C HIS D 37 31.79 -6.17 -9.27
N ALA D 38 30.69 -5.47 -9.52
CA ALA D 38 30.48 -4.15 -8.95
C ALA D 38 29.01 -3.82 -8.80
N LEU D 39 28.70 -3.04 -7.77
CA LEU D 39 27.35 -2.60 -7.49
C LEU D 39 27.40 -1.08 -7.42
N ILE D 40 27.26 -0.42 -8.57
CA ILE D 40 27.29 1.03 -8.60
C ILE D 40 25.90 1.61 -8.30
N THR D 41 25.80 2.43 -7.27
CA THR D 41 24.52 3.01 -6.90
C THR D 41 24.52 4.53 -7.11
N PRO D 42 23.33 5.14 -7.21
CA PRO D 42 23.15 6.58 -7.42
C PRO D 42 24.14 7.56 -6.75
N GLU D 43 24.27 7.50 -5.43
CA GLU D 43 25.15 8.42 -4.72
C GLU D 43 26.65 8.29 -5.03
N SER D 44 26.99 7.50 -6.05
CA SER D 44 28.38 7.31 -6.42
C SER D 44 28.64 7.71 -7.86
N HIS D 45 27.57 7.98 -8.59
CA HIS D 45 27.68 8.40 -9.99
C HIS D 45 28.50 9.68 -10.09
N VAL D 46 29.55 9.65 -10.92
CA VAL D 46 30.35 10.85 -11.06
C VAL D 46 30.11 11.52 -12.41
N TYR D 47 29.30 12.58 -12.39
CA TYR D 47 28.98 13.28 -13.62
C TYR D 47 29.97 14.35 -14.02
N SER D 48 30.30 14.33 -15.29
CA SER D 48 31.26 15.24 -15.89
C SER D 48 30.87 15.38 -17.37
N PRO D 49 31.15 16.56 -17.97
CA PRO D 49 30.82 16.82 -19.37
C PRO D 49 31.40 15.78 -20.32
N LEU D 50 30.54 15.21 -21.15
CA LEU D 50 30.99 14.21 -22.11
C LEU D 50 31.71 14.85 -23.30
N PRO D 51 33.03 14.57 -23.43
CA PRO D 51 33.85 15.11 -24.52
C PRO D 51 33.15 14.86 -25.86
N ASP D 52 33.24 15.83 -26.77
CA ASP D 52 32.64 15.70 -28.10
C ASP D 52 31.10 15.72 -28.05
N TRP D 53 30.53 16.20 -26.96
CA TRP D 53 29.07 16.27 -26.81
C TRP D 53 28.68 17.71 -26.44
N THR D 54 27.41 18.05 -26.58
CA THR D 54 26.97 19.40 -26.28
C THR D 54 25.90 19.45 -25.20
N ASN D 55 26.11 20.30 -24.21
CA ASN D 55 25.18 20.43 -23.10
C ASN D 55 24.74 19.01 -22.68
N THR D 56 25.73 18.20 -22.31
CA THR D 56 25.49 16.82 -21.90
C THR D 56 26.52 16.27 -20.91
N LEU D 57 26.10 16.04 -19.68
CA LEU D 57 27.01 15.48 -18.67
C LEU D 57 26.94 13.96 -18.73
N GLY D 58 28.11 13.33 -18.61
CA GLY D 58 28.13 11.88 -18.66
C GLY D 58 28.79 11.26 -17.43
N ALA D 59 28.33 10.07 -17.07
CA ALA D 59 28.91 9.36 -15.93
C ALA D 59 29.24 7.94 -16.35
N TYR D 60 30.53 7.60 -16.34
CA TYR D 60 30.97 6.26 -16.71
C TYR D 60 30.88 5.31 -15.50
N LEU D 61 30.12 4.23 -15.65
CA LEU D 61 29.92 3.25 -14.58
C LEU D 61 30.86 2.05 -14.71
N ILE D 62 31.22 1.72 -15.95
CA ILE D 62 32.11 0.60 -16.25
C ILE D 62 32.91 0.85 -17.53
N THR D 63 34.22 0.57 -17.47
CA THR D 63 35.13 0.69 -18.61
C THR D 63 36.11 -0.47 -18.47
N PRO D 64 36.87 -0.77 -19.52
CA PRO D 64 37.83 -1.88 -19.43
C PRO D 64 38.81 -1.85 -18.26
N ALA D 65 38.86 -0.76 -17.52
CA ALA D 65 39.77 -0.69 -16.37
C ALA D 65 39.33 -1.72 -15.32
N THR D 66 38.17 -2.32 -15.56
CA THR D 66 37.61 -3.31 -14.66
C THR D 66 37.94 -4.70 -15.15
N GLY D 67 38.34 -4.78 -16.42
CA GLY D 67 38.66 -6.07 -17.02
C GLY D 67 37.69 -6.35 -18.14
N SER D 68 36.66 -5.52 -18.28
CA SER D 68 35.68 -5.69 -19.33
C SER D 68 36.25 -5.36 -20.70
N HIS D 69 35.41 -5.51 -21.72
CA HIS D 69 35.78 -5.24 -23.10
C HIS D 69 34.78 -4.22 -23.67
N PHE D 70 34.17 -3.46 -22.78
CA PHE D 70 33.17 -2.48 -23.18
C PHE D 70 33.03 -1.41 -22.11
N VAL D 71 32.35 -0.31 -22.46
CA VAL D 71 32.10 0.78 -21.53
C VAL D 71 30.59 0.93 -21.39
N MET D 72 30.16 1.39 -20.22
CA MET D 72 28.76 1.60 -19.97
C MET D 72 28.67 2.96 -19.31
N TYR D 73 27.73 3.79 -19.73
CA TYR D 73 27.59 5.09 -19.11
C TYR D 73 26.23 5.73 -19.34
N LEU D 74 25.93 6.70 -18.48
CA LEU D 74 24.69 7.43 -18.55
C LEU D 74 24.99 8.80 -19.13
N ALA D 75 24.10 9.28 -19.98
CA ALA D 75 24.28 10.60 -20.56
C ALA D 75 23.04 11.43 -20.26
N LYS D 76 23.20 12.47 -19.45
CA LYS D 76 22.07 13.35 -19.14
C LYS D 76 22.14 14.47 -20.16
N MET D 77 21.30 14.40 -21.19
CA MET D 77 21.29 15.43 -22.22
C MET D 77 20.35 16.53 -21.74
N LYS D 78 20.61 17.76 -22.18
CA LYS D 78 19.77 18.88 -21.78
C LYS D 78 19.49 19.75 -23.00
N GLU D 79 18.69 20.80 -22.84
CA GLU D 79 18.34 21.66 -23.96
C GLU D 79 19.45 21.83 -24.99
N MET D 80 19.05 21.78 -26.27
CA MET D 80 19.97 21.95 -27.37
C MET D 80 21.28 21.19 -27.21
N SER D 81 21.18 19.89 -26.97
CA SER D 81 22.33 19.03 -26.81
C SER D 81 22.45 18.04 -27.95
N SER D 82 23.66 17.56 -28.21
CA SER D 82 23.90 16.59 -29.27
C SER D 82 25.03 15.63 -28.90
N SER D 83 25.03 14.45 -29.54
CA SER D 83 26.01 13.41 -29.27
C SER D 83 27.21 13.49 -30.20
N GLY D 84 28.38 13.14 -29.66
CA GLY D 84 29.61 13.17 -30.44
C GLY D 84 29.97 11.82 -31.01
N LEU D 85 30.55 11.82 -32.20
CA LEU D 85 30.93 10.58 -32.85
C LEU D 85 31.92 9.75 -32.06
N PRO D 86 31.60 8.47 -31.84
CA PRO D 86 32.44 7.51 -31.11
C PRO D 86 33.71 7.22 -31.91
N PRO D 87 34.84 7.00 -31.24
CA PRO D 87 36.11 6.71 -31.91
C PRO D 87 36.00 5.77 -33.11
N GLN D 88 37.10 5.57 -33.80
CA GLN D 88 37.06 4.70 -34.94
C GLN D 88 36.95 3.22 -34.55
N ASP D 89 36.20 2.46 -35.33
CA ASP D 89 36.02 1.04 -35.09
C ASP D 89 35.30 0.71 -33.78
N ILE D 90 34.45 1.60 -33.29
CA ILE D 90 33.74 1.34 -32.06
C ILE D 90 32.24 1.49 -32.28
N GLU D 91 31.51 0.43 -31.95
CA GLU D 91 30.07 0.41 -32.11
C GLU D 91 29.45 1.07 -30.90
N ARG D 92 28.21 1.51 -31.05
CA ARG D 92 27.47 2.19 -29.99
C ARG D 92 25.99 1.79 -29.99
N LEU D 93 25.45 1.63 -28.78
CA LEU D 93 24.06 1.25 -28.60
C LEU D 93 23.54 2.24 -27.57
N ILE D 94 22.43 2.90 -27.86
CA ILE D 94 21.88 3.85 -26.90
C ILE D 94 20.45 3.45 -26.56
N PHE D 95 20.13 3.49 -25.27
CA PHE D 95 18.81 3.15 -24.78
C PHE D 95 18.29 4.38 -24.08
N VAL D 96 17.08 4.81 -24.44
CA VAL D 96 16.48 6.00 -23.85
C VAL D 96 15.70 5.71 -22.58
N VAL D 97 16.31 6.04 -21.44
CA VAL D 97 15.73 5.83 -20.12
C VAL D 97 14.59 6.82 -19.83
N GLU D 98 14.77 8.06 -20.28
CA GLU D 98 13.76 9.09 -20.09
C GLU D 98 13.92 10.21 -21.11
N GLY D 99 12.81 10.91 -21.37
CA GLY D 99 12.83 12.02 -22.30
C GLY D 99 12.72 11.63 -23.77
N ALA D 100 13.26 12.49 -24.62
CA ALA D 100 13.22 12.27 -26.06
C ALA D 100 14.50 12.72 -26.74
N VAL D 101 14.80 12.08 -27.86
CA VAL D 101 15.99 12.38 -28.62
C VAL D 101 15.69 12.02 -30.07
N THR D 102 16.38 12.67 -31.00
CA THR D 102 16.17 12.40 -32.42
C THR D 102 17.45 11.83 -33.03
N LEU D 103 17.32 10.73 -33.77
CA LEU D 103 18.47 10.11 -34.42
C LEU D 103 18.45 10.39 -35.91
N THR D 104 19.53 10.99 -36.41
CA THR D 104 19.68 11.29 -37.83
C THR D 104 20.98 10.66 -38.29
N ASN D 105 21.27 10.77 -39.59
CA ASN D 105 22.49 10.20 -40.15
C ASN D 105 22.69 10.63 -41.60
N SER D 108 20.06 9.63 -43.80
CA SER D 108 19.19 8.53 -44.18
C SER D 108 18.05 8.39 -43.16
N SER D 109 17.04 9.26 -43.30
CA SER D 109 15.88 9.28 -42.41
C SER D 109 16.30 9.81 -41.05
N SER D 110 15.33 10.04 -40.18
CA SER D 110 15.63 10.52 -38.84
C SER D 110 14.53 10.08 -37.89
N LYS D 111 14.83 9.13 -37.00
CA LYS D 111 13.80 8.65 -36.08
C LYS D 111 13.71 9.47 -34.79
N LYS D 112 12.52 9.44 -34.20
CA LYS D 112 12.25 10.13 -32.94
C LYS D 112 12.30 9.03 -31.87
N LEU D 113 13.44 8.90 -31.20
CA LEU D 113 13.58 7.89 -30.16
C LEU D 113 13.09 8.43 -28.81
N THR D 114 12.05 7.80 -28.27
CA THR D 114 11.51 8.21 -26.98
C THR D 114 11.92 7.21 -25.91
N VAL D 115 11.24 7.24 -24.77
CA VAL D 115 11.57 6.32 -23.67
C VAL D 115 11.33 4.88 -24.12
N ASP D 116 12.27 4.01 -23.78
CA ASP D 116 12.18 2.60 -24.13
C ASP D 116 12.62 2.36 -25.58
N SER D 117 13.16 3.41 -26.20
CA SER D 117 13.64 3.33 -27.57
C SER D 117 15.14 3.10 -27.55
N TYR D 118 15.63 2.40 -28.57
CA TYR D 118 17.05 2.11 -28.63
C TYR D 118 17.55 2.14 -30.07
N ALA D 119 18.87 2.26 -30.22
CA ALA D 119 19.46 2.30 -31.52
C ALA D 119 20.87 1.74 -31.46
N TYR D 120 21.15 0.79 -32.34
CA TYR D 120 22.48 0.23 -32.41
C TYR D 120 23.12 0.88 -33.63
N LEU D 121 24.27 1.50 -33.41
CA LEU D 121 24.97 2.16 -34.48
C LEU D 121 26.23 1.36 -34.73
N PRO D 122 26.42 0.86 -35.96
CA PRO D 122 27.62 0.07 -36.28
C PRO D 122 28.91 0.85 -36.13
N PRO D 123 30.05 0.15 -36.09
CA PRO D 123 31.30 0.90 -35.96
C PRO D 123 31.52 1.72 -37.22
N ASN D 124 31.97 2.97 -37.04
CA ASN D 124 32.24 3.86 -38.17
C ASN D 124 30.95 4.23 -38.89
N PHE D 125 29.83 4.14 -38.19
CA PHE D 125 28.55 4.49 -38.82
C PHE D 125 28.20 5.90 -38.44
N HIS D 126 28.32 6.80 -39.41
CA HIS D 126 28.02 8.19 -39.15
C HIS D 126 26.59 8.32 -38.65
N HIS D 127 26.42 9.06 -37.56
CA HIS D 127 25.11 9.27 -36.96
C HIS D 127 25.18 10.43 -35.99
N SER D 128 24.02 10.80 -35.46
CA SER D 128 23.93 11.87 -34.48
C SER D 128 22.62 11.78 -33.71
N LEU D 129 22.70 11.97 -32.41
CA LEU D 129 21.51 11.97 -31.58
C LEU D 129 21.42 13.44 -31.19
N ASP D 130 20.23 14.02 -31.28
CA ASP D 130 20.04 15.43 -30.97
C ASP D 130 18.82 15.59 -30.11
N CYS D 131 19.03 16.14 -28.93
CA CYS D 131 17.97 16.36 -27.97
C CYS D 131 17.74 17.86 -27.87
N VAL D 132 16.47 18.24 -27.91
CA VAL D 132 16.06 19.63 -27.82
C VAL D 132 15.75 20.00 -26.37
N GLU D 133 14.95 19.18 -25.70
CA GLU D 133 14.57 19.45 -24.32
C GLU D 133 15.48 18.74 -23.31
N SER D 134 15.32 17.42 -23.17
CA SER D 134 16.16 16.68 -22.23
C SER D 134 16.00 15.18 -22.41
N ALA D 135 17.12 14.47 -22.31
CA ALA D 135 17.11 13.03 -22.46
C ALA D 135 18.14 12.36 -21.57
N THR D 136 17.79 11.17 -21.08
CA THR D 136 18.68 10.38 -20.24
C THR D 136 19.00 9.11 -21.03
N LEU D 137 20.27 8.99 -21.44
CA LEU D 137 20.71 7.87 -22.23
C LEU D 137 21.63 6.91 -21.50
N VAL D 138 21.33 5.61 -21.57
CA VAL D 138 22.17 4.58 -20.99
C VAL D 138 22.85 4.05 -22.25
N VAL D 139 24.16 4.16 -22.35
CA VAL D 139 24.82 3.69 -23.56
C VAL D 139 26.02 2.76 -23.39
N PHE D 140 26.19 1.91 -24.40
CA PHE D 140 27.26 0.93 -24.44
C PHE D 140 28.16 1.14 -25.66
N GLU D 141 29.46 1.04 -25.45
CA GLU D 141 30.42 1.20 -26.54
C GLU D 141 31.48 0.12 -26.41
N ARG D 142 31.94 -0.37 -27.56
CA ARG D 142 32.93 -1.43 -27.59
C ARG D 142 33.64 -1.45 -28.92
N ARG D 143 34.89 -1.88 -28.87
CA ARG D 143 35.66 -2.03 -30.08
C ARG D 143 34.99 -3.24 -30.71
N TYR D 144 34.49 -3.08 -31.94
CA TYR D 144 33.81 -4.16 -32.62
C TYR D 144 34.82 -5.21 -33.02
N GLU D 145 34.48 -6.48 -32.81
CA GLU D 145 35.39 -7.55 -33.16
C GLU D 145 35.01 -8.12 -34.52
N TYR D 146 35.66 -7.59 -35.56
CA TYR D 146 35.41 -8.02 -36.92
C TYR D 146 35.65 -9.51 -37.16
N LEU D 147 34.65 -10.16 -37.74
CA LEU D 147 34.72 -11.57 -38.08
C LEU D 147 35.01 -11.67 -39.57
N GLY D 148 34.31 -12.55 -40.28
CA GLY D 148 34.56 -12.69 -41.72
C GLY D 148 34.38 -11.39 -42.49
N SER D 149 33.48 -11.41 -43.45
CA SER D 149 33.18 -10.21 -44.22
C SER D 149 31.86 -9.71 -43.66
N HIS D 150 31.54 -10.18 -42.46
CA HIS D 150 30.31 -9.81 -41.78
C HIS D 150 30.38 -8.39 -41.26
N THR D 151 29.24 -7.72 -41.29
CA THR D 151 29.15 -6.36 -40.81
C THR D 151 27.74 -6.17 -40.32
N THR D 152 27.62 -5.30 -39.33
CA THR D 152 26.32 -5.01 -38.73
C THR D 152 25.74 -3.78 -39.40
N GLU D 153 24.56 -3.36 -38.93
CA GLU D 153 23.90 -2.17 -39.45
C GLU D 153 22.95 -1.57 -38.43
N LEU D 154 22.59 -0.31 -38.69
CA LEU D 154 21.68 0.45 -37.87
C LEU D 154 20.45 -0.33 -37.43
N ILE D 155 20.15 -0.28 -36.13
CA ILE D 155 18.99 -0.96 -35.59
C ILE D 155 18.23 0.07 -34.76
N VAL D 156 16.95 0.26 -35.08
CA VAL D 156 16.15 1.23 -34.34
C VAL D 156 14.77 0.69 -34.00
N GLY D 157 14.56 0.37 -32.73
CA GLY D 157 13.27 -0.16 -32.30
C GLY D 157 12.93 0.17 -30.88
N SER D 158 11.77 -0.33 -30.44
CA SER D 158 11.30 -0.10 -29.08
C SER D 158 11.11 -1.44 -28.40
N THR D 159 11.42 -1.49 -27.11
CA THR D 159 11.29 -2.72 -26.35
C THR D 159 9.95 -3.41 -26.56
N ASP D 160 8.86 -2.66 -26.40
CA ASP D 160 7.51 -3.20 -26.54
C ASP D 160 7.25 -3.83 -27.90
N LYS D 161 8.07 -3.48 -28.88
CA LYS D 161 7.91 -4.03 -30.23
C LYS D 161 8.79 -5.27 -30.46
N GLN D 162 9.35 -5.82 -29.39
CA GLN D 162 10.20 -7.01 -29.49
C GLN D 162 9.43 -8.18 -28.89
N PRO D 163 9.34 -9.29 -29.63
CA PRO D 163 8.61 -10.46 -29.15
C PRO D 163 9.19 -11.14 -27.91
N LEU D 164 8.33 -11.61 -27.02
CA LEU D 164 8.76 -12.31 -25.81
C LEU D 164 9.36 -13.64 -26.18
N LEU D 165 10.54 -13.91 -25.66
CA LEU D 165 11.20 -15.16 -25.96
C LEU D 165 11.13 -16.12 -24.77
N GLU D 166 10.98 -17.40 -25.10
CA GLU D 166 10.94 -18.43 -24.08
C GLU D 166 12.38 -18.78 -23.80
N THR D 167 12.68 -19.07 -22.55
CA THR D 167 14.01 -19.46 -22.17
C THR D 167 13.82 -20.69 -21.27
N PRO D 168 14.24 -21.87 -21.77
CA PRO D 168 14.14 -23.18 -21.12
C PRO D 168 14.59 -23.24 -19.68
N GLY D 169 13.80 -23.92 -18.85
CA GLY D 169 14.12 -24.06 -17.44
C GLY D 169 14.07 -22.77 -16.63
N GLU D 170 13.75 -21.67 -17.28
CA GLU D 170 13.67 -20.37 -16.63
C GLU D 170 12.27 -19.80 -16.72
N VAL D 171 11.87 -19.00 -15.74
CA VAL D 171 10.53 -18.44 -15.77
C VAL D 171 10.45 -16.96 -16.12
N PHE D 172 11.59 -16.29 -16.24
CA PHE D 172 11.58 -14.86 -16.56
C PHE D 172 11.20 -14.59 -18.02
N GLU D 173 10.58 -13.45 -18.28
CA GLU D 173 10.20 -13.08 -19.66
C GLU D 173 11.42 -12.44 -20.30
N LEU D 174 11.72 -12.81 -21.53
CA LEU D 174 12.89 -12.25 -22.18
C LEU D 174 12.65 -11.59 -23.53
N ARG D 175 13.30 -10.45 -23.73
CA ARG D 175 13.23 -9.75 -25.00
C ARG D 175 14.68 -9.42 -25.34
N LYS D 176 15.06 -9.65 -26.60
CA LYS D 176 16.40 -9.36 -27.10
C LYS D 176 16.31 -8.19 -28.08
N LEU D 177 16.91 -7.07 -27.73
CA LEU D 177 16.88 -5.88 -28.59
C LEU D 177 17.50 -5.99 -29.98
N LEU D 178 18.72 -6.51 -30.07
CA LEU D 178 19.43 -6.60 -31.35
C LEU D 178 19.29 -7.99 -31.98
N PRO D 179 19.57 -8.10 -33.28
CA PRO D 179 19.49 -9.38 -33.99
C PRO D 179 20.51 -10.38 -33.42
N MET D 180 20.15 -11.66 -33.45
CA MET D 180 21.04 -12.72 -32.95
C MET D 180 22.06 -13.16 -33.99
N SER D 181 21.94 -12.64 -35.20
CA SER D 181 22.85 -12.97 -36.29
C SER D 181 24.31 -12.96 -35.82
N VAL D 182 25.10 -13.87 -36.37
CA VAL D 182 26.51 -13.98 -35.99
C VAL D 182 27.29 -12.65 -35.97
N ALA D 183 27.03 -11.78 -36.93
CA ALA D 183 27.74 -10.49 -37.05
C ALA D 183 27.84 -9.63 -35.78
N TYR D 184 26.77 -9.56 -35.01
CA TYR D 184 26.77 -8.76 -33.78
C TYR D 184 27.54 -9.51 -32.70
N ASP D 185 28.50 -8.85 -32.06
CA ASP D 185 29.29 -9.50 -31.01
C ASP D 185 28.73 -9.32 -29.59
N PHE D 186 27.52 -8.79 -29.50
CA PHE D 186 26.83 -8.62 -28.22
C PHE D 186 25.34 -8.39 -28.48
N ASN D 187 24.56 -8.34 -27.41
CA ASN D 187 23.13 -8.11 -27.50
C ASN D 187 22.68 -7.46 -26.20
N ILE D 188 21.54 -6.79 -26.23
CA ILE D 188 21.02 -6.15 -25.03
C ILE D 188 19.75 -6.90 -24.73
N HIS D 189 19.70 -7.50 -23.55
CA HIS D 189 18.54 -8.27 -23.15
C HIS D 189 17.69 -7.47 -22.18
N THR D 190 16.42 -7.78 -22.19
CA THR D 190 15.49 -7.16 -21.27
C THR D 190 14.96 -8.34 -20.47
N MET D 191 15.04 -8.27 -19.15
CA MET D 191 14.55 -9.38 -18.36
C MET D 191 13.57 -9.00 -17.28
N ASP D 192 12.41 -9.65 -17.32
CA ASP D 192 11.35 -9.41 -16.37
C ASP D 192 11.07 -10.59 -15.47
N PHE D 193 10.93 -10.30 -14.19
CA PHE D 193 10.66 -11.27 -13.16
C PHE D 193 9.45 -10.78 -12.40
N GLN D 194 8.57 -11.71 -12.05
CA GLN D 194 7.39 -11.37 -11.29
C GLN D 194 7.81 -11.50 -9.82
N PRO D 195 7.15 -10.74 -8.92
CA PRO D 195 7.47 -10.80 -7.49
C PRO D 195 7.49 -12.24 -6.98
N GLY D 196 8.66 -12.70 -6.54
CA GLY D 196 8.79 -14.05 -6.05
C GLY D 196 9.57 -14.97 -6.98
N GLU D 197 9.66 -14.61 -8.25
CA GLU D 197 10.37 -15.44 -9.22
C GLU D 197 11.87 -15.20 -9.19
N PHE D 198 12.65 -16.22 -9.51
CA PHE D 198 14.10 -16.09 -9.49
C PHE D 198 14.79 -16.96 -10.53
N LEU D 199 16.08 -16.75 -10.70
CA LEU D 199 16.83 -17.53 -11.67
C LEU D 199 16.98 -18.96 -11.13
N ASN D 200 16.57 -19.95 -11.91
CA ASN D 200 16.72 -21.33 -11.45
C ASN D 200 18.16 -21.81 -11.59
N VAL D 201 18.82 -21.34 -12.65
CA VAL D 201 20.22 -21.70 -12.87
C VAL D 201 21.12 -20.69 -12.14
N LYS D 202 22.07 -21.19 -11.35
CA LYS D 202 23.01 -20.33 -10.63
C LYS D 202 24.20 -20.07 -11.55
N GLU D 203 23.95 -19.31 -12.59
CA GLU D 203 24.93 -18.98 -13.62
C GLU D 203 26.39 -18.75 -13.26
N VAL D 204 27.25 -19.31 -14.11
CA VAL D 204 28.70 -19.20 -14.05
C VAL D 204 29.09 -19.40 -15.52
N HIS D 205 29.46 -18.32 -16.20
CA HIS D 205 29.80 -18.37 -17.61
C HIS D 205 30.87 -17.36 -18.02
N TYR D 206 31.47 -17.57 -19.20
CA TYR D 206 32.51 -16.68 -19.71
C TYR D 206 31.91 -15.32 -20.04
N ASN D 207 30.62 -15.30 -20.34
CA ASN D 207 29.89 -14.08 -20.69
C ASN D 207 30.02 -12.98 -19.61
N GLN D 208 30.25 -11.74 -20.04
CA GLN D 208 30.35 -10.63 -19.09
C GLN D 208 29.12 -9.72 -19.21
N HIS D 209 28.68 -9.18 -18.08
CA HIS D 209 27.50 -8.32 -18.06
C HIS D 209 27.67 -6.89 -17.53
N GLY D 210 26.66 -6.10 -17.84
CA GLY D 210 26.56 -4.71 -17.43
C GLY D 210 25.05 -4.59 -17.38
N LEU D 211 24.47 -4.25 -16.23
CA LEU D 211 23.03 -4.17 -16.16
C LEU D 211 22.49 -2.98 -15.40
N LEU D 212 21.29 -2.56 -15.79
CA LEU D 212 20.58 -1.44 -15.17
C LEU D 212 19.18 -1.87 -14.77
N LEU D 213 18.87 -1.76 -13.50
CA LEU D 213 17.55 -2.14 -13.03
C LEU D 213 16.57 -0.99 -13.28
N LEU D 214 15.68 -1.17 -14.24
CA LEU D 214 14.71 -0.15 -14.62
C LEU D 214 13.48 -0.11 -13.71
N GLU D 215 13.01 -1.28 -13.30
CA GLU D 215 11.85 -1.35 -12.43
C GLU D 215 12.03 -2.40 -11.35
N GLY D 216 11.26 -2.27 -10.27
CA GLY D 216 11.30 -3.24 -9.19
C GLY D 216 12.45 -3.21 -8.22
N GLN D 217 12.58 -4.33 -7.51
CA GLN D 217 13.61 -4.49 -6.51
C GLN D 217 13.72 -5.95 -6.07
N GLY D 218 14.90 -6.35 -5.59
CA GLY D 218 15.09 -7.72 -5.15
C GLY D 218 16.46 -7.97 -4.58
N ILE D 219 16.87 -9.23 -4.54
CA ILE D 219 18.16 -9.60 -4.01
C ILE D 219 19.03 -10.08 -5.15
N TYR D 220 20.24 -9.54 -5.23
CA TYR D 220 21.13 -9.96 -6.28
C TYR D 220 22.32 -10.63 -5.64
N ARG D 221 22.58 -11.87 -6.03
CA ARG D 221 23.70 -12.58 -5.48
C ARG D 221 24.82 -12.59 -6.53
N LEU D 222 26.02 -12.20 -6.10
CA LEU D 222 27.20 -12.14 -6.96
C LEU D 222 28.35 -12.72 -6.14
N GLY D 223 28.95 -13.80 -6.63
CA GLY D 223 30.01 -14.41 -5.85
C GLY D 223 29.38 -14.85 -4.55
N ASP D 224 30.06 -14.64 -3.42
CA ASP D 224 29.48 -15.03 -2.14
C ASP D 224 28.82 -13.85 -1.43
N ASN D 225 28.39 -12.87 -2.23
CA ASN D 225 27.76 -11.67 -1.73
C ASN D 225 26.29 -11.53 -2.10
N TRP D 226 25.53 -10.94 -1.18
CA TRP D 226 24.10 -10.76 -1.37
C TRP D 226 23.81 -9.27 -1.26
N TYR D 227 23.26 -8.70 -2.32
CA TYR D 227 22.97 -7.28 -2.34
C TYR D 227 21.52 -6.88 -2.57
N PRO D 228 20.96 -6.05 -1.68
CA PRO D 228 19.58 -5.64 -1.90
C PRO D 228 19.72 -4.61 -3.03
N VAL D 229 18.86 -4.67 -4.04
CA VAL D 229 18.93 -3.71 -5.13
C VAL D 229 17.55 -3.12 -5.43
N GLN D 230 17.55 -1.86 -5.87
CA GLN D 230 16.33 -1.15 -6.22
C GLN D 230 16.55 -0.55 -7.60
N ALA D 231 15.48 -0.06 -8.22
CA ALA D 231 15.58 0.54 -9.55
C ALA D 231 16.63 1.66 -9.54
N GLY D 232 17.38 1.76 -10.62
CA GLY D 232 18.43 2.77 -10.72
C GLY D 232 19.82 2.20 -10.44
N ASP D 233 19.89 1.04 -9.80
CA ASP D 233 21.15 0.42 -9.50
C ASP D 233 21.76 -0.11 -10.78
N VAL D 234 23.09 -0.14 -10.83
CA VAL D 234 23.81 -0.64 -11.98
C VAL D 234 24.76 -1.72 -11.50
N ILE D 235 24.93 -2.77 -12.29
CA ILE D 235 25.80 -3.87 -11.90
C ILE D 235 26.80 -4.30 -12.97
N TRP D 236 28.03 -4.55 -12.54
CA TRP D 236 29.10 -5.02 -13.42
C TRP D 236 29.27 -6.49 -13.02
N MET D 237 29.41 -7.36 -14.02
CA MET D 237 29.59 -8.79 -13.78
C MET D 237 30.72 -9.30 -14.67
N ALA D 238 31.90 -9.48 -14.09
CA ALA D 238 33.06 -9.99 -14.83
C ALA D 238 32.82 -11.46 -15.19
N PRO D 239 33.48 -11.98 -16.24
CA PRO D 239 33.28 -13.37 -16.61
C PRO D 239 33.36 -14.32 -15.41
N PHE D 240 32.51 -15.34 -15.41
CA PHE D 240 32.49 -16.36 -14.36
C PHE D 240 32.09 -15.95 -12.94
N VAL D 241 31.67 -14.71 -12.72
CA VAL D 241 31.23 -14.36 -11.39
C VAL D 241 29.89 -15.06 -11.15
N PRO D 242 29.82 -15.93 -10.13
CA PRO D 242 28.58 -16.65 -9.81
C PRO D 242 27.45 -15.63 -9.62
N GLN D 243 26.38 -15.76 -10.41
CA GLN D 243 25.31 -14.80 -10.33
C GLN D 243 23.91 -15.38 -10.25
N TRP D 244 23.04 -14.70 -9.50
CA TRP D 244 21.66 -15.12 -9.29
C TRP D 244 20.84 -13.88 -8.92
N TYR D 245 19.54 -13.94 -9.16
CA TYR D 245 18.66 -12.81 -8.84
C TYR D 245 17.25 -13.25 -8.46
N ALA D 246 16.62 -12.51 -7.55
CA ALA D 246 15.27 -12.80 -7.12
C ALA D 246 14.47 -11.51 -7.03
N ALA D 247 13.28 -11.52 -7.62
CA ALA D 247 12.39 -10.36 -7.61
C ALA D 247 11.51 -10.34 -6.36
N LEU D 248 11.49 -9.20 -5.69
CA LEU D 248 10.69 -9.02 -4.48
C LEU D 248 9.75 -7.82 -4.57
N GLY D 249 8.79 -7.75 -3.63
CA GLY D 249 7.87 -6.62 -3.61
C GLY D 249 6.51 -6.80 -4.29
N LYS D 250 5.79 -5.69 -4.40
CA LYS D 250 4.48 -5.70 -5.02
C LYS D 250 4.60 -5.61 -6.53
N THR D 251 5.47 -4.72 -7.00
CA THR D 251 5.66 -4.55 -8.44
C THR D 251 6.71 -5.51 -8.99
N ARG D 252 6.76 -5.66 -10.31
CA ARG D 252 7.69 -6.57 -10.94
C ARG D 252 9.01 -5.92 -11.24
N SER D 253 10.03 -6.77 -11.38
CA SER D 253 11.38 -6.31 -11.70
C SER D 253 11.67 -6.36 -13.21
N ARG D 254 12.50 -5.43 -13.66
CA ARG D 254 12.85 -5.37 -15.06
C ARG D 254 14.22 -4.74 -15.17
N TYR D 255 15.18 -5.47 -15.73
CA TYR D 255 16.49 -4.91 -15.90
C TYR D 255 17.05 -5.06 -17.32
N LEU D 256 17.80 -4.04 -17.74
CA LEU D 256 18.43 -3.98 -19.06
C LEU D 256 19.76 -4.66 -18.86
N LEU D 257 20.15 -5.54 -19.79
CA LEU D 257 21.41 -6.27 -19.63
C LEU D 257 22.22 -6.47 -20.91
N TYR D 258 23.50 -6.10 -20.86
CA TYR D 258 24.41 -6.27 -21.98
C TYR D 258 24.95 -7.69 -21.87
N LYS D 259 25.30 -8.28 -23.00
CA LYS D 259 25.84 -9.63 -23.01
C LYS D 259 26.59 -9.86 -24.31
N ASP D 260 27.87 -10.20 -24.20
CA ASP D 260 28.70 -10.45 -25.38
C ASP D 260 28.41 -11.85 -25.96
N VAL D 261 28.39 -11.94 -27.29
CA VAL D 261 28.08 -13.22 -27.96
C VAL D 261 28.84 -13.47 -29.26
N ASN D 262 28.45 -14.57 -29.90
CA ASN D 262 28.97 -15.04 -31.18
C ASN D 262 30.46 -14.91 -31.48
N ARG D 263 31.28 -14.84 -30.43
CA ARG D 263 32.72 -14.76 -30.64
C ARG D 263 33.37 -15.87 -29.87
N ASN D 264 34.29 -16.59 -30.51
CA ASN D 264 34.98 -17.70 -29.86
C ASN D 264 35.91 -17.13 -28.81
N PRO D 265 35.84 -17.64 -27.58
CA PRO D 265 36.72 -17.14 -26.53
C PRO D 265 38.21 -17.36 -26.84
N LEU D 266 38.52 -18.22 -27.80
CA LEU D 266 39.91 -18.42 -28.21
C LEU D 266 40.18 -17.61 -29.51
N PRO E 7 5.83 12.08 -9.81
CA PRO E 7 5.71 12.80 -11.12
C PRO E 7 4.57 13.85 -11.00
N ILE E 8 4.97 15.11 -10.79
CA ILE E 8 4.04 16.22 -10.61
C ILE E 8 2.80 16.24 -11.48
N TYR E 9 1.64 16.16 -10.85
CA TYR E 9 0.36 16.20 -11.57
C TYR E 9 0.26 15.07 -12.58
N TRP E 10 0.94 13.97 -12.33
CA TRP E 10 0.92 12.86 -13.27
C TRP E 10 -0.47 12.27 -13.41
N LYS E 11 -1.12 12.01 -12.27
CA LYS E 11 -2.47 11.44 -12.30
C LYS E 11 -3.49 12.38 -12.96
N ALA E 12 -3.16 13.67 -13.01
CA ALA E 12 -4.04 14.66 -13.61
C ALA E 12 -4.30 14.30 -15.08
N THR E 13 -3.25 13.96 -15.81
CA THR E 13 -3.40 13.58 -17.21
C THR E 13 -3.43 12.06 -17.35
N ASN E 14 -3.47 11.37 -16.21
CA ASN E 14 -3.52 9.90 -16.15
C ASN E 14 -4.43 9.47 -14.98
N PRO E 15 -5.75 9.66 -15.13
CA PRO E 15 -6.71 9.29 -14.09
C PRO E 15 -6.66 7.81 -13.72
N THR E 16 -6.79 7.50 -12.44
CA THR E 16 -6.77 6.12 -11.98
C THR E 16 -7.87 5.36 -12.69
N LEU E 17 -9.08 5.92 -12.69
CA LEU E 17 -10.16 5.26 -13.41
C LEU E 17 -10.08 5.89 -14.81
N SER E 18 -9.42 5.16 -15.71
CA SER E 18 -9.21 5.59 -17.09
C SER E 18 -10.45 5.33 -17.92
N PRO E 19 -10.58 6.06 -19.04
CA PRO E 19 -11.70 5.94 -19.96
C PRO E 19 -11.83 4.57 -20.62
N SER E 20 -10.71 3.89 -20.87
CA SER E 20 -10.82 2.57 -21.49
C SER E 20 -11.38 1.55 -20.52
N HIS E 21 -11.12 1.72 -19.22
CA HIS E 21 -11.63 0.81 -18.21
C HIS E 21 -13.15 0.72 -18.31
N LEU E 22 -13.73 1.54 -19.18
CA LEU E 22 -15.19 1.59 -19.36
C LEU E 22 -15.63 1.20 -20.76
N GLN E 23 -14.73 0.61 -21.55
CA GLN E 23 -15.08 0.22 -22.91
C GLN E 23 -16.10 -0.94 -22.97
N ASP E 24 -16.43 -1.52 -21.82
CA ASP E 24 -17.41 -2.61 -21.76
C ASP E 24 -18.62 -2.25 -20.93
N LEU E 25 -18.83 -0.96 -20.71
CA LEU E 25 -19.97 -0.49 -19.96
C LEU E 25 -20.65 0.56 -20.82
N PRO E 26 -21.35 0.11 -21.87
CA PRO E 26 -22.06 0.99 -22.80
C PRO E 26 -22.89 2.07 -22.13
N GLY E 27 -22.60 3.33 -22.46
CA GLY E 27 -23.35 4.44 -21.92
C GLY E 27 -22.97 4.98 -20.55
N PHE E 28 -22.16 4.26 -19.78
CA PHE E 28 -21.77 4.71 -18.46
C PHE E 28 -20.80 5.89 -18.43
N THR E 29 -20.98 6.72 -17.40
CA THR E 29 -20.14 7.90 -17.18
C THR E 29 -20.41 8.47 -15.78
N ARG E 30 -19.44 9.16 -15.21
CA ARG E 30 -19.62 9.75 -13.89
C ARG E 30 -19.96 11.23 -14.07
N SER E 31 -20.00 11.67 -15.33
CA SER E 31 -20.29 13.06 -15.64
C SER E 31 -21.77 13.42 -15.47
N VAL E 32 -22.02 14.64 -15.01
CA VAL E 32 -23.36 15.11 -14.80
C VAL E 32 -23.41 16.61 -15.01
N TYR E 33 -24.45 17.07 -15.69
CA TYR E 33 -24.61 18.50 -15.93
C TYR E 33 -25.92 18.90 -15.28
N LYS E 34 -25.81 19.57 -14.14
CA LYS E 34 -26.99 19.99 -13.44
C LYS E 34 -27.18 21.50 -13.52
N ARG E 35 -28.35 21.96 -13.06
CA ARG E 35 -28.73 23.36 -13.10
C ARG E 35 -27.68 24.33 -12.59
N ASP E 36 -27.03 24.02 -11.48
CA ASP E 36 -26.03 24.94 -10.95
C ASP E 36 -24.63 24.37 -10.71
N HIS E 37 -24.30 23.28 -11.40
CA HIS E 37 -22.99 22.68 -11.26
C HIS E 37 -22.80 21.53 -12.23
N ALA E 38 -21.59 20.99 -12.23
CA ALA E 38 -21.26 19.87 -13.10
C ALA E 38 -19.99 19.16 -12.70
N LEU E 39 -19.95 17.87 -12.98
CA LEU E 39 -18.78 17.06 -12.73
C LEU E 39 -18.43 16.45 -14.07
N ILE E 40 -17.48 17.06 -14.78
CA ILE E 40 -17.06 16.57 -16.08
C ILE E 40 -15.83 15.68 -15.90
N THR E 41 -15.98 14.40 -16.20
CA THR E 41 -14.90 13.44 -16.05
C THR E 41 -14.25 13.11 -17.39
N PRO E 42 -13.04 12.52 -17.37
CA PRO E 42 -12.35 12.17 -18.60
C PRO E 42 -13.16 11.46 -19.70
N GLU E 43 -13.76 10.31 -19.39
CA GLU E 43 -14.53 9.58 -20.38
C GLU E 43 -15.56 10.45 -21.14
N SER E 44 -15.65 11.73 -20.81
CA SER E 44 -16.60 12.62 -21.47
C SER E 44 -16.02 13.83 -22.22
N HIS E 45 -14.70 14.05 -22.12
CA HIS E 45 -14.08 15.15 -22.83
C HIS E 45 -14.29 15.00 -24.33
N VAL E 46 -14.53 16.11 -25.03
CA VAL E 46 -14.73 16.07 -26.47
C VAL E 46 -13.67 16.89 -27.14
N TYR E 47 -12.74 16.23 -27.80
CA TYR E 47 -11.66 16.94 -28.47
C TYR E 47 -11.88 17.25 -29.94
N SER E 48 -11.60 18.50 -30.29
CA SER E 48 -11.72 18.98 -31.66
C SER E 48 -10.53 19.92 -31.86
N PRO E 49 -10.02 20.03 -33.10
CA PRO E 49 -8.87 20.92 -33.35
C PRO E 49 -9.17 22.37 -32.95
N LEU E 50 -8.27 22.96 -32.19
CA LEU E 50 -8.44 24.34 -31.72
C LEU E 50 -8.20 25.36 -32.85
N PRO E 51 -9.26 26.07 -33.27
CA PRO E 51 -9.14 27.06 -34.35
C PRO E 51 -7.99 28.04 -34.13
N ASP E 52 -7.22 28.30 -35.20
CA ASP E 52 -6.12 29.25 -35.14
C ASP E 52 -4.94 28.73 -34.31
N TRP E 53 -5.05 27.48 -33.88
CA TRP E 53 -3.98 26.84 -33.11
C TRP E 53 -3.29 25.85 -34.07
N THR E 54 -2.11 25.40 -33.71
CA THR E 54 -1.40 24.45 -34.56
C THR E 54 -1.10 23.14 -33.86
N ASN E 55 -1.57 22.04 -34.45
CA ASN E 55 -1.31 20.71 -33.91
C ASN E 55 -1.80 20.55 -32.47
N THR E 56 -2.73 21.41 -32.07
CA THR E 56 -3.28 21.35 -30.71
C THR E 56 -4.78 21.04 -30.68
N LEU E 57 -5.13 19.95 -30.00
CA LEU E 57 -6.52 19.56 -29.84
C LEU E 57 -7.05 20.31 -28.62
N GLY E 58 -8.35 20.51 -28.56
CA GLY E 58 -8.94 21.23 -27.44
C GLY E 58 -10.32 20.74 -27.03
N ALA E 59 -10.59 20.74 -25.73
CA ALA E 59 -11.88 20.30 -25.21
C ALA E 59 -12.43 21.29 -24.20
N TYR E 60 -13.57 21.87 -24.53
CA TYR E 60 -14.20 22.83 -23.65
C TYR E 60 -14.99 22.11 -22.57
N LEU E 61 -14.67 22.42 -21.31
CA LEU E 61 -15.31 21.82 -20.15
C LEU E 61 -16.46 22.68 -19.66
N ILE E 62 -16.28 24.00 -19.75
CA ILE E 62 -17.27 24.97 -19.33
C ILE E 62 -17.19 26.18 -20.27
N THR E 63 -18.36 26.71 -20.66
CA THR E 63 -18.43 27.90 -21.52
C THR E 63 -19.70 28.64 -21.15
N PRO E 64 -19.70 29.98 -21.31
CA PRO E 64 -20.83 30.87 -21.00
C PRO E 64 -22.23 30.31 -21.27
N ALA E 65 -22.33 29.27 -22.08
CA ALA E 65 -23.63 28.69 -22.37
C ALA E 65 -24.20 27.99 -21.14
N THR E 66 -23.37 27.88 -20.11
CA THR E 66 -23.76 27.25 -18.85
C THR E 66 -24.26 28.34 -17.93
N GLY E 67 -24.00 29.58 -18.31
CA GLY E 67 -24.38 30.72 -17.49
C GLY E 67 -23.11 31.33 -16.90
N SER E 68 -21.99 30.63 -17.05
CA SER E 68 -20.73 31.17 -16.54
C SER E 68 -20.38 32.34 -17.44
N HIS E 69 -19.39 33.10 -17.02
CA HIS E 69 -18.95 34.24 -17.81
C HIS E 69 -17.55 33.95 -18.31
N PHE E 70 -17.11 32.70 -18.18
CA PHE E 70 -15.78 32.30 -18.63
C PHE E 70 -15.80 31.00 -19.40
N VAL E 71 -14.65 30.63 -19.93
CA VAL E 71 -14.49 29.38 -20.65
C VAL E 71 -13.31 28.70 -20.01
N MET E 72 -13.39 27.39 -19.90
CA MET E 72 -12.32 26.58 -19.35
C MET E 72 -12.12 25.45 -20.35
N TYR E 73 -10.88 25.18 -20.71
CA TYR E 73 -10.63 24.09 -21.64
C TYR E 73 -9.25 23.48 -21.54
N LEU E 74 -9.13 22.28 -22.08
CA LEU E 74 -7.86 21.59 -22.08
C LEU E 74 -7.27 21.66 -23.48
N ALA E 75 -5.99 22.02 -23.54
CA ALA E 75 -5.30 22.14 -24.82
C ALA E 75 -4.19 21.09 -24.96
N LYS E 76 -4.37 20.19 -25.91
CA LYS E 76 -3.37 19.14 -26.13
C LYS E 76 -2.41 19.64 -27.21
N MET E 77 -1.23 20.09 -26.79
CA MET E 77 -0.24 20.58 -27.72
C MET E 77 0.77 19.48 -28.04
N LYS E 78 0.90 19.12 -29.32
CA LYS E 78 1.87 18.08 -29.70
C LYS E 78 3.17 18.69 -30.23
N GLU E 79 3.79 18.01 -31.19
CA GLU E 79 5.04 18.47 -31.80
C GLU E 79 4.81 19.69 -32.65
N MET E 80 5.66 20.71 -32.50
CA MET E 80 5.55 21.90 -33.31
C MET E 80 4.15 22.49 -33.26
N SER E 81 3.66 22.70 -32.06
CA SER E 81 2.34 23.27 -31.88
C SER E 81 2.53 24.71 -31.43
N SER E 82 1.52 25.54 -31.66
CA SER E 82 1.58 26.94 -31.24
C SER E 82 0.14 27.41 -31.10
N SER E 83 -0.08 28.45 -30.31
CA SER E 83 -1.41 28.95 -30.06
C SER E 83 -1.92 29.98 -31.03
N GLY E 84 -3.18 30.39 -30.80
CA GLY E 84 -3.82 31.41 -31.60
C GLY E 84 -4.30 32.46 -30.62
N LEU E 85 -4.38 33.71 -31.06
CA LEU E 85 -4.82 34.79 -30.17
C LEU E 85 -6.34 34.85 -29.96
N PRO E 86 -6.76 35.19 -28.73
CA PRO E 86 -8.17 35.30 -28.36
C PRO E 86 -8.78 36.53 -29.02
N PRO E 87 -10.10 36.55 -29.21
CA PRO E 87 -10.72 37.71 -29.84
C PRO E 87 -10.48 39.01 -29.06
N GLN E 88 -10.94 40.12 -29.63
CA GLN E 88 -10.80 41.44 -29.03
C GLN E 88 -11.30 41.45 -27.59
N ASP E 89 -10.59 42.17 -26.73
CA ASP E 89 -10.92 42.30 -25.32
C ASP E 89 -10.86 41.05 -24.45
N ILE E 90 -10.69 39.87 -25.05
CA ILE E 90 -10.65 38.66 -24.26
C ILE E 90 -9.33 38.43 -23.52
N GLU E 91 -9.40 38.25 -22.21
CA GLU E 91 -8.21 38.01 -21.40
C GLU E 91 -8.01 36.49 -21.39
N ARG E 92 -6.78 36.05 -21.10
CA ARG E 92 -6.45 34.64 -21.11
C ARG E 92 -5.45 34.25 -20.03
N LEU E 93 -5.64 33.05 -19.48
CA LEU E 93 -4.75 32.51 -18.45
C LEU E 93 -4.53 31.06 -18.83
N ILE E 94 -3.26 30.66 -18.87
CA ILE E 94 -2.92 29.30 -19.20
C ILE E 94 -1.99 28.81 -18.11
N PHE E 95 -2.18 27.54 -17.75
CA PHE E 95 -1.43 26.87 -16.69
C PHE E 95 -1.01 25.53 -17.29
N VAL E 96 0.25 25.15 -17.09
CA VAL E 96 0.77 23.89 -17.65
C VAL E 96 0.68 22.66 -16.72
N VAL E 97 -0.19 21.72 -17.06
CA VAL E 97 -0.34 20.53 -16.24
C VAL E 97 0.51 19.36 -16.72
N GLU E 98 1.28 19.58 -17.79
CA GLU E 98 2.12 18.52 -18.34
C GLU E 98 2.89 18.97 -19.58
N GLY E 99 4.17 18.63 -19.64
CA GLY E 99 4.98 18.98 -20.79
C GLY E 99 5.82 20.24 -20.72
N ALA E 100 5.80 20.99 -21.81
CA ALA E 100 6.57 22.23 -21.90
C ALA E 100 6.10 23.07 -23.07
N VAL E 101 6.29 24.37 -22.93
CA VAL E 101 5.89 25.33 -23.96
C VAL E 101 6.65 26.63 -23.70
N THR E 102 6.77 27.45 -24.74
CA THR E 102 7.46 28.72 -24.66
C THR E 102 6.52 29.89 -24.95
N LEU E 103 6.72 30.99 -24.23
CA LEU E 103 5.88 32.17 -24.43
C LEU E 103 6.67 33.33 -25.07
N THR E 104 6.32 33.69 -26.31
CA THR E 104 7.00 34.79 -27.00
C THR E 104 6.30 36.14 -26.80
N ASN E 105 6.98 37.06 -26.13
CA ASN E 105 6.42 38.37 -25.86
C ASN E 105 6.34 39.24 -27.12
N SER E 108 10.87 41.88 -25.40
CA SER E 108 10.31 41.86 -24.05
C SER E 108 10.54 40.54 -23.31
N SER E 109 11.58 39.81 -23.72
CA SER E 109 11.98 38.52 -23.12
C SER E 109 11.12 37.30 -23.49
N SER E 110 11.71 36.10 -23.34
CA SER E 110 11.03 34.83 -23.63
C SER E 110 10.95 33.91 -22.41
N LYS E 111 9.83 33.20 -22.26
CA LYS E 111 9.65 32.33 -21.10
C LYS E 111 9.44 30.84 -21.40
N LYS E 112 10.14 30.02 -20.61
CA LYS E 112 10.07 28.57 -20.74
C LYS E 112 9.07 28.10 -19.69
N LEU E 113 7.86 27.79 -20.13
CA LEU E 113 6.79 27.34 -19.23
C LEU E 113 6.72 25.81 -19.09
N THR E 114 7.29 25.31 -18.00
CA THR E 114 7.29 23.89 -17.74
C THR E 114 6.05 23.57 -16.91
N VAL E 115 5.91 22.32 -16.49
CA VAL E 115 4.76 21.93 -15.68
C VAL E 115 4.67 22.84 -14.45
N ASP E 116 3.44 23.10 -14.02
CA ASP E 116 3.18 23.93 -12.84
C ASP E 116 3.45 25.41 -13.10
N SER E 117 3.92 25.72 -14.29
CA SER E 117 4.18 27.13 -14.62
C SER E 117 2.91 27.68 -15.24
N TYR E 118 2.78 29.00 -15.28
CA TYR E 118 1.58 29.61 -15.86
C TYR E 118 1.83 31.02 -16.34
N ALA E 119 0.86 31.56 -17.09
CA ALA E 119 0.96 32.92 -17.58
C ALA E 119 -0.41 33.58 -17.74
N TYR E 120 -0.50 34.83 -17.31
CA TYR E 120 -1.73 35.58 -17.46
C TYR E 120 -1.43 36.66 -18.52
N LEU E 121 -2.15 36.59 -19.62
CA LEU E 121 -1.98 37.55 -20.71
C LEU E 121 -3.17 38.50 -20.75
N PRO E 122 -2.93 39.79 -20.47
CA PRO E 122 -3.99 40.80 -20.47
C PRO E 122 -4.75 40.86 -21.79
N PRO E 123 -5.93 41.48 -21.78
CA PRO E 123 -6.67 41.54 -23.05
C PRO E 123 -5.87 42.27 -24.15
N ASN E 124 -6.07 41.82 -25.40
CA ASN E 124 -5.40 42.36 -26.58
C ASN E 124 -3.88 42.32 -26.47
N PHE E 125 -3.39 41.46 -25.59
CA PHE E 125 -1.96 41.34 -25.40
C PHE E 125 -1.48 40.33 -26.43
N HIS E 126 -0.76 40.80 -27.44
CA HIS E 126 -0.24 39.92 -28.47
C HIS E 126 0.85 39.05 -27.83
N HIS E 127 0.75 37.74 -28.06
CA HIS E 127 1.69 36.75 -27.52
C HIS E 127 1.51 35.44 -28.30
N SER E 128 2.39 34.47 -28.05
CA SER E 128 2.29 33.16 -28.72
C SER E 128 2.86 32.07 -27.83
N LEU E 129 2.15 30.94 -27.75
CA LEU E 129 2.59 29.82 -26.96
C LEU E 129 2.97 28.75 -27.95
N ASP E 130 4.27 28.46 -28.00
CA ASP E 130 4.81 27.48 -28.93
C ASP E 130 5.32 26.25 -28.19
N CYS E 131 5.02 25.07 -28.74
CA CYS E 131 5.41 23.79 -28.15
C CYS E 131 6.20 22.96 -29.13
N VAL E 132 7.42 22.56 -28.73
CA VAL E 132 8.24 21.75 -29.61
C VAL E 132 7.68 20.33 -29.75
N GLU E 133 7.33 19.67 -28.64
CA GLU E 133 6.81 18.31 -28.73
C GLU E 133 5.51 17.94 -28.01
N SER E 134 5.32 18.41 -26.78
CA SER E 134 4.11 18.07 -26.05
C SER E 134 3.86 18.84 -24.77
N ALA E 135 2.61 19.27 -24.58
CA ALA E 135 2.24 20.01 -23.39
C ALA E 135 0.72 20.09 -23.24
N THR E 136 0.22 19.79 -22.05
CA THR E 136 -1.20 19.87 -21.77
C THR E 136 -1.43 21.14 -20.96
N LEU E 137 -2.15 22.08 -21.55
CA LEU E 137 -2.42 23.34 -20.91
C LEU E 137 -3.87 23.41 -20.47
N VAL E 138 -4.09 23.98 -19.29
CA VAL E 138 -5.43 24.21 -18.79
C VAL E 138 -5.60 25.71 -19.02
N VAL E 139 -6.65 26.13 -19.70
CA VAL E 139 -6.78 27.55 -19.95
C VAL E 139 -8.14 28.18 -19.74
N PHE E 140 -8.13 29.41 -19.24
CA PHE E 140 -9.32 30.18 -18.97
C PHE E 140 -9.31 31.46 -19.79
N GLU E 141 -10.49 31.88 -20.25
CA GLU E 141 -10.64 33.10 -21.04
C GLU E 141 -11.94 33.77 -20.64
N ARG E 142 -11.98 35.09 -20.75
CA ARG E 142 -13.16 35.85 -20.37
C ARG E 142 -13.08 37.28 -20.91
N ARG E 143 -14.22 37.80 -21.38
CA ARG E 143 -14.31 39.17 -21.89
C ARG E 143 -14.07 40.15 -20.75
N TYR E 144 -12.80 40.48 -20.52
CA TYR E 144 -12.38 41.38 -19.45
C TYR E 144 -13.36 42.53 -19.25
N GLU E 145 -13.70 42.81 -17.99
CA GLU E 145 -14.62 43.89 -17.65
C GLU E 145 -13.86 45.08 -17.10
N TYR E 146 -13.60 46.04 -17.97
CA TYR E 146 -12.85 47.25 -17.64
C TYR E 146 -13.47 48.04 -16.50
N LEU E 147 -12.60 48.60 -15.67
CA LEU E 147 -13.04 49.38 -14.54
C LEU E 147 -12.22 50.65 -14.57
N GLY E 148 -12.86 51.76 -14.96
CA GLY E 148 -12.17 53.04 -15.01
C GLY E 148 -10.91 53.07 -15.86
N SER E 149 -9.83 53.58 -15.28
CA SER E 149 -8.57 53.67 -15.99
C SER E 149 -7.67 52.46 -15.83
N HIS E 150 -7.99 51.59 -14.86
CA HIS E 150 -7.18 50.40 -14.61
C HIS E 150 -6.94 49.47 -15.80
N THR E 151 -5.73 48.93 -15.85
CA THR E 151 -5.36 47.99 -16.90
C THR E 151 -4.58 46.89 -16.20
N THR E 152 -4.63 45.68 -16.76
CA THR E 152 -3.90 44.58 -16.16
C THR E 152 -2.69 44.38 -17.03
N GLU E 153 -1.62 43.85 -16.43
CA GLU E 153 -0.39 43.60 -17.15
C GLU E 153 -0.03 42.12 -17.14
N LEU E 154 0.84 41.73 -18.06
CA LEU E 154 1.31 40.34 -18.20
C LEU E 154 1.85 39.74 -16.90
N ILE E 155 1.37 38.54 -16.56
CA ILE E 155 1.83 37.85 -15.36
C ILE E 155 2.44 36.50 -15.72
N VAL E 156 3.58 36.16 -15.12
CA VAL E 156 4.25 34.88 -15.38
C VAL E 156 4.88 34.26 -14.12
N GLY E 157 4.62 32.98 -13.87
CA GLY E 157 5.19 32.35 -12.68
C GLY E 157 4.93 30.87 -12.48
N SER E 158 4.84 30.44 -11.23
CA SER E 158 4.59 29.04 -10.93
C SER E 158 4.27 28.78 -9.46
N THR E 159 3.21 28.01 -9.25
CA THR E 159 2.69 27.66 -7.93
C THR E 159 3.78 27.64 -6.86
N ASP E 160 4.87 26.94 -7.14
CA ASP E 160 6.02 26.82 -6.24
C ASP E 160 6.54 28.14 -5.66
N LYS E 161 6.73 29.15 -6.52
CA LYS E 161 7.24 30.46 -6.10
C LYS E 161 6.20 31.40 -5.48
N GLN E 162 4.94 30.98 -5.40
CA GLN E 162 3.88 31.81 -4.81
C GLN E 162 3.91 31.64 -3.30
N PRO E 163 3.57 32.70 -2.56
CA PRO E 163 3.58 32.62 -1.10
C PRO E 163 2.35 31.98 -0.49
N LEU E 164 2.60 31.00 0.36
CA LEU E 164 1.54 30.29 1.04
C LEU E 164 0.69 31.29 1.84
N LEU E 165 -0.61 31.31 1.58
CA LEU E 165 -1.53 32.20 2.26
C LEU E 165 -2.48 31.32 3.06
N GLU E 166 -2.98 31.80 4.19
CA GLU E 166 -3.92 30.97 4.93
C GLU E 166 -5.20 31.70 5.29
N THR E 167 -6.31 31.08 4.91
CA THR E 167 -7.64 31.59 5.15
C THR E 167 -8.04 31.32 6.60
N PRO E 168 -8.77 32.27 7.22
CA PRO E 168 -9.19 32.09 8.61
C PRO E 168 -10.28 31.03 8.70
N GLY E 169 -10.33 30.32 9.82
CA GLY E 169 -11.34 29.29 9.97
C GLY E 169 -11.22 28.10 9.02
N GLU E 170 -10.15 28.04 8.23
CA GLU E 170 -9.92 26.95 7.27
C GLU E 170 -8.53 26.35 7.47
N VAL E 171 -8.36 25.06 7.15
CA VAL E 171 -7.05 24.43 7.30
C VAL E 171 -6.26 24.31 6.01
N PHE E 172 -6.95 24.25 4.88
CA PHE E 172 -6.27 24.11 3.60
C PHE E 172 -5.23 25.18 3.28
N GLU E 173 -4.15 24.78 2.61
CA GLU E 173 -3.10 25.69 2.21
C GLU E 173 -3.53 26.38 0.91
N LEU E 174 -3.32 27.68 0.85
CA LEU E 174 -3.73 28.46 -0.30
C LEU E 174 -2.60 29.25 -0.96
N ARG E 175 -2.67 29.34 -2.29
CA ARG E 175 -1.72 30.10 -3.09
C ARG E 175 -2.55 30.72 -4.21
N LYS E 176 -2.35 32.01 -4.43
CA LYS E 176 -3.08 32.71 -5.47
C LYS E 176 -2.06 33.01 -6.57
N LEU E 177 -2.37 32.63 -7.80
CA LEU E 177 -1.46 32.85 -8.92
C LEU E 177 -1.33 34.29 -9.40
N LEU E 178 -2.44 35.00 -9.44
CA LEU E 178 -2.42 36.37 -9.90
C LEU E 178 -2.43 37.39 -8.78
N PRO E 179 -2.22 38.66 -9.13
CA PRO E 179 -2.23 39.71 -8.09
C PRO E 179 -3.66 39.89 -7.59
N MET E 180 -3.81 40.63 -6.50
CA MET E 180 -5.13 40.85 -5.93
C MET E 180 -5.65 42.25 -6.23
N SER E 181 -4.78 43.13 -6.69
CA SER E 181 -5.16 44.50 -7.03
C SER E 181 -6.42 44.54 -7.91
N VAL E 182 -7.22 45.58 -7.73
CA VAL E 182 -8.49 45.78 -8.43
C VAL E 182 -8.52 45.56 -9.95
N ALA E 183 -7.45 45.91 -10.64
CA ALA E 183 -7.43 45.73 -12.08
C ALA E 183 -7.94 44.35 -12.50
N TYR E 184 -7.44 43.32 -11.84
CA TYR E 184 -7.79 41.91 -12.11
C TYR E 184 -9.23 41.53 -11.70
N ASP E 185 -10.02 41.05 -12.66
CA ASP E 185 -11.40 40.66 -12.38
C ASP E 185 -11.58 39.18 -12.02
N PHE E 186 -10.47 38.45 -11.98
CA PHE E 186 -10.48 37.04 -11.62
C PHE E 186 -9.10 36.56 -11.17
N ASN E 187 -9.09 35.61 -10.24
CA ASN E 187 -7.83 35.07 -9.77
C ASN E 187 -7.93 33.55 -9.90
N ILE E 188 -6.78 32.88 -9.83
CA ILE E 188 -6.73 31.43 -9.92
C ILE E 188 -6.05 30.96 -8.63
N HIS E 189 -6.75 30.17 -7.84
CA HIS E 189 -6.20 29.68 -6.58
C HIS E 189 -5.81 28.21 -6.67
N THR E 190 -4.97 27.77 -5.75
CA THR E 190 -4.60 26.36 -5.64
C THR E 190 -4.84 26.08 -4.16
N MET E 191 -5.57 25.02 -3.86
CA MET E 191 -5.89 24.69 -2.48
C MET E 191 -5.49 23.27 -2.15
N ASP E 192 -4.70 23.13 -1.10
CA ASP E 192 -4.18 21.84 -0.64
C ASP E 192 -4.86 21.35 0.62
N PHE E 193 -5.28 20.09 0.59
CA PHE E 193 -5.92 19.48 1.75
C PHE E 193 -5.15 18.23 2.10
N GLN E 194 -4.94 18.02 3.40
CA GLN E 194 -4.25 16.84 3.86
C GLN E 194 -5.36 15.79 4.04
N PRO E 195 -5.04 14.49 3.85
CA PRO E 195 -6.10 13.48 4.00
C PRO E 195 -6.85 13.72 5.32
N GLY E 196 -8.17 13.73 5.27
CA GLY E 196 -8.96 13.94 6.47
C GLY E 196 -9.44 15.37 6.69
N GLU E 197 -8.84 16.33 5.99
CA GLU E 197 -9.23 17.72 6.15
C GLU E 197 -10.36 18.09 5.22
N PHE E 198 -11.05 19.19 5.51
CA PHE E 198 -12.18 19.63 4.71
C PHE E 198 -12.52 21.09 4.95
N LEU E 199 -13.47 21.60 4.18
CA LEU E 199 -13.91 22.98 4.34
C LEU E 199 -14.88 23.10 5.51
N ASN E 200 -14.67 24.10 6.36
CA ASN E 200 -15.54 24.30 7.51
C ASN E 200 -16.77 25.09 7.10
N VAL E 201 -16.53 26.16 6.37
CA VAL E 201 -17.62 26.99 5.88
C VAL E 201 -18.25 26.26 4.69
N LYS E 202 -19.56 26.01 4.77
CA LYS E 202 -20.31 25.33 3.72
C LYS E 202 -20.71 26.36 2.68
N GLU E 203 -19.70 26.96 2.06
CA GLU E 203 -19.82 28.01 1.06
C GLU E 203 -21.06 28.10 0.18
N VAL E 204 -21.65 29.29 0.21
CA VAL E 204 -22.80 29.68 -0.61
C VAL E 204 -22.46 31.14 -0.93
N HIS E 205 -21.97 31.39 -2.15
CA HIS E 205 -21.56 32.72 -2.57
C HIS E 205 -21.83 33.03 -4.04
N TYR E 206 -21.87 34.32 -4.38
CA TYR E 206 -22.12 34.75 -5.75
C TYR E 206 -20.98 34.38 -6.69
N ASN E 207 -19.77 34.28 -6.14
CA ASN E 207 -18.57 33.93 -6.92
C ASN E 207 -18.75 32.60 -7.68
N GLN E 208 -18.22 32.52 -8.89
CA GLN E 208 -18.35 31.28 -9.66
C GLN E 208 -17.00 30.55 -9.75
N HIS E 209 -17.05 29.25 -10.00
CA HIS E 209 -15.82 28.48 -10.07
C HIS E 209 -15.68 27.56 -11.27
N GLY E 210 -14.41 27.33 -11.59
CA GLY E 210 -13.98 26.43 -12.64
C GLY E 210 -12.88 25.70 -11.86
N LEU E 211 -13.02 24.41 -11.66
CA LEU E 211 -12.04 23.68 -10.86
C LEU E 211 -11.51 22.39 -11.47
N LEU E 212 -10.21 22.19 -11.32
CA LEU E 212 -9.53 21.01 -11.84
C LEU E 212 -8.73 20.33 -10.74
N LEU E 213 -8.99 19.06 -10.49
CA LEU E 213 -8.28 18.35 -9.45
C LEU E 213 -6.93 17.83 -9.96
N LEU E 214 -5.84 18.48 -9.53
CA LEU E 214 -4.50 18.09 -9.96
C LEU E 214 -3.97 16.82 -9.27
N GLU E 215 -4.09 16.78 -7.95
CA GLU E 215 -3.63 15.64 -7.17
C GLU E 215 -4.73 15.21 -6.19
N GLY E 216 -4.63 13.97 -5.72
CA GLY E 216 -5.57 13.46 -4.73
C GLY E 216 -6.94 12.95 -5.09
N GLN E 217 -7.78 12.83 -4.06
CA GLN E 217 -9.13 12.32 -4.22
C GLN E 217 -9.96 12.65 -2.99
N GLY E 218 -11.27 12.59 -3.15
CA GLY E 218 -12.12 12.87 -2.02
C GLY E 218 -13.58 12.98 -2.42
N ILE E 219 -14.35 13.66 -1.58
CA ILE E 219 -15.76 13.85 -1.84
C ILE E 219 -16.09 15.31 -1.99
N TYR E 220 -16.88 15.61 -3.02
CA TYR E 220 -17.28 16.97 -3.28
C TYR E 220 -18.79 17.04 -3.16
N ARG E 221 -19.28 18.00 -2.38
CA ARG E 221 -20.70 18.17 -2.24
C ARG E 221 -21.06 19.41 -3.05
N LEU E 222 -22.13 19.32 -3.81
CA LEU E 222 -22.62 20.42 -4.62
C LEU E 222 -24.15 20.38 -4.56
N GLY E 223 -24.73 21.34 -3.84
CA GLY E 223 -26.16 21.37 -3.67
C GLY E 223 -26.45 20.17 -2.80
N ASP E 224 -27.50 19.43 -3.12
CA ASP E 224 -27.87 18.23 -2.36
C ASP E 224 -27.29 17.01 -3.05
N ASN E 225 -26.06 17.13 -3.54
CA ASN E 225 -25.42 16.02 -4.24
C ASN E 225 -24.02 15.76 -3.75
N TRP E 226 -23.58 14.51 -3.82
CA TRP E 226 -22.26 14.12 -3.35
C TRP E 226 -21.53 13.38 -4.44
N TYR E 227 -20.29 13.79 -4.68
CA TYR E 227 -19.53 13.18 -5.75
C TYR E 227 -18.12 12.76 -5.36
N PRO E 228 -17.83 11.46 -5.49
CA PRO E 228 -16.47 11.04 -5.16
C PRO E 228 -15.67 11.56 -6.34
N VAL E 229 -14.51 12.13 -6.09
CA VAL E 229 -13.74 12.63 -7.20
C VAL E 229 -12.30 12.16 -7.15
N GLN E 230 -11.64 12.19 -8.30
CA GLN E 230 -10.25 11.76 -8.43
C GLN E 230 -9.50 12.76 -9.31
N ALA E 231 -8.19 12.87 -9.10
CA ALA E 231 -7.41 13.80 -9.89
C ALA E 231 -7.81 13.68 -11.35
N GLY E 232 -7.94 14.82 -12.03
CA GLY E 232 -8.31 14.78 -13.42
C GLY E 232 -9.75 15.20 -13.65
N ASP E 233 -10.56 15.20 -12.60
CA ASP E 233 -11.96 15.59 -12.73
C ASP E 233 -12.09 17.10 -12.73
N VAL E 234 -13.10 17.60 -13.44
CA VAL E 234 -13.36 19.03 -13.52
C VAL E 234 -14.75 19.36 -12.99
N ILE E 235 -14.86 20.51 -12.34
CA ILE E 235 -16.14 20.95 -11.78
C ILE E 235 -16.55 22.36 -12.17
N TRP E 236 -17.84 22.50 -12.47
CA TRP E 236 -18.46 23.77 -12.82
C TRP E 236 -19.35 24.17 -11.64
N MET E 237 -19.03 25.28 -11.00
CA MET E 237 -19.84 25.72 -9.89
C MET E 237 -20.47 27.08 -10.25
N ALA E 238 -21.79 27.07 -10.43
CA ALA E 238 -22.56 28.27 -10.76
C ALA E 238 -22.79 29.09 -9.50
N PRO E 239 -23.00 30.41 -9.64
CA PRO E 239 -23.23 31.29 -8.49
C PRO E 239 -24.26 30.76 -7.50
N PHE E 240 -23.90 30.82 -6.22
CA PHE E 240 -24.74 30.40 -5.09
C PHE E 240 -25.01 28.93 -4.88
N VAL E 241 -24.27 28.05 -5.56
CA VAL E 241 -24.48 26.62 -5.37
C VAL E 241 -23.73 26.18 -4.11
N PRO E 242 -24.45 25.58 -3.15
CA PRO E 242 -23.84 25.11 -1.90
C PRO E 242 -22.68 24.15 -2.25
N GLN E 243 -21.51 24.37 -1.67
CA GLN E 243 -20.36 23.56 -2.00
C GLN E 243 -19.51 23.19 -0.81
N TRP E 244 -18.92 22.00 -0.87
CA TRP E 244 -18.07 21.47 0.18
C TRP E 244 -17.18 20.34 -0.39
N TYR E 245 -16.02 20.17 0.21
CA TYR E 245 -15.08 19.14 -0.23
C TYR E 245 -14.24 18.58 0.92
N ALA E 246 -13.90 17.30 0.83
CA ALA E 246 -13.08 16.68 1.86
C ALA E 246 -12.04 15.86 1.12
N ALA E 247 -10.82 15.81 1.67
CA ALA E 247 -9.76 15.05 1.06
C ALA E 247 -9.60 13.70 1.74
N LEU E 248 -9.48 12.65 0.93
CA LEU E 248 -9.33 11.29 1.43
C LEU E 248 -8.14 10.60 0.73
N GLY E 249 -7.73 9.45 1.27
CA GLY E 249 -6.61 8.70 0.69
C GLY E 249 -5.29 8.89 1.42
N LYS E 250 -4.25 8.22 0.97
CA LYS E 250 -2.94 8.32 1.61
C LYS E 250 -2.19 9.61 1.23
N THR E 251 -2.52 10.16 0.07
CA THR E 251 -1.88 11.37 -0.43
C THR E 251 -2.82 12.57 -0.37
N ARG E 252 -2.24 13.77 -0.37
CA ARG E 252 -3.02 15.01 -0.29
C ARG E 252 -3.77 15.38 -1.56
N SER E 253 -4.73 16.29 -1.41
CA SER E 253 -5.52 16.80 -2.54
C SER E 253 -5.06 18.21 -2.91
N ARG E 254 -5.17 18.53 -4.19
CA ARG E 254 -4.75 19.81 -4.72
C ARG E 254 -5.59 20.14 -5.94
N TYR E 255 -6.35 21.24 -5.88
CA TYR E 255 -7.11 21.61 -7.06
C TYR E 255 -6.90 23.05 -7.50
N LEU E 256 -6.94 23.25 -8.82
CA LEU E 256 -6.77 24.56 -9.44
C LEU E 256 -8.15 25.20 -9.50
N LEU E 257 -8.26 26.46 -9.11
CA LEU E 257 -9.56 27.11 -9.08
C LEU E 257 -9.70 28.52 -9.65
N TYR E 258 -10.70 28.70 -10.48
CA TYR E 258 -11.00 30.00 -11.08
C TYR E 258 -11.98 30.72 -10.15
N LYS E 259 -11.82 32.03 -10.04
CA LYS E 259 -12.68 32.84 -9.21
C LYS E 259 -12.73 34.29 -9.68
N ASP E 260 -13.95 34.79 -9.88
CA ASP E 260 -14.15 36.17 -10.30
C ASP E 260 -14.07 37.04 -9.03
N VAL E 261 -13.52 38.25 -9.18
CA VAL E 261 -13.35 39.14 -8.03
C VAL E 261 -13.28 40.63 -8.41
N ASN E 262 -13.23 41.47 -7.38
CA ASN E 262 -13.11 42.92 -7.54
C ASN E 262 -14.07 43.57 -8.53
N ARG E 263 -15.28 43.06 -8.65
CA ARG E 263 -16.28 43.63 -9.54
C ARG E 263 -17.63 43.59 -8.83
N ASN E 264 -18.36 44.69 -8.87
CA ASN E 264 -19.67 44.76 -8.23
C ASN E 264 -20.56 43.67 -8.81
N PRO E 265 -21.17 42.82 -7.97
CA PRO E 265 -22.03 41.74 -8.43
C PRO E 265 -23.39 42.17 -9.02
N LEU E 266 -23.76 43.44 -8.81
CA LEU E 266 -25.02 43.94 -9.35
C LEU E 266 -25.03 43.79 -10.88
N PRO F 7 -30.90 42.06 24.45
CA PRO F 7 -30.74 43.05 23.34
C PRO F 7 -31.69 42.77 22.18
N ILE F 8 -31.94 43.80 21.39
CA ILE F 8 -32.84 43.70 20.24
C ILE F 8 -32.11 42.99 19.10
N TYR F 9 -32.78 42.02 18.48
CA TYR F 9 -32.19 41.28 17.36
C TYR F 9 -30.87 40.67 17.78
N TRP F 10 -30.80 40.20 19.03
CA TRP F 10 -29.58 39.60 19.53
C TRP F 10 -29.29 38.25 18.87
N LYS F 11 -30.34 37.45 18.69
CA LYS F 11 -30.21 36.13 18.09
C LYS F 11 -29.95 36.18 16.60
N ALA F 12 -30.38 37.26 15.95
CA ALA F 12 -30.16 37.43 14.52
C ALA F 12 -28.68 37.26 14.19
N THR F 13 -27.84 37.80 15.07
CA THR F 13 -26.38 37.72 14.92
C THR F 13 -25.81 36.63 15.83
N ASN F 14 -26.65 36.09 16.72
CA ASN F 14 -26.26 35.03 17.64
C ASN F 14 -27.27 33.88 17.57
N PRO F 15 -27.32 33.15 16.43
CA PRO F 15 -28.24 32.03 16.24
C PRO F 15 -28.18 30.93 17.30
N THR F 16 -29.34 30.43 17.68
CA THR F 16 -29.42 29.40 18.69
C THR F 16 -28.59 28.22 18.22
N LEU F 17 -28.69 27.90 16.93
CA LEU F 17 -27.87 26.85 16.34
C LEU F 17 -26.83 27.62 15.55
N SER F 18 -25.66 27.84 16.16
CA SER F 18 -24.62 28.58 15.47
C SER F 18 -23.68 27.63 14.72
N PRO F 19 -22.91 28.17 13.78
CA PRO F 19 -21.96 27.42 12.97
C PRO F 19 -21.07 26.46 13.77
N SER F 20 -20.49 26.95 14.86
CA SER F 20 -19.58 26.16 15.69
C SER F 20 -20.14 24.82 16.16
N HIS F 21 -21.47 24.74 16.24
CA HIS F 21 -22.12 23.52 16.68
C HIS F 21 -21.97 22.42 15.64
N LEU F 22 -21.69 22.82 14.40
CA LEU F 22 -21.55 21.87 13.32
C LEU F 22 -20.11 21.57 12.91
N GLN F 23 -19.15 21.95 13.74
CA GLN F 23 -17.77 21.69 13.39
C GLN F 23 -17.48 20.21 13.43
N ASP F 24 -18.45 19.42 13.85
CA ASP F 24 -18.26 17.97 13.92
C ASP F 24 -19.16 17.24 12.96
N LEU F 25 -19.71 17.97 11.99
CA LEU F 25 -20.56 17.36 10.98
C LEU F 25 -20.05 17.89 9.64
N PRO F 26 -19.02 17.23 9.10
CA PRO F 26 -18.35 17.56 7.84
C PRO F 26 -19.28 17.73 6.64
N GLY F 27 -19.38 18.95 6.16
CA GLY F 27 -20.21 19.22 5.01
C GLY F 27 -21.70 19.32 5.29
N PHE F 28 -22.07 19.46 6.55
CA PHE F 28 -23.47 19.59 6.87
C PHE F 28 -23.85 21.07 6.77
N THR F 29 -25.06 21.34 6.31
CA THR F 29 -25.55 22.71 6.21
C THR F 29 -27.05 22.64 6.08
N ARG F 30 -27.70 23.72 6.50
CA ARG F 30 -29.15 23.80 6.42
C ARG F 30 -29.53 24.56 5.16
N SER F 31 -28.52 25.05 4.46
CA SER F 31 -28.77 25.83 3.25
C SER F 31 -29.17 25.05 2.01
N VAL F 32 -29.93 25.74 1.19
CA VAL F 32 -30.45 25.23 -0.06
C VAL F 32 -30.56 26.43 -0.98
N TYR F 33 -30.28 26.23 -2.26
CA TYR F 33 -30.40 27.28 -3.24
C TYR F 33 -31.03 26.57 -4.43
N LYS F 34 -32.34 26.75 -4.57
CA LYS F 34 -33.11 26.12 -5.65
C LYS F 34 -33.46 27.07 -6.79
N ARG F 35 -34.20 26.53 -7.76
CA ARG F 35 -34.62 27.24 -8.96
C ARG F 35 -35.40 28.53 -8.71
N ASP F 36 -36.32 28.54 -7.74
CA ASP F 36 -37.11 29.73 -7.46
C ASP F 36 -37.00 30.30 -6.05
N HIS F 37 -36.12 29.73 -5.23
CA HIS F 37 -35.93 30.23 -3.86
C HIS F 37 -34.62 29.79 -3.22
N ALA F 38 -34.44 30.16 -1.97
CA ALA F 38 -33.22 29.79 -1.24
C ALA F 38 -33.29 30.03 0.26
N LEU F 39 -32.70 29.10 0.99
CA LEU F 39 -32.60 29.19 2.45
C LEU F 39 -31.11 29.29 2.76
N ILE F 40 -30.65 30.51 3.00
CA ILE F 40 -29.24 30.77 3.29
C ILE F 40 -29.02 30.91 4.80
N THR F 41 -28.30 29.95 5.36
CA THR F 41 -28.05 29.93 6.80
C THR F 41 -26.60 30.33 7.16
N PRO F 42 -26.34 30.63 8.44
CA PRO F 42 -25.03 31.03 8.98
C PRO F 42 -23.77 30.20 8.67
N GLU F 43 -23.87 28.88 8.71
CA GLU F 43 -22.71 28.03 8.41
C GLU F 43 -22.34 28.08 6.91
N SER F 44 -23.05 28.91 6.14
CA SER F 44 -22.78 29.04 4.71
C SER F 44 -22.41 30.47 4.33
N HIS F 45 -22.35 31.37 5.30
CA HIS F 45 -21.98 32.75 5.00
C HIS F 45 -20.51 32.89 4.60
N VAL F 46 -20.27 33.50 3.45
CA VAL F 46 -18.92 33.69 2.97
C VAL F 46 -18.57 35.17 3.04
N TYR F 47 -17.88 35.52 4.12
CA TYR F 47 -17.45 36.87 4.37
C TYR F 47 -16.15 37.19 3.66
N SER F 48 -16.08 38.39 3.10
CA SER F 48 -14.89 38.82 2.39
C SER F 48 -14.84 40.34 2.29
N PRO F 49 -13.63 40.92 2.28
CA PRO F 49 -13.44 42.35 2.18
C PRO F 49 -14.14 43.02 0.99
N LEU F 50 -15.09 43.89 1.32
CA LEU F 50 -15.86 44.61 0.33
C LEU F 50 -14.97 45.69 -0.26
N PRO F 51 -14.64 45.59 -1.56
CA PRO F 51 -13.78 46.63 -2.13
C PRO F 51 -14.48 47.98 -1.97
N ASP F 52 -13.70 49.05 -1.97
CA ASP F 52 -14.25 50.39 -1.80
C ASP F 52 -14.58 50.72 -0.35
N TRP F 53 -14.84 49.69 0.45
CA TRP F 53 -15.15 49.90 1.87
C TRP F 53 -13.86 49.85 2.65
N THR F 54 -13.94 50.18 3.93
CA THR F 54 -12.74 50.17 4.74
C THR F 54 -12.87 49.28 5.96
N ASN F 55 -11.91 48.38 6.11
CA ASN F 55 -11.90 47.46 7.23
C ASN F 55 -13.29 46.86 7.48
N THR F 56 -13.97 46.51 6.40
CA THR F 56 -15.29 45.93 6.46
C THR F 56 -15.42 44.61 5.66
N LEU F 57 -15.81 43.54 6.34
CA LEU F 57 -16.01 42.25 5.69
C LEU F 57 -17.47 42.20 5.24
N GLY F 58 -17.71 41.70 4.04
CA GLY F 58 -19.07 41.61 3.56
C GLY F 58 -19.40 40.23 3.06
N ALA F 59 -20.69 39.88 3.10
CA ALA F 59 -21.15 38.58 2.62
C ALA F 59 -22.46 38.70 1.83
N TYR F 60 -22.38 38.46 0.53
CA TYR F 60 -23.52 38.52 -0.36
C TYR F 60 -24.40 37.30 -0.26
N LEU F 61 -25.69 37.52 0.01
CA LEU F 61 -26.68 36.45 0.15
C LEU F 61 -27.46 36.27 -1.13
N ILE F 62 -27.75 37.39 -1.80
CA ILE F 62 -28.45 37.37 -3.08
C ILE F 62 -27.83 38.37 -4.04
N THR F 63 -27.85 38.07 -5.33
CA THR F 63 -27.32 38.96 -6.36
C THR F 63 -28.02 38.55 -7.64
N PRO F 64 -28.09 39.44 -8.64
CA PRO F 64 -28.74 39.12 -9.91
C PRO F 64 -28.44 37.75 -10.52
N ALA F 65 -27.31 37.15 -10.18
CA ALA F 65 -26.98 35.84 -10.74
C ALA F 65 -28.13 34.85 -10.51
N THR F 66 -28.95 35.13 -9.50
CA THR F 66 -30.08 34.28 -9.16
C THR F 66 -31.33 34.66 -9.96
N GLY F 67 -31.24 35.74 -10.73
CA GLY F 67 -32.40 36.17 -11.48
C GLY F 67 -33.13 37.29 -10.77
N SER F 68 -32.50 37.86 -9.74
CA SER F 68 -33.11 38.95 -9.01
C SER F 68 -32.62 40.22 -9.67
N HIS F 69 -33.07 41.37 -9.17
CA HIS F 69 -32.64 42.66 -9.72
C HIS F 69 -31.99 43.50 -8.62
N PHE F 70 -31.81 42.88 -7.46
CA PHE F 70 -31.18 43.52 -6.31
C PHE F 70 -30.14 42.58 -5.72
N VAL F 71 -29.26 43.13 -4.91
CA VAL F 71 -28.29 42.31 -4.23
C VAL F 71 -28.60 42.55 -2.78
N MET F 72 -28.38 41.55 -1.95
CA MET F 72 -28.61 41.65 -0.52
C MET F 72 -27.37 41.10 0.17
N TYR F 73 -26.78 41.89 1.08
CA TYR F 73 -25.59 41.45 1.79
C TYR F 73 -25.47 41.92 3.24
N LEU F 74 -24.60 41.25 3.99
CA LEU F 74 -24.34 41.62 5.38
C LEU F 74 -22.97 42.30 5.43
N ALA F 75 -22.89 43.37 6.21
CA ALA F 75 -21.64 44.11 6.37
C ALA F 75 -21.21 44.08 7.83
N LYS F 76 -20.04 43.50 8.07
CA LYS F 76 -19.48 43.42 9.41
C LYS F 76 -18.44 44.54 9.49
N MET F 77 -18.86 45.66 10.06
CA MET F 77 -18.01 46.83 10.19
C MET F 77 -17.19 46.77 11.48
N LYS F 78 -15.89 46.94 11.33
CA LYS F 78 -14.99 46.89 12.47
C LYS F 78 -14.62 48.30 12.89
N GLU F 79 -13.59 48.42 13.73
CA GLU F 79 -13.16 49.72 14.21
C GLU F 79 -12.61 50.60 13.10
N MET F 80 -13.16 51.80 12.99
CA MET F 80 -12.76 52.77 11.99
C MET F 80 -12.96 52.26 10.56
N SER F 81 -14.07 51.55 10.37
CA SER F 81 -14.42 51.03 9.05
C SER F 81 -15.44 52.01 8.47
N SER F 82 -15.31 52.33 7.19
CA SER F 82 -16.23 53.24 6.52
C SER F 82 -16.83 52.55 5.29
N SER F 83 -18.05 52.95 4.90
CA SER F 83 -18.70 52.35 3.74
C SER F 83 -18.05 52.85 2.46
N GLY F 84 -18.55 52.39 1.33
CA GLY F 84 -18.02 52.80 0.05
C GLY F 84 -19.17 53.15 -0.90
N LEU F 85 -19.04 54.25 -1.62
CA LEU F 85 -20.08 54.67 -2.54
C LEU F 85 -20.47 53.59 -3.54
N PRO F 86 -21.78 53.45 -3.81
CA PRO F 86 -22.19 52.43 -4.78
C PRO F 86 -22.04 52.96 -6.21
N PRO F 87 -22.25 52.09 -7.21
CA PRO F 87 -22.11 52.56 -8.60
C PRO F 87 -23.13 53.65 -8.99
N GLN F 88 -22.91 54.23 -10.16
CA GLN F 88 -23.79 55.25 -10.70
C GLN F 88 -25.19 54.70 -10.83
N ASP F 89 -26.17 55.46 -10.36
CA ASP F 89 -27.58 55.10 -10.41
C ASP F 89 -27.99 53.91 -9.55
N ILE F 90 -27.12 53.51 -8.63
CA ILE F 90 -27.47 52.39 -7.75
C ILE F 90 -28.03 52.90 -6.43
N GLU F 91 -29.24 52.45 -6.08
CA GLU F 91 -29.90 52.85 -4.83
C GLU F 91 -29.54 51.87 -3.73
N ARG F 92 -29.29 52.37 -2.52
CA ARG F 92 -28.92 51.51 -1.41
C ARG F 92 -29.67 51.76 -0.11
N LEU F 93 -30.19 50.67 0.47
CA LEU F 93 -30.92 50.73 1.72
C LEU F 93 -30.12 49.97 2.77
N ILE F 94 -29.89 50.58 3.93
CA ILE F 94 -29.15 49.89 4.98
C ILE F 94 -29.96 49.89 6.28
N PHE F 95 -29.96 48.74 6.95
CA PHE F 95 -30.71 48.55 8.19
C PHE F 95 -29.70 48.10 9.23
N VAL F 96 -29.75 48.67 10.43
CA VAL F 96 -28.83 48.29 11.47
C VAL F 96 -29.34 47.15 12.33
N VAL F 97 -28.62 46.04 12.28
CA VAL F 97 -28.96 44.83 13.00
C VAL F 97 -28.15 44.69 14.29
N GLU F 98 -27.01 45.35 14.37
CA GLU F 98 -26.13 45.30 15.55
C GLU F 98 -25.17 46.47 15.63
N GLY F 99 -24.89 46.93 16.86
CA GLY F 99 -23.96 48.03 17.05
C GLY F 99 -24.53 49.36 16.61
N ALA F 100 -23.67 50.20 16.04
CA ALA F 100 -24.11 51.52 15.57
C ALA F 100 -23.15 52.14 14.56
N VAL F 101 -23.69 52.75 13.52
CA VAL F 101 -22.85 53.41 12.53
C VAL F 101 -23.37 54.83 12.43
N THR F 102 -22.59 55.73 11.85
CA THR F 102 -23.01 57.13 11.73
C THR F 102 -23.15 57.58 10.29
N LEU F 103 -24.34 58.06 9.93
CA LEU F 103 -24.59 58.52 8.58
C LEU F 103 -24.17 59.98 8.40
N THR F 104 -23.44 60.25 7.34
CA THR F 104 -22.99 61.58 7.02
C THR F 104 -23.25 61.87 5.54
N ASN F 105 -23.84 63.02 5.26
CA ASN F 105 -24.17 63.41 3.88
C ASN F 105 -23.54 64.75 3.53
N SER F 108 -26.50 67.50 4.22
CA SER F 108 -27.38 68.05 5.25
C SER F 108 -27.19 67.41 6.64
N SER F 109 -26.32 68.01 7.46
CA SER F 109 -26.06 67.55 8.83
C SER F 109 -25.36 66.21 9.05
N SER F 110 -25.82 65.46 10.06
CA SER F 110 -25.26 64.15 10.42
C SER F 110 -26.25 63.34 11.25
N LYS F 111 -26.19 62.02 11.13
CA LYS F 111 -27.10 61.15 11.87
C LYS F 111 -26.49 59.84 12.38
N LYS F 112 -26.83 59.53 13.63
CA LYS F 112 -26.38 58.32 14.30
C LYS F 112 -27.32 57.22 13.83
N LEU F 113 -26.87 55.98 13.86
CA LEU F 113 -27.70 54.86 13.44
C LEU F 113 -27.46 53.64 14.32
N THR F 114 -28.32 53.43 15.31
CA THR F 114 -28.18 52.28 16.19
C THR F 114 -29.06 51.13 15.71
N VAL F 115 -29.15 50.09 16.51
CA VAL F 115 -29.96 48.95 16.15
C VAL F 115 -31.32 49.49 15.75
N ASP F 116 -31.99 48.74 14.89
CA ASP F 116 -33.31 49.07 14.40
C ASP F 116 -33.41 50.30 13.51
N SER F 117 -32.30 50.99 13.29
CA SER F 117 -32.33 52.18 12.43
C SER F 117 -32.02 51.81 10.98
N TYR F 118 -32.34 52.71 10.06
CA TYR F 118 -32.10 52.44 8.66
C TYR F 118 -32.00 53.72 7.86
N ALA F 119 -31.50 53.60 6.64
CA ALA F 119 -31.34 54.76 5.79
C ALA F 119 -31.46 54.40 4.33
N TYR F 120 -32.34 55.11 3.62
CA TYR F 120 -32.47 54.86 2.20
C TYR F 120 -31.65 55.93 1.48
N LEU F 121 -30.89 55.53 0.48
CA LEU F 121 -30.11 56.51 -0.26
C LEU F 121 -30.52 56.51 -1.71
N PRO F 122 -31.06 57.65 -2.19
CA PRO F 122 -31.48 57.74 -3.58
C PRO F 122 -30.24 57.53 -4.46
N PRO F 123 -30.42 56.98 -5.67
CA PRO F 123 -29.27 56.76 -6.55
C PRO F 123 -28.44 58.02 -6.70
N ASN F 124 -27.12 57.85 -6.65
CA ASN F 124 -26.21 58.97 -6.79
C ASN F 124 -26.21 59.93 -5.61
N PHE F 125 -26.78 59.52 -4.48
CA PHE F 125 -26.79 60.39 -3.31
C PHE F 125 -25.54 60.17 -2.50
N HIS F 126 -24.65 61.17 -2.46
CA HIS F 126 -23.42 61.05 -1.70
C HIS F 126 -23.73 60.95 -0.22
N HIS F 127 -23.02 60.06 0.45
CA HIS F 127 -23.20 59.81 1.87
C HIS F 127 -21.98 59.01 2.29
N SER F 128 -22.00 58.50 3.52
CA SER F 128 -20.91 57.71 4.03
C SER F 128 -21.22 57.17 5.41
N LEU F 129 -21.24 55.85 5.53
CA LEU F 129 -21.50 55.24 6.81
C LEU F 129 -20.12 54.96 7.39
N ASP F 130 -19.90 55.49 8.59
CA ASP F 130 -18.63 55.31 9.27
C ASP F 130 -18.94 54.71 10.62
N CYS F 131 -18.18 53.71 10.98
CA CYS F 131 -18.37 53.05 12.26
C CYS F 131 -17.09 53.16 13.08
N VAL F 132 -17.24 53.24 14.40
CA VAL F 132 -16.07 53.31 15.26
C VAL F 132 -15.81 51.95 15.89
N GLU F 133 -16.79 51.43 16.64
CA GLU F 133 -16.63 50.13 17.28
C GLU F 133 -16.96 48.96 16.36
N SER F 134 -18.26 48.79 16.10
CA SER F 134 -18.72 47.70 15.25
C SER F 134 -20.21 47.81 14.93
N ALA F 135 -20.58 47.28 13.78
CA ALA F 135 -21.97 47.30 13.33
C ALA F 135 -22.17 46.25 12.24
N THR F 136 -23.19 45.42 12.42
CA THR F 136 -23.51 44.42 11.40
C THR F 136 -24.65 45.04 10.63
N LEU F 137 -24.40 45.34 9.36
CA LEU F 137 -25.39 45.97 8.49
C LEU F 137 -26.01 45.07 7.43
N VAL F 138 -27.32 45.11 7.33
CA VAL F 138 -28.01 44.35 6.30
C VAL F 138 -28.36 45.40 5.24
N VAL F 139 -27.74 45.29 4.07
CA VAL F 139 -27.97 46.28 3.03
C VAL F 139 -28.52 45.73 1.72
N PHE F 140 -29.29 46.58 1.05
CA PHE F 140 -29.91 46.26 -0.21
C PHE F 140 -29.46 47.27 -1.27
N GLU F 141 -29.29 46.79 -2.49
CA GLU F 141 -28.89 47.68 -3.57
C GLU F 141 -29.61 47.28 -4.83
N ARG F 142 -29.85 48.25 -5.70
CA ARG F 142 -30.55 48.00 -6.96
C ARG F 142 -30.33 49.14 -7.94
N ARG F 143 -30.46 48.86 -9.23
CA ARG F 143 -30.32 49.91 -10.22
C ARG F 143 -31.74 50.49 -10.26
N TYR F 144 -31.86 51.74 -9.83
CA TYR F 144 -33.13 52.44 -9.75
C TYR F 144 -33.91 52.58 -11.05
N GLU F 145 -35.13 52.05 -11.06
CA GLU F 145 -35.95 52.17 -12.26
C GLU F 145 -36.48 53.60 -12.27
N TYR F 146 -35.92 54.43 -13.15
CA TYR F 146 -36.34 55.82 -13.27
C TYR F 146 -37.73 55.87 -13.91
N LEU F 147 -38.64 56.62 -13.30
CA LEU F 147 -39.98 56.73 -13.86
C LEU F 147 -40.35 58.20 -14.08
N GLY F 148 -40.45 58.58 -15.34
CA GLY F 148 -40.78 59.95 -15.66
C GLY F 148 -39.74 60.88 -15.07
N SER F 149 -40.20 61.84 -14.26
CA SER F 149 -39.32 62.80 -13.63
C SER F 149 -39.22 62.50 -12.15
N HIS F 150 -39.98 61.51 -11.69
CA HIS F 150 -40.00 61.11 -10.28
C HIS F 150 -38.60 60.75 -9.78
N THR F 151 -38.24 61.27 -8.60
CA THR F 151 -36.93 61.02 -7.99
C THR F 151 -37.18 60.75 -6.51
N THR F 152 -36.37 59.94 -5.87
CA THR F 152 -36.60 59.66 -4.44
C THR F 152 -35.80 60.63 -3.60
N GLU F 153 -35.87 60.49 -2.28
CA GLU F 153 -35.14 61.38 -1.39
C GLU F 153 -34.65 60.64 -0.14
N LEU F 154 -33.58 61.19 0.45
CA LEU F 154 -32.98 60.62 1.66
C LEU F 154 -34.02 60.20 2.66
N ILE F 155 -33.83 59.04 3.26
CA ILE F 155 -34.77 58.54 4.25
C ILE F 155 -34.02 57.95 5.43
N VAL F 156 -34.33 58.44 6.62
CA VAL F 156 -33.70 57.95 7.83
C VAL F 156 -34.84 57.71 8.81
N GLY F 157 -34.74 56.62 9.57
CA GLY F 157 -35.77 56.30 10.53
C GLY F 157 -35.46 55.11 11.38
N SER F 158 -36.44 54.68 12.15
CA SER F 158 -36.31 53.54 13.04
C SER F 158 -37.60 52.72 12.98
N THR F 159 -37.45 51.40 12.97
CA THR F 159 -38.59 50.49 12.92
C THR F 159 -39.70 50.87 13.90
N ASP F 160 -39.35 50.99 15.18
CA ASP F 160 -40.31 51.34 16.22
C ASP F 160 -41.12 52.62 15.89
N LYS F 161 -40.49 53.59 15.22
CA LYS F 161 -41.15 54.85 14.87
C LYS F 161 -42.12 54.73 13.67
N GLN F 162 -42.25 53.55 13.10
CA GLN F 162 -43.14 53.38 11.97
C GLN F 162 -44.46 52.82 12.44
N PRO F 163 -45.57 53.43 12.00
CA PRO F 163 -46.93 53.05 12.34
C PRO F 163 -47.37 51.69 11.84
N LEU F 164 -48.24 51.04 12.60
CA LEU F 164 -48.77 49.74 12.21
C LEU F 164 -49.77 49.95 11.08
N LEU F 165 -49.63 49.18 10.00
CA LEU F 165 -50.55 49.32 8.89
C LEU F 165 -51.56 48.19 8.83
N GLU F 166 -52.72 48.50 8.24
CA GLU F 166 -53.81 47.55 8.09
C GLU F 166 -53.47 46.39 7.17
N THR F 167 -53.87 45.19 7.60
CA THR F 167 -53.62 43.99 6.83
C THR F 167 -54.93 43.21 6.66
N PRO F 168 -55.72 43.57 5.62
CA PRO F 168 -57.00 42.90 5.36
C PRO F 168 -56.82 41.41 5.05
N GLY F 169 -57.46 40.58 5.86
CA GLY F 169 -57.36 39.15 5.66
C GLY F 169 -56.21 38.57 6.44
N GLU F 170 -55.26 39.41 6.81
CA GLU F 170 -54.12 38.93 7.57
C GLU F 170 -54.19 39.42 9.04
N VAL F 171 -53.45 38.77 9.93
CA VAL F 171 -53.45 39.16 11.33
C VAL F 171 -52.06 39.59 11.77
N PHE F 172 -51.09 39.44 10.87
CA PHE F 172 -49.74 39.82 11.22
C PHE F 172 -49.66 41.34 11.36
N GLU F 173 -48.73 41.82 12.17
CA GLU F 173 -48.54 43.24 12.38
C GLU F 173 -47.54 43.76 11.34
N LEU F 174 -48.01 44.66 10.48
CA LEU F 174 -47.17 45.19 9.42
C LEU F 174 -46.68 46.63 9.54
N ARG F 175 -45.41 46.85 9.17
CA ARG F 175 -44.81 48.17 9.20
C ARG F 175 -43.95 48.29 7.93
N LYS F 176 -44.02 49.43 7.25
CA LYS F 176 -43.23 49.64 6.05
C LYS F 176 -42.29 50.80 6.33
N LEU F 177 -41.03 50.64 5.95
CA LEU F 177 -40.01 51.66 6.23
C LEU F 177 -39.92 52.89 5.31
N LEU F 178 -40.01 52.69 4.00
CA LEU F 178 -39.91 53.80 3.06
C LEU F 178 -41.29 54.33 2.63
N PRO F 179 -41.34 55.50 1.98
CA PRO F 179 -42.66 55.99 1.57
C PRO F 179 -43.30 54.96 0.63
N MET F 180 -44.60 55.09 0.37
CA MET F 180 -45.28 54.17 -0.54
C MET F 180 -45.47 54.78 -1.93
N SER F 181 -45.08 56.04 -2.10
CA SER F 181 -45.28 56.73 -3.37
C SER F 181 -44.46 56.27 -4.56
N VAL F 182 -44.99 56.58 -5.73
CA VAL F 182 -44.42 56.21 -7.02
C VAL F 182 -42.89 56.18 -7.16
N ALA F 183 -42.21 57.24 -6.74
CA ALA F 183 -40.75 57.28 -6.87
C ALA F 183 -40.05 56.00 -6.41
N TYR F 184 -40.39 55.55 -5.21
CA TYR F 184 -39.78 54.36 -4.62
C TYR F 184 -40.12 53.07 -5.33
N ASP F 185 -39.13 52.44 -5.96
CA ASP F 185 -39.36 51.19 -6.67
C ASP F 185 -39.28 49.94 -5.82
N PHE F 186 -39.30 50.13 -4.51
CA PHE F 186 -39.28 49.01 -3.57
C PHE F 186 -39.49 49.56 -2.18
N ASN F 187 -39.77 48.67 -1.23
CA ASN F 187 -39.97 49.06 0.16
C ASN F 187 -39.41 47.95 1.05
N ILE F 188 -39.38 48.18 2.35
CA ILE F 188 -38.91 47.16 3.28
C ILE F 188 -40.03 46.98 4.29
N HIS F 189 -40.43 45.75 4.53
CA HIS F 189 -41.51 45.53 5.47
C HIS F 189 -41.02 44.86 6.72
N THR F 190 -41.73 45.14 7.80
CA THR F 190 -41.45 44.54 9.07
C THR F 190 -42.75 43.85 9.39
N MET F 191 -42.70 42.53 9.37
CA MET F 191 -43.87 41.73 9.65
C MET F 191 -43.63 40.96 10.92
N ASP F 192 -44.56 41.11 11.85
CA ASP F 192 -44.49 40.43 13.15
C ASP F 192 -45.57 39.35 13.17
N PHE F 193 -45.31 38.27 13.91
CA PHE F 193 -46.22 37.11 14.03
C PHE F 193 -46.18 36.55 15.43
N GLN F 194 -47.33 36.44 16.06
CA GLN F 194 -47.38 35.86 17.40
C GLN F 194 -47.41 34.33 17.22
N PRO F 195 -46.98 33.57 18.24
CA PRO F 195 -47.00 32.11 18.08
C PRO F 195 -48.39 31.63 17.67
N GLY F 196 -48.45 30.76 16.66
CA GLY F 196 -49.74 30.23 16.22
C GLY F 196 -50.25 30.88 14.96
N GLU F 197 -49.96 32.18 14.80
CA GLU F 197 -50.40 32.94 13.64
C GLU F 197 -49.67 32.54 12.36
N PHE F 198 -50.36 32.65 11.24
CA PHE F 198 -49.77 32.29 9.94
C PHE F 198 -50.45 33.02 8.81
N LEU F 199 -49.76 33.14 7.67
CA LEU F 199 -50.32 33.81 6.51
C LEU F 199 -51.51 33.06 5.94
N ASN F 200 -52.68 33.68 5.97
CA ASN F 200 -53.91 33.06 5.47
C ASN F 200 -53.82 32.85 3.97
N VAL F 201 -53.20 33.80 3.28
CA VAL F 201 -53.03 33.74 1.83
C VAL F 201 -51.74 32.99 1.45
N LYS F 202 -51.89 31.96 0.62
CA LYS F 202 -50.73 31.20 0.17
C LYS F 202 -50.17 31.90 -1.07
N GLU F 203 -49.64 33.10 -0.82
CA GLU F 203 -49.10 33.97 -1.84
C GLU F 203 -48.40 33.35 -3.03
N VAL F 204 -48.59 34.03 -4.17
CA VAL F 204 -47.99 33.69 -5.47
C VAL F 204 -48.08 34.99 -6.28
N HIS F 205 -47.04 35.81 -6.21
CA HIS F 205 -47.02 37.08 -6.89
C HIS F 205 -45.78 37.32 -7.77
N TYR F 206 -45.84 38.32 -8.62
CA TYR F 206 -44.71 38.64 -9.47
C TYR F 206 -43.51 39.19 -8.66
N ASN F 207 -43.81 39.70 -7.46
CA ASN F 207 -42.80 40.28 -6.58
C ASN F 207 -41.75 39.28 -6.10
N GLN F 208 -40.52 39.76 -5.93
CA GLN F 208 -39.41 38.94 -5.44
C GLN F 208 -39.06 39.43 -4.04
N HIS F 209 -38.47 38.57 -3.24
CA HIS F 209 -38.10 38.93 -1.88
C HIS F 209 -36.67 38.62 -1.47
N GLY F 210 -36.31 39.22 -0.35
CA GLY F 210 -35.02 39.02 0.27
C GLY F 210 -35.44 39.17 1.71
N LEU F 211 -35.44 38.09 2.50
CA LEU F 211 -35.88 38.25 3.89
C LEU F 211 -34.90 37.76 4.93
N LEU F 212 -34.90 38.45 6.07
CA LEU F 212 -34.05 38.12 7.19
C LEU F 212 -34.93 37.98 8.42
N LEU F 213 -34.91 36.82 9.04
CA LEU F 213 -35.70 36.60 10.23
C LEU F 213 -34.95 37.27 11.39
N LEU F 214 -35.50 38.36 11.91
CA LEU F 214 -34.87 39.09 13.03
C LEU F 214 -35.02 38.42 14.38
N GLU F 215 -36.23 37.95 14.69
CA GLU F 215 -36.48 37.27 15.95
C GLU F 215 -37.49 36.15 15.76
N GLY F 216 -37.47 35.21 16.69
CA GLY F 216 -38.40 34.10 16.65
C GLY F 216 -38.00 32.92 15.78
N GLN F 217 -38.94 32.00 15.64
CA GLN F 217 -38.78 30.79 14.86
C GLN F 217 -40.15 30.28 14.40
N GLY F 218 -40.17 29.56 13.29
CA GLY F 218 -41.40 29.01 12.78
C GLY F 218 -41.13 28.16 11.55
N ILE F 219 -42.16 27.92 10.75
CA ILE F 219 -42.01 27.14 9.53
C ILE F 219 -42.29 27.95 8.27
N TYR F 220 -41.41 27.82 7.29
CA TYR F 220 -41.59 28.53 6.04
C TYR F 220 -41.79 27.51 4.96
N ARG F 221 -42.72 27.77 4.04
CA ARG F 221 -42.92 26.87 2.92
C ARG F 221 -42.53 27.63 1.65
N LEU F 222 -41.78 26.99 0.77
CA LEU F 222 -41.36 27.63 -0.49
C LEU F 222 -41.59 26.59 -1.57
N GLY F 223 -42.62 26.79 -2.39
CA GLY F 223 -42.93 25.82 -3.42
C GLY F 223 -43.37 24.60 -2.63
N ASP F 224 -42.93 23.40 -3.00
CA ASP F 224 -43.33 22.20 -2.25
C ASP F 224 -42.31 21.81 -1.17
N ASN F 225 -41.60 22.80 -0.66
CA ASN F 225 -40.57 22.60 0.38
C ASN F 225 -40.93 23.30 1.67
N TRP F 226 -40.71 22.62 2.79
CA TRP F 226 -40.98 23.17 4.11
C TRP F 226 -39.66 23.26 4.90
N TYR F 227 -39.32 24.46 5.35
CA TYR F 227 -38.06 24.63 6.06
C TYR F 227 -38.16 25.16 7.48
N PRO F 228 -37.68 24.39 8.47
CA PRO F 228 -37.76 24.92 9.83
C PRO F 228 -36.81 26.11 9.83
N VAL F 229 -37.24 27.22 10.40
CA VAL F 229 -36.39 28.42 10.40
C VAL F 229 -36.22 29.04 11.78
N GLN F 230 -35.10 29.74 11.97
CA GLN F 230 -34.82 30.40 13.25
C GLN F 230 -34.21 31.77 12.98
N ALA F 231 -34.13 32.59 14.01
CA ALA F 231 -33.57 33.92 13.85
C ALA F 231 -32.16 33.83 13.28
N GLY F 232 -31.85 34.76 12.38
CA GLY F 232 -30.55 34.81 11.74
C GLY F 232 -30.62 34.30 10.32
N ASP F 233 -31.66 33.53 10.02
CA ASP F 233 -31.83 32.95 8.69
C ASP F 233 -32.18 33.93 7.59
N VAL F 234 -31.81 33.60 6.38
CA VAL F 234 -32.08 34.44 5.22
C VAL F 234 -32.77 33.65 4.12
N ILE F 235 -33.78 34.25 3.51
CA ILE F 235 -34.51 33.59 2.43
C ILE F 235 -34.54 34.43 1.16
N TRP F 236 -34.43 33.77 0.02
CA TRP F 236 -34.49 34.43 -1.28
C TRP F 236 -35.75 33.87 -1.93
N MET F 237 -36.65 34.75 -2.32
CA MET F 237 -37.89 34.31 -2.93
C MET F 237 -38.01 34.84 -4.32
N ALA F 238 -37.88 33.95 -5.31
CA ALA F 238 -37.97 34.35 -6.70
C ALA F 238 -39.40 34.71 -7.01
N PRO F 239 -39.60 35.45 -8.09
CA PRO F 239 -40.97 35.81 -8.44
C PRO F 239 -41.83 34.55 -8.67
N PHE F 240 -43.04 34.59 -8.12
CA PHE F 240 -44.04 33.53 -8.24
C PHE F 240 -43.87 32.21 -7.47
N VAL F 241 -42.84 32.13 -6.64
CA VAL F 241 -42.65 30.91 -5.89
C VAL F 241 -43.71 30.89 -4.80
N PRO F 242 -44.41 29.75 -4.62
CA PRO F 242 -45.42 29.68 -3.58
C PRO F 242 -44.74 29.96 -2.23
N GLN F 243 -45.37 30.80 -1.40
CA GLN F 243 -44.78 31.16 -0.12
C GLN F 243 -45.74 31.28 1.06
N TRP F 244 -45.27 30.78 2.21
CA TRP F 244 -46.03 30.78 3.44
C TRP F 244 -45.12 30.70 4.67
N TYR F 245 -45.64 31.15 5.81
CA TYR F 245 -44.91 31.13 7.08
C TYR F 245 -45.87 30.98 8.27
N ALA F 246 -45.38 30.38 9.34
CA ALA F 246 -46.17 30.17 10.55
C ALA F 246 -45.21 30.31 11.72
N ALA F 247 -45.58 31.13 12.69
CA ALA F 247 -44.73 31.34 13.86
C ALA F 247 -44.94 30.32 14.97
N LEU F 248 -43.86 29.90 15.61
CA LEU F 248 -43.93 28.93 16.70
C LEU F 248 -43.00 29.33 17.81
N GLY F 249 -43.08 28.58 18.91
CA GLY F 249 -42.23 28.85 20.07
C GLY F 249 -42.96 29.64 21.12
N LYS F 250 -42.19 30.22 22.05
CA LYS F 250 -42.75 31.01 23.14
C LYS F 250 -42.68 32.50 22.87
N THR F 251 -41.93 32.88 21.83
CA THR F 251 -41.76 34.29 21.47
C THR F 251 -42.02 34.59 19.99
N ARG F 252 -42.61 35.75 19.73
CA ARG F 252 -42.96 36.21 18.40
C ARG F 252 -41.87 36.09 17.35
N SER F 253 -42.29 36.19 16.11
CA SER F 253 -41.38 36.13 14.97
C SER F 253 -41.46 37.47 14.26
N ARG F 254 -40.32 37.97 13.80
CA ARG F 254 -40.29 39.22 13.11
C ARG F 254 -39.29 39.05 11.99
N TYR F 255 -39.62 39.50 10.79
CA TYR F 255 -38.69 39.40 9.70
C TYR F 255 -38.70 40.59 8.75
N LEU F 256 -37.49 41.02 8.40
CA LEU F 256 -37.26 42.15 7.50
C LEU F 256 -37.51 41.63 6.08
N LEU F 257 -38.29 42.36 5.29
CA LEU F 257 -38.59 41.90 3.95
C LEU F 257 -38.45 42.98 2.87
N TYR F 258 -37.82 42.58 1.77
CA TYR F 258 -37.63 43.45 0.62
C TYR F 258 -38.72 43.08 -0.36
N LYS F 259 -39.35 44.10 -0.95
CA LYS F 259 -40.42 43.85 -1.91
C LYS F 259 -40.40 44.94 -2.98
N ASP F 260 -40.26 44.54 -4.24
CA ASP F 260 -40.26 45.51 -5.33
C ASP F 260 -41.69 45.95 -5.60
N VAL F 261 -41.85 47.25 -5.87
CA VAL F 261 -43.16 47.85 -6.10
C VAL F 261 -43.14 49.04 -7.05
N ASN F 262 -44.33 49.60 -7.26
CA ASN F 262 -44.57 50.77 -8.13
C ASN F 262 -43.96 50.76 -9.54
N ARG F 263 -43.87 49.59 -10.15
CA ARG F 263 -43.32 49.51 -11.50
C ARG F 263 -44.09 48.44 -12.27
N ASN F 264 -44.29 48.67 -13.56
CA ASN F 264 -45.03 47.73 -14.40
C ASN F 264 -44.28 46.41 -14.60
N PRO F 265 -44.88 45.30 -14.17
CA PRO F 265 -44.23 43.99 -14.34
C PRO F 265 -43.89 43.58 -15.78
N LEU F 266 -44.36 44.35 -16.76
CA LEU F 266 -44.05 44.01 -18.14
C LEU F 266 -42.59 44.34 -18.48
N PRO G 7 12.34 22.06 15.53
CA PRO G 7 12.19 21.65 16.95
C PRO G 7 13.49 21.04 17.53
N ILE G 8 13.61 21.12 18.84
CA ILE G 8 14.77 20.61 19.56
C ILE G 8 14.87 19.09 19.38
N TYR G 9 16.01 18.62 18.88
CA TYR G 9 16.18 17.18 18.67
C TYR G 9 15.10 16.68 17.72
N TRP G 10 14.88 17.38 16.62
CA TRP G 10 13.85 16.96 15.67
C TRP G 10 14.36 15.80 14.80
N LYS G 11 15.63 15.89 14.39
CA LYS G 11 16.20 14.84 13.56
C LYS G 11 16.38 13.52 14.31
N ALA G 12 16.07 13.49 15.61
CA ALA G 12 16.19 12.26 16.36
C ALA G 12 14.91 11.47 16.18
N THR G 13 13.80 12.19 16.05
CA THR G 13 12.49 11.57 15.86
C THR G 13 12.09 11.49 14.39
N ASN G 14 12.75 12.29 13.55
CA ASN G 14 12.50 12.31 12.11
C ASN G 14 13.86 12.37 11.39
N PRO G 15 14.62 11.26 11.45
CA PRO G 15 15.95 11.08 10.85
C PRO G 15 16.06 11.33 9.35
N THR G 16 17.14 12.00 8.93
CA THR G 16 17.36 12.34 7.53
C THR G 16 17.08 11.15 6.61
N LEU G 17 17.64 9.99 6.95
CA LEU G 17 17.41 8.77 6.19
C LEU G 17 16.47 7.93 7.03
N SER G 18 15.21 7.89 6.64
CA SER G 18 14.18 7.16 7.37
C SER G 18 13.86 5.78 6.82
N PRO G 19 13.26 4.93 7.66
CA PRO G 19 12.86 3.54 7.33
C PRO G 19 12.07 3.45 6.04
N SER G 20 11.19 4.42 5.84
CA SER G 20 10.34 4.47 4.65
C SER G 20 11.15 4.71 3.38
N HIS G 21 12.38 5.19 3.54
CA HIS G 21 13.29 5.46 2.42
C HIS G 21 13.95 4.19 1.90
N LEU G 22 13.78 3.09 2.63
CA LEU G 22 14.37 1.84 2.22
C LEU G 22 13.29 0.85 1.84
N GLN G 23 12.05 1.31 1.75
CA GLN G 23 10.96 0.41 1.44
C GLN G 23 11.15 -0.40 0.15
N ASP G 24 12.18 -0.04 -0.61
CA ASP G 24 12.47 -0.75 -1.85
C ASP G 24 13.85 -1.41 -1.84
N LEU G 25 14.47 -1.48 -0.67
CA LEU G 25 15.77 -2.13 -0.51
C LEU G 25 15.55 -3.26 0.48
N PRO G 26 14.99 -4.37 -0.01
CA PRO G 26 14.69 -5.57 0.79
C PRO G 26 15.80 -6.04 1.72
N GLY G 27 15.43 -6.18 2.99
CA GLY G 27 16.32 -6.65 4.04
C GLY G 27 17.53 -5.78 4.31
N PHE G 28 17.53 -4.58 3.74
CA PHE G 28 18.63 -3.67 3.93
C PHE G 28 18.52 -2.99 5.29
N THR G 29 19.65 -2.86 5.98
CA THR G 29 19.68 -2.20 7.28
C THR G 29 21.10 -1.83 7.63
N ARG G 30 21.21 -0.75 8.39
CA ARG G 30 22.47 -0.23 8.86
C ARG G 30 22.80 -0.82 10.23
N SER G 31 21.82 -1.48 10.85
CA SER G 31 22.00 -2.07 12.17
C SER G 31 22.94 -3.26 12.22
N VAL G 32 23.81 -3.26 13.24
CA VAL G 32 24.76 -4.32 13.44
C VAL G 32 24.80 -4.71 14.91
N TYR G 33 24.83 -6.02 15.18
CA TYR G 33 24.90 -6.49 16.55
C TYR G 33 26.10 -7.40 16.65
N LYS G 34 27.20 -6.87 17.15
CA LYS G 34 28.40 -7.67 17.29
C LYS G 34 28.65 -8.05 18.73
N ARG G 35 29.81 -8.67 18.96
CA ARG G 35 30.21 -9.15 20.28
C ARG G 35 30.38 -8.11 21.37
N ASP G 36 31.02 -6.99 21.05
CA ASP G 36 31.26 -5.96 22.05
C ASP G 36 30.55 -4.63 21.79
N HIS G 37 29.80 -4.55 20.71
CA HIS G 37 29.07 -3.32 20.44
C HIS G 37 27.84 -3.55 19.56
N ALA G 38 27.15 -2.46 19.24
CA ALA G 38 25.97 -2.51 18.38
C ALA G 38 25.62 -1.13 17.82
N LEU G 39 25.08 -1.13 16.62
CA LEU G 39 24.64 0.09 15.98
C LEU G 39 23.19 -0.21 15.65
N ILE G 40 22.26 0.36 16.42
CA ILE G 40 20.84 0.14 16.17
C ILE G 40 20.22 1.37 15.52
N THR G 41 19.95 1.23 14.23
CA THR G 41 19.39 2.29 13.43
C THR G 41 17.86 2.17 13.41
N PRO G 42 17.12 3.26 13.12
CA PRO G 42 15.66 3.30 13.08
C PRO G 42 14.84 2.20 12.36
N GLU G 43 15.40 1.62 11.31
CA GLU G 43 14.69 0.59 10.54
C GLU G 43 14.66 -0.79 11.18
N SER G 44 15.23 -0.89 12.38
CA SER G 44 15.28 -2.15 13.11
C SER G 44 14.47 -2.06 14.39
N HIS G 45 14.23 -0.83 14.85
CA HIS G 45 13.44 -0.61 16.05
C HIS G 45 12.18 -1.48 16.05
N VAL G 46 11.89 -2.08 17.19
CA VAL G 46 10.71 -2.93 17.31
C VAL G 46 9.83 -2.41 18.45
N TYR G 47 8.65 -1.89 18.10
CA TYR G 47 7.74 -1.35 19.08
C TYR G 47 6.60 -2.31 19.33
N SER G 48 6.28 -2.51 20.60
CA SER G 48 5.20 -3.39 20.98
C SER G 48 4.63 -2.87 22.29
N PRO G 49 3.32 -3.05 22.52
CA PRO G 49 2.73 -2.56 23.77
C PRO G 49 3.59 -2.80 25.01
N LEU G 50 3.95 -1.69 25.65
CA LEU G 50 4.77 -1.68 26.85
C LEU G 50 3.90 -2.05 28.08
N PRO G 51 4.08 -3.27 28.62
CA PRO G 51 3.33 -3.78 29.78
C PRO G 51 3.19 -2.80 30.96
N ASP G 52 2.00 -2.82 31.57
CA ASP G 52 1.70 -1.97 32.72
C ASP G 52 1.56 -0.49 32.37
N TRP G 53 2.12 -0.09 31.24
CA TRP G 53 2.04 1.30 30.79
C TRP G 53 0.63 1.48 30.24
N THR G 54 0.34 2.65 29.70
CA THR G 54 -0.99 2.87 29.16
C THR G 54 -0.96 3.59 27.82
N ASN G 55 -1.49 2.92 26.81
CA ASN G 55 -1.52 3.49 25.48
C ASN G 55 -0.11 4.02 25.14
N THR G 56 0.88 3.15 25.31
CA THR G 56 2.26 3.49 25.00
C THR G 56 2.98 2.30 24.39
N LEU G 57 3.72 2.56 23.32
CA LEU G 57 4.49 1.50 22.68
C LEU G 57 5.93 1.66 23.17
N GLY G 58 6.67 0.55 23.25
CA GLY G 58 8.04 0.61 23.70
C GLY G 58 8.97 -0.16 22.77
N ALA G 59 10.21 0.26 22.68
CA ALA G 59 11.16 -0.42 21.81
C ALA G 59 12.48 -0.65 22.54
N TYR G 60 12.66 -1.86 23.04
CA TYR G 60 13.88 -2.19 23.76
C TYR G 60 15.06 -2.16 22.79
N LEU G 61 16.06 -1.38 23.13
CA LEU G 61 17.24 -1.26 22.29
C LEU G 61 18.40 -2.04 22.90
N ILE G 62 18.43 -2.11 24.22
CA ILE G 62 19.48 -2.86 24.89
C ILE G 62 18.95 -3.52 26.16
N THR G 63 19.34 -4.77 26.40
CA THR G 63 18.94 -5.48 27.62
C THR G 63 20.14 -6.34 28.02
N PRO G 64 20.19 -6.77 29.28
CA PRO G 64 21.28 -7.60 29.79
C PRO G 64 21.64 -8.79 28.91
N ALA G 65 20.71 -9.21 28.06
CA ALA G 65 20.94 -10.32 27.16
C ALA G 65 22.19 -10.07 26.31
N THR G 66 22.63 -8.81 26.27
CA THR G 66 23.81 -8.42 25.50
C THR G 66 25.06 -8.44 26.37
N GLY G 67 24.87 -8.70 27.65
CA GLY G 67 26.00 -8.73 28.57
C GLY G 67 25.99 -7.50 29.46
N SER G 68 25.22 -6.49 29.08
CA SER G 68 25.12 -5.28 29.87
C SER G 68 24.50 -5.63 31.22
N HIS G 69 24.29 -4.59 32.03
CA HIS G 69 23.66 -4.76 33.32
C HIS G 69 22.55 -3.73 33.39
N PHE G 70 21.99 -3.41 32.22
CA PHE G 70 20.94 -2.41 32.16
C PHE G 70 20.14 -2.55 30.88
N VAL G 71 18.95 -1.94 30.85
CA VAL G 71 18.10 -1.98 29.66
C VAL G 71 17.93 -0.55 29.14
N MET G 72 17.75 -0.43 27.82
CA MET G 72 17.55 0.88 27.18
C MET G 72 16.38 0.71 26.21
N TYR G 73 15.41 1.62 26.25
CA TYR G 73 14.27 1.52 25.34
C TYR G 73 13.62 2.86 25.02
N LEU G 74 12.95 2.91 23.88
CA LEU G 74 12.28 4.14 23.52
C LEU G 74 10.79 3.96 23.81
N ALA G 75 10.21 4.92 24.53
CA ALA G 75 8.78 4.88 24.85
C ALA G 75 8.07 5.97 24.04
N LYS G 76 7.13 5.54 23.21
CA LYS G 76 6.35 6.44 22.36
C LYS G 76 4.98 6.56 23.00
N MET G 77 4.81 7.53 23.89
CA MET G 77 3.53 7.72 24.54
C MET G 77 2.53 8.45 23.64
N LYS G 78 1.33 7.88 23.53
CA LYS G 78 0.27 8.45 22.71
C LYS G 78 -0.74 9.23 23.57
N GLU G 79 -1.91 9.51 23.00
CA GLU G 79 -2.90 10.27 23.75
C GLU G 79 -3.37 9.61 25.03
N MET G 80 -3.64 10.44 26.03
CA MET G 80 -4.09 9.94 27.32
C MET G 80 -3.31 8.67 27.66
N SER G 81 -2.01 8.88 27.88
CA SER G 81 -1.10 7.78 28.20
C SER G 81 -0.57 7.96 29.63
N SER G 82 -0.01 6.88 30.16
CA SER G 82 0.56 6.86 31.50
C SER G 82 1.62 5.76 31.61
N SER G 83 2.67 6.01 32.38
CA SER G 83 3.75 5.04 32.54
C SER G 83 3.44 4.02 33.61
N GLY G 84 4.05 2.85 33.49
CA GLY G 84 3.88 1.79 34.48
C GLY G 84 5.02 1.91 35.48
N LEU G 85 5.14 0.93 36.37
CA LEU G 85 6.21 0.98 37.35
C LEU G 85 7.28 -0.08 37.13
N PRO G 86 8.55 0.23 37.49
CA PRO G 86 9.67 -0.70 37.35
C PRO G 86 9.57 -1.81 38.41
N PRO G 87 10.16 -3.00 38.14
CA PRO G 87 10.04 -4.02 39.18
C PRO G 87 10.66 -3.51 40.48
N GLN G 88 10.72 -4.39 41.48
CA GLN G 88 11.29 -4.02 42.77
C GLN G 88 12.80 -3.76 42.71
N ASP G 89 13.22 -2.76 43.48
CA ASP G 89 14.63 -2.38 43.57
C ASP G 89 15.23 -2.02 42.24
N ILE G 90 14.48 -1.28 41.42
CA ILE G 90 14.99 -0.88 40.12
C ILE G 90 14.98 0.63 39.95
N GLU G 91 16.16 1.19 39.68
CA GLU G 91 16.26 2.63 39.48
C GLU G 91 15.92 2.93 38.01
N ARG G 92 15.13 3.99 37.79
CA ARG G 92 14.73 4.39 36.45
C ARG G 92 15.14 5.83 36.15
N LEU G 93 15.34 6.10 34.85
CA LEU G 93 15.73 7.44 34.39
C LEU G 93 15.09 7.70 33.03
N ILE G 94 14.29 8.76 32.92
CA ILE G 94 13.66 9.09 31.65
C ILE G 94 14.20 10.40 31.12
N PHE G 95 14.26 10.52 29.81
CA PHE G 95 14.74 11.75 29.17
C PHE G 95 13.77 12.03 28.01
N VAL G 96 13.16 13.21 28.01
CA VAL G 96 12.18 13.59 26.98
C VAL G 96 12.82 14.06 25.69
N VAL G 97 12.69 13.23 24.65
CA VAL G 97 13.26 13.52 23.34
C VAL G 97 12.30 14.33 22.46
N GLU G 98 11.00 14.23 22.77
CA GLU G 98 9.97 14.93 22.02
C GLU G 98 8.64 14.99 22.79
N GLY G 99 7.92 16.10 22.62
CA GLY G 99 6.62 16.28 23.27
C GLY G 99 6.58 16.75 24.72
N ALA G 100 5.50 16.41 25.42
CA ALA G 100 5.34 16.80 26.82
C ALA G 100 4.80 15.68 27.68
N VAL G 101 5.16 15.71 28.97
CA VAL G 101 4.72 14.70 29.92
C VAL G 101 4.82 15.24 31.35
N THR G 102 3.83 14.92 32.16
CA THR G 102 3.82 15.37 33.55
C THR G 102 4.30 14.28 34.54
N LEU G 103 5.16 14.70 35.45
CA LEU G 103 5.72 13.80 36.46
C LEU G 103 5.05 13.98 37.82
N THR G 104 4.38 12.96 38.29
CA THR G 104 3.72 13.05 39.59
C THR G 104 4.33 12.04 40.55
N ASN G 105 4.20 12.31 41.84
CA ASN G 105 4.71 11.41 42.87
C ASN G 105 3.54 10.78 43.59
N SER G 108 5.24 15.91 46.76
CA SER G 108 5.06 15.54 45.35
C SER G 108 4.99 16.74 44.39
N SER G 109 3.87 17.47 44.41
CA SER G 109 3.68 18.63 43.52
C SER G 109 4.07 18.25 42.08
N SER G 110 3.09 17.78 41.31
CA SER G 110 3.32 17.36 39.93
C SER G 110 4.23 18.29 39.13
N LYS G 111 4.98 17.71 38.19
CA LYS G 111 5.91 18.47 37.37
C LYS G 111 5.63 18.30 35.87
N LYS G 112 5.99 19.31 35.08
CA LYS G 112 5.79 19.32 33.63
C LYS G 112 7.14 19.13 32.94
N LEU G 113 7.32 17.99 32.27
CA LEU G 113 8.56 17.67 31.58
C LEU G 113 8.38 17.78 30.08
N THR G 114 9.17 18.64 29.44
CA THR G 114 9.12 18.82 27.98
C THR G 114 10.41 18.35 27.30
N VAL G 115 10.53 18.63 26.01
CA VAL G 115 11.72 18.22 25.27
C VAL G 115 12.96 18.70 26.03
N ASP G 116 13.94 17.81 26.12
CA ASP G 116 15.21 18.09 26.79
C ASP G 116 15.09 18.10 28.32
N SER G 117 13.93 17.71 28.81
CA SER G 117 13.72 17.66 30.26
C SER G 117 14.00 16.23 30.71
N TYR G 118 14.11 16.01 32.01
CA TYR G 118 14.40 14.66 32.49
C TYR G 118 14.20 14.46 33.98
N ALA G 119 14.29 13.21 34.40
CA ALA G 119 14.13 12.85 35.80
C ALA G 119 14.73 11.47 36.10
N TYR G 120 15.29 11.35 37.31
CA TYR G 120 15.87 10.10 37.79
C TYR G 120 14.93 9.69 38.92
N LEU G 121 14.87 8.40 39.23
CA LEU G 121 13.98 7.92 40.28
C LEU G 121 14.63 6.78 41.05
N PRO G 122 14.88 6.98 42.34
CA PRO G 122 15.50 5.91 43.13
C PRO G 122 14.74 4.59 42.95
N PRO G 123 15.37 3.47 43.33
CA PRO G 123 14.66 2.22 43.15
C PRO G 123 13.42 2.19 44.04
N ASN G 124 12.27 1.85 43.45
CA ASN G 124 10.99 1.77 44.18
C ASN G 124 10.24 3.09 44.31
N PHE G 125 10.98 4.17 44.52
CA PHE G 125 10.37 5.49 44.65
C PHE G 125 9.18 5.60 43.72
N HIS G 126 7.98 5.55 44.32
CA HIS G 126 6.70 5.64 43.59
C HIS G 126 6.52 6.94 42.82
N HIS G 127 6.35 6.80 41.50
CA HIS G 127 6.19 7.94 40.61
C HIS G 127 5.21 7.56 39.50
N SER G 128 4.65 8.56 38.82
CA SER G 128 3.73 8.29 37.74
C SER G 128 3.94 9.25 36.57
N LEU G 129 4.06 8.69 35.38
CA LEU G 129 4.25 9.51 34.18
C LEU G 129 2.95 9.50 33.42
N ASP G 130 2.42 10.69 33.19
CA ASP G 130 1.17 10.84 32.49
C ASP G 130 1.29 11.90 31.41
N CYS G 131 0.84 11.54 30.20
CA CYS G 131 0.92 12.43 29.05
C CYS G 131 -0.42 12.60 28.30
N VAL G 132 -0.64 13.82 27.79
CA VAL G 132 -1.86 14.15 27.05
C VAL G 132 -1.73 13.86 25.54
N GLU G 133 -1.13 14.79 24.79
CA GLU G 133 -0.98 14.58 23.35
C GLU G 133 -0.08 13.37 23.13
N SER G 134 1.12 13.66 22.60
CA SER G 134 2.13 12.66 22.33
C SER G 134 3.35 12.96 23.20
N ALA G 135 4.39 12.16 23.01
CA ALA G 135 5.65 12.29 23.74
C ALA G 135 6.49 11.02 23.51
N THR G 136 7.80 11.21 23.45
CA THR G 136 8.70 10.09 23.22
C THR G 136 9.87 10.18 24.17
N LEU G 137 9.98 9.21 25.06
CA LEU G 137 11.06 9.20 26.05
C LEU G 137 12.13 8.16 25.77
N VAL G 138 13.37 8.49 26.10
CA VAL G 138 14.47 7.53 26.00
C VAL G 138 14.64 7.16 27.48
N VAL G 139 14.55 5.88 27.81
CA VAL G 139 14.63 5.46 29.21
C VAL G 139 15.65 4.37 29.58
N PHE G 140 16.21 4.51 30.78
CA PHE G 140 17.19 3.56 31.30
C PHE G 140 16.66 3.00 32.62
N GLU G 141 16.95 1.74 32.87
CA GLU G 141 16.52 1.07 34.08
C GLU G 141 17.60 0.08 34.38
N ARG G 142 17.86 -0.13 35.67
CA ARG G 142 18.89 -1.05 36.12
C ARG G 142 18.64 -1.38 37.57
N ARG G 143 18.84 -2.64 37.93
CA ARG G 143 18.70 -3.09 39.29
C ARG G 143 19.76 -2.35 40.09
N TYR G 144 19.32 -1.50 41.02
CA TYR G 144 20.25 -0.73 41.81
C TYR G 144 21.30 -1.62 42.52
N GLU G 145 22.50 -1.08 42.65
CA GLU G 145 23.59 -1.79 43.31
C GLU G 145 23.85 -1.04 44.61
N TYR G 146 23.07 -1.41 45.62
CA TYR G 146 23.15 -0.79 46.94
C TYR G 146 24.53 -0.80 47.56
N LEU G 147 25.14 0.38 47.62
CA LEU G 147 26.46 0.51 48.20
C LEU G 147 26.36 0.62 49.72
N GLY G 148 26.22 -0.55 50.35
CA GLY G 148 26.12 -0.64 51.79
C GLY G 148 25.09 0.25 52.46
N SER G 149 25.54 1.40 52.96
CA SER G 149 24.67 2.34 53.63
C SER G 149 24.46 3.65 52.87
N HIS G 150 24.11 3.53 51.59
CA HIS G 150 23.88 4.72 50.75
C HIS G 150 22.56 4.65 50.02
N THR G 151 22.11 5.80 49.52
CA THR G 151 20.85 5.93 48.80
C THR G 151 20.84 7.16 47.89
N THR G 152 19.93 7.19 46.90
CA THR G 152 19.85 8.36 46.01
C THR G 152 18.54 9.10 46.23
N GLU G 153 18.37 10.21 45.53
CA GLU G 153 17.12 10.99 45.67
C GLU G 153 16.59 11.50 44.33
N LEU G 154 15.27 11.60 44.23
CA LEU G 154 14.60 12.06 43.02
C LEU G 154 15.28 13.28 42.39
N ILE G 155 15.70 13.13 41.14
CA ILE G 155 16.35 14.21 40.43
C ILE G 155 15.50 14.65 39.27
N VAL G 156 15.49 15.95 38.99
CA VAL G 156 14.75 16.49 37.87
C VAL G 156 15.52 17.68 37.32
N GLY G 157 15.47 17.87 36.01
CA GLY G 157 16.19 18.97 35.41
C GLY G 157 16.10 19.00 33.90
N SER G 158 16.87 19.89 33.29
CA SER G 158 16.90 20.06 31.85
C SER G 158 18.38 20.22 31.46
N THR G 159 18.82 19.47 30.45
CA THR G 159 20.22 19.53 30.00
C THR G 159 20.81 20.94 30.06
N ASP G 160 20.21 21.85 29.31
CA ASP G 160 20.63 23.26 29.25
C ASP G 160 20.80 23.94 30.62
N LYS G 161 20.03 23.50 31.61
CA LYS G 161 20.15 24.07 32.96
C LYS G 161 21.28 23.36 33.71
N GLN G 162 22.11 22.61 33.00
CA GLN G 162 23.22 21.91 33.63
C GLN G 162 24.53 22.57 33.22
N PRO G 163 25.43 22.78 34.19
CA PRO G 163 26.73 23.40 33.95
C PRO G 163 27.65 22.56 33.09
N LEU G 164 28.47 23.23 32.27
CA LEU G 164 29.44 22.55 31.42
C LEU G 164 30.61 22.19 32.32
N LEU G 165 30.91 20.90 32.44
CA LEU G 165 32.02 20.44 33.28
C LEU G 165 33.38 20.53 32.60
N GLU G 166 34.44 20.26 33.37
CA GLU G 166 35.82 20.29 32.88
C GLU G 166 36.17 18.99 32.16
N THR G 167 36.78 19.11 30.97
CA THR G 167 37.17 17.92 30.21
C THR G 167 38.61 18.02 29.71
N PRO G 168 39.59 17.69 30.59
CA PRO G 168 41.04 17.71 30.32
C PRO G 168 41.53 16.92 29.13
N GLY G 169 42.23 17.62 28.22
CA GLY G 169 42.75 16.96 27.05
C GLY G 169 41.60 16.47 26.20
N GLU G 170 40.48 17.18 26.25
CA GLU G 170 39.29 16.85 25.47
C GLU G 170 38.55 18.16 25.24
N VAL G 171 38.04 18.33 24.02
CA VAL G 171 37.34 19.56 23.68
C VAL G 171 35.84 19.55 23.93
N PHE G 172 35.17 18.48 23.55
CA PHE G 172 33.74 18.39 23.70
C PHE G 172 33.14 18.97 24.99
N GLU G 173 31.99 19.65 24.86
CA GLU G 173 31.33 20.23 26.03
C GLU G 173 30.51 19.18 26.74
N LEU G 174 30.84 18.96 28.01
CA LEU G 174 30.19 17.94 28.84
C LEU G 174 29.18 18.46 29.86
N ARG G 175 28.15 17.66 30.10
CA ARG G 175 27.13 17.99 31.07
C ARG G 175 26.71 16.67 31.70
N LYS G 176 26.27 16.72 32.96
CA LYS G 176 25.85 15.50 33.64
C LYS G 176 24.50 15.70 34.34
N LEU G 177 23.49 15.04 33.80
CA LEU G 177 22.13 15.13 34.32
C LEU G 177 22.00 14.66 35.77
N LEU G 178 22.99 13.93 36.27
CA LEU G 178 22.91 13.44 37.65
C LEU G 178 24.17 13.81 38.39
N PRO G 179 24.14 13.69 39.74
CA PRO G 179 25.28 14.01 40.61
C PRO G 179 26.39 12.97 40.64
N MET G 180 27.64 13.43 40.59
CA MET G 180 28.80 12.55 40.62
C MET G 180 29.02 11.94 41.99
N SER G 181 28.01 12.10 42.84
CA SER G 181 28.04 11.57 44.21
C SER G 181 28.24 10.06 44.15
N VAL G 182 28.69 9.49 45.28
CA VAL G 182 28.94 8.06 45.38
C VAL G 182 27.67 7.23 45.32
N ALA G 183 26.59 7.76 45.91
CA ALA G 183 25.30 7.07 45.94
C ALA G 183 24.92 6.50 44.58
N TYR G 184 24.99 7.36 43.57
CA TYR G 184 24.66 7.01 42.20
C TYR G 184 25.60 5.98 41.56
N ASP G 185 25.03 4.91 41.01
CA ASP G 185 25.86 3.87 40.37
C ASP G 185 25.96 4.06 38.85
N PHE G 186 25.51 5.21 38.37
CA PHE G 186 25.58 5.53 36.95
C PHE G 186 25.17 6.98 36.77
N ASN G 187 25.62 7.58 35.68
CA ASN G 187 25.27 8.95 35.37
C ASN G 187 24.76 9.01 33.94
N ILE G 188 24.55 10.21 33.42
CA ILE G 188 24.09 10.38 32.06
C ILE G 188 24.79 11.61 31.51
N HIS G 189 25.70 11.41 30.56
CA HIS G 189 26.44 12.52 29.99
C HIS G 189 25.81 13.11 28.73
N THR G 190 26.11 14.37 28.49
CA THR G 190 25.63 15.07 27.31
C THR G 190 26.91 15.65 26.72
N MET G 191 27.36 15.04 25.62
CA MET G 191 28.59 15.47 24.98
C MET G 191 28.33 16.10 23.62
N ASP G 192 28.73 17.37 23.50
CA ASP G 192 28.54 18.11 22.27
C ASP G 192 29.87 18.24 21.56
N PHE G 193 29.85 18.07 20.25
CA PHE G 193 31.06 18.19 19.44
C PHE G 193 30.84 19.23 18.34
N GLN G 194 31.91 19.88 17.89
CA GLN G 194 31.83 20.86 16.81
C GLN G 194 32.41 20.27 15.52
N PRO G 195 31.77 20.53 14.38
CA PRO G 195 32.24 20.01 13.11
C PRO G 195 33.76 19.99 13.01
N GLY G 196 34.32 18.79 12.86
CA GLY G 196 35.76 18.62 12.77
C GLY G 196 36.41 18.14 14.06
N GLU G 197 35.64 18.07 15.14
CA GLU G 197 36.17 17.64 16.44
C GLU G 197 35.98 16.16 16.75
N PHE G 198 37.00 15.56 17.36
CA PHE G 198 36.90 14.16 17.73
C PHE G 198 37.42 13.91 19.14
N LEU G 199 37.40 12.64 19.57
CA LEU G 199 37.90 12.25 20.89
C LEU G 199 39.41 12.03 20.81
N ASN G 200 40.19 12.71 21.65
CA ASN G 200 41.64 12.55 21.62
C ASN G 200 42.11 11.20 22.12
N VAL G 201 41.44 10.68 23.14
CA VAL G 201 41.82 9.38 23.66
C VAL G 201 40.93 8.28 23.06
N LYS G 202 41.57 7.23 22.54
CA LYS G 202 40.85 6.11 21.96
C LYS G 202 40.56 5.14 23.10
N GLU G 203 39.50 5.48 23.83
CA GLU G 203 39.04 4.76 25.01
C GLU G 203 38.94 3.25 25.02
N VAL G 204 39.30 2.69 26.16
CA VAL G 204 39.24 1.26 26.45
C VAL G 204 39.09 1.24 27.98
N HIS G 205 37.85 1.06 28.43
CA HIS G 205 37.55 1.10 29.85
C HIS G 205 36.49 0.10 30.26
N TYR G 206 36.59 -0.40 31.49
CA TYR G 206 35.63 -1.36 31.98
C TYR G 206 34.20 -0.85 31.81
N ASN G 207 34.04 0.47 31.82
CA ASN G 207 32.71 1.09 31.69
C ASN G 207 31.97 0.67 30.41
N GLN G 208 30.64 0.69 30.47
CA GLN G 208 29.81 0.34 29.34
C GLN G 208 28.86 1.48 29.01
N HIS G 209 28.45 1.59 27.74
CA HIS G 209 27.57 2.66 27.30
C HIS G 209 26.34 2.26 26.52
N GLY G 210 25.40 3.18 26.51
CA GLY G 210 24.16 3.05 25.76
C GLY G 210 24.10 4.49 25.31
N LEU G 211 24.13 4.78 24.02
CA LEU G 211 24.09 6.18 23.60
C LEU G 211 23.15 6.51 22.44
N LEU G 212 22.48 7.66 22.56
CA LEU G 212 21.55 8.13 21.53
C LEU G 212 22.04 9.44 20.92
N LEU G 213 22.17 9.48 19.60
CA LEU G 213 22.62 10.69 18.92
C LEU G 213 21.40 11.58 18.71
N LEU G 214 21.33 12.69 19.45
CA LEU G 214 20.21 13.60 19.38
C LEU G 214 20.34 14.62 18.23
N GLU G 215 21.55 15.12 18.02
CA GLU G 215 21.82 16.12 16.98
C GLU G 215 23.12 15.85 16.27
N GLY G 216 23.18 16.24 15.00
CA GLY G 216 24.39 16.09 14.22
C GLY G 216 24.56 14.82 13.44
N GLN G 217 25.78 14.62 12.97
CA GLN G 217 26.18 13.45 12.22
C GLN G 217 27.69 13.39 12.30
N GLY G 218 28.23 12.17 12.21
CA GLY G 218 29.66 11.99 12.29
C GLY G 218 30.03 10.54 12.07
N ILE G 219 31.25 10.18 12.48
CA ILE G 219 31.77 8.83 12.33
C ILE G 219 32.12 8.21 13.68
N TYR G 220 31.58 7.04 13.97
CA TYR G 220 31.90 6.36 15.23
C TYR G 220 32.78 5.14 14.93
N ARG G 221 33.82 4.95 15.72
CA ARG G 221 34.67 3.78 15.53
C ARG G 221 34.45 2.82 16.71
N LEU G 222 34.30 1.53 16.42
CA LEU G 222 34.09 0.55 17.47
C LEU G 222 34.88 -0.66 17.10
N GLY G 223 35.89 -0.97 17.92
CA GLY G 223 36.74 -2.10 17.62
C GLY G 223 37.37 -1.72 16.31
N ASP G 224 37.49 -2.65 15.37
CA ASP G 224 38.08 -2.33 14.09
C ASP G 224 37.05 -1.89 13.05
N ASN G 225 35.87 -1.48 13.52
CA ASN G 225 34.79 -1.03 12.64
C ASN G 225 34.54 0.46 12.76
N TRP G 226 34.19 1.05 11.62
CA TRP G 226 33.89 2.46 11.57
C TRP G 226 32.44 2.53 11.11
N TYR G 227 31.64 3.40 11.72
CA TYR G 227 30.25 3.51 11.35
C TYR G 227 29.72 4.92 11.15
N PRO G 228 29.31 5.26 9.91
CA PRO G 228 28.76 6.60 9.64
C PRO G 228 27.45 6.63 10.46
N VAL G 229 27.25 7.69 11.24
CA VAL G 229 26.04 7.76 12.04
C VAL G 229 25.32 9.11 11.91
N GLN G 230 23.99 9.09 11.99
CA GLN G 230 23.18 10.30 11.91
C GLN G 230 22.28 10.40 13.16
N ALA G 231 21.77 11.59 13.45
CA ALA G 231 20.92 11.75 14.62
C ALA G 231 19.80 10.71 14.57
N GLY G 232 19.47 10.18 15.74
CA GLY G 232 18.45 9.16 15.83
C GLY G 232 19.08 7.82 16.15
N ASP G 233 20.29 7.60 15.65
CA ASP G 233 21.01 6.33 15.87
C ASP G 233 21.34 6.05 17.33
N VAL G 234 21.39 4.77 17.68
CA VAL G 234 21.71 4.34 19.03
C VAL G 234 22.85 3.32 19.01
N ILE G 235 23.83 3.50 19.90
CA ILE G 235 24.96 2.58 19.95
C ILE G 235 25.05 1.85 21.30
N TRP G 236 25.47 0.59 21.24
CA TRP G 236 25.67 -0.21 22.43
C TRP G 236 27.19 -0.43 22.46
N MET G 237 27.81 -0.12 23.60
CA MET G 237 29.24 -0.31 23.79
C MET G 237 29.44 -1.14 25.04
N ALA G 238 29.91 -2.37 24.88
CA ALA G 238 30.15 -3.26 26.03
C ALA G 238 31.47 -2.92 26.68
N PRO G 239 31.70 -3.44 27.88
CA PRO G 239 32.96 -3.14 28.56
C PRO G 239 34.17 -3.38 27.66
N PHE G 240 35.15 -2.49 27.73
CA PHE G 240 36.41 -2.57 26.98
C PHE G 240 36.43 -2.46 25.47
N VAL G 241 35.29 -2.20 24.85
CA VAL G 241 35.33 -2.06 23.41
C VAL G 241 35.98 -0.72 23.04
N PRO G 242 36.98 -0.74 22.15
CA PRO G 242 37.60 0.52 21.78
C PRO G 242 36.51 1.36 21.13
N GLN G 243 36.46 2.64 21.50
CA GLN G 243 35.46 3.56 20.97
C GLN G 243 36.09 4.89 20.57
N TRP G 244 35.36 5.68 19.78
CA TRP G 244 35.85 6.95 19.30
C TRP G 244 34.77 7.55 18.41
N TYR G 245 34.74 8.88 18.33
CA TYR G 245 33.75 9.57 17.51
C TYR G 245 34.27 10.90 17.01
N ALA G 246 33.78 11.31 15.85
CA ALA G 246 34.14 12.58 15.24
C ALA G 246 32.87 13.16 14.63
N ALA G 247 32.64 14.44 14.87
CA ALA G 247 31.45 15.10 14.34
C ALA G 247 31.77 15.69 12.98
N LEU G 248 30.76 15.76 12.11
CA LEU G 248 30.96 16.30 10.76
C LEU G 248 29.73 17.12 10.33
N GLY G 249 29.81 17.70 9.15
CA GLY G 249 28.68 18.49 8.66
C GLY G 249 28.76 19.96 8.99
N LYS G 250 27.60 20.62 9.06
CA LYS G 250 27.54 22.04 9.36
C LYS G 250 27.14 22.25 10.80
N THR G 251 26.21 21.45 11.30
CA THR G 251 25.75 21.56 12.68
C THR G 251 26.66 20.80 13.63
N ARG G 252 26.38 20.93 14.92
CA ARG G 252 27.17 20.28 15.96
C ARG G 252 26.53 18.96 16.33
N SER G 253 27.34 18.00 16.78
CA SER G 253 26.81 16.70 17.16
C SER G 253 26.69 16.63 18.67
N ARG G 254 25.60 16.03 19.15
CA ARG G 254 25.42 15.86 20.58
C ARG G 254 24.65 14.59 20.88
N TYR G 255 25.17 13.79 21.82
CA TYR G 255 24.51 12.53 22.16
C TYR G 255 24.31 12.29 23.65
N LEU G 256 23.29 11.49 23.96
CA LEU G 256 22.94 11.12 25.32
C LEU G 256 23.78 9.89 25.65
N LEU G 257 24.32 9.83 26.86
CA LEU G 257 25.17 8.70 27.17
C LEU G 257 25.11 8.14 28.58
N TYR G 258 24.71 6.88 28.70
CA TYR G 258 24.67 6.22 30.00
C TYR G 258 26.09 5.71 30.26
N LYS G 259 26.53 5.80 31.52
CA LYS G 259 27.86 5.33 31.92
C LYS G 259 27.83 4.88 33.38
N ASP G 260 28.18 3.62 33.62
CA ASP G 260 28.19 3.09 34.99
C ASP G 260 29.36 3.67 35.79
N VAL G 261 29.15 3.91 37.09
CA VAL G 261 30.18 4.46 37.96
C VAL G 261 30.03 4.08 39.45
N ASN G 262 30.84 4.75 40.27
CA ASN G 262 30.88 4.57 41.71
C ASN G 262 30.63 3.15 42.23
N ARG G 263 31.20 2.16 41.58
CA ARG G 263 31.06 0.78 42.03
C ARG G 263 32.32 0.04 41.62
N ASN G 264 32.83 -0.81 42.51
CA ASN G 264 34.04 -1.55 42.19
C ASN G 264 33.79 -2.47 40.99
N PRO G 265 34.74 -2.50 40.03
CA PRO G 265 34.60 -3.34 38.84
C PRO G 265 34.91 -4.80 39.06
N LEU G 266 35.02 -5.23 40.30
CA LEU G 266 35.28 -6.63 40.59
C LEU G 266 34.00 -7.42 40.42
N PRO H 7 -11.72 11.93 29.05
CA PRO H 7 -12.87 11.00 29.26
C PRO H 7 -13.15 10.25 27.96
N ILE H 8 -12.98 8.92 27.99
CA ILE H 8 -13.19 8.09 26.82
C ILE H 8 -14.66 8.09 26.41
N TYR H 9 -14.90 8.28 25.11
CA TYR H 9 -16.26 8.27 24.54
C TYR H 9 -17.12 9.42 25.03
N TRP H 10 -16.49 10.48 25.50
CA TRP H 10 -17.26 11.61 26.00
C TRP H 10 -18.20 12.22 24.97
N LYS H 11 -17.69 12.51 23.77
CA LYS H 11 -18.53 13.11 22.73
C LYS H 11 -19.79 12.29 22.42
N ALA H 12 -19.78 11.01 22.80
CA ALA H 12 -20.91 10.12 22.58
C ALA H 12 -22.04 10.41 23.56
N THR H 13 -21.66 10.87 24.75
CA THR H 13 -22.61 11.22 25.80
C THR H 13 -22.92 12.70 25.68
N ASN H 14 -22.09 13.43 24.94
CA ASN H 14 -22.28 14.86 24.76
C ASN H 14 -21.92 15.27 23.35
N PRO H 15 -22.87 15.10 22.40
CA PRO H 15 -22.65 15.46 21.00
C PRO H 15 -22.32 16.93 20.71
N THR H 16 -21.40 17.14 19.78
CA THR H 16 -20.98 18.47 19.37
C THR H 16 -22.23 19.27 19.00
N LEU H 17 -23.10 18.64 18.23
CA LEU H 17 -24.36 19.28 17.90
C LEU H 17 -25.35 18.57 18.83
N SER H 18 -25.80 19.28 19.85
CA SER H 18 -26.73 18.71 20.82
C SER H 18 -28.15 19.20 20.65
N PRO H 19 -29.11 18.43 21.18
CA PRO H 19 -30.54 18.77 21.11
C PRO H 19 -30.87 20.22 21.49
N SER H 20 -30.44 20.67 22.66
CA SER H 20 -30.71 22.05 23.09
C SER H 20 -30.38 23.10 22.02
N HIS H 21 -29.41 22.80 21.16
CA HIS H 21 -29.01 23.73 20.11
C HIS H 21 -30.08 23.84 19.03
N LEU H 22 -31.00 22.89 19.00
CA LEU H 22 -32.06 22.86 18.01
C LEU H 22 -33.41 23.33 18.51
N GLN H 23 -33.46 23.84 19.73
CA GLN H 23 -34.72 24.28 20.32
C GLN H 23 -35.38 25.48 19.63
N ASP H 24 -34.70 26.06 18.65
CA ASP H 24 -35.25 27.19 17.89
C ASP H 24 -35.40 26.80 16.43
N LEU H 25 -35.36 25.50 16.17
CA LEU H 25 -35.54 24.99 14.82
C LEU H 25 -36.65 23.95 14.90
N PRO H 26 -37.89 24.42 15.01
CA PRO H 26 -39.13 23.64 15.13
C PRO H 26 -39.29 22.54 14.10
N GLY H 27 -39.28 21.29 14.58
CA GLY H 27 -39.44 20.15 13.70
C GLY H 27 -38.20 19.65 13.01
N PHE H 28 -37.07 20.24 13.36
CA PHE H 28 -35.81 19.85 12.76
C PHE H 28 -35.19 18.62 13.38
N THR H 29 -34.71 17.72 12.54
CA THR H 29 -34.04 16.52 13.02
C THR H 29 -33.13 16.02 11.92
N ARG H 30 -32.09 15.29 12.33
CA ARG H 30 -31.15 14.75 11.38
C ARG H 30 -31.47 13.27 11.11
N SER H 31 -32.37 12.73 11.93
CA SER H 31 -32.76 11.33 11.81
C SER H 31 -33.58 11.03 10.57
N VAL H 32 -33.31 9.88 9.98
CA VAL H 32 -34.02 9.43 8.81
C VAL H 32 -34.19 7.92 8.95
N TYR H 33 -35.35 7.42 8.53
CA TYR H 33 -35.67 6.01 8.60
C TYR H 33 -36.17 5.57 7.23
N LYS H 34 -35.32 4.82 6.51
CA LYS H 34 -35.69 4.37 5.19
C LYS H 34 -35.94 2.86 5.13
N ARG H 35 -36.18 2.37 3.93
CA ARG H 35 -36.46 0.97 3.71
C ARG H 35 -35.34 0.04 4.16
N ASP H 36 -34.09 0.44 3.93
CA ASP H 36 -32.98 -0.43 4.28
C ASP H 36 -31.96 0.14 5.24
N HIS H 37 -32.24 1.31 5.79
CA HIS H 37 -31.32 1.89 6.73
C HIS H 37 -31.96 2.99 7.54
N ALA H 38 -31.18 3.51 8.48
CA ALA H 38 -31.65 4.57 9.33
C ALA H 38 -30.48 5.22 10.05
N LEU H 39 -30.59 6.53 10.22
CA LEU H 39 -29.61 7.31 10.94
C LEU H 39 -30.45 7.93 12.06
N ILE H 40 -30.24 7.47 13.28
CA ILE H 40 -30.97 7.96 14.44
C ILE H 40 -30.08 8.91 15.24
N THR H 41 -30.49 10.18 15.34
CA THR H 41 -29.70 11.14 16.07
C THR H 41 -30.24 11.46 17.46
N PRO H 42 -29.38 12.00 18.35
CA PRO H 42 -29.78 12.33 19.72
C PRO H 42 -31.10 13.07 19.85
N GLU H 43 -31.33 14.08 19.04
CA GLU H 43 -32.57 14.85 19.15
C GLU H 43 -33.82 14.04 18.84
N SER H 44 -33.65 12.72 18.64
CA SER H 44 -34.78 11.85 18.32
C SER H 44 -34.93 10.69 19.32
N HIS H 45 -33.96 10.54 20.21
CA HIS H 45 -34.00 9.46 21.20
C HIS H 45 -35.21 9.56 22.12
N VAL H 46 -36.06 8.56 22.09
CA VAL H 46 -37.22 8.58 22.95
C VAL H 46 -36.97 7.78 24.22
N TYR H 47 -36.46 8.48 25.22
CA TYR H 47 -36.17 7.83 26.49
C TYR H 47 -37.43 7.64 27.30
N SER H 48 -37.46 6.56 28.06
CA SER H 48 -38.60 6.21 28.89
C SER H 48 -38.06 5.16 29.87
N PRO H 49 -38.72 5.02 31.04
CA PRO H 49 -38.30 4.05 32.05
C PRO H 49 -38.21 2.63 31.49
N LEU H 50 -37.05 2.01 31.65
CA LEU H 50 -36.86 0.66 31.13
C LEU H 50 -37.49 -0.37 32.04
N PRO H 51 -38.43 -1.17 31.48
CA PRO H 51 -39.16 -2.22 32.22
C PRO H 51 -38.25 -3.11 33.05
N ASP H 52 -38.64 -3.32 34.30
CA ASP H 52 -37.92 -4.15 35.26
C ASP H 52 -36.57 -3.61 35.74
N TRP H 53 -36.07 -2.58 35.08
CA TRP H 53 -34.80 -2.02 35.52
C TRP H 53 -35.15 -1.02 36.59
N THR H 54 -34.20 -0.71 37.46
CA THR H 54 -34.44 0.25 38.53
C THR H 54 -33.66 1.52 38.22
N ASN H 55 -34.33 2.66 38.36
CA ASN H 55 -33.73 3.96 38.08
C ASN H 55 -33.04 4.05 36.73
N THR H 56 -33.44 3.18 35.81
CA THR H 56 -32.85 3.18 34.47
C THR H 56 -33.80 3.63 33.37
N LEU H 57 -33.33 4.57 32.57
CA LEU H 57 -34.10 5.09 31.45
C LEU H 57 -33.56 4.42 30.21
N GLY H 58 -34.46 3.94 29.36
CA GLY H 58 -34.01 3.30 28.14
C GLY H 58 -34.55 3.99 26.89
N ALA H 59 -33.81 3.86 25.81
CA ALA H 59 -34.22 4.42 24.53
C ALA H 59 -33.88 3.40 23.45
N TYR H 60 -34.87 2.59 23.09
CA TYR H 60 -34.69 1.58 22.06
C TYR H 60 -34.41 2.29 20.73
N LEU H 61 -33.39 1.85 20.01
CA LEU H 61 -32.99 2.46 18.75
C LEU H 61 -33.34 1.61 17.54
N ILE H 62 -33.36 0.29 17.71
CA ILE H 62 -33.69 -0.65 16.64
C ILE H 62 -34.36 -1.87 17.27
N THR H 63 -35.43 -2.35 16.64
CA THR H 63 -36.14 -3.52 17.11
C THR H 63 -36.55 -4.22 15.84
N PRO H 64 -36.89 -5.51 15.93
CA PRO H 64 -37.30 -6.27 14.75
C PRO H 64 -38.35 -5.58 13.88
N ALA H 65 -38.99 -4.53 14.40
CA ALA H 65 -40.00 -3.82 13.64
C ALA H 65 -39.36 -3.24 12.37
N THR H 66 -38.03 -3.12 12.40
CA THR H 66 -37.29 -2.61 11.26
C THR H 66 -37.02 -3.72 10.29
N GLY H 67 -37.09 -4.94 10.80
CA GLY H 67 -36.82 -6.11 10.00
C GLY H 67 -35.54 -6.75 10.48
N SER H 68 -35.01 -6.25 11.59
CA SER H 68 -33.79 -6.81 12.14
C SER H 68 -34.22 -8.01 12.97
N HIS H 69 -33.26 -8.71 13.57
CA HIS H 69 -33.59 -9.84 14.41
C HIS H 69 -33.03 -9.54 15.80
N PHE H 70 -32.55 -8.31 15.96
CA PHE H 70 -31.96 -7.84 17.21
C PHE H 70 -32.54 -6.48 17.63
N VAL H 71 -32.34 -6.13 18.89
CA VAL H 71 -32.78 -4.85 19.43
C VAL H 71 -31.51 -4.16 19.91
N MET H 72 -31.46 -2.84 19.73
CA MET H 72 -30.32 -2.05 20.16
C MET H 72 -30.87 -0.91 21.00
N TYR H 73 -30.48 -0.83 22.26
CA TYR H 73 -30.98 0.25 23.08
C TYR H 73 -29.94 0.88 23.99
N LEU H 74 -30.23 2.11 24.40
CA LEU H 74 -29.37 2.86 25.28
C LEU H 74 -30.02 2.88 26.64
N ALA H 75 -29.29 2.41 27.65
CA ALA H 75 -29.82 2.38 29.01
C ALA H 75 -29.14 3.45 29.86
N LYS H 76 -29.88 4.48 30.24
CA LYS H 76 -29.35 5.56 31.07
C LYS H 76 -29.48 5.26 32.57
N MET H 77 -28.57 4.44 33.11
CA MET H 77 -28.59 4.07 34.53
C MET H 77 -28.19 5.22 35.45
N LYS H 78 -29.09 5.57 36.37
CA LYS H 78 -28.85 6.65 37.34
C LYS H 78 -28.41 6.09 38.67
N GLU H 79 -28.40 6.94 39.69
CA GLU H 79 -27.98 6.49 41.02
C GLU H 79 -28.81 5.32 41.56
N MET H 80 -28.10 4.42 42.24
CA MET H 80 -28.67 3.21 42.85
C MET H 80 -29.66 2.55 41.92
N SER H 81 -29.18 2.22 40.72
CA SER H 81 -30.00 1.58 39.71
C SER H 81 -29.62 0.13 39.58
N SER H 82 -30.44 -0.63 38.87
CA SER H 82 -30.20 -2.06 38.66
C SER H 82 -30.77 -2.49 37.31
N SER H 83 -30.28 -3.60 36.79
CA SER H 83 -30.76 -4.11 35.52
C SER H 83 -31.87 -5.13 35.69
N GLY H 84 -32.66 -5.34 34.64
CA GLY H 84 -33.73 -6.32 34.70
C GLY H 84 -33.25 -7.46 33.84
N LEU H 85 -33.81 -8.66 34.05
CA LEU H 85 -33.39 -9.80 33.23
C LEU H 85 -34.14 -9.77 31.92
N PRO H 86 -33.54 -10.35 30.87
CA PRO H 86 -34.21 -10.36 29.57
C PRO H 86 -35.27 -11.45 29.55
N PRO H 87 -35.99 -11.57 28.43
CA PRO H 87 -37.00 -12.62 28.41
C PRO H 87 -36.22 -13.94 28.26
N GLN H 88 -36.92 -15.04 28.06
CA GLN H 88 -36.27 -16.33 27.95
C GLN H 88 -35.67 -16.67 26.59
N ASP H 89 -34.41 -17.13 26.60
CA ASP H 89 -33.68 -17.52 25.41
C ASP H 89 -33.12 -16.35 24.62
N ILE H 90 -33.02 -15.22 25.30
CA ILE H 90 -32.50 -13.98 24.73
C ILE H 90 -31.09 -13.66 25.23
N GLU H 91 -30.10 -13.79 24.37
CA GLU H 91 -28.74 -13.47 24.76
C GLU H 91 -28.70 -11.94 24.96
N ARG H 92 -27.66 -11.46 25.62
CA ARG H 92 -27.57 -10.02 25.88
C ARG H 92 -26.12 -9.56 25.89
N LEU H 93 -25.88 -8.37 25.35
CA LEU H 93 -24.56 -7.78 25.32
C LEU H 93 -24.66 -6.31 25.73
N ILE H 94 -23.87 -5.92 26.72
CA ILE H 94 -23.87 -4.54 27.17
C ILE H 94 -22.45 -4.00 27.03
N PHE H 95 -22.35 -2.72 26.70
CA PHE H 95 -21.07 -2.04 26.51
C PHE H 95 -21.11 -0.75 27.33
N VAL H 96 -20.03 -0.46 28.06
CA VAL H 96 -19.99 0.73 28.91
C VAL H 96 -19.44 1.96 28.21
N VAL H 97 -20.32 2.91 27.93
CA VAL H 97 -19.95 4.14 27.24
C VAL H 97 -19.56 5.26 28.22
N GLU H 98 -20.28 5.35 29.33
CA GLU H 98 -20.01 6.37 30.37
C GLU H 98 -20.27 5.77 31.76
N GLY H 99 -19.49 6.21 32.74
CA GLY H 99 -19.68 5.75 34.10
C GLY H 99 -19.18 4.36 34.47
N ALA H 100 -19.80 3.79 35.49
CA ALA H 100 -19.43 2.46 35.99
C ALA H 100 -20.60 1.68 36.60
N VAL H 101 -20.57 0.37 36.46
CA VAL H 101 -21.60 -0.48 37.00
C VAL H 101 -21.02 -1.87 37.26
N THR H 102 -21.46 -2.50 38.35
CA THR H 102 -20.96 -3.83 38.71
C THR H 102 -21.76 -4.97 38.10
N LEU H 103 -21.06 -6.06 37.78
CA LEU H 103 -21.68 -7.25 37.20
C LEU H 103 -21.60 -8.44 38.15
N THR H 104 -22.75 -9.05 38.37
CA THR H 104 -22.90 -10.21 39.25
C THR H 104 -23.77 -11.20 38.51
N ASN H 105 -24.04 -12.33 39.13
CA ASN H 105 -24.92 -13.33 38.52
C ASN H 105 -26.08 -13.70 39.48
N SER H 108 -20.50 -16.38 39.65
CA SER H 108 -19.27 -16.93 39.08
C SER H 108 -18.17 -15.85 39.03
N SER H 109 -18.07 -15.09 40.13
CA SER H 109 -17.08 -14.02 40.29
C SER H 109 -17.62 -12.69 39.72
N SER H 110 -18.01 -11.77 40.61
CA SER H 110 -18.54 -10.47 40.19
C SER H 110 -17.38 -9.50 39.89
N LYS H 111 -17.54 -8.68 38.84
CA LYS H 111 -16.48 -7.74 38.44
C LYS H 111 -16.98 -6.33 38.18
N LYS H 112 -16.10 -5.35 38.36
CA LYS H 112 -16.43 -3.95 38.12
C LYS H 112 -16.24 -3.69 36.63
N LEU H 113 -17.18 -2.97 36.04
CA LEU H 113 -17.15 -2.67 34.61
C LEU H 113 -17.15 -1.18 34.35
N THR H 114 -16.00 -0.63 33.95
CA THR H 114 -15.93 0.80 33.68
C THR H 114 -16.10 1.09 32.18
N VAL H 115 -15.90 2.35 31.82
CA VAL H 115 -16.00 2.82 30.44
C VAL H 115 -15.18 1.88 29.59
N ASP H 116 -15.70 1.54 28.43
CA ASP H 116 -15.01 0.64 27.50
C ASP H 116 -15.04 -0.84 27.91
N SER H 117 -15.65 -1.14 29.06
CA SER H 117 -15.76 -2.53 29.49
C SER H 117 -17.10 -3.04 28.92
N TYR H 118 -17.27 -4.36 28.84
CA TYR H 118 -18.49 -4.94 28.29
C TYR H 118 -18.72 -6.39 28.75
N ALA H 119 -19.93 -6.90 28.51
CA ALA H 119 -20.24 -8.27 28.90
C ALA H 119 -21.31 -8.90 28.04
N TYR H 120 -21.16 -10.21 27.79
CA TYR H 120 -22.08 -10.97 26.98
C TYR H 120 -22.65 -12.10 27.83
N LEU H 121 -23.97 -12.13 27.95
CA LEU H 121 -24.64 -13.14 28.77
C LEU H 121 -25.42 -14.08 27.87
N PRO H 122 -25.09 -15.38 27.92
CA PRO H 122 -25.79 -16.36 27.07
C PRO H 122 -27.25 -16.42 27.46
N PRO H 123 -28.08 -16.96 26.55
CA PRO H 123 -29.49 -17.04 26.89
C PRO H 123 -29.69 -17.80 28.21
N ASN H 124 -30.59 -17.28 29.05
CA ASN H 124 -30.93 -17.88 30.34
C ASN H 124 -29.81 -17.91 31.38
N PHE H 125 -28.90 -16.94 31.30
CA PHE H 125 -27.80 -16.84 32.25
C PHE H 125 -28.14 -15.73 33.24
N HIS H 126 -28.46 -16.09 34.49
CA HIS H 126 -28.79 -15.08 35.47
C HIS H 126 -27.61 -14.14 35.76
N HIS H 127 -27.89 -12.84 35.72
CA HIS H 127 -26.88 -11.84 35.99
C HIS H 127 -27.59 -10.60 36.50
N SER H 128 -26.81 -9.60 36.90
CA SER H 128 -27.35 -8.36 37.39
C SER H 128 -26.31 -7.25 37.26
N LEU H 129 -26.75 -6.09 36.78
CA LEU H 129 -25.86 -4.97 36.64
C LEU H 129 -26.32 -3.89 37.61
N ASP H 130 -25.44 -3.54 38.55
CA ASP H 130 -25.74 -2.55 39.57
C ASP H 130 -24.88 -1.30 39.44
N CYS H 131 -25.56 -0.16 39.43
CA CYS H 131 -24.92 1.13 39.29
C CYS H 131 -25.09 2.05 40.50
N VAL H 132 -23.98 2.47 41.10
CA VAL H 132 -24.04 3.37 42.24
C VAL H 132 -24.35 4.79 41.79
N GLU H 133 -23.38 5.46 41.18
CA GLU H 133 -23.60 6.85 40.72
C GLU H 133 -24.39 6.94 39.42
N SER H 134 -23.70 6.77 38.29
CA SER H 134 -24.34 6.83 36.97
C SER H 134 -23.58 6.00 35.95
N ALA H 135 -24.32 5.56 34.94
CA ALA H 135 -23.71 4.77 33.89
C ALA H 135 -24.55 4.90 32.65
N THR H 136 -23.91 4.65 31.51
CA THR H 136 -24.58 4.67 30.22
C THR H 136 -24.22 3.37 29.51
N LEU H 137 -25.24 2.61 29.16
CA LEU H 137 -25.07 1.32 28.49
C LEU H 137 -25.77 1.17 27.16
N VAL H 138 -25.04 0.71 26.15
CA VAL H 138 -25.68 0.45 24.88
C VAL H 138 -25.79 -1.06 24.96
N VAL H 139 -26.95 -1.62 24.66
CA VAL H 139 -27.07 -3.07 24.74
C VAL H 139 -27.71 -3.71 23.51
N PHE H 140 -27.40 -4.97 23.29
CA PHE H 140 -27.93 -5.72 22.16
C PHE H 140 -28.53 -7.02 22.69
N GLU H 141 -29.76 -7.33 22.29
CA GLU H 141 -30.41 -8.55 22.73
C GLU H 141 -30.93 -9.27 21.50
N ARG H 142 -31.18 -10.56 21.63
CA ARG H 142 -31.66 -11.33 20.48
C ARG H 142 -32.10 -12.74 20.87
N ARG H 143 -33.06 -13.27 20.12
CA ARG H 143 -33.55 -14.62 20.37
C ARG H 143 -32.42 -15.49 19.83
N TYR H 144 -31.52 -15.86 20.72
CA TYR H 144 -30.38 -16.68 20.36
C TYR H 144 -30.79 -17.90 19.52
N GLU H 145 -30.13 -18.06 18.38
CA GLU H 145 -30.42 -19.19 17.50
C GLU H 145 -29.55 -20.38 17.87
N TYR H 146 -30.19 -21.41 18.39
CA TYR H 146 -29.49 -22.62 18.77
C TYR H 146 -29.12 -23.39 17.51
N LEU H 147 -27.94 -24.00 17.55
CA LEU H 147 -27.44 -24.80 16.45
C LEU H 147 -26.77 -26.02 17.09
N GLY H 148 -27.29 -27.21 16.77
CA GLY H 148 -26.73 -28.42 17.32
C GLY H 148 -26.67 -28.41 18.84
N SER H 149 -25.56 -28.87 19.41
CA SER H 149 -25.39 -28.94 20.87
C SER H 149 -24.53 -27.79 21.38
N HIS H 150 -24.30 -26.80 20.52
CA HIS H 150 -23.50 -25.64 20.89
C HIS H 150 -24.18 -24.73 21.88
N THR H 151 -23.37 -24.04 22.68
CA THR H 151 -23.88 -23.12 23.69
C THR H 151 -22.77 -22.12 23.94
N THR H 152 -23.12 -20.84 24.00
CA THR H 152 -22.10 -19.82 24.26
C THR H 152 -21.87 -19.74 25.76
N GLU H 153 -20.96 -18.87 26.19
CA GLU H 153 -20.66 -18.79 27.62
C GLU H 153 -20.27 -17.39 28.07
N LEU H 154 -20.39 -17.14 29.36
CA LEU H 154 -20.05 -15.85 29.94
C LEU H 154 -18.76 -15.25 29.39
N ILE H 155 -18.90 -14.08 28.80
CA ILE H 155 -17.77 -13.34 28.26
C ILE H 155 -17.82 -11.97 28.91
N VAL H 156 -16.69 -11.59 29.52
CA VAL H 156 -16.55 -10.32 30.21
C VAL H 156 -15.18 -9.79 29.84
N GLY H 157 -15.09 -8.51 29.49
CA GLY H 157 -13.80 -7.98 29.13
C GLY H 157 -13.75 -6.49 28.91
N SER H 158 -12.79 -6.09 28.10
CA SER H 158 -12.59 -4.69 27.77
C SER H 158 -12.11 -4.58 26.32
N THR H 159 -12.38 -3.43 25.70
CA THR H 159 -11.99 -3.19 24.32
C THR H 159 -10.49 -3.27 24.09
N ASP H 160 -9.74 -2.58 24.95
CA ASP H 160 -8.28 -2.48 24.87
C ASP H 160 -7.49 -3.76 25.15
N LYS H 161 -8.17 -4.84 25.53
CA LYS H 161 -7.46 -6.07 25.81
C LYS H 161 -7.72 -7.06 24.71
N GLN H 162 -8.40 -6.59 23.67
CA GLN H 162 -8.70 -7.42 22.52
C GLN H 162 -7.66 -7.03 21.50
N PRO H 163 -7.14 -8.00 20.76
CA PRO H 163 -6.13 -7.80 19.73
C PRO H 163 -6.67 -7.35 18.39
N LEU H 164 -5.78 -6.78 17.58
CA LEU H 164 -6.11 -6.32 16.24
C LEU H 164 -6.19 -7.54 15.32
N LEU H 165 -7.34 -7.72 14.69
CA LEU H 165 -7.53 -8.85 13.78
C LEU H 165 -7.12 -8.42 12.38
N GLU H 166 -6.92 -9.38 11.48
CA GLU H 166 -6.51 -9.04 10.11
C GLU H 166 -7.70 -8.51 9.29
N THR H 167 -7.45 -7.45 8.54
CA THR H 167 -8.48 -6.86 7.70
C THR H 167 -7.99 -6.89 6.26
N PRO H 168 -8.09 -8.06 5.61
CA PRO H 168 -7.63 -8.18 4.22
C PRO H 168 -8.26 -7.14 3.28
N GLY H 169 -7.41 -6.41 2.57
CA GLY H 169 -7.89 -5.41 1.64
C GLY H 169 -8.32 -4.09 2.25
N GLU H 170 -8.51 -4.06 3.57
CA GLU H 170 -8.93 -2.85 4.27
C GLU H 170 -7.83 -2.26 5.17
N VAL H 171 -7.98 -0.99 5.54
CA VAL H 171 -6.98 -0.31 6.37
C VAL H 171 -7.42 0.05 7.79
N PHE H 172 -8.67 -0.22 8.14
CA PHE H 172 -9.13 0.12 9.48
C PHE H 172 -8.60 -0.87 10.52
N GLU H 173 -8.51 -0.46 11.77
CA GLU H 173 -8.04 -1.35 12.83
C GLU H 173 -9.22 -2.09 13.39
N LEU H 174 -9.14 -3.41 13.40
CA LEU H 174 -10.25 -4.23 13.85
C LEU H 174 -10.10 -5.00 15.15
N ARG H 175 -11.17 -4.99 15.94
CA ARG H 175 -11.24 -5.70 17.21
C ARG H 175 -12.63 -6.29 17.34
N LYS H 176 -12.73 -7.54 17.76
CA LYS H 176 -14.04 -8.16 17.98
C LYS H 176 -14.12 -8.39 19.48
N LEU H 177 -15.28 -8.18 20.06
CA LEU H 177 -15.42 -8.33 21.50
C LEU H 177 -15.70 -9.76 21.97
N LEU H 178 -16.27 -10.59 21.09
CA LEU H 178 -16.61 -11.95 21.46
C LEU H 178 -15.87 -12.98 20.61
N PRO H 179 -15.98 -14.26 20.96
CA PRO H 179 -15.32 -15.32 20.21
C PRO H 179 -15.94 -15.43 18.82
N MET H 180 -15.24 -16.07 17.90
CA MET H 180 -15.73 -16.24 16.54
C MET H 180 -16.23 -17.65 16.26
N SER H 181 -16.16 -18.51 17.27
CA SER H 181 -16.60 -19.89 17.15
C SER H 181 -18.10 -20.08 16.91
N VAL H 182 -18.41 -21.16 16.18
CA VAL H 182 -19.78 -21.55 15.79
C VAL H 182 -20.95 -21.18 16.72
N ALA H 183 -20.84 -21.50 18.02
CA ALA H 183 -21.91 -21.23 18.97
C ALA H 183 -22.50 -19.83 18.87
N TYR H 184 -21.63 -18.83 18.90
CA TYR H 184 -22.03 -17.43 18.81
C TYR H 184 -22.65 -17.08 17.47
N ASP H 185 -23.85 -16.50 17.50
CA ASP H 185 -24.50 -16.12 16.25
C ASP H 185 -24.26 -14.67 15.83
N PHE H 186 -23.62 -13.88 16.68
CA PHE H 186 -23.30 -12.51 16.32
C PHE H 186 -21.99 -12.11 16.99
N ASN H 187 -21.52 -10.91 16.67
CA ASN H 187 -20.31 -10.41 17.27
C ASN H 187 -20.43 -8.89 17.33
N ILE H 188 -19.56 -8.24 18.07
CA ILE H 188 -19.57 -6.78 18.14
C ILE H 188 -18.15 -6.37 17.76
N HIS H 189 -18.05 -5.56 16.71
CA HIS H 189 -16.75 -5.11 16.23
C HIS H 189 -16.42 -3.69 16.65
N THR H 190 -15.13 -3.43 16.76
CA THR H 190 -14.57 -2.13 17.07
C THR H 190 -13.84 -1.75 15.80
N MET H 191 -14.17 -0.61 15.20
CA MET H 191 -13.49 -0.23 13.98
C MET H 191 -12.96 1.19 13.96
N ASP H 192 -11.63 1.31 14.02
CA ASP H 192 -10.96 2.60 14.04
C ASP H 192 -10.42 2.98 12.67
N PHE H 193 -10.72 4.20 12.26
CA PHE H 193 -10.26 4.76 10.99
C PHE H 193 -9.49 6.02 11.32
N GLN H 194 -8.42 6.26 10.59
CA GLN H 194 -7.63 7.46 10.83
C GLN H 194 -8.21 8.50 9.86
N PRO H 195 -8.08 9.80 10.18
CA PRO H 195 -8.60 10.87 9.32
C PRO H 195 -8.13 10.73 7.88
N GLY H 196 -9.08 10.52 6.97
CA GLY H 196 -8.72 10.37 5.58
C GLY H 196 -8.85 8.94 5.13
N GLU H 197 -8.91 8.01 6.09
CA GLU H 197 -9.04 6.59 5.79
C GLU H 197 -10.50 6.23 5.55
N PHE H 198 -10.74 5.30 4.63
CA PHE H 198 -12.09 4.89 4.31
C PHE H 198 -12.16 3.41 3.90
N LEU H 199 -13.37 2.88 3.77
CA LEU H 199 -13.56 1.49 3.38
C LEU H 199 -13.29 1.36 1.89
N ASN H 200 -12.43 0.40 1.53
CA ASN H 200 -12.08 0.18 0.13
C ASN H 200 -13.17 -0.56 -0.62
N VAL H 201 -13.79 -1.52 0.06
CA VAL H 201 -14.85 -2.30 -0.55
C VAL H 201 -16.19 -1.63 -0.25
N LYS H 202 -16.99 -1.41 -1.30
CA LYS H 202 -18.30 -0.79 -1.12
C LYS H 202 -19.27 -1.92 -0.83
N GLU H 203 -19.20 -2.37 0.41
CA GLU H 203 -19.99 -3.48 0.90
C GLU H 203 -21.46 -3.61 0.52
N VAL H 204 -21.84 -4.87 0.33
CA VAL H 204 -23.19 -5.30 0.01
C VAL H 204 -23.14 -6.75 0.50
N HIS H 205 -23.73 -6.99 1.66
CA HIS H 205 -23.73 -8.32 2.25
C HIS H 205 -25.03 -8.64 2.97
N TYR H 206 -25.35 -9.93 3.07
CA TYR H 206 -26.57 -10.39 3.74
C TYR H 206 -26.54 -10.02 5.22
N ASN H 207 -25.34 -9.82 5.75
CA ASN H 207 -25.19 -9.46 7.14
C ASN H 207 -25.95 -8.16 7.43
N GLN H 208 -26.36 -7.97 8.68
CA GLN H 208 -27.07 -6.76 9.08
C GLN H 208 -26.33 -6.07 10.22
N HIS H 209 -26.45 -4.75 10.29
CA HIS H 209 -25.75 -4.01 11.33
C HIS H 209 -26.59 -3.05 12.16
N GLY H 210 -26.02 -2.75 13.32
CA GLY H 210 -26.56 -1.81 14.28
C GLY H 210 -25.25 -1.17 14.68
N LEU H 211 -25.07 0.14 14.48
CA LEU H 211 -23.80 0.77 14.85
C LEU H 211 -23.86 2.10 15.59
N LEU H 212 -22.92 2.28 16.50
CA LEU H 212 -22.81 3.47 17.31
C LEU H 212 -21.44 4.11 17.12
N LEU H 213 -21.43 5.36 16.68
CA LEU H 213 -20.15 6.04 16.49
C LEU H 213 -19.67 6.56 17.85
N LEU H 214 -18.61 5.95 18.37
CA LEU H 214 -18.08 6.32 19.67
C LEU H 214 -17.24 7.59 19.65
N GLU H 215 -16.36 7.74 18.65
CA GLU H 215 -15.51 8.94 18.56
C GLU H 215 -15.29 9.37 17.11
N GLY H 216 -14.91 10.64 16.94
CA GLY H 216 -14.61 11.15 15.61
C GLY H 216 -15.81 11.54 14.80
N GLN H 217 -15.61 11.68 13.49
CA GLN H 217 -16.67 12.06 12.58
C GLN H 217 -16.29 11.68 11.16
N GLY H 218 -17.29 11.69 10.28
CA GLY H 218 -17.03 11.34 8.89
C GLY H 218 -18.27 11.32 8.02
N ILE H 219 -18.16 10.71 6.84
CA ILE H 219 -19.29 10.62 5.94
C ILE H 219 -19.65 9.15 5.78
N TYR H 220 -20.91 8.81 6.00
CA TYR H 220 -21.34 7.44 5.86
C TYR H 220 -22.25 7.35 4.63
N ARG H 221 -21.99 6.40 3.73
CA ARG H 221 -22.85 6.25 2.57
C ARG H 221 -23.73 5.01 2.72
N LEU H 222 -25.04 5.21 2.66
CA LEU H 222 -25.99 4.12 2.79
C LEU H 222 -26.93 4.19 1.59
N GLY H 223 -26.82 3.18 0.72
CA GLY H 223 -27.62 3.17 -0.49
C GLY H 223 -27.08 4.30 -1.34
N ASP H 224 -27.96 5.15 -1.81
CA ASP H 224 -27.51 6.27 -2.62
C ASP H 224 -27.60 7.55 -1.79
N ASN H 225 -27.61 7.39 -0.47
CA ASN H 225 -27.71 8.52 0.45
C ASN H 225 -26.37 8.75 1.13
N TRP H 226 -26.01 10.01 1.35
CA TRP H 226 -24.74 10.32 2.01
C TRP H 226 -25.06 11.06 3.30
N TYR H 227 -24.48 10.62 4.41
CA TYR H 227 -24.78 11.25 5.70
C TYR H 227 -23.61 11.74 6.54
N PRO H 228 -23.61 13.04 6.90
CA PRO H 228 -22.52 13.53 7.74
C PRO H 228 -22.86 12.98 9.12
N VAL H 229 -21.86 12.46 9.82
CA VAL H 229 -22.08 11.88 11.13
C VAL H 229 -21.05 12.35 12.15
N GLN H 230 -21.45 12.37 13.42
CA GLN H 230 -20.60 12.79 14.52
C GLN H 230 -20.75 11.75 15.61
N ALA H 231 -19.78 11.70 16.53
CA ALA H 231 -19.85 10.74 17.62
C ALA H 231 -21.24 10.84 18.25
N GLY H 232 -21.81 9.70 18.62
CA GLY H 232 -23.13 9.69 19.22
C GLY H 232 -24.21 9.20 18.28
N ASP H 233 -24.02 9.38 16.98
CA ASP H 233 -25.02 8.94 16.03
C ASP H 233 -25.12 7.43 16.01
N VAL H 234 -26.30 6.93 15.70
CA VAL H 234 -26.54 5.50 15.62
C VAL H 234 -27.02 5.20 14.21
N ILE H 235 -26.59 4.06 13.67
CA ILE H 235 -26.98 3.64 12.33
C ILE H 235 -27.52 2.22 12.31
N TRP H 236 -28.58 2.03 11.53
CA TRP H 236 -29.21 0.74 11.34
C TRP H 236 -28.94 0.42 9.86
N MET H 237 -28.45 -0.77 9.58
CA MET H 237 -28.18 -1.21 8.21
C MET H 237 -28.87 -2.54 7.91
N ALA H 238 -29.98 -2.49 7.18
CA ALA H 238 -30.69 -3.71 6.84
C ALA H 238 -29.83 -4.52 5.90
N PRO H 239 -30.09 -5.83 5.80
CA PRO H 239 -29.32 -6.68 4.91
C PRO H 239 -29.24 -6.12 3.50
N PHE H 240 -28.07 -6.29 2.88
CA PHE H 240 -27.79 -5.84 1.52
C PHE H 240 -27.76 -4.36 1.18
N VAL H 241 -27.95 -3.49 2.15
CA VAL H 241 -27.89 -2.08 1.82
C VAL H 241 -26.43 -1.72 1.56
N PRO H 242 -26.14 -1.12 0.40
CA PRO H 242 -24.77 -0.72 0.07
C PRO H 242 -24.24 0.17 1.19
N GLN H 243 -23.04 -0.09 1.69
CA GLN H 243 -22.51 0.72 2.78
C GLN H 243 -21.08 1.14 2.57
N TRP H 244 -20.72 2.26 3.20
CA TRP H 244 -19.38 2.83 3.08
C TRP H 244 -19.16 3.93 4.14
N TYR H 245 -17.91 4.10 4.58
CA TYR H 245 -17.60 5.14 5.57
C TYR H 245 -16.28 5.84 5.28
N ALA H 246 -16.18 7.10 5.70
CA ALA H 246 -14.98 7.91 5.53
C ALA H 246 -14.72 8.74 6.78
N ALA H 247 -13.55 8.58 7.40
CA ALA H 247 -13.23 9.34 8.61
C ALA H 247 -12.66 10.72 8.31
N LEU H 248 -13.22 11.73 8.97
CA LEU H 248 -12.79 13.10 8.77
C LEU H 248 -12.42 13.79 10.08
N GLY H 249 -11.72 14.91 9.98
CA GLY H 249 -11.35 15.67 11.17
C GLY H 249 -9.93 15.48 11.67
N LYS H 250 -9.64 16.02 12.86
CA LYS H 250 -8.32 15.92 13.47
C LYS H 250 -8.22 14.60 14.23
N THR H 251 -9.31 14.24 14.90
CA THR H 251 -9.39 13.04 15.71
C THR H 251 -9.82 11.81 14.90
N ARG H 252 -9.33 10.64 15.29
CA ARG H 252 -9.69 9.41 14.59
C ARG H 252 -11.17 9.11 14.77
N SER H 253 -11.67 8.11 14.06
CA SER H 253 -13.07 7.69 14.17
C SER H 253 -13.10 6.31 14.82
N ARG H 254 -14.13 6.06 15.62
CA ARG H 254 -14.29 4.76 16.28
C ARG H 254 -15.76 4.46 16.48
N TYR H 255 -16.24 3.41 15.82
CA TYR H 255 -17.63 3.04 15.98
C TYR H 255 -17.83 1.57 16.34
N LEU H 256 -18.74 1.34 17.27
CA LEU H 256 -19.08 -0.01 17.75
C LEU H 256 -20.06 -0.62 16.75
N LEU H 257 -19.97 -1.91 16.51
CA LEU H 257 -20.83 -2.50 15.50
C LEU H 257 -21.30 -3.93 15.66
N TYR H 258 -22.62 -4.11 15.63
CA TYR H 258 -23.22 -5.44 15.72
C TYR H 258 -23.11 -6.10 14.35
N LYS H 259 -23.07 -7.42 14.33
CA LYS H 259 -22.98 -8.13 13.07
C LYS H 259 -23.35 -9.59 13.30
N ASP H 260 -24.28 -10.09 12.51
CA ASP H 260 -24.72 -11.47 12.65
C ASP H 260 -23.76 -12.42 11.95
N VAL H 261 -23.52 -13.57 12.58
CA VAL H 261 -22.59 -14.55 12.03
C VAL H 261 -22.97 -16.02 12.27
N ASN H 262 -22.10 -16.88 11.74
CA ASN H 262 -22.17 -18.32 11.81
C ASN H 262 -23.51 -19.04 11.70
N ARG H 263 -24.33 -18.61 10.74
CA ARG H 263 -25.62 -19.26 10.53
C ARG H 263 -25.97 -19.18 9.06
N ASN H 264 -26.30 -20.33 8.48
CA ASN H 264 -26.66 -20.39 7.08
C ASN H 264 -27.73 -19.31 6.83
N PRO H 265 -27.38 -18.28 6.04
CA PRO H 265 -28.28 -17.18 5.71
C PRO H 265 -29.56 -17.66 5.00
N LEU H 266 -29.47 -18.82 4.37
CA LEU H 266 -30.64 -19.34 3.68
C LEU H 266 -31.64 -19.80 4.72
N PRO I 7 67.99 4.04 33.80
CA PRO I 7 66.69 4.49 34.35
C PRO I 7 65.67 3.34 34.34
N ILE I 8 65.63 2.58 35.43
CA ILE I 8 64.73 1.42 35.58
C ILE I 8 63.26 1.62 35.17
N TYR I 9 62.83 0.84 34.18
CA TYR I 9 61.45 0.88 33.70
C TYR I 9 61.02 2.24 33.15
N TRP I 10 61.99 3.11 32.89
CA TRP I 10 61.68 4.44 32.36
C TRP I 10 60.75 4.32 31.15
N LYS I 11 61.16 3.53 30.16
CA LYS I 11 60.38 3.32 28.94
C LYS I 11 58.92 2.93 29.19
N ALA I 12 58.65 2.30 30.34
CA ALA I 12 57.31 1.86 30.67
C ALA I 12 56.33 3.02 30.88
N THR I 13 56.84 4.16 31.35
CA THR I 13 56.00 5.35 31.57
C THR I 13 56.26 6.43 30.50
N ASN I 14 57.21 6.15 29.61
CA ASN I 14 57.55 7.05 28.52
C ASN I 14 57.85 6.19 27.28
N PRO I 15 56.82 5.52 26.75
CA PRO I 15 56.97 4.67 25.57
C PRO I 15 57.45 5.44 24.37
N THR I 16 58.34 4.83 23.59
CA THR I 16 58.87 5.46 22.39
C THR I 16 57.74 6.06 21.55
N LEU I 17 56.74 5.25 21.20
CA LEU I 17 55.60 5.78 20.45
C LEU I 17 54.65 6.26 21.53
N SER I 18 54.56 7.57 21.71
CA SER I 18 53.70 8.13 22.73
C SER I 18 52.36 8.59 22.20
N PRO I 19 51.37 8.69 23.08
CA PRO I 19 50.05 9.12 22.67
C PRO I 19 50.06 10.46 21.90
N SER I 20 50.81 11.45 22.39
CA SER I 20 50.84 12.75 21.73
C SER I 20 51.32 12.68 20.27
N HIS I 21 51.96 11.57 19.91
CA HIS I 21 52.49 11.37 18.56
C HIS I 21 51.43 11.07 17.53
N LEU I 22 50.23 10.78 18.01
CA LEU I 22 49.11 10.44 17.15
C LEU I 22 48.07 11.54 17.18
N GLN I 23 48.44 12.76 17.58
CA GLN I 23 47.47 13.85 17.66
C GLN I 23 46.88 14.27 16.32
N ASP I 24 47.54 13.90 15.23
CA ASP I 24 47.03 14.24 13.92
C ASP I 24 46.65 12.97 13.15
N LEU I 25 46.24 11.95 13.91
CA LEU I 25 45.78 10.66 13.39
C LEU I 25 44.53 10.28 14.19
N PRO I 26 43.37 10.87 13.85
CA PRO I 26 42.06 10.66 14.48
C PRO I 26 41.58 9.21 14.51
N GLY I 27 41.21 8.74 15.69
CA GLY I 27 40.71 7.39 15.82
C GLY I 27 41.77 6.30 15.89
N PHE I 28 42.95 6.57 15.35
CA PHE I 28 44.04 5.61 15.34
C PHE I 28 44.43 5.10 16.73
N THR I 29 44.66 3.79 16.82
CA THR I 29 45.07 3.15 18.06
C THR I 29 45.67 1.78 17.78
N ARG I 30 46.65 1.39 18.58
CA ARG I 30 47.27 0.10 18.40
C ARG I 30 46.45 -0.91 19.18
N SER I 31 45.56 -0.41 20.03
CA SER I 31 44.75 -1.29 20.85
C SER I 31 43.75 -2.19 20.12
N VAL I 32 43.57 -3.36 20.71
CA VAL I 32 42.67 -4.36 20.18
C VAL I 32 42.11 -5.11 21.37
N TYR I 33 40.88 -5.56 21.26
CA TYR I 33 40.23 -6.30 22.34
C TYR I 33 39.43 -7.38 21.63
N LYS I 34 39.85 -8.63 21.77
CA LYS I 34 39.14 -9.71 21.12
C LYS I 34 38.52 -10.70 22.09
N ARG I 35 37.88 -11.72 21.54
CA ARG I 35 37.23 -12.75 22.31
C ARG I 35 38.14 -13.38 23.36
N ASP I 36 39.34 -13.79 22.97
CA ASP I 36 40.24 -14.42 23.94
C ASP I 36 41.50 -13.65 24.37
N HIS I 37 41.68 -12.45 23.86
CA HIS I 37 42.85 -11.66 24.26
C HIS I 37 42.67 -10.15 24.04
N ALA I 38 43.72 -9.40 24.32
CA ALA I 38 43.68 -7.95 24.14
C ALA I 38 45.04 -7.32 24.34
N LEU I 39 45.30 -6.31 23.53
CA LEU I 39 46.53 -5.54 23.58
C LEU I 39 46.07 -4.12 23.86
N ILE I 40 46.19 -3.69 25.11
CA ILE I 40 45.78 -2.34 25.50
C ILE I 40 47.01 -1.42 25.47
N THR I 41 46.93 -0.32 24.74
CA THR I 41 48.05 0.61 24.64
C THR I 41 47.79 1.99 25.27
N PRO I 42 48.86 2.73 25.64
CA PRO I 42 48.83 4.05 26.26
C PRO I 42 47.88 5.09 25.70
N GLU I 43 47.60 5.06 24.40
CA GLU I 43 46.68 6.05 23.85
C GLU I 43 45.23 5.73 24.17
N SER I 44 45.01 4.56 24.75
CA SER I 44 43.66 4.11 25.08
C SER I 44 43.36 4.05 26.58
N HIS I 45 44.35 4.31 27.42
CA HIS I 45 44.13 4.30 28.87
C HIS I 45 43.14 5.37 29.23
N VAL I 46 42.16 5.01 30.03
CA VAL I 46 41.17 5.99 30.43
C VAL I 46 41.35 6.18 31.92
N TYR I 47 42.03 7.25 32.31
CA TYR I 47 42.26 7.54 33.71
C TYR I 47 41.11 8.30 34.33
N SER I 48 40.80 7.98 35.59
CA SER I 48 39.73 8.64 36.32
C SER I 48 39.90 8.36 37.82
N PRO I 49 39.47 9.30 38.68
CA PRO I 49 39.58 9.14 40.14
C PRO I 49 39.12 7.77 40.66
N LEU I 50 39.97 7.15 41.49
CA LEU I 50 39.67 5.86 42.10
C LEU I 50 38.91 6.11 43.39
N PRO I 51 37.70 5.53 43.51
CA PRO I 51 36.92 5.73 44.73
C PRO I 51 37.71 5.27 45.97
N ASP I 52 37.35 5.80 47.14
CA ASP I 52 38.03 5.41 48.37
C ASP I 52 39.52 5.72 48.38
N TRP I 53 40.04 6.13 47.23
CA TRP I 53 41.44 6.51 47.16
C TRP I 53 41.42 8.02 47.25
N THR I 54 42.51 8.61 47.76
CA THR I 54 42.57 10.05 47.89
C THR I 54 43.55 10.66 46.89
N ASN I 55 42.98 11.46 45.98
CA ASN I 55 43.77 12.13 44.97
C ASN I 55 44.63 11.13 44.18
N THR I 56 43.97 10.19 43.54
CA THR I 56 44.67 9.18 42.76
C THR I 56 43.91 8.78 41.49
N LEU I 57 44.48 9.10 40.33
CA LEU I 57 43.85 8.74 39.06
C LEU I 57 44.20 7.29 38.74
N GLY I 58 43.19 6.46 38.53
CA GLY I 58 43.46 5.07 38.23
C GLY I 58 42.79 4.65 36.94
N ALA I 59 43.45 3.78 36.19
CA ALA I 59 42.89 3.30 34.94
C ALA I 59 42.84 1.77 34.91
N TYR I 60 41.64 1.25 34.74
CA TYR I 60 41.42 -0.19 34.68
C TYR I 60 41.66 -0.72 33.29
N LEU I 61 42.61 -1.65 33.19
CA LEU I 61 42.94 -2.23 31.90
C LEU I 61 42.21 -3.55 31.70
N ILE I 62 41.92 -4.26 32.81
CA ILE I 62 41.22 -5.53 32.76
C ILE I 62 40.26 -5.75 33.96
N THR I 63 39.09 -6.34 33.70
CA THR I 63 38.13 -6.66 34.74
C THR I 63 37.37 -7.92 34.34
N PRO I 64 36.74 -8.61 35.30
CA PRO I 64 35.99 -9.84 35.04
C PRO I 64 34.98 -9.74 33.88
N ALA I 65 34.65 -8.51 33.48
CA ALA I 65 33.72 -8.29 32.37
C ALA I 65 34.33 -8.89 31.11
N THR I 66 35.63 -9.10 31.16
CA THR I 66 36.40 -9.67 30.06
C THR I 66 36.33 -11.19 30.17
N GLY I 67 35.97 -11.67 31.34
CA GLY I 67 35.89 -13.09 31.58
C GLY I 67 36.97 -13.53 32.55
N SER I 68 37.76 -12.57 33.03
CA SER I 68 38.84 -12.87 33.98
C SER I 68 38.28 -13.01 35.40
N HIS I 69 39.14 -13.41 36.33
CA HIS I 69 38.73 -13.54 37.72
C HIS I 69 39.51 -12.54 38.57
N PHE I 70 40.13 -11.58 37.88
CA PHE I 70 40.92 -10.54 38.50
C PHE I 70 40.79 -9.23 37.73
N VAL I 71 41.26 -8.15 38.33
CA VAL I 71 41.26 -6.85 37.69
C VAL I 71 42.71 -6.40 37.75
N MET I 72 43.15 -5.71 36.72
CA MET I 72 44.50 -5.19 36.62
C MET I 72 44.41 -3.74 36.23
N TYR I 73 44.84 -2.85 37.11
CA TYR I 73 44.77 -1.45 36.79
C TYR I 73 46.06 -0.71 37.10
N LEU I 74 46.09 0.53 36.65
CA LEU I 74 47.22 1.38 36.88
C LEU I 74 46.74 2.49 37.79
N ALA I 75 47.53 2.74 38.82
CA ALA I 75 47.21 3.78 39.79
C ALA I 75 48.30 4.85 39.69
N LYS I 76 47.85 6.08 39.45
CA LYS I 76 48.71 7.26 39.35
C LYS I 76 48.49 8.03 40.65
N MET I 77 49.36 7.82 41.63
CA MET I 77 49.21 8.52 42.91
C MET I 77 49.96 9.84 42.86
N LYS I 78 49.22 10.93 43.04
CA LYS I 78 49.80 12.27 43.02
C LYS I 78 50.00 12.80 44.47
N GLU I 79 50.51 14.02 44.58
CA GLU I 79 50.80 14.67 45.88
C GLU I 79 49.93 14.29 47.11
N MET I 80 50.60 13.79 48.16
CA MET I 80 49.92 13.38 49.39
C MET I 80 48.70 12.50 49.08
N SER I 81 48.94 11.40 48.37
CA SER I 81 47.88 10.47 48.00
C SER I 81 47.86 9.28 48.97
N SER I 82 46.67 8.72 49.15
CA SER I 82 46.48 7.57 50.03
C SER I 82 45.67 6.54 49.26
N SER I 83 45.81 5.27 49.64
CA SER I 83 45.11 4.20 48.98
C SER I 83 43.86 3.75 49.74
N GLY I 84 42.86 3.32 48.98
CA GLY I 84 41.63 2.83 49.56
C GLY I 84 41.69 1.32 49.71
N LEU I 85 40.88 0.79 50.62
CA LEU I 85 40.85 -0.63 50.89
C LEU I 85 40.04 -1.44 49.89
N PRO I 86 40.56 -2.61 49.52
CA PRO I 86 39.87 -3.49 48.58
C PRO I 86 38.62 -4.00 49.29
N PRO I 87 37.59 -4.38 48.54
CA PRO I 87 36.38 -4.87 49.19
C PRO I 87 36.70 -6.09 50.05
N GLN I 88 35.71 -6.55 50.79
CA GLN I 88 35.90 -7.70 51.67
C GLN I 88 36.26 -8.96 50.89
N ASP I 89 37.29 -9.65 51.37
CA ASP I 89 37.79 -10.90 50.79
C ASP I 89 38.53 -10.71 49.49
N ILE I 90 39.00 -9.51 49.23
CA ILE I 90 39.73 -9.23 48.01
C ILE I 90 41.21 -9.14 48.33
N GLU I 91 42.01 -10.01 47.73
CA GLU I 91 43.45 -9.98 47.94
C GLU I 91 44.00 -8.94 46.95
N ARG I 92 45.10 -8.29 47.31
CA ARG I 92 45.69 -7.26 46.46
C ARG I 92 47.20 -7.33 46.37
N LEU I 93 47.71 -7.00 45.18
CA LEU I 93 49.13 -7.00 44.88
C LEU I 93 49.48 -5.72 44.12
N ILE I 94 50.43 -4.97 44.65
CA ILE I 94 50.87 -3.74 44.02
C ILE I 94 52.34 -3.90 43.62
N PHE I 95 52.73 -3.17 42.60
CA PHE I 95 54.09 -3.22 42.08
C PHE I 95 54.42 -1.80 41.67
N VAL I 96 55.51 -1.24 42.20
CA VAL I 96 55.87 0.14 41.85
C VAL I 96 56.73 0.17 40.60
N VAL I 97 56.24 0.88 39.59
CA VAL I 97 56.96 1.00 38.32
C VAL I 97 57.53 2.40 38.14
N GLU I 98 57.16 3.30 39.04
CA GLU I 98 57.64 4.68 39.01
C GLU I 98 57.29 5.35 40.33
N GLY I 99 58.21 6.16 40.83
CA GLY I 99 57.97 6.89 42.06
C GLY I 99 58.25 6.15 43.35
N ALA I 100 57.56 6.55 44.40
CA ALA I 100 57.75 5.96 45.71
C ALA I 100 56.49 6.02 46.55
N VAL I 101 56.29 4.99 47.36
CA VAL I 101 55.13 4.92 48.24
C VAL I 101 55.50 4.18 49.50
N THR I 102 54.82 4.49 50.60
CA THR I 102 55.10 3.84 51.87
C THR I 102 53.91 3.06 52.39
N LEU I 103 54.20 1.84 52.82
CA LEU I 103 53.21 0.89 53.33
C LEU I 103 53.21 0.76 54.87
N THR I 104 52.02 0.73 55.47
CA THR I 104 51.88 0.57 56.92
C THR I 104 50.64 -0.27 57.28
N ASN I 105 50.74 -1.11 58.33
CA ASN I 105 49.58 -1.94 58.73
C ASN I 105 48.48 -1.08 59.36
N SER I 108 52.59 -4.39 60.59
CA SER I 108 53.76 -4.73 61.39
C SER I 108 55.04 -4.08 60.83
N SER I 109 55.26 -2.82 61.22
CA SER I 109 56.42 -2.01 60.80
C SER I 109 56.23 -1.30 59.45
N SER I 110 56.82 -0.11 59.34
CA SER I 110 56.71 0.69 58.11
C SER I 110 57.66 0.21 57.00
N LYS I 111 57.27 0.45 55.75
CA LYS I 111 58.08 0.07 54.58
C LYS I 111 58.03 1.11 53.46
N LYS I 112 59.19 1.42 52.88
CA LYS I 112 59.25 2.38 51.78
C LYS I 112 59.53 1.62 50.49
N LEU I 113 58.49 1.51 49.66
CA LEU I 113 58.59 0.80 48.40
C LEU I 113 58.89 1.76 47.25
N THR I 114 59.90 1.40 46.47
CA THR I 114 60.32 2.21 45.33
C THR I 114 60.26 1.33 44.08
N VAL I 115 60.61 1.90 42.93
CA VAL I 115 60.60 1.16 41.68
C VAL I 115 61.13 -0.26 41.87
N ASP I 116 60.43 -1.23 41.28
CA ASP I 116 60.78 -2.63 41.33
C ASP I 116 60.46 -3.34 42.66
N SER I 117 59.89 -2.60 43.60
CA SER I 117 59.50 -3.20 44.88
C SER I 117 58.08 -3.75 44.65
N TYR I 118 57.47 -4.26 45.71
CA TYR I 118 56.12 -4.79 45.60
C TYR I 118 55.59 -5.33 46.91
N ALA I 119 54.27 -5.36 47.03
CA ALA I 119 53.63 -5.85 48.24
C ALA I 119 52.39 -6.69 47.95
N TYR I 120 52.25 -7.81 48.65
CA TYR I 120 51.07 -8.64 48.49
C TYR I 120 50.29 -8.54 49.81
N LEU I 121 48.99 -8.30 49.70
CA LEU I 121 48.15 -8.17 50.88
C LEU I 121 47.05 -9.21 50.79
N PRO I 122 46.97 -10.11 51.78
CA PRO I 122 45.95 -11.16 51.79
C PRO I 122 44.56 -10.57 51.90
N PRO I 123 43.53 -11.41 51.79
CA PRO I 123 42.18 -10.87 51.90
C PRO I 123 41.91 -10.30 53.30
N ASN I 124 41.27 -9.12 53.31
CA ASN I 124 40.90 -8.42 54.53
C ASN I 124 42.07 -8.06 55.44
N PHE I 125 43.29 -8.12 54.92
CA PHE I 125 44.46 -7.76 55.73
C PHE I 125 44.55 -6.22 55.73
N HIS I 126 44.36 -5.61 56.90
CA HIS I 126 44.42 -4.15 56.98
C HIS I 126 45.80 -3.60 56.60
N HIS I 127 45.79 -2.52 55.82
CA HIS I 127 47.03 -1.89 55.36
C HIS I 127 46.71 -0.52 54.76
N SER I 128 47.76 0.20 54.36
CA SER I 128 47.63 1.50 53.73
C SER I 128 48.90 1.91 53.00
N LEU I 129 48.72 2.46 51.81
CA LEU I 129 49.81 2.93 51.00
C LEU I 129 49.66 4.44 51.03
N ASP I 130 50.71 5.13 51.47
CA ASP I 130 50.67 6.58 51.54
C ASP I 130 51.83 7.11 50.71
N CYS I 131 51.49 7.94 49.73
CA CYS I 131 52.47 8.52 48.82
C CYS I 131 52.53 10.01 48.97
N VAL I 132 53.75 10.55 49.05
CA VAL I 132 53.96 11.97 49.23
C VAL I 132 54.01 12.75 47.92
N GLU I 133 54.67 12.18 46.91
CA GLU I 133 54.79 12.86 45.63
C GLU I 133 54.05 12.22 44.46
N SER I 134 54.54 11.07 44.03
CA SER I 134 53.93 10.37 42.91
C SER I 134 54.44 8.95 42.84
N ALA I 135 53.66 8.08 42.21
CA ALA I 135 54.04 6.68 42.06
C ALA I 135 53.09 6.01 41.10
N THR I 136 53.63 5.29 40.13
CA THR I 136 52.80 4.57 39.18
C THR I 136 52.72 3.14 39.69
N LEU I 137 51.52 2.69 40.01
CA LEU I 137 51.37 1.34 40.49
C LEU I 137 50.53 0.47 39.55
N VAL I 138 50.97 -0.75 39.32
CA VAL I 138 50.23 -1.67 38.48
C VAL I 138 49.75 -2.70 39.51
N VAL I 139 48.46 -2.64 39.84
CA VAL I 139 47.93 -3.55 40.84
C VAL I 139 46.92 -4.58 40.34
N PHE I 140 47.01 -5.77 40.92
CA PHE I 140 46.12 -6.87 40.60
C PHE I 140 45.26 -7.14 41.83
N GLU I 141 43.96 -7.32 41.64
CA GLU I 141 43.06 -7.61 42.75
C GLU I 141 42.15 -8.78 42.38
N ARG I 142 41.93 -9.69 43.34
CA ARG I 142 41.12 -10.86 43.11
C ARG I 142 40.36 -11.30 44.34
N ARG I 143 39.20 -11.91 44.12
CA ARG I 143 38.38 -12.43 45.21
C ARG I 143 39.13 -13.69 45.61
N TYR I 144 39.79 -13.66 46.77
CA TYR I 144 40.57 -14.81 47.22
C TYR I 144 39.74 -16.08 47.35
N GLU I 145 40.24 -17.15 46.73
CA GLU I 145 39.57 -18.46 46.76
C GLU I 145 40.13 -19.27 47.91
N TYR I 146 39.37 -19.28 48.99
CA TYR I 146 39.75 -19.98 50.21
C TYR I 146 39.78 -21.48 50.01
N LEU I 147 40.95 -22.05 50.23
CA LEU I 147 41.13 -23.49 50.11
C LEU I 147 41.39 -24.00 51.53
N GLY I 148 40.62 -24.97 51.98
CA GLY I 148 40.81 -25.50 53.32
C GLY I 148 40.93 -24.40 54.36
N SER I 149 41.84 -24.58 55.32
CA SER I 149 42.07 -23.61 56.39
C SER I 149 43.33 -22.78 56.09
N HIS I 150 43.79 -22.85 54.84
CA HIS I 150 44.97 -22.10 54.44
C HIS I 150 44.66 -20.62 54.38
N THR I 151 45.71 -19.84 54.65
CA THR I 151 45.63 -18.40 54.61
C THR I 151 46.96 -17.90 54.08
N THR I 152 46.90 -16.88 53.24
CA THR I 152 48.11 -16.32 52.68
C THR I 152 48.65 -15.38 53.75
N GLU I 153 49.83 -14.84 53.50
CA GLU I 153 50.48 -13.93 54.43
C GLU I 153 51.04 -12.71 53.72
N LEU I 154 51.33 -11.66 54.46
CA LEU I 154 51.88 -10.47 53.87
C LEU I 154 53.20 -10.80 53.19
N ILE I 155 53.45 -10.13 52.07
CA ILE I 155 54.69 -10.31 51.30
C ILE I 155 55.17 -8.96 50.78
N VAL I 156 56.47 -8.72 50.94
CA VAL I 156 57.12 -7.49 50.49
C VAL I 156 58.51 -7.83 49.95
N GLY I 157 58.95 -7.11 48.93
CA GLY I 157 60.26 -7.37 48.37
C GLY I 157 60.55 -6.66 47.07
N SER I 158 61.54 -7.17 46.34
CA SER I 158 61.93 -6.59 45.07
C SER I 158 62.32 -7.66 44.07
N THR I 159 62.09 -7.35 42.80
CA THR I 159 62.39 -8.25 41.71
C THR I 159 63.84 -8.73 41.69
N ASP I 160 64.77 -7.80 41.82
CA ASP I 160 66.19 -8.16 41.80
C ASP I 160 66.55 -9.09 42.97
N LYS I 161 65.88 -8.88 44.10
CA LYS I 161 66.14 -9.69 45.29
C LYS I 161 65.70 -11.16 45.12
N GLN I 162 64.72 -11.42 44.26
CA GLN I 162 64.24 -12.79 44.04
C GLN I 162 65.22 -13.60 43.20
N PRO I 163 65.33 -14.91 43.49
CA PRO I 163 66.22 -15.83 42.79
C PRO I 163 65.73 -16.33 41.42
N LEU I 164 66.69 -16.60 40.53
CA LEU I 164 66.41 -17.12 39.20
C LEU I 164 65.93 -18.53 39.36
N LEU I 165 64.96 -18.93 38.53
CA LEU I 165 64.41 -20.28 38.63
C LEU I 165 64.57 -21.12 37.38
N GLU I 166 64.39 -22.43 37.59
CA GLU I 166 64.48 -23.42 36.54
C GLU I 166 63.51 -23.12 35.43
N THR I 167 64.00 -23.08 34.19
CA THR I 167 63.16 -22.82 33.03
C THR I 167 63.32 -23.98 32.06
N PRO I 168 62.93 -25.18 32.50
CA PRO I 168 63.06 -26.37 31.64
C PRO I 168 62.41 -26.24 30.25
N GLY I 169 63.18 -26.56 29.22
CA GLY I 169 62.68 -26.44 27.87
C GLY I 169 62.85 -25.03 27.36
N GLU I 170 62.92 -24.07 28.27
CA GLU I 170 63.03 -22.65 27.90
C GLU I 170 64.41 -22.05 28.18
N VAL I 171 64.61 -20.81 27.73
CA VAL I 171 65.88 -20.13 27.92
C VAL I 171 65.72 -18.76 28.56
N PHE I 172 64.49 -18.30 28.73
CA PHE I 172 64.30 -16.99 29.32
C PHE I 172 64.59 -17.07 30.82
N GLU I 173 64.87 -15.92 31.43
CA GLU I 173 65.15 -15.89 32.86
C GLU I 173 63.84 -15.65 33.61
N LEU I 174 63.65 -16.42 34.67
CA LEU I 174 62.43 -16.38 35.45
C LEU I 174 62.57 -16.10 36.92
N ARG I 175 61.79 -15.13 37.40
CA ARG I 175 61.78 -14.80 38.81
C ARG I 175 60.30 -14.84 39.19
N LYS I 176 60.03 -15.14 40.45
CA LYS I 176 58.66 -15.19 40.97
C LYS I 176 58.60 -14.29 42.18
N LEU I 177 57.52 -13.53 42.31
CA LEU I 177 57.42 -12.61 43.42
C LEU I 177 56.76 -13.15 44.68
N LEU I 178 55.96 -14.19 44.53
CA LEU I 178 55.26 -14.75 45.68
C LEU I 178 55.59 -16.21 45.94
N PRO I 179 55.22 -16.72 47.12
CA PRO I 179 55.49 -18.11 47.45
C PRO I 179 54.62 -18.99 46.55
N MET I 180 55.14 -20.16 46.19
CA MET I 180 54.40 -21.10 45.37
C MET I 180 53.49 -21.96 46.27
N SER I 181 53.59 -21.74 47.59
CA SER I 181 52.78 -22.48 48.57
C SER I 181 51.38 -22.58 48.02
N VAL I 182 50.69 -23.66 48.38
CA VAL I 182 49.34 -23.90 47.89
C VAL I 182 48.33 -22.84 48.33
N ALA I 183 48.64 -22.12 49.40
CA ALA I 183 47.72 -21.09 49.88
C ALA I 183 47.54 -19.96 48.87
N TYR I 184 48.62 -19.56 48.20
CA TYR I 184 48.54 -18.49 47.23
C TYR I 184 47.81 -18.97 45.98
N ASP I 185 46.74 -18.27 45.58
CA ASP I 185 46.00 -18.72 44.41
C ASP I 185 46.48 -18.04 43.12
N PHE I 186 47.58 -17.33 43.20
CA PHE I 186 48.16 -16.71 42.02
C PHE I 186 49.59 -16.30 42.33
N ASN I 187 50.28 -15.78 41.33
CA ASN I 187 51.65 -15.37 41.52
C ASN I 187 51.97 -14.28 40.49
N ILE I 188 53.20 -13.81 40.51
CA ILE I 188 53.60 -12.81 39.55
C ILE I 188 54.97 -13.24 39.04
N HIS I 189 55.08 -13.36 37.72
CA HIS I 189 56.35 -13.76 37.14
C HIS I 189 57.02 -12.58 36.43
N THR I 190 58.34 -12.61 36.43
CA THR I 190 59.15 -11.61 35.77
C THR I 190 59.95 -12.44 34.79
N MET I 191 59.68 -12.24 33.51
CA MET I 191 60.39 -13.00 32.50
C MET I 191 61.30 -12.11 31.66
N ASP I 192 62.49 -12.61 31.40
CA ASP I 192 63.47 -11.87 30.63
C ASP I 192 63.90 -12.60 29.38
N PHE I 193 63.98 -11.87 28.30
CA PHE I 193 64.38 -12.44 27.03
C PHE I 193 65.47 -11.58 26.40
N GLN I 194 66.50 -12.22 25.85
CA GLN I 194 67.57 -11.50 25.18
C GLN I 194 67.15 -11.44 23.72
N PRO I 195 67.51 -10.35 23.02
CA PRO I 195 67.14 -10.20 21.60
C PRO I 195 67.41 -11.48 20.80
N GLY I 196 66.36 -12.02 20.20
CA GLY I 196 66.53 -13.24 19.42
C GLY I 196 65.93 -14.43 20.15
N GLU I 197 65.70 -14.29 21.45
CA GLU I 197 65.13 -15.37 22.24
C GLU I 197 63.61 -15.38 22.16
N PHE I 198 63.04 -16.58 22.20
CA PHE I 198 61.60 -16.71 22.14
C PHE I 198 61.12 -17.90 22.95
N LEU I 199 59.82 -18.17 22.88
CA LEU I 199 59.21 -19.26 23.60
C LEU I 199 59.22 -20.52 22.75
N ASN I 200 59.82 -21.59 23.27
CA ASN I 200 59.85 -22.84 22.53
C ASN I 200 58.48 -23.50 22.52
N VAL I 201 57.78 -23.43 23.65
CA VAL I 201 56.43 -23.99 23.75
C VAL I 201 55.37 -22.94 23.39
N LYS I 202 54.50 -23.26 22.44
CA LYS I 202 53.44 -22.34 22.03
C LYS I 202 52.25 -22.57 22.95
N GLU I 203 52.42 -22.10 24.18
CA GLU I 203 51.46 -22.23 25.25
C GLU I 203 49.97 -22.11 24.98
N VAL I 204 49.25 -23.14 25.39
CA VAL I 204 47.79 -23.20 25.32
C VAL I 204 47.47 -23.90 26.64
N HIS I 205 46.93 -23.16 27.59
CA HIS I 205 46.62 -23.71 28.91
C HIS I 205 45.47 -22.98 29.60
N TYR I 206 44.87 -23.63 30.59
CA TYR I 206 43.74 -23.08 31.34
C TYR I 206 44.06 -21.79 32.13
N ASN I 207 45.32 -21.59 32.49
CA ASN I 207 45.72 -20.40 33.23
C ASN I 207 45.40 -19.14 32.43
N GLN I 208 45.22 -18.03 33.13
CA GLN I 208 44.93 -16.77 32.46
C GLN I 208 46.02 -15.76 32.81
N HIS I 209 46.26 -14.80 31.93
CA HIS I 209 47.30 -13.81 32.17
C HIS I 209 46.93 -12.33 32.15
N GLY I 210 47.82 -11.56 32.75
CA GLY I 210 47.72 -10.13 32.81
C GLY I 210 49.20 -9.80 32.67
N LEU I 211 49.57 -9.15 31.57
CA LEU I 211 50.97 -8.81 31.35
C LEU I 211 51.22 -7.36 31.00
N LEU I 212 52.31 -6.84 31.56
CA LEU I 212 52.78 -5.47 31.36
C LEU I 212 54.21 -5.58 30.88
N LEU I 213 54.52 -4.94 29.77
CA LEU I 213 55.88 -4.98 29.24
C LEU I 213 56.69 -3.88 29.95
N LEU I 214 57.66 -4.30 30.76
CA LEU I 214 58.46 -3.34 31.49
C LEU I 214 59.63 -2.79 30.68
N GLU I 215 60.24 -3.64 29.86
CA GLU I 215 61.36 -3.18 29.04
C GLU I 215 61.43 -3.95 27.73
N GLY I 216 61.98 -3.29 26.71
CA GLY I 216 62.16 -3.96 25.44
C GLY I 216 61.02 -3.87 24.46
N GLN I 217 61.11 -4.71 23.44
CA GLN I 217 60.13 -4.76 22.37
C GLN I 217 60.26 -6.08 21.62
N GLY I 218 59.22 -6.43 20.87
CA GLY I 218 59.25 -7.66 20.11
C GLY I 218 57.88 -7.98 19.51
N ILE I 219 57.64 -9.27 19.27
CA ILE I 219 56.40 -9.72 18.67
C ILE I 219 55.65 -10.70 19.56
N TYR I 220 54.38 -10.41 19.83
CA TYR I 220 53.61 -11.32 20.65
C TYR I 220 52.59 -11.96 19.73
N ARG I 221 52.40 -13.27 19.87
CA ARG I 221 51.42 -13.97 19.06
C ARG I 221 50.26 -14.39 19.95
N LEU I 222 49.05 -14.01 19.56
CA LEU I 222 47.88 -14.37 20.33
C LEU I 222 46.86 -14.96 19.37
N GLY I 223 46.64 -16.27 19.48
CA GLY I 223 45.72 -16.93 18.59
C GLY I 223 46.39 -16.84 17.24
N ASP I 224 45.68 -16.32 16.24
CA ASP I 224 46.24 -16.17 14.91
C ASP I 224 46.66 -14.74 14.65
N ASN I 225 46.82 -13.96 15.72
CA ASN I 225 47.20 -12.56 15.61
C ASN I 225 48.67 -12.32 15.98
N TRP I 226 49.32 -11.42 15.26
CA TRP I 226 50.70 -11.09 15.56
C TRP I 226 50.75 -9.61 15.90
N TYR I 227 51.23 -9.29 17.10
CA TYR I 227 51.28 -7.91 17.54
C TYR I 227 52.64 -7.37 17.94
N PRO I 228 53.17 -6.41 17.16
CA PRO I 228 54.47 -5.83 17.52
C PRO I 228 54.20 -5.07 18.83
N VAL I 229 55.01 -5.27 19.86
CA VAL I 229 54.80 -4.55 21.13
C VAL I 229 56.06 -3.88 21.66
N GLN I 230 55.86 -2.89 22.52
CA GLN I 230 56.95 -2.10 23.11
C GLN I 230 56.70 -1.87 24.59
N ALA I 231 57.77 -1.65 25.35
CA ALA I 231 57.63 -1.40 26.78
C ALA I 231 56.45 -0.45 26.99
N GLY I 232 55.64 -0.72 28.00
CA GLY I 232 54.48 0.11 28.26
C GLY I 232 53.15 -0.51 27.83
N ASP I 233 53.20 -1.48 26.93
CA ASP I 233 52.00 -2.14 26.44
C ASP I 233 51.45 -3.12 27.46
N VAL I 234 50.15 -3.38 27.40
CA VAL I 234 49.53 -4.32 28.33
C VAL I 234 48.82 -5.41 27.53
N ILE I 235 48.73 -6.60 28.12
CA ILE I 235 48.08 -7.71 27.46
C ILE I 235 47.17 -8.56 28.37
N TRP I 236 46.02 -8.91 27.82
CA TRP I 236 45.01 -9.71 28.49
C TRP I 236 44.97 -11.04 27.74
N MET I 237 45.25 -12.13 28.43
CA MET I 237 45.23 -13.46 27.81
C MET I 237 44.20 -14.33 28.52
N ALA I 238 43.09 -14.61 27.85
CA ALA I 238 42.03 -15.44 28.40
C ALA I 238 42.52 -16.88 28.47
N PRO I 239 41.91 -17.71 29.34
CA PRO I 239 42.34 -19.10 29.43
C PRO I 239 42.31 -19.75 28.06
N PHE I 240 43.34 -20.53 27.76
CA PHE I 240 43.47 -21.24 26.50
C PHE I 240 43.82 -20.53 25.20
N VAL I 241 44.14 -19.25 25.23
CA VAL I 241 44.50 -18.55 24.00
C VAL I 241 45.95 -18.91 23.64
N PRO I 242 46.16 -19.40 22.42
CA PRO I 242 47.52 -19.76 21.99
C PRO I 242 48.39 -18.50 22.14
N GLN I 243 49.54 -18.63 22.79
CA GLN I 243 50.39 -17.47 23.04
C GLN I 243 51.87 -17.73 22.84
N TRP I 244 52.60 -16.68 22.47
CA TRP I 244 54.03 -16.79 22.22
C TRP I 244 54.69 -15.41 22.14
N TYR I 245 55.99 -15.36 22.44
CA TYR I 245 56.73 -14.12 22.40
C TYR I 245 58.15 -14.27 21.88
N ALA I 246 58.68 -13.16 21.36
CA ALA I 246 60.03 -13.08 20.85
C ALA I 246 60.53 -11.65 21.11
N ALA I 247 61.70 -11.51 21.73
CA ALA I 247 62.29 -10.21 22.01
C ALA I 247 63.11 -9.76 20.82
N LEU I 248 63.16 -8.46 20.57
CA LEU I 248 63.90 -7.94 19.42
C LEU I 248 64.62 -6.62 19.76
N GLY I 249 65.56 -6.23 18.93
CA GLY I 249 66.29 -4.99 19.19
C GLY I 249 67.59 -5.22 19.93
N LYS I 250 68.15 -4.14 20.48
CA LYS I 250 69.41 -4.19 21.21
C LYS I 250 69.24 -4.46 22.71
N THR I 251 68.24 -3.85 23.34
CA THR I 251 68.02 -4.08 24.77
C THR I 251 67.18 -5.35 24.98
N ARG I 252 67.24 -5.92 26.18
CA ARG I 252 66.47 -7.14 26.44
C ARG I 252 65.00 -6.83 26.72
N SER I 253 64.17 -7.84 26.81
CA SER I 253 62.75 -7.62 27.11
C SER I 253 62.44 -8.15 28.49
N ARG I 254 61.59 -7.42 29.22
CA ARG I 254 61.22 -7.84 30.55
C ARG I 254 59.74 -7.60 30.73
N TYR I 255 59.01 -8.62 31.12
CA TYR I 255 57.60 -8.41 31.35
C TYR I 255 57.11 -8.99 32.67
N LEU I 256 56.20 -8.26 33.31
CA LEU I 256 55.58 -8.63 34.58
C LEU I 256 54.35 -9.45 34.19
N LEU I 257 54.14 -10.59 34.84
CA LEU I 257 53.05 -11.49 34.48
C LEU I 257 52.14 -12.02 35.60
N TYR I 258 50.84 -12.03 35.34
CA TYR I 258 49.89 -12.57 36.29
C TYR I 258 49.59 -14.01 35.87
N LYS I 259 49.45 -14.90 36.84
CA LYS I 259 49.15 -16.29 36.52
C LYS I 259 48.48 -16.96 37.71
N ASP I 260 47.31 -17.55 37.47
CA ASP I 260 46.58 -18.23 38.53
C ASP I 260 47.12 -19.64 38.74
N VAL I 261 47.20 -20.05 40.00
CA VAL I 261 47.72 -21.37 40.36
C VAL I 261 47.09 -21.98 41.61
N ASN I 262 47.45 -23.24 41.85
CA ASN I 262 47.03 -24.03 42.99
C ASN I 262 45.53 -24.19 43.22
N ARG I 263 44.75 -24.38 42.15
CA ARG I 263 43.30 -24.56 42.29
C ARG I 263 42.74 -25.40 41.15
N ASN I 264 41.97 -26.42 41.49
CA ASN I 264 41.39 -27.29 40.48
C ASN I 264 40.61 -26.49 39.44
N PRO I 265 41.10 -26.47 38.20
CA PRO I 265 40.46 -25.75 37.13
C PRO I 265 39.04 -26.21 36.81
N LEU I 266 38.50 -27.12 37.61
CA LEU I 266 37.14 -27.58 37.35
C LEU I 266 36.13 -26.46 37.62
N PRO J 7 78.23 -28.86 7.12
CA PRO J 7 78.28 -28.22 5.78
C PRO J 7 77.55 -26.88 5.77
N ILE J 8 77.96 -26.01 4.86
CA ILE J 8 77.35 -24.69 4.73
C ILE J 8 75.99 -24.78 4.02
N TYR J 9 75.02 -23.97 4.46
CA TYR J 9 73.70 -23.95 3.85
C TYR J 9 73.01 -25.31 3.94
N TRP J 10 73.62 -26.20 4.71
CA TRP J 10 73.10 -27.55 4.91
C TRP J 10 71.63 -27.50 5.30
N LYS J 11 71.32 -26.77 6.38
CA LYS J 11 69.94 -26.65 6.87
C LYS J 11 68.95 -26.21 5.79
N ALA J 12 69.46 -25.52 4.77
CA ALA J 12 68.63 -25.08 3.67
C ALA J 12 68.21 -26.32 2.87
N THR J 13 69.16 -27.21 2.63
CA THR J 13 68.88 -28.44 1.87
C THR J 13 68.31 -29.55 2.75
N ASN J 14 68.28 -29.32 4.06
CA ASN J 14 67.73 -30.32 4.99
C ASN J 14 67.00 -29.60 6.12
N PRO J 15 65.96 -28.82 5.78
CA PRO J 15 65.16 -28.05 6.74
C PRO J 15 64.75 -28.84 7.98
N THR J 16 64.81 -28.17 9.13
CA THR J 16 64.46 -28.80 10.39
C THR J 16 63.08 -29.42 10.30
N LEU J 17 62.14 -28.71 9.69
CA LEU J 17 60.80 -29.25 9.49
C LEU J 17 60.77 -29.69 8.02
N SER J 18 60.88 -30.99 7.81
CA SER J 18 60.93 -31.55 6.46
C SER J 18 59.67 -32.31 6.01
N PRO J 19 59.49 -32.45 4.68
CA PRO J 19 58.34 -33.15 4.13
C PRO J 19 58.05 -34.51 4.75
N SER J 20 59.10 -35.18 5.23
CA SER J 20 58.93 -36.50 5.85
C SER J 20 58.12 -36.42 7.14
N HIS J 21 58.31 -35.33 7.87
CA HIS J 21 57.61 -35.10 9.13
C HIS J 21 56.09 -34.92 8.95
N LEU J 22 55.67 -34.67 7.71
CA LEU J 22 54.27 -34.45 7.39
C LEU J 22 53.49 -35.64 6.80
N GLN J 23 54.06 -36.84 6.81
CA GLN J 23 53.36 -37.97 6.22
C GLN J 23 52.06 -38.39 6.93
N ASP J 24 51.81 -37.85 8.11
CA ASP J 24 50.59 -38.21 8.84
C ASP J 24 49.63 -37.05 9.03
N LEU J 25 49.75 -36.01 8.21
CA LEU J 25 48.90 -34.82 8.27
C LEU J 25 48.47 -34.50 6.84
N PRO J 26 47.52 -35.29 6.31
CA PRO J 26 46.97 -35.17 4.96
C PRO J 26 46.63 -33.76 4.57
N GLY J 27 47.09 -33.36 3.39
CA GLY J 27 46.84 -32.02 2.88
C GLY J 27 47.53 -30.87 3.57
N PHE J 28 48.15 -31.12 4.71
CA PHE J 28 48.82 -30.05 5.44
C PHE J 28 50.04 -29.46 4.74
N THR J 29 50.08 -28.14 4.68
CA THR J 29 51.22 -27.45 4.08
C THR J 29 51.34 -26.01 4.57
N ARG J 30 52.59 -25.57 4.77
CA ARG J 30 52.88 -24.22 5.23
C ARG J 30 52.95 -23.19 4.08
N SER J 31 52.75 -23.66 2.85
CA SER J 31 52.82 -22.78 1.69
C SER J 31 51.59 -21.92 1.48
N VAL J 32 51.82 -20.69 1.05
CA VAL J 32 50.76 -19.75 0.81
C VAL J 32 51.09 -18.95 -0.44
N TYR J 33 50.13 -18.86 -1.34
CA TYR J 33 50.31 -18.10 -2.58
C TYR J 33 49.21 -17.05 -2.64
N LYS J 34 49.60 -15.80 -2.36
CA LYS J 34 48.62 -14.73 -2.37
C LYS J 34 48.78 -13.75 -3.53
N ARG J 35 47.90 -12.76 -3.59
CA ARG J 35 47.88 -11.77 -4.65
C ARG J 35 49.17 -11.01 -4.86
N ASP J 36 49.79 -10.57 -3.77
CA ASP J 36 51.03 -9.80 -3.85
C ASP J 36 52.24 -10.44 -3.20
N HIS J 37 52.15 -11.72 -2.87
CA HIS J 37 53.30 -12.40 -2.26
C HIS J 37 53.06 -13.90 -2.09
N ALA J 38 54.13 -14.63 -1.84
CA ALA J 38 54.05 -16.07 -1.64
C ALA J 38 55.16 -16.62 -0.76
N LEU J 39 54.85 -17.72 -0.08
CA LEU J 39 55.77 -18.40 0.79
C LEU J 39 55.77 -19.87 0.36
N ILE J 40 56.75 -20.26 -0.43
CA ILE J 40 56.84 -21.65 -0.90
C ILE J 40 57.74 -22.48 0.02
N THR J 41 57.20 -23.55 0.58
CA THR J 41 57.96 -24.39 1.48
C THR J 41 58.30 -25.74 0.87
N PRO J 42 59.32 -26.42 1.43
CA PRO J 42 59.77 -27.72 0.95
C PRO J 42 58.73 -28.82 0.67
N GLU J 43 57.66 -28.89 1.46
CA GLU J 43 56.66 -29.93 1.20
C GLU J 43 55.76 -29.63 0.02
N SER J 44 56.03 -28.54 -0.69
CA SER J 44 55.21 -28.17 -1.84
C SER J 44 56.00 -28.05 -3.14
N HIS J 45 57.28 -28.44 -3.11
CA HIS J 45 58.13 -28.39 -4.29
C HIS J 45 57.68 -29.46 -5.27
N VAL J 46 57.61 -29.11 -6.55
CA VAL J 46 57.20 -30.09 -7.56
C VAL J 46 58.37 -30.27 -8.52
N TYR J 47 59.02 -31.41 -8.42
CA TYR J 47 60.17 -31.68 -9.27
C TYR J 47 59.83 -32.45 -10.54
N SER J 48 60.35 -31.94 -11.65
CA SER J 48 60.11 -32.54 -12.96
C SER J 48 61.39 -32.34 -13.76
N PRO J 49 61.72 -33.31 -14.63
CA PRO J 49 62.92 -33.23 -15.47
C PRO J 49 63.00 -31.97 -16.30
N LEU J 50 64.00 -31.13 -16.02
CA LEU J 50 64.17 -29.88 -16.74
C LEU J 50 64.45 -30.10 -18.24
N PRO J 51 63.67 -29.44 -19.09
CA PRO J 51 63.85 -29.57 -20.55
C PRO J 51 65.28 -29.12 -20.91
N ASP J 52 65.87 -29.74 -21.94
CA ASP J 52 67.22 -29.40 -22.38
C ASP J 52 68.33 -29.93 -21.47
N TRP J 53 68.08 -29.90 -20.15
CA TRP J 53 69.08 -30.38 -19.19
C TRP J 53 69.24 -31.89 -19.30
N THR J 54 70.26 -32.41 -18.61
CA THR J 54 70.53 -33.84 -18.65
C THR J 54 70.46 -34.41 -17.24
N ASN J 55 69.77 -35.54 -17.09
CA ASN J 55 69.61 -36.18 -15.79
C ASN J 55 69.63 -35.11 -14.71
N THR J 56 68.54 -34.37 -14.61
CA THR J 56 68.43 -33.30 -13.64
C THR J 56 66.98 -32.86 -13.34
N LEU J 57 66.52 -33.16 -12.13
CA LEU J 57 65.18 -32.78 -11.69
C LEU J 57 65.15 -31.29 -11.39
N GLY J 58 64.10 -30.60 -11.84
CA GLY J 58 64.00 -29.17 -11.59
C GLY J 58 62.64 -28.76 -11.08
N ALA J 59 62.58 -27.74 -10.23
CA ALA J 59 61.31 -27.27 -9.70
C ALA J 59 61.22 -25.74 -9.65
N TYR J 60 60.32 -25.19 -10.47
CA TYR J 60 60.11 -23.75 -10.52
C TYR J 60 59.32 -23.29 -9.31
N LEU J 61 59.74 -22.18 -8.70
CA LEU J 61 59.08 -21.65 -7.52
C LEU J 61 58.37 -20.33 -7.83
N ILE J 62 58.94 -19.58 -8.79
CA ILE J 62 58.38 -18.30 -9.21
C ILE J 62 58.54 -18.06 -10.72
N THR J 63 57.41 -17.87 -11.41
CA THR J 63 57.43 -17.60 -12.85
C THR J 63 56.52 -16.40 -13.08
N PRO J 64 56.58 -15.78 -14.27
CA PRO J 64 55.74 -14.62 -14.57
C PRO J 64 54.22 -14.82 -14.45
N ALA J 65 53.78 -16.07 -14.36
CA ALA J 65 52.36 -16.36 -14.22
C ALA J 65 51.87 -15.67 -12.94
N THR J 66 52.81 -15.40 -12.04
CA THR J 66 52.52 -14.74 -10.77
C THR J 66 52.55 -13.22 -10.90
N GLY J 67 52.99 -12.75 -12.06
CA GLY J 67 53.07 -11.32 -12.28
C GLY J 67 54.50 -10.82 -12.40
N SER J 68 55.46 -11.61 -11.93
CA SER J 68 56.85 -11.20 -12.02
C SER J 68 57.31 -11.19 -13.48
N HIS J 69 58.50 -10.65 -13.68
CA HIS J 69 59.12 -10.55 -14.99
C HIS J 69 60.37 -11.39 -14.91
N PHE J 70 60.29 -12.50 -14.18
CA PHE J 70 61.42 -13.40 -14.00
C PHE J 70 61.00 -14.77 -13.44
N VAL J 71 61.87 -15.75 -13.59
CA VAL J 71 61.62 -17.09 -13.09
C VAL J 71 62.68 -17.37 -12.05
N MET J 72 62.42 -18.35 -11.20
CA MET J 72 63.36 -18.75 -10.15
C MET J 72 63.06 -20.23 -9.94
N TYR J 73 64.10 -21.05 -9.89
CA TYR J 73 63.89 -22.47 -9.69
C TYR J 73 65.05 -23.22 -9.08
N LEU J 74 64.75 -24.41 -8.60
CA LEU J 74 65.74 -25.24 -7.98
C LEU J 74 66.05 -26.41 -8.88
N ALA J 75 67.26 -26.40 -9.43
CA ALA J 75 67.69 -27.48 -10.28
C ALA J 75 68.55 -28.41 -9.43
N LYS J 76 68.21 -29.69 -9.41
CA LYS J 76 68.99 -30.66 -8.65
C LYS J 76 69.70 -31.60 -9.61
N MET J 77 70.89 -31.16 -10.03
CA MET J 77 71.72 -31.92 -10.96
C MET J 77 72.24 -33.19 -10.28
N LYS J 78 72.02 -34.33 -10.92
CA LYS J 78 72.49 -35.62 -10.38
C LYS J 78 73.79 -36.03 -11.07
N GLU J 79 74.23 -37.26 -10.80
CA GLU J 79 75.46 -37.77 -11.40
C GLU J 79 75.48 -37.55 -12.92
N MET J 80 76.67 -37.23 -13.43
CA MET J 80 76.88 -36.97 -14.87
C MET J 80 75.71 -36.18 -15.45
N SER J 81 75.54 -34.96 -14.93
CA SER J 81 74.46 -34.09 -15.36
C SER J 81 75.04 -32.95 -16.16
N SER J 82 74.20 -32.35 -16.99
CA SER J 82 74.64 -31.24 -17.81
C SER J 82 73.46 -30.27 -17.97
N SER J 83 73.76 -29.01 -18.25
CA SER J 83 72.72 -28.01 -18.40
C SER J 83 72.34 -27.68 -19.84
N GLY J 84 71.21 -27.00 -19.98
CA GLY J 84 70.72 -26.57 -21.27
C GLY J 84 70.72 -25.04 -21.24
N LEU J 85 70.70 -24.40 -22.42
CA LEU J 85 70.73 -22.95 -22.51
C LEU J 85 69.37 -22.24 -22.44
N PRO J 86 69.37 -20.98 -22.00
CA PRO J 86 68.18 -20.14 -21.88
C PRO J 86 67.78 -19.60 -23.25
N PRO J 87 66.48 -19.56 -23.55
CA PRO J 87 66.09 -19.05 -24.87
C PRO J 87 66.75 -17.70 -25.18
N GLN J 88 66.77 -17.38 -26.46
CA GLN J 88 67.33 -16.13 -26.98
C GLN J 88 67.03 -14.95 -26.07
N ASP J 89 68.06 -14.23 -25.67
CA ASP J 89 67.93 -13.03 -24.82
C ASP J 89 67.51 -13.24 -23.38
N ILE J 90 67.82 -14.42 -22.83
CA ILE J 90 67.45 -14.70 -21.46
C ILE J 90 68.67 -14.80 -20.58
N GLU J 91 68.96 -13.73 -19.86
CA GLU J 91 70.11 -13.73 -18.95
C GLU J 91 69.84 -14.82 -17.88
N ARG J 92 70.91 -15.38 -17.33
CA ARG J 92 70.77 -16.44 -16.32
C ARG J 92 71.82 -16.38 -15.21
N LEU J 93 71.36 -16.49 -13.96
CA LEU J 93 72.25 -16.45 -12.80
C LEU J 93 72.08 -17.74 -11.98
N ILE J 94 73.19 -18.39 -11.67
CA ILE J 94 73.14 -19.62 -10.88
C ILE J 94 73.92 -19.40 -9.59
N PHE J 95 73.46 -20.03 -8.51
CA PHE J 95 74.09 -19.91 -7.20
C PHE J 95 74.14 -21.29 -6.60
N VAL J 96 75.33 -21.80 -6.33
CA VAL J 96 75.45 -23.13 -5.77
C VAL J 96 75.03 -23.13 -4.30
N VAL J 97 74.06 -23.98 -3.99
CA VAL J 97 73.54 -24.09 -2.65
C VAL J 97 74.09 -25.38 -2.05
N GLU J 98 74.51 -26.28 -2.92
CA GLU J 98 75.06 -27.54 -2.44
C GLU J 98 75.61 -28.42 -3.55
N GLY J 99 76.77 -29.03 -3.29
CA GLY J 99 77.39 -29.91 -4.27
C GLY J 99 78.47 -29.22 -5.09
N ALA J 100 78.72 -29.76 -6.29
CA ALA J 100 79.74 -29.20 -7.18
C ALA J 100 79.36 -29.31 -8.65
N VAL J 101 79.81 -28.33 -9.44
CA VAL J 101 79.53 -28.26 -10.88
C VAL J 101 80.54 -27.33 -11.58
N THR J 102 80.98 -27.69 -12.79
CA THR J 102 81.95 -26.85 -13.50
C THR J 102 81.39 -26.01 -14.66
N LEU J 103 81.83 -24.76 -14.70
CA LEU J 103 81.40 -23.82 -15.75
C LEU J 103 82.40 -23.90 -16.91
N THR J 104 81.90 -23.80 -18.13
CA THR J 104 82.77 -23.87 -19.30
C THR J 104 82.24 -23.08 -20.49
N ASN J 105 82.72 -23.42 -21.69
CA ASN J 105 82.28 -22.74 -22.92
C ASN J 105 83.18 -23.04 -24.11
N SER J 108 85.89 -18.82 -22.32
CA SER J 108 86.98 -18.25 -21.53
C SER J 108 87.15 -18.98 -20.21
N SER J 109 88.39 -19.40 -19.92
CA SER J 109 88.71 -20.11 -18.68
C SER J 109 87.93 -21.42 -18.58
N SER J 110 87.51 -21.78 -17.36
CA SER J 110 86.75 -23.01 -17.09
C SER J 110 86.86 -23.35 -15.60
N LYS J 111 86.27 -22.51 -14.76
CA LYS J 111 86.33 -22.72 -13.31
C LYS J 111 85.21 -23.55 -12.72
N LYS J 112 85.59 -24.56 -11.92
CA LYS J 112 84.62 -25.45 -11.24
C LYS J 112 83.92 -24.69 -10.11
N LEU J 113 82.59 -24.61 -10.16
CA LEU J 113 81.78 -23.91 -9.16
C LEU J 113 81.32 -24.81 -7.99
N THR J 114 81.46 -24.29 -6.77
CA THR J 114 81.08 -25.05 -5.56
C THR J 114 80.15 -24.25 -4.66
N VAL J 115 79.73 -24.89 -3.56
CA VAL J 115 78.83 -24.25 -2.61
C VAL J 115 79.21 -22.81 -2.30
N ASP J 116 78.23 -21.92 -2.43
CA ASP J 116 78.39 -20.49 -2.18
C ASP J 116 79.07 -19.78 -3.36
N SER J 117 79.13 -20.47 -4.49
CA SER J 117 79.70 -19.94 -5.72
C SER J 117 78.55 -19.59 -6.71
N TYR J 118 78.72 -18.52 -7.49
CA TYR J 118 77.69 -18.07 -8.44
C TYR J 118 78.21 -17.66 -9.82
N ALA J 119 77.30 -17.43 -10.77
CA ALA J 119 77.70 -17.03 -12.12
C ALA J 119 76.61 -16.32 -12.97
N TYR J 120 76.85 -15.06 -13.36
CA TYR J 120 75.89 -14.36 -14.20
C TYR J 120 76.28 -14.64 -15.64
N LEU J 121 75.30 -14.98 -16.46
CA LEU J 121 75.56 -15.32 -17.85
C LEU J 121 74.78 -14.34 -18.72
N PRO J 122 75.50 -13.50 -19.47
CA PRO J 122 74.81 -12.53 -20.34
C PRO J 122 73.83 -13.20 -21.30
N PRO J 123 72.79 -12.47 -21.74
CA PRO J 123 71.85 -13.09 -22.67
C PRO J 123 72.57 -13.64 -23.92
N ASN J 124 72.23 -14.86 -24.32
CA ASN J 124 72.82 -15.50 -25.48
C ASN J 124 74.24 -16.02 -25.22
N PHE J 125 74.94 -15.40 -24.27
CA PHE J 125 76.31 -15.82 -23.93
C PHE J 125 76.38 -17.33 -23.75
N HIS J 126 76.79 -18.03 -24.81
CA HIS J 126 76.92 -19.49 -24.78
C HIS J 126 77.71 -19.92 -23.54
N HIS J 127 77.23 -20.98 -22.89
CA HIS J 127 77.88 -21.52 -21.67
C HIS J 127 77.38 -22.93 -21.39
N SER J 128 78.06 -23.63 -20.50
CA SER J 128 77.65 -24.99 -20.12
C SER J 128 77.86 -25.25 -18.63
N LEU J 129 77.16 -26.27 -18.14
CA LEU J 129 77.24 -26.68 -16.75
C LEU J 129 77.12 -28.20 -16.72
N ASP J 130 78.22 -28.82 -16.32
CA ASP J 130 78.29 -30.27 -16.25
C ASP J 130 78.65 -30.55 -14.80
N CYS J 131 77.99 -31.55 -14.24
CA CYS J 131 78.20 -31.92 -12.85
C CYS J 131 78.55 -33.40 -12.88
N VAL J 132 79.61 -33.78 -12.18
CA VAL J 132 79.99 -35.19 -12.19
C VAL J 132 79.23 -35.94 -11.12
N GLU J 133 79.12 -35.35 -9.93
CA GLU J 133 78.42 -35.99 -8.82
C GLU J 133 76.99 -35.48 -8.57
N SER J 134 76.83 -34.59 -7.60
CA SER J 134 75.52 -34.07 -7.30
C SER J 134 75.64 -32.57 -7.19
N ALA J 135 74.53 -31.90 -7.44
CA ALA J 135 74.51 -30.45 -7.38
C ALA J 135 73.07 -29.97 -7.28
N THR J 136 72.89 -28.91 -6.51
CA THR J 136 71.60 -28.28 -6.32
C THR J 136 71.90 -26.81 -6.38
N LEU J 137 71.35 -26.14 -7.39
CA LEU J 137 71.58 -24.70 -7.54
C LEU J 137 70.27 -23.94 -7.69
N VAL J 138 70.30 -22.67 -7.36
CA VAL J 138 69.11 -21.85 -7.44
C VAL J 138 69.35 -20.85 -8.58
N VAL J 139 68.55 -20.95 -9.63
CA VAL J 139 68.71 -20.07 -10.79
C VAL J 139 67.60 -19.07 -11.07
N PHE J 140 67.99 -17.96 -11.69
CA PHE J 140 67.08 -16.88 -12.06
C PHE J 140 67.30 -16.56 -13.53
N GLU J 141 66.27 -16.75 -14.37
CA GLU J 141 66.39 -16.46 -15.79
C GLU J 141 65.40 -15.35 -16.10
N ARG J 142 65.73 -14.48 -17.05
CA ARG J 142 64.86 -13.36 -17.38
C ARG J 142 65.17 -12.76 -18.74
N ARG J 143 64.16 -12.11 -19.35
CA ARG J 143 64.34 -11.44 -20.63
C ARG J 143 65.06 -10.13 -20.33
N TYR J 144 66.31 -10.03 -20.77
CA TYR J 144 67.10 -8.83 -20.51
C TYR J 144 66.48 -7.61 -21.20
N GLU J 145 66.56 -6.46 -20.52
CA GLU J 145 66.05 -5.21 -21.06
C GLU J 145 67.24 -4.38 -21.51
N TYR J 146 67.49 -4.39 -22.82
CA TYR J 146 68.58 -3.63 -23.39
C TYR J 146 68.33 -2.14 -23.15
N LEU J 147 69.27 -1.49 -22.47
CA LEU J 147 69.14 -0.06 -22.18
C LEU J 147 70.05 0.75 -23.10
N GLY J 148 69.79 0.64 -24.40
CA GLY J 148 70.59 1.35 -25.37
C GLY J 148 71.62 0.41 -25.99
N SER J 149 72.90 0.71 -25.76
CA SER J 149 73.98 -0.09 -26.31
C SER J 149 74.66 -0.93 -25.24
N HIS J 150 74.39 -0.59 -23.98
CA HIS J 150 75.01 -1.31 -22.85
C HIS J 150 74.88 -2.81 -22.97
N THR J 151 75.84 -3.52 -22.38
CA THR J 151 75.81 -4.98 -22.40
C THR J 151 76.52 -5.59 -21.19
N THR J 152 76.06 -6.76 -20.75
CA THR J 152 76.62 -7.44 -19.59
C THR J 152 77.72 -8.46 -19.93
N GLU J 153 78.63 -8.66 -18.97
CA GLU J 153 79.72 -9.60 -19.18
C GLU J 153 79.53 -10.78 -18.24
N LEU J 154 80.19 -11.88 -18.55
CA LEU J 154 80.13 -13.07 -17.70
C LEU J 154 80.67 -12.63 -16.35
N ILE J 155 80.24 -13.33 -15.29
CA ILE J 155 80.68 -13.04 -13.93
C ILE J 155 80.63 -14.34 -13.13
N VAL J 156 81.74 -14.62 -12.43
CA VAL J 156 81.87 -15.81 -11.59
C VAL J 156 82.37 -15.34 -10.23
N GLY J 157 81.99 -16.05 -9.16
CA GLY J 157 82.43 -15.61 -7.85
C GLY J 157 82.02 -16.45 -6.65
N SER J 158 82.07 -15.79 -5.48
CA SER J 158 81.72 -16.39 -4.20
C SER J 158 81.20 -15.26 -3.29
N THR J 159 80.31 -15.60 -2.36
CA THR J 159 79.72 -14.60 -1.46
C THR J 159 80.73 -13.86 -0.59
N ASP J 160 81.48 -14.59 0.24
CA ASP J 160 82.48 -13.98 1.13
C ASP J 160 83.52 -13.18 0.36
N LYS J 161 83.76 -13.53 -0.90
CA LYS J 161 84.73 -12.78 -1.69
C LYS J 161 84.10 -11.47 -2.14
N GLN J 162 82.96 -11.10 -1.56
CA GLN J 162 82.28 -9.87 -1.94
C GLN J 162 82.29 -8.81 -0.86
N PRO J 163 82.67 -7.58 -1.21
CA PRO J 163 82.73 -6.47 -0.26
C PRO J 163 81.43 -6.24 0.50
N LEU J 164 81.55 -6.17 1.82
CA LEU J 164 80.41 -5.91 2.68
C LEU J 164 80.08 -4.46 2.42
N LEU J 165 78.95 -4.21 1.76
CA LEU J 165 78.55 -2.84 1.45
C LEU J 165 77.87 -2.19 2.63
N GLU J 166 77.69 -0.89 2.55
CA GLU J 166 77.05 -0.21 3.66
C GLU J 166 75.57 -0.27 3.45
N THR J 167 74.82 0.20 4.43
CA THR J 167 73.37 0.15 4.39
C THR J 167 72.76 1.30 5.20
N PRO J 168 72.63 2.50 4.60
CA PRO J 168 72.06 3.63 5.34
C PRO J 168 70.76 3.34 6.08
N GLY J 169 70.79 3.50 7.40
CA GLY J 169 69.63 3.25 8.24
C GLY J 169 69.36 1.78 8.54
N GLU J 170 70.35 0.92 8.30
CA GLU J 170 70.15 -0.49 8.57
C GLU J 170 71.30 -1.14 9.32
N VAL J 171 71.04 -2.36 9.82
CA VAL J 171 72.02 -3.12 10.60
C VAL J 171 72.43 -4.43 9.95
N PHE J 172 71.65 -4.93 9.00
CA PHE J 172 71.99 -6.18 8.36
C PHE J 172 73.26 -6.03 7.52
N GLU J 173 74.10 -7.08 7.53
CA GLU J 173 75.31 -7.07 6.72
C GLU J 173 74.87 -7.30 5.29
N LEU J 174 75.33 -6.44 4.37
CA LEU J 174 74.95 -6.54 2.98
C LEU J 174 76.08 -6.76 1.97
N ARG J 175 75.83 -7.64 1.02
CA ARG J 175 76.78 -7.94 -0.04
C ARG J 175 75.98 -8.16 -1.34
N LYS J 176 76.48 -7.66 -2.46
CA LYS J 176 75.82 -7.84 -3.76
C LYS J 176 76.75 -8.70 -4.61
N LEU J 177 76.20 -9.51 -5.50
CA LEU J 177 77.04 -10.38 -6.33
C LEU J 177 77.31 -9.84 -7.74
N LEU J 178 76.64 -8.76 -8.10
CA LEU J 178 76.83 -8.22 -9.43
C LEU J 178 77.08 -6.72 -9.41
N PRO J 179 77.62 -6.19 -10.52
CA PRO J 179 77.92 -4.76 -10.65
C PRO J 179 76.66 -3.89 -10.58
N MET J 180 76.76 -2.79 -9.88
CA MET J 180 75.63 -1.87 -9.77
C MET J 180 75.61 -0.98 -11.02
N SER J 181 76.52 -1.25 -11.95
CA SER J 181 76.59 -0.48 -13.17
C SER J 181 75.31 -0.67 -13.99
N VAL J 182 74.82 0.47 -14.50
CA VAL J 182 73.59 0.56 -15.28
C VAL J 182 73.29 -0.57 -16.27
N ALA J 183 74.32 -1.18 -16.85
CA ALA J 183 74.07 -2.24 -17.82
C ALA J 183 73.19 -3.37 -17.27
N TYR J 184 73.33 -3.63 -15.97
CA TYR J 184 72.58 -4.69 -15.31
C TYR J 184 71.20 -4.26 -14.83
N ASP J 185 70.21 -5.09 -15.11
CA ASP J 185 68.82 -4.79 -14.74
C ASP J 185 68.36 -5.55 -13.50
N PHE J 186 69.29 -6.24 -12.84
CA PHE J 186 68.94 -6.99 -11.65
C PHE J 186 70.16 -7.42 -10.86
N ASN J 187 70.07 -7.36 -9.54
CA ASN J 187 71.17 -7.78 -8.70
C ASN J 187 70.70 -8.90 -7.80
N ILE J 188 71.64 -9.47 -7.06
CA ILE J 188 71.37 -10.56 -6.13
C ILE J 188 71.96 -10.25 -4.78
N HIS J 189 71.21 -9.51 -3.97
CA HIS J 189 71.68 -9.16 -2.65
C HIS J 189 71.73 -10.35 -1.70
N THR J 190 72.70 -10.32 -0.79
CA THR J 190 72.87 -11.34 0.22
C THR J 190 72.61 -10.54 1.51
N MET J 191 71.85 -11.09 2.45
CA MET J 191 71.59 -10.34 3.67
C MET J 191 71.72 -11.15 4.94
N ASP J 192 72.30 -10.54 5.96
CA ASP J 192 72.54 -11.20 7.23
C ASP J 192 72.11 -10.38 8.42
N PHE J 193 71.39 -11.03 9.33
CA PHE J 193 70.90 -10.38 10.54
C PHE J 193 71.33 -11.23 11.70
N GLN J 194 71.61 -10.59 12.82
CA GLN J 194 71.98 -11.28 14.04
C GLN J 194 70.69 -11.46 14.81
N PRO J 195 70.53 -12.58 15.54
CA PRO J 195 69.32 -12.82 16.32
C PRO J 195 68.88 -11.55 17.03
N GLY J 196 67.62 -11.18 16.84
CA GLY J 196 67.10 -10.00 17.48
C GLY J 196 67.10 -8.77 16.60
N GLU J 197 67.80 -8.85 15.47
CA GLU J 197 67.90 -7.73 14.53
C GLU J 197 66.77 -7.79 13.51
N PHE J 198 66.30 -6.63 13.06
CA PHE J 198 65.20 -6.55 12.10
C PHE J 198 65.29 -5.36 11.14
N LEU J 199 64.49 -5.40 10.06
CA LEU J 199 64.50 -4.29 9.11
C LEU J 199 63.91 -3.08 9.81
N ASN J 200 64.53 -1.93 9.65
CA ASN J 200 64.05 -0.71 10.28
C ASN J 200 62.98 -0.06 9.43
N VAL J 201 63.10 -0.20 8.11
CA VAL J 201 62.12 0.40 7.22
C VAL J 201 61.15 -0.63 6.63
N LYS J 202 59.87 -0.48 6.94
CA LYS J 202 58.83 -1.36 6.44
C LYS J 202 58.72 -1.03 4.95
N GLU J 203 59.65 -1.60 4.18
CA GLU J 203 59.74 -1.37 2.75
C GLU J 203 58.44 -1.50 1.95
N VAL J 204 58.29 -0.59 1.00
CA VAL J 204 57.17 -0.56 0.07
C VAL J 204 57.77 0.10 -1.17
N HIS J 205 58.08 -0.71 -2.18
CA HIS J 205 58.70 -0.21 -3.40
C HIS J 205 58.32 -0.99 -4.65
N TYR J 206 58.61 -0.39 -5.81
CA TYR J 206 58.31 -0.96 -7.11
C TYR J 206 59.08 -2.25 -7.41
N ASN J 207 60.25 -2.39 -6.81
CA ASN J 207 61.08 -3.56 -7.04
C ASN J 207 60.37 -4.83 -6.62
N GLN J 208 60.78 -5.95 -7.20
CA GLN J 208 60.21 -7.23 -6.85
C GLN J 208 61.30 -8.17 -6.37
N HIS J 209 60.91 -9.11 -5.50
CA HIS J 209 61.85 -10.07 -4.94
C HIS J 209 61.50 -11.53 -5.15
N GLY J 210 62.53 -12.34 -4.96
CA GLY J 210 62.44 -13.78 -5.05
C GLY J 210 63.54 -14.14 -4.08
N LEU J 211 63.22 -14.69 -2.91
CA LEU J 211 64.27 -15.03 -1.97
C LEU J 211 64.32 -16.46 -1.47
N LEU J 212 65.48 -16.80 -0.92
CA LEU J 212 65.73 -18.10 -0.36
C LEU J 212 66.41 -17.88 0.99
N LEU J 213 65.83 -18.42 2.05
CA LEU J 213 66.47 -18.27 3.33
C LEU J 213 67.50 -19.40 3.35
N LEU J 214 68.77 -19.02 3.40
CA LEU J 214 69.86 -19.99 3.41
C LEU J 214 70.26 -20.42 4.82
N GLU J 215 70.09 -19.52 5.77
CA GLU J 215 70.46 -19.80 7.16
C GLU J 215 69.60 -19.05 8.16
N GLY J 216 69.40 -19.67 9.32
CA GLY J 216 68.63 -19.04 10.38
C GLY J 216 67.15 -19.39 10.43
N GLN J 217 66.39 -18.43 10.91
CA GLN J 217 64.95 -18.56 11.04
C GLN J 217 64.48 -17.28 11.72
N GLY J 218 63.27 -16.86 11.41
CA GLY J 218 62.72 -15.66 12.02
C GLY J 218 61.28 -15.46 11.65
N ILE J 219 60.84 -14.21 11.65
CA ILE J 219 59.47 -13.88 11.28
C ILE J 219 59.49 -12.92 10.11
N TYR J 220 58.78 -13.30 9.05
CA TYR J 220 58.71 -12.46 7.88
C TYR J 220 57.33 -11.82 7.78
N ARG J 221 57.28 -10.53 7.47
CA ARG J 221 56.00 -9.89 7.32
C ARG J 221 55.78 -9.54 5.83
N LEU J 222 54.58 -9.84 5.34
CA LEU J 222 54.21 -9.57 3.95
C LEU J 222 52.78 -9.04 3.99
N GLY J 223 52.64 -7.74 3.80
CA GLY J 223 51.32 -7.13 3.87
C GLY J 223 50.82 -7.19 5.30
N ASP J 224 49.78 -7.97 5.54
CA ASP J 224 49.24 -8.07 6.89
C ASP J 224 49.36 -9.48 7.43
N ASN J 225 50.09 -10.31 6.71
CA ASN J 225 50.31 -11.69 7.08
C ASN J 225 51.72 -11.85 7.64
N TRP J 226 51.86 -12.61 8.73
CA TRP J 226 53.16 -12.84 9.34
C TRP J 226 53.52 -14.32 9.17
N TYR J 227 54.77 -14.64 8.88
CA TYR J 227 55.09 -16.05 8.69
C TYR J 227 56.34 -16.55 9.36
N PRO J 228 56.19 -17.57 10.24
CA PRO J 228 57.39 -18.10 10.87
C PRO J 228 58.10 -18.84 9.74
N VAL J 229 59.38 -18.54 9.54
CA VAL J 229 60.13 -19.16 8.46
C VAL J 229 61.44 -19.82 8.91
N GLN J 230 61.97 -20.71 8.07
CA GLN J 230 63.21 -21.40 8.39
C GLN J 230 64.02 -21.63 7.11
N ALA J 231 65.32 -21.83 7.27
CA ALA J 231 66.21 -22.06 6.14
C ALA J 231 65.57 -23.02 5.15
N GLY J 232 65.74 -22.73 3.85
CA GLY J 232 65.16 -23.57 2.82
C GLY J 232 63.81 -23.08 2.32
N ASP J 233 63.18 -22.14 3.02
CA ASP J 233 61.89 -21.60 2.60
C ASP J 233 62.16 -20.64 1.44
N VAL J 234 61.11 -20.34 0.68
CA VAL J 234 61.22 -19.43 -0.46
C VAL J 234 60.10 -18.40 -0.42
N ILE J 235 60.43 -17.14 -0.68
CA ILE J 235 59.43 -16.09 -0.69
C ILE J 235 59.41 -15.29 -2.00
N TRP J 236 58.20 -14.88 -2.41
CA TRP J 236 57.97 -14.10 -3.61
C TRP J 236 57.34 -12.80 -3.14
N MET J 237 57.91 -11.67 -3.55
CA MET J 237 57.39 -10.37 -3.14
C MET J 237 57.14 -9.47 -4.36
N ALA J 238 55.89 -9.45 -4.79
CA ALA J 238 55.49 -8.64 -5.93
C ALA J 238 55.68 -7.16 -5.58
N PRO J 239 55.75 -6.30 -6.60
CA PRO J 239 55.92 -4.87 -6.37
C PRO J 239 54.97 -4.33 -5.33
N PHE J 240 55.48 -3.40 -4.53
CA PHE J 240 54.70 -2.74 -3.50
C PHE J 240 54.13 -3.55 -2.34
N VAL J 241 54.40 -4.85 -2.28
CA VAL J 241 53.90 -5.63 -1.14
C VAL J 241 54.75 -5.28 0.07
N PRO J 242 54.13 -4.69 1.12
CA PRO J 242 54.87 -4.31 2.34
C PRO J 242 55.65 -5.51 2.91
N GLN J 243 56.94 -5.31 3.16
CA GLN J 243 57.80 -6.38 3.65
C GLN J 243 58.64 -6.00 4.87
N TRP J 244 58.94 -6.99 5.69
CA TRP J 244 59.74 -6.80 6.89
C TRP J 244 60.25 -8.16 7.40
N TYR J 245 61.46 -8.15 7.98
CA TYR J 245 62.06 -9.38 8.51
C TYR J 245 62.75 -9.15 9.85
N ALA J 246 62.78 -10.21 10.64
CA ALA J 246 63.41 -10.22 11.96
C ALA J 246 63.93 -11.63 12.16
N ALA J 247 65.19 -11.75 12.58
CA ALA J 247 65.81 -13.05 12.80
C ALA J 247 65.72 -13.48 14.28
N LEU J 248 65.61 -14.79 14.51
CA LEU J 248 65.52 -15.34 15.85
C LEU J 248 66.37 -16.60 15.93
N GLY J 249 66.53 -17.12 17.15
CA GLY J 249 67.33 -18.32 17.33
C GLY J 249 68.74 -18.01 17.82
N LYS J 250 69.56 -19.06 17.95
CA LYS J 250 70.93 -18.90 18.43
C LYS J 250 71.90 -18.52 17.32
N THR J 251 71.63 -19.00 16.11
CA THR J 251 72.47 -18.71 14.94
C THR J 251 71.99 -17.46 14.22
N ARG J 252 72.82 -16.93 13.33
CA ARG J 252 72.45 -15.73 12.58
C ARG J 252 71.34 -16.10 11.60
N SER J 253 71.17 -15.27 10.58
CA SER J 253 70.15 -15.51 9.58
C SER J 253 70.60 -14.91 8.27
N ARG J 254 70.51 -15.67 7.19
CA ARG J 254 70.90 -15.17 5.88
C ARG J 254 70.04 -15.67 4.73
N TYR J 255 69.84 -14.82 3.75
CA TYR J 255 69.08 -15.19 2.59
C TYR J 255 69.56 -14.60 1.28
N LEU J 256 69.21 -15.29 0.19
CA LEU J 256 69.57 -14.89 -1.15
C LEU J 256 68.37 -14.11 -1.69
N LEU J 257 68.66 -12.94 -2.27
CA LEU J 257 67.61 -12.06 -2.76
C LEU J 257 67.76 -11.56 -4.20
N TYR J 258 66.67 -11.64 -4.97
CA TYR J 258 66.65 -11.16 -6.34
C TYR J 258 66.14 -9.73 -6.21
N LYS J 259 66.38 -8.90 -7.21
CA LYS J 259 65.91 -7.51 -7.15
C LYS J 259 66.18 -6.76 -8.45
N ASP J 260 65.13 -6.34 -9.14
CA ASP J 260 65.31 -5.59 -10.37
C ASP J 260 65.85 -4.20 -10.05
N VAL J 261 66.75 -3.69 -10.90
CA VAL J 261 67.37 -2.37 -10.70
C VAL J 261 67.75 -1.68 -12.01
N ASN J 262 68.21 -0.44 -11.90
CA ASN J 262 68.67 0.34 -13.05
C ASN J 262 67.79 0.32 -14.32
N ARG J 263 66.50 0.63 -14.18
CA ARG J 263 65.56 0.66 -15.31
C ARG J 263 64.31 1.45 -14.93
N ASN J 264 63.83 2.27 -15.86
CA ASN J 264 62.64 3.10 -15.65
C ASN J 264 61.42 2.28 -15.25
N PRO J 265 60.74 2.69 -14.17
CA PRO J 265 59.57 1.94 -13.73
C PRO J 265 58.35 2.07 -14.66
N LEU J 266 58.35 3.11 -15.51
CA LEU J 266 57.23 3.29 -16.44
C LEU J 266 57.18 2.09 -17.39
N PRO K 7 56.17 27.33 8.73
CA PRO K 7 56.18 27.33 7.25
C PRO K 7 54.97 26.58 6.71
N ILE K 8 54.66 26.85 5.44
CA ILE K 8 53.52 26.24 4.79
C ILE K 8 54.01 24.92 4.19
N TYR K 9 53.20 23.87 4.34
CA TYR K 9 53.56 22.54 3.85
C TYR K 9 54.75 22.03 4.67
N TRP K 10 54.77 22.36 5.96
CA TRP K 10 55.85 21.90 6.81
C TRP K 10 55.57 20.51 7.39
N LYS K 11 54.39 20.32 7.96
CA LYS K 11 54.04 19.00 8.52
C LYS K 11 54.25 17.93 7.46
N ALA K 12 54.10 18.33 6.19
CA ALA K 12 54.25 17.44 5.05
C ALA K 12 55.64 16.80 4.92
N THR K 13 56.65 17.45 5.48
CA THR K 13 58.02 16.94 5.41
C THR K 13 58.42 16.40 6.77
N ASN K 14 57.75 16.92 7.81
CA ASN K 14 57.99 16.51 9.19
C ASN K 14 56.65 16.06 9.82
N PRO K 15 56.20 14.86 9.45
CA PRO K 15 54.94 14.31 9.96
C PRO K 15 54.91 14.11 11.47
N THR K 16 53.80 14.55 12.06
CA THR K 16 53.57 14.42 13.49
C THR K 16 53.94 13.03 13.98
N LEU K 17 53.71 12.01 13.17
CA LEU K 17 54.11 10.66 13.55
C LEU K 17 55.25 10.32 12.60
N SER K 18 56.47 10.49 13.05
CA SER K 18 57.62 10.20 12.20
C SER K 18 58.05 8.74 12.35
N PRO K 19 58.97 8.28 11.49
CA PRO K 19 59.49 6.91 11.51
C PRO K 19 60.33 6.60 12.76
N SER K 20 60.83 7.63 13.43
CA SER K 20 61.65 7.41 14.63
C SER K 20 60.78 7.04 15.83
N HIS K 21 59.56 7.58 15.85
CA HIS K 21 58.59 7.33 16.91
C HIS K 21 58.20 5.83 16.93
N LEU K 22 58.53 5.14 15.86
CA LEU K 22 58.19 3.73 15.74
C LEU K 22 59.38 2.80 15.75
N GLN K 23 60.52 3.25 16.27
CA GLN K 23 61.71 2.41 16.26
C GLN K 23 61.63 1.25 17.26
N ASP K 24 60.69 1.32 18.20
CA ASP K 24 60.54 0.25 19.19
C ASP K 24 59.30 -0.61 18.93
N LEU K 25 58.87 -0.64 17.68
CA LEU K 25 57.72 -1.42 17.26
C LEU K 25 58.13 -2.20 16.02
N PRO K 26 58.96 -3.23 16.22
CA PRO K 26 59.47 -4.08 15.14
C PRO K 26 58.43 -4.39 14.07
N GLY K 27 58.69 -3.96 12.84
CA GLY K 27 57.77 -4.24 11.76
C GLY K 27 56.39 -3.61 11.83
N PHE K 28 56.21 -2.58 12.64
CA PHE K 28 54.89 -1.94 12.70
C PHE K 28 54.78 -0.92 11.58
N THR K 29 53.65 -0.91 10.88
CA THR K 29 53.45 0.04 9.80
C THR K 29 52.00 0.45 9.59
N ARG K 30 51.83 1.69 9.13
CA ARG K 30 50.51 2.22 8.85
C ARG K 30 50.20 2.00 7.37
N SER K 31 51.21 1.54 6.64
CA SER K 31 51.06 1.30 5.21
C SER K 31 50.28 0.04 4.79
N VAL K 32 49.56 0.18 3.67
CA VAL K 32 48.78 -0.91 3.12
C VAL K 32 48.74 -0.80 1.59
N TYR K 33 48.88 -1.92 0.91
CA TYR K 33 48.82 -1.95 -0.55
C TYR K 33 47.83 -3.05 -0.93
N LYS K 34 46.67 -2.66 -1.45
CA LYS K 34 45.62 -3.60 -1.86
C LYS K 34 45.32 -3.57 -3.37
N ARG K 35 44.44 -4.45 -3.82
CA ARG K 35 44.09 -4.53 -5.23
C ARG K 35 43.57 -3.27 -5.89
N ASP K 36 42.82 -2.44 -5.16
CA ASP K 36 42.25 -1.25 -5.74
C ASP K 36 42.63 0.08 -5.10
N HIS K 37 43.61 0.04 -4.19
CA HIS K 37 44.08 1.26 -3.54
C HIS K 37 45.32 0.97 -2.74
N ALA K 38 45.88 2.03 -2.17
CA ALA K 38 47.07 1.88 -1.34
C ALA K 38 47.19 3.08 -0.43
N LEU K 39 47.85 2.88 0.70
CA LEU K 39 48.10 3.95 1.66
C LEU K 39 49.58 3.81 1.98
N ILE K 40 50.39 4.70 1.40
CA ILE K 40 51.82 4.70 1.64
C ILE K 40 52.11 5.78 2.67
N THR K 41 52.72 5.36 3.77
CA THR K 41 53.05 6.25 4.87
C THR K 41 54.57 6.38 4.95
N PRO K 42 55.05 7.50 5.53
CA PRO K 42 56.45 7.88 5.73
C PRO K 42 57.43 6.79 6.10
N GLU K 43 57.22 6.18 7.26
CA GLU K 43 58.10 5.13 7.74
C GLU K 43 58.16 3.90 6.81
N SER K 44 57.61 4.03 5.61
CA SER K 44 57.61 2.95 4.64
C SER K 44 58.27 3.31 3.30
N HIS K 45 58.74 4.55 3.18
CA HIS K 45 59.41 5.00 1.96
C HIS K 45 60.76 4.30 1.80
N VAL K 46 61.13 4.06 0.56
CA VAL K 46 62.42 3.42 0.28
C VAL K 46 63.20 4.40 -0.62
N TYR K 47 63.77 5.43 0.02
CA TYR K 47 64.55 6.43 -0.68
C TYR K 47 65.78 5.81 -1.27
N SER K 48 66.25 6.39 -2.37
CA SER K 48 67.42 5.87 -3.06
C SER K 48 67.87 6.82 -4.16
N PRO K 49 69.16 6.73 -4.55
CA PRO K 49 69.73 7.58 -5.62
C PRO K 49 68.88 7.49 -6.89
N LEU K 50 68.48 8.64 -7.40
CA LEU K 50 67.64 8.75 -8.58
C LEU K 50 68.45 9.03 -9.85
N PRO K 51 68.46 8.08 -10.81
CA PRO K 51 69.20 8.19 -12.08
C PRO K 51 69.13 9.53 -12.85
N ASP K 52 70.27 9.91 -13.45
CA ASP K 52 70.39 11.13 -14.25
C ASP K 52 70.37 12.39 -13.39
N TRP K 53 70.02 12.22 -12.12
CA TRP K 53 69.94 13.37 -11.21
C TRP K 53 71.27 13.65 -10.52
N THR K 54 71.36 14.81 -9.87
CA THR K 54 72.59 15.21 -9.19
C THR K 54 72.39 15.54 -7.71
N ASN K 55 72.96 14.69 -6.85
CA ASN K 55 72.87 14.86 -5.42
C ASN K 55 71.41 14.99 -5.02
N THR K 56 70.63 14.01 -5.47
CA THR K 56 69.21 13.96 -5.19
C THR K 56 68.79 12.51 -4.88
N LEU K 57 68.06 12.33 -3.77
CA LEU K 57 67.59 11.01 -3.37
C LEU K 57 66.11 10.88 -3.75
N GLY K 58 65.68 9.68 -4.15
CA GLY K 58 64.30 9.50 -4.52
C GLY K 58 63.72 8.14 -4.18
N ALA K 59 62.42 8.13 -3.92
CA ALA K 59 61.72 6.89 -3.59
C ALA K 59 60.38 6.87 -4.34
N TYR K 60 60.14 5.76 -5.02
CA TYR K 60 58.93 5.56 -5.80
C TYR K 60 57.76 5.15 -4.93
N LEU K 61 56.63 5.87 -5.07
CA LEU K 61 55.43 5.58 -4.30
C LEU K 61 54.40 4.80 -5.11
N ILE K 62 54.25 5.16 -6.38
CA ILE K 62 53.29 4.49 -7.27
C ILE K 62 53.84 4.30 -8.67
N THR K 63 53.59 3.13 -9.28
CA THR K 63 54.04 2.88 -10.65
C THR K 63 53.10 1.90 -11.37
N PRO K 64 53.08 1.94 -12.71
CA PRO K 64 52.23 1.08 -13.52
C PRO K 64 52.15 -0.33 -13.01
N ALA K 65 53.15 -0.74 -12.24
CA ALA K 65 53.16 -2.09 -11.67
C ALA K 65 51.90 -2.34 -10.85
N THR K 66 51.26 -1.25 -10.43
CA THR K 66 50.03 -1.29 -9.64
C THR K 66 48.78 -1.14 -10.51
N GLY K 67 48.96 -1.14 -11.83
CA GLY K 67 47.84 -0.98 -12.73
C GLY K 67 47.70 0.46 -13.20
N SER K 68 48.40 1.37 -12.54
CA SER K 68 48.33 2.78 -12.91
C SER K 68 48.96 2.95 -14.28
N HIS K 69 48.94 4.18 -14.78
CA HIS K 69 49.53 4.47 -16.07
C HIS K 69 50.47 5.64 -15.87
N PHE K 70 50.94 5.77 -14.63
CA PHE K 70 51.83 6.86 -14.28
C PHE K 70 52.69 6.51 -13.06
N VAL K 71 53.58 7.44 -12.70
CA VAL K 71 54.42 7.23 -11.54
C VAL K 71 54.26 8.41 -10.61
N MET K 72 54.39 8.14 -9.33
CA MET K 72 54.32 9.19 -8.34
C MET K 72 55.51 8.95 -7.43
N TYR K 73 56.54 9.77 -7.58
CA TYR K 73 57.72 9.60 -6.74
C TYR K 73 58.13 10.85 -6.01
N LEU K 74 58.98 10.63 -5.01
CA LEU K 74 59.50 11.72 -4.20
C LEU K 74 60.99 11.84 -4.48
N ALA K 75 61.41 13.06 -4.76
CA ALA K 75 62.82 13.33 -5.00
C ALA K 75 63.25 14.37 -4.00
N LYS K 76 64.30 14.01 -3.27
CA LYS K 76 64.89 14.87 -2.26
C LYS K 76 66.18 15.39 -2.86
N MET K 77 66.18 16.67 -3.18
CA MET K 77 67.34 17.32 -3.78
C MET K 77 68.19 17.95 -2.69
N LYS K 78 69.44 17.49 -2.59
CA LYS K 78 70.38 18.00 -1.59
C LYS K 78 71.05 19.31 -2.05
N GLU K 79 72.11 19.72 -1.35
CA GLU K 79 72.81 20.95 -1.72
C GLU K 79 73.48 20.86 -3.10
N MET K 80 73.19 21.85 -3.96
CA MET K 80 73.76 21.91 -5.30
C MET K 80 73.36 20.64 -6.10
N SER K 81 72.09 20.62 -6.52
CA SER K 81 71.52 19.50 -7.27
C SER K 81 70.87 19.90 -8.61
N SER K 82 70.60 18.89 -9.45
CA SER K 82 69.97 19.11 -10.76
C SER K 82 69.37 17.82 -11.36
N SER K 83 68.09 17.91 -11.74
CA SER K 83 67.35 16.77 -12.32
C SER K 83 67.87 16.28 -13.67
N GLY K 84 67.17 15.32 -14.24
CA GLY K 84 67.61 14.78 -15.52
C GLY K 84 66.57 14.93 -16.62
N LEU K 85 66.29 13.83 -17.30
CA LEU K 85 65.30 13.82 -18.38
C LEU K 85 64.64 12.47 -18.50
N PRO K 86 63.29 12.47 -18.57
CA PRO K 86 62.51 11.23 -18.69
C PRO K 86 62.72 10.66 -20.07
N PRO K 87 62.33 9.39 -20.27
CA PRO K 87 62.51 8.82 -21.61
C PRO K 87 61.67 9.63 -22.59
N GLN K 88 61.79 9.29 -23.86
CA GLN K 88 61.02 9.98 -24.90
C GLN K 88 59.52 9.72 -24.73
N ASP K 89 58.71 10.75 -24.97
CA ASP K 89 57.25 10.68 -24.88
C ASP K 89 56.69 10.64 -23.45
N ILE K 90 57.58 10.77 -22.46
CA ILE K 90 57.15 10.78 -21.05
C ILE K 90 57.07 12.21 -20.51
N GLU K 91 55.87 12.62 -20.12
CA GLU K 91 55.64 13.95 -19.58
C GLU K 91 55.96 14.00 -18.08
N ARG K 92 56.51 15.13 -17.64
CA ARG K 92 56.89 15.31 -16.25
C ARG K 92 56.23 16.52 -15.65
N LEU K 93 55.71 16.37 -14.42
CA LEU K 93 55.06 17.46 -13.71
C LEU K 93 55.76 17.47 -12.36
N ILE K 94 56.11 18.66 -11.86
CA ILE K 94 56.78 18.75 -10.57
C ILE K 94 56.21 19.87 -9.72
N PHE K 95 55.95 19.54 -8.46
CA PHE K 95 55.40 20.47 -7.47
C PHE K 95 56.45 20.50 -6.37
N VAL K 96 56.82 21.71 -5.96
CA VAL K 96 57.83 21.92 -4.92
C VAL K 96 57.17 21.97 -3.56
N VAL K 97 57.43 20.92 -2.78
CA VAL K 97 56.89 20.72 -1.45
C VAL K 97 57.55 21.59 -0.40
N GLU K 98 58.86 21.75 -0.54
CA GLU K 98 59.61 22.54 0.43
C GLU K 98 60.99 22.92 -0.12
N GLY K 99 61.39 24.15 0.19
CA GLY K 99 62.69 24.62 -0.27
C GLY K 99 62.60 25.59 -1.44
N ALA K 100 63.40 25.30 -2.48
CA ALA K 100 63.44 26.13 -3.69
C ALA K 100 64.33 25.51 -4.78
N VAL K 101 63.92 25.68 -6.03
CA VAL K 101 64.64 25.14 -7.18
C VAL K 101 64.34 26.05 -8.37
N THR K 102 65.09 25.91 -9.46
CA THR K 102 64.78 26.76 -10.60
C THR K 102 64.72 26.07 -11.94
N LEU K 103 63.75 26.52 -12.70
CA LEU K 103 63.48 25.99 -14.03
C LEU K 103 64.24 26.76 -15.10
N THR K 104 64.47 26.07 -16.21
CA THR K 104 65.19 26.63 -17.35
C THR K 104 64.72 26.01 -18.68
N ASN K 105 64.34 26.88 -19.62
CA ASN K 105 63.87 26.47 -20.95
C ASN K 105 64.70 25.31 -21.49
N SER K 108 59.52 31.07 -21.64
CA SER K 108 60.95 30.84 -21.48
C SER K 108 61.46 31.59 -20.25
N SER K 109 62.78 31.71 -20.12
CA SER K 109 63.41 32.38 -18.98
C SER K 109 63.74 31.38 -17.86
N SER K 110 63.68 31.85 -16.62
CA SER K 110 63.98 31.02 -15.45
C SER K 110 63.20 31.53 -14.24
N LYS K 111 62.52 30.61 -13.54
CA LYS K 111 61.71 30.97 -12.35
C LYS K 111 62.22 30.38 -11.04
N LYS K 112 62.08 31.14 -9.97
CA LYS K 112 62.50 30.66 -8.65
C LYS K 112 61.31 29.96 -8.03
N LEU K 113 61.21 28.65 -8.29
CA LEU K 113 60.13 27.84 -7.77
C LEU K 113 60.35 27.50 -6.30
N THR K 114 59.58 28.14 -5.42
CA THR K 114 59.66 27.90 -3.97
C THR K 114 58.54 26.93 -3.56
N VAL K 115 58.27 26.84 -2.26
CA VAL K 115 57.21 25.96 -1.77
C VAL K 115 55.92 26.39 -2.49
N ASP K 116 55.01 25.45 -2.74
CA ASP K 116 53.71 25.76 -3.37
C ASP K 116 53.74 26.07 -4.87
N SER K 117 54.92 26.02 -5.50
CA SER K 117 55.03 26.37 -6.90
C SER K 117 55.28 25.14 -7.77
N TYR K 118 54.75 25.15 -9.00
CA TYR K 118 54.88 24.01 -9.91
C TYR K 118 55.24 24.34 -11.35
N ALA K 119 55.53 23.28 -12.11
CA ALA K 119 55.90 23.44 -13.50
C ALA K 119 55.69 22.19 -14.34
N TYR K 120 54.60 22.17 -15.10
CA TYR K 120 54.29 21.02 -15.96
C TYR K 120 55.23 21.05 -17.17
N LEU K 121 55.63 19.87 -17.65
CA LEU K 121 56.54 19.80 -18.78
C LEU K 121 56.27 18.75 -19.85
N PRO K 122 55.94 19.20 -21.08
CA PRO K 122 55.64 18.42 -22.28
C PRO K 122 56.66 17.30 -22.59
N PRO K 123 56.20 16.23 -23.23
CA PRO K 123 57.14 15.14 -23.55
C PRO K 123 58.28 15.62 -24.46
N ASN K 124 59.47 15.11 -24.19
CA ASN K 124 60.66 15.44 -24.98
C ASN K 124 61.09 16.92 -24.85
N PHE K 125 60.33 17.72 -24.10
CA PHE K 125 60.68 19.13 -23.91
C PHE K 125 61.85 19.31 -22.94
N HIS K 126 63.06 19.48 -23.49
CA HIS K 126 64.26 19.69 -22.67
C HIS K 126 63.98 20.71 -21.55
N HIS K 127 64.74 20.61 -20.47
CA HIS K 127 64.62 21.51 -19.32
C HIS K 127 65.52 21.02 -18.20
N SER K 128 65.75 21.85 -17.19
CA SER K 128 66.59 21.40 -16.10
C SER K 128 66.29 22.10 -14.80
N LEU K 129 66.15 21.29 -13.76
CA LEU K 129 65.87 21.79 -12.43
C LEU K 129 67.17 21.75 -11.67
N ASP K 130 67.55 22.90 -11.15
CA ASP K 130 68.79 23.02 -10.39
C ASP K 130 68.46 23.58 -9.01
N CYS K 131 68.99 22.93 -7.98
CA CYS K 131 68.75 23.33 -6.59
C CYS K 131 70.07 23.47 -5.83
N VAL K 132 70.31 24.66 -5.28
CA VAL K 132 71.55 24.85 -4.53
C VAL K 132 71.40 24.30 -3.10
N GLU K 133 70.44 24.83 -2.35
CA GLU K 133 70.21 24.40 -0.97
C GLU K 133 69.60 22.99 -0.82
N SER K 134 68.28 22.92 -0.79
CA SER K 134 67.57 21.66 -0.65
C SER K 134 66.21 21.71 -1.37
N ALA K 135 65.65 20.54 -1.64
CA ALA K 135 64.37 20.46 -2.32
C ALA K 135 63.62 19.13 -2.20
N THR K 136 62.34 19.24 -1.84
CA THR K 136 61.50 18.07 -1.70
C THR K 136 60.54 18.10 -2.89
N LEU K 137 60.87 17.33 -3.93
CA LEU K 137 60.04 17.29 -5.14
C LEU K 137 59.15 16.06 -5.30
N VAL K 138 57.84 16.32 -5.39
CA VAL K 138 56.84 15.27 -5.58
C VAL K 138 56.47 15.31 -7.06
N VAL K 139 57.03 14.41 -7.87
CA VAL K 139 56.72 14.44 -9.31
C VAL K 139 56.01 13.23 -9.95
N PHE K 140 55.24 13.54 -10.99
CA PHE K 140 54.45 12.55 -11.75
C PHE K 140 54.97 12.36 -13.20
N GLU K 141 54.98 11.12 -13.69
CA GLU K 141 55.43 10.86 -15.05
C GLU K 141 54.51 9.85 -15.77
N ARG K 142 54.13 10.18 -17.00
CA ARG K 142 53.25 9.32 -17.77
C ARG K 142 53.56 9.34 -19.26
N ARG K 143 53.49 8.16 -19.88
CA ARG K 143 53.70 7.98 -21.32
C ARG K 143 52.53 8.74 -21.94
N TYR K 144 52.81 9.98 -22.37
CA TYR K 144 51.77 10.85 -22.92
C TYR K 144 50.97 10.16 -24.01
N GLU K 145 49.66 10.40 -24.00
CA GLU K 145 48.79 9.80 -24.99
C GLU K 145 48.45 10.84 -26.05
N TYR K 146 49.21 10.81 -27.13
CA TYR K 146 49.00 11.77 -28.21
C TYR K 146 47.61 11.59 -28.81
N LEU K 147 46.84 12.66 -28.80
CA LEU K 147 45.50 12.66 -29.36
C LEU K 147 45.50 13.53 -30.63
N GLY K 148 45.81 12.89 -31.77
CA GLY K 148 45.86 13.60 -33.04
C GLY K 148 47.14 14.41 -33.23
N SER K 149 46.99 15.66 -33.66
CA SER K 149 48.14 16.52 -33.88
C SER K 149 48.46 17.29 -32.61
N HIS K 150 47.49 17.32 -31.69
CA HIS K 150 47.62 18.01 -30.42
C HIS K 150 48.99 17.89 -29.76
N THR K 151 49.26 18.87 -28.89
CA THR K 151 50.53 18.94 -28.20
C THR K 151 50.41 19.81 -26.95
N THR K 152 51.23 19.53 -25.94
CA THR K 152 51.21 20.31 -24.68
C THR K 152 52.26 21.43 -24.63
N GLU K 153 52.13 22.31 -23.65
CA GLU K 153 53.06 23.42 -23.52
C GLU K 153 53.42 23.75 -22.07
N LEU K 154 54.73 23.80 -21.84
CA LEU K 154 55.34 24.11 -20.55
C LEU K 154 54.54 25.09 -19.65
N ILE K 155 53.95 24.58 -18.57
CA ILE K 155 53.19 25.41 -17.64
C ILE K 155 54.03 25.68 -16.40
N VAL K 156 53.77 26.80 -15.74
CA VAL K 156 54.50 27.16 -14.51
C VAL K 156 53.64 28.11 -13.67
N GLY K 157 53.54 27.84 -12.37
CA GLY K 157 52.72 28.68 -11.52
C GLY K 157 52.94 28.40 -10.03
N SER K 158 51.86 28.52 -9.26
CA SER K 158 51.95 28.27 -7.82
C SER K 158 50.57 28.28 -7.15
N THR K 159 50.00 27.09 -6.90
CA THR K 159 48.69 26.97 -6.26
C THR K 159 47.86 28.26 -6.20
N ASP K 160 48.30 29.23 -5.39
CA ASP K 160 47.59 30.51 -5.31
C ASP K 160 47.68 31.20 -6.69
N LYS K 161 48.45 30.60 -7.59
CA LYS K 161 48.62 31.06 -8.96
C LYS K 161 47.50 30.45 -9.78
N GLN K 162 46.45 30.04 -9.09
CA GLN K 162 45.30 29.44 -9.73
C GLN K 162 43.98 29.92 -9.14
N PRO K 163 42.99 30.16 -10.01
CA PRO K 163 41.65 30.63 -9.63
C PRO K 163 40.79 29.57 -8.94
N LEU K 164 40.02 30.00 -7.94
CA LEU K 164 39.14 29.10 -7.23
C LEU K 164 37.98 28.69 -8.13
N LEU K 165 38.10 27.52 -8.75
CA LEU K 165 37.09 26.96 -9.65
C LEU K 165 35.79 26.66 -8.90
N GLU K 166 34.71 26.50 -9.66
CA GLU K 166 33.40 26.20 -9.09
C GLU K 166 33.24 24.70 -8.82
N THR K 167 32.70 24.34 -7.66
CA THR K 167 32.52 22.92 -7.32
C THR K 167 31.05 22.64 -7.01
N PRO K 168 30.30 22.16 -8.01
CA PRO K 168 28.88 21.83 -7.90
C PRO K 168 28.51 20.75 -6.89
N GLY K 169 27.68 21.09 -5.91
CA GLY K 169 27.27 20.11 -4.92
C GLY K 169 28.32 19.89 -3.84
N GLU K 170 29.57 20.22 -4.17
CA GLU K 170 30.67 20.09 -3.23
C GLU K 170 30.83 21.36 -2.40
N VAL K 171 31.83 21.38 -1.53
CA VAL K 171 32.06 22.53 -0.68
C VAL K 171 33.53 22.68 -0.29
N PHE K 172 34.40 22.02 -1.05
CA PHE K 172 35.83 22.10 -0.82
C PHE K 172 36.36 23.14 -1.81
N GLU K 173 37.56 23.65 -1.58
CA GLU K 173 38.09 24.67 -2.48
C GLU K 173 38.97 24.05 -3.54
N LEU K 174 38.48 24.09 -4.77
CA LEU K 174 39.17 23.51 -5.90
C LEU K 174 39.99 24.47 -6.73
N ARG K 175 41.24 24.06 -6.97
CA ARG K 175 42.17 24.81 -7.78
C ARG K 175 42.85 23.78 -8.67
N LYS K 176 42.81 23.97 -9.98
CA LYS K 176 43.47 23.05 -10.88
C LYS K 176 44.70 23.81 -11.36
N LEU K 177 45.87 23.16 -11.29
CA LEU K 177 47.14 23.78 -11.67
C LEU K 177 47.35 23.94 -13.18
N LEU K 178 46.86 22.97 -13.94
CA LEU K 178 47.02 23.01 -15.39
C LEU K 178 45.73 23.37 -16.12
N PRO K 179 45.78 23.39 -17.45
CA PRO K 179 44.59 23.73 -18.23
C PRO K 179 43.68 22.52 -18.51
N MET K 180 42.38 22.76 -18.52
CA MET K 180 41.39 21.71 -18.78
C MET K 180 41.40 21.38 -20.28
N SER K 181 42.03 22.26 -21.06
CA SER K 181 42.15 22.10 -22.51
C SER K 181 42.45 20.65 -22.90
N VAL K 182 41.69 20.14 -23.87
CA VAL K 182 41.81 18.77 -24.37
C VAL K 182 43.23 18.32 -24.68
N ALA K 183 44.22 19.18 -24.45
CA ALA K 183 45.59 18.81 -24.75
C ALA K 183 46.15 17.83 -23.69
N TYR K 184 46.09 18.28 -22.44
CA TYR K 184 46.61 17.48 -21.33
C TYR K 184 45.79 16.23 -21.04
N ASP K 185 46.49 15.09 -20.97
CA ASP K 185 45.84 13.80 -20.68
C ASP K 185 45.63 13.62 -19.17
N PHE K 186 46.05 14.61 -18.40
CA PHE K 186 45.90 14.61 -16.95
C PHE K 186 46.03 16.02 -16.39
N ASN K 187 45.50 16.23 -15.18
CA ASN K 187 45.51 17.52 -14.51
C ASN K 187 45.72 17.34 -13.00
N ILE K 188 46.42 18.26 -12.35
CA ILE K 188 46.66 18.17 -10.91
C ILE K 188 45.68 19.08 -10.19
N HIS K 189 44.96 18.54 -9.21
CA HIS K 189 44.00 19.34 -8.45
C HIS K 189 44.53 19.62 -7.05
N THR K 190 43.98 20.67 -6.45
CA THR K 190 44.32 21.10 -5.11
C THR K 190 42.96 21.20 -4.44
N MET K 191 42.74 20.40 -3.41
CA MET K 191 41.46 20.40 -2.71
C MET K 191 41.61 20.80 -1.26
N ASP K 192 40.79 21.74 -0.82
CA ASP K 192 40.85 22.25 0.54
C ASP K 192 39.52 22.10 1.24
N PHE K 193 39.55 21.51 2.43
CA PHE K 193 38.34 21.29 3.22
C PHE K 193 38.51 21.99 4.57
N GLN K 194 37.43 22.57 5.08
CA GLN K 194 37.48 23.19 6.39
C GLN K 194 37.19 22.07 7.38
N PRO K 195 37.63 22.19 8.64
CA PRO K 195 37.33 21.11 9.58
C PRO K 195 35.85 20.77 9.63
N GLY K 196 35.53 19.50 9.41
CA GLY K 196 34.14 19.09 9.47
C GLY K 196 33.47 18.90 8.13
N GLU K 197 34.10 19.41 7.08
CA GLU K 197 33.54 19.27 5.75
C GLU K 197 33.96 17.93 5.17
N PHE K 198 33.22 17.48 4.16
CA PHE K 198 33.50 16.19 3.51
C PHE K 198 32.84 16.11 2.14
N LEU K 199 33.34 15.18 1.32
CA LEU K 199 32.81 14.96 -0.02
C LEU K 199 31.35 14.53 0.08
N ASN K 200 30.50 15.09 -0.78
CA ASN K 200 29.10 14.70 -0.76
C ASN K 200 28.92 13.48 -1.61
N VAL K 201 29.49 13.50 -2.81
CA VAL K 201 29.40 12.36 -3.69
C VAL K 201 30.41 11.31 -3.26
N LYS K 202 29.96 10.07 -3.10
CA LYS K 202 30.86 8.97 -2.75
C LYS K 202 31.42 8.47 -4.07
N GLU K 203 32.40 9.22 -4.57
CA GLU K 203 33.05 8.93 -5.85
C GLU K 203 33.38 7.49 -6.20
N VAL K 204 32.94 7.11 -7.39
CA VAL K 204 33.18 5.81 -7.97
C VAL K 204 33.19 6.19 -9.45
N HIS K 205 34.39 6.29 -10.03
CA HIS K 205 34.57 6.71 -11.42
C HIS K 205 35.76 6.01 -12.04
N TYR K 206 35.87 6.04 -13.37
CA TYR K 206 36.97 5.38 -14.07
C TYR K 206 38.33 6.05 -13.85
N ASN K 207 38.31 7.35 -13.58
CA ASN K 207 39.54 8.11 -13.35
C ASN K 207 40.40 7.49 -12.23
N GLN K 208 41.71 7.48 -12.42
CA GLN K 208 42.59 6.93 -11.40
C GLN K 208 43.32 8.06 -10.69
N HIS K 209 43.56 7.89 -9.39
CA HIS K 209 44.23 8.92 -8.59
C HIS K 209 45.60 8.61 -7.99
N GLY K 210 46.18 9.68 -7.47
CA GLY K 210 47.46 9.67 -6.80
C GLY K 210 47.33 10.93 -5.99
N LEU K 211 47.27 10.83 -4.66
CA LEU K 211 47.13 12.05 -3.85
C LEU K 211 48.15 12.16 -2.71
N LEU K 212 48.54 13.38 -2.39
CA LEU K 212 49.50 13.66 -1.30
C LEU K 212 48.92 14.66 -0.32
N LEU K 213 48.77 14.25 0.93
CA LEU K 213 48.21 15.13 1.94
C LEU K 213 49.26 16.09 2.44
N LEU K 214 49.26 17.30 1.89
CA LEU K 214 50.23 18.32 2.27
C LEU K 214 49.96 18.88 3.66
N GLU K 215 48.70 19.17 3.97
CA GLU K 215 48.37 19.68 5.30
C GLU K 215 47.03 19.24 5.87
N GLY K 216 47.00 19.04 7.19
CA GLY K 216 45.77 18.65 7.88
C GLY K 216 45.72 17.19 8.28
N GLN K 217 44.53 16.73 8.63
CA GLN K 217 44.31 15.34 9.03
C GLN K 217 42.87 15.00 8.78
N GLY K 218 42.54 13.71 8.85
CA GLY K 218 41.17 13.32 8.62
C GLY K 218 41.04 11.84 8.37
N ILE K 219 39.86 11.41 7.96
CA ILE K 219 39.62 10.00 7.66
C ILE K 219 39.39 9.85 6.18
N TYR K 220 40.01 8.84 5.59
CA TYR K 220 39.83 8.58 4.18
C TYR K 220 39.22 7.19 4.11
N ARG K 221 38.23 7.03 3.24
CA ARG K 221 37.59 5.74 3.09
C ARG K 221 37.88 5.26 1.68
N LEU K 222 38.41 4.04 1.57
CA LEU K 222 38.72 3.44 0.28
C LEU K 222 38.14 2.03 0.28
N GLY K 223 37.18 1.79 -0.59
CA GLY K 223 36.55 0.48 -0.64
C GLY K 223 35.73 0.38 0.63
N ASP K 224 35.95 -0.67 1.42
CA ASP K 224 35.22 -0.83 2.68
C ASP K 224 36.20 -0.66 3.83
N ASN K 225 37.26 0.13 3.58
CA ASN K 225 38.30 0.41 4.57
C ASN K 225 38.33 1.88 4.99
N TRP K 226 38.68 2.13 6.25
CA TRP K 226 38.77 3.49 6.78
C TRP K 226 40.17 3.74 7.34
N TYR K 227 40.82 4.78 6.81
CA TYR K 227 42.19 5.10 7.22
C TYR K 227 42.42 6.48 7.81
N PRO K 228 42.85 6.55 9.08
CA PRO K 228 43.09 7.90 9.62
C PRO K 228 44.32 8.40 8.85
N VAL K 229 44.30 9.66 8.44
CA VAL K 229 45.43 10.19 7.68
C VAL K 229 45.93 11.54 8.16
N GLN K 230 47.24 11.71 8.13
CA GLN K 230 47.89 12.96 8.53
C GLN K 230 48.77 13.48 7.39
N ALA K 231 49.15 14.75 7.45
CA ALA K 231 49.99 15.32 6.42
C ALA K 231 51.21 14.42 6.17
N GLY K 232 51.56 14.25 4.90
CA GLY K 232 52.71 13.42 4.57
C GLY K 232 52.30 12.05 4.02
N ASP K 233 51.02 11.72 4.12
CA ASP K 233 50.57 10.43 3.61
C ASP K 233 50.41 10.47 2.10
N VAL K 234 50.30 9.29 1.50
CA VAL K 234 50.15 9.19 0.05
C VAL K 234 49.17 8.06 -0.26
N ILE K 235 48.15 8.39 -1.04
CA ILE K 235 47.12 7.43 -1.41
C ILE K 235 47.15 7.09 -2.90
N TRP K 236 46.91 5.81 -3.18
CA TRP K 236 46.85 5.31 -4.54
C TRP K 236 45.40 4.91 -4.72
N MET K 237 44.74 5.47 -5.71
CA MET K 237 43.35 5.12 -5.94
C MET K 237 43.21 4.59 -7.35
N ALA K 238 43.07 3.27 -7.48
CA ALA K 238 42.90 2.66 -8.78
C ALA K 238 41.51 3.00 -9.28
N PRO K 239 41.27 2.86 -10.59
CA PRO K 239 39.95 3.16 -11.15
C PRO K 239 38.79 2.45 -10.42
N PHE K 240 37.65 3.12 -10.39
CA PHE K 240 36.43 2.60 -9.78
C PHE K 240 36.41 2.25 -8.30
N VAL K 241 37.51 2.46 -7.59
CA VAL K 241 37.51 2.17 -6.16
C VAL K 241 36.70 3.25 -5.44
N PRO K 242 35.67 2.83 -4.68
CA PRO K 242 34.88 3.84 -3.96
C PRO K 242 35.83 4.69 -3.10
N GLN K 243 35.64 6.01 -3.09
CA GLN K 243 36.50 6.91 -2.33
C GLN K 243 35.74 8.07 -1.69
N TRP K 244 36.18 8.45 -0.49
CA TRP K 244 35.59 9.52 0.30
C TRP K 244 36.58 10.03 1.34
N TYR K 245 36.41 11.29 1.76
CA TYR K 245 37.31 11.91 2.74
C TYR K 245 36.63 12.92 3.62
N ALA K 246 37.16 13.07 4.84
CA ALA K 246 36.63 14.06 5.77
C ALA K 246 37.82 14.77 6.42
N ALA K 247 37.70 16.09 6.52
CA ALA K 247 38.76 16.90 7.09
C ALA K 247 38.50 17.02 8.58
N LEU K 248 39.51 16.70 9.38
CA LEU K 248 39.36 16.79 10.83
C LEU K 248 40.46 17.57 11.53
N GLY K 249 40.11 18.12 12.69
CA GLY K 249 41.08 18.88 13.47
C GLY K 249 40.74 20.33 13.75
N LYS K 250 41.78 21.10 14.00
CA LYS K 250 41.63 22.50 14.26
C LYS K 250 42.01 23.23 12.98
N THR K 251 42.86 22.60 12.17
CA THR K 251 43.30 23.21 10.90
C THR K 251 42.57 22.65 9.69
N ARG K 252 42.95 23.13 8.53
CA ARG K 252 42.34 22.75 7.27
C ARG K 252 43.15 21.66 6.62
N SER K 253 42.51 20.83 5.80
CA SER K 253 43.23 19.78 5.12
C SER K 253 43.33 20.23 3.68
N ARG K 254 44.42 19.83 3.02
CA ARG K 254 44.62 20.17 1.63
C ARG K 254 45.49 19.10 1.00
N TYR K 255 45.00 18.53 -0.09
CA TYR K 255 45.80 17.53 -0.76
C TYR K 255 45.97 17.80 -2.24
N LEU K 256 47.19 17.55 -2.69
CA LEU K 256 47.58 17.71 -4.09
C LEU K 256 47.01 16.43 -4.68
N LEU K 257 46.38 16.50 -5.85
CA LEU K 257 45.80 15.29 -6.44
C LEU K 257 45.93 15.14 -7.96
N TYR K 258 46.45 13.98 -8.37
CA TYR K 258 46.60 13.69 -9.80
C TYR K 258 45.33 13.01 -10.33
N LYS K 259 44.93 13.38 -11.54
CA LYS K 259 43.73 12.81 -12.16
C LYS K 259 43.82 12.78 -13.69
N ASP K 260 43.57 11.61 -14.27
CA ASP K 260 43.63 11.46 -15.72
C ASP K 260 42.37 12.02 -16.38
N VAL K 261 42.54 12.66 -17.53
CA VAL K 261 41.42 13.27 -18.23
C VAL K 261 41.59 13.32 -19.75
N ASN K 262 40.56 13.82 -20.42
CA ASN K 262 40.54 14.00 -21.87
C ASN K 262 40.91 12.81 -22.74
N ARG K 263 40.45 11.62 -22.40
CA ARG K 263 40.76 10.45 -23.22
C ARG K 263 39.66 9.40 -23.13
N ASN K 264 39.14 8.97 -24.27
CA ASN K 264 38.09 7.97 -24.27
C ASN K 264 38.57 6.79 -23.44
N PRO K 265 37.86 6.48 -22.35
CA PRO K 265 38.21 5.37 -21.46
C PRO K 265 37.92 3.98 -22.04
N LEU K 266 37.89 3.88 -23.35
CA LEU K 266 37.65 2.59 -24.00
C LEU K 266 38.94 1.83 -24.02
N PRO L 7 -75.60 32.71 -13.22
CA PRO L 7 -74.91 33.77 -13.99
C PRO L 7 -73.78 33.14 -14.80
N ILE L 8 -73.50 33.68 -15.97
CA ILE L 8 -72.42 33.15 -16.81
C ILE L 8 -71.08 33.33 -16.10
N TYR L 9 -70.27 32.28 -16.13
CA TYR L 9 -68.96 32.29 -15.51
C TYR L 9 -69.03 32.59 -14.01
N TRP L 10 -70.10 32.13 -13.38
CA TRP L 10 -70.27 32.37 -11.96
C TRP L 10 -69.20 31.65 -11.15
N LYS L 11 -69.05 30.36 -11.41
CA LYS L 11 -68.07 29.53 -10.70
C LYS L 11 -66.61 29.99 -10.84
N ALA L 12 -66.30 30.73 -11.90
CA ALA L 12 -64.93 31.22 -12.12
C ALA L 12 -64.57 32.25 -11.06
N THR L 13 -65.58 32.98 -10.61
CA THR L 13 -65.40 33.98 -9.58
C THR L 13 -65.94 33.46 -8.24
N ASN L 14 -66.49 32.25 -8.28
CA ASN L 14 -67.03 31.58 -7.10
C ASN L 14 -66.78 30.07 -7.22
N PRO L 15 -65.53 29.64 -7.04
CA PRO L 15 -65.09 28.23 -7.11
C PRO L 15 -65.65 27.26 -6.06
N THR L 16 -65.98 26.05 -6.52
CA THR L 16 -66.51 25.03 -5.62
C THR L 16 -65.63 24.98 -4.39
N LEU L 17 -64.37 24.57 -4.55
CA LEU L 17 -63.43 24.57 -3.42
C LEU L 17 -62.96 26.03 -3.31
N SER L 18 -63.43 26.71 -2.27
CA SER L 18 -63.10 28.11 -2.05
C SER L 18 -62.01 28.33 -1.01
N PRO L 19 -61.28 29.44 -1.12
CA PRO L 19 -60.21 29.82 -0.21
C PRO L 19 -60.60 29.74 1.25
N SER L 20 -61.84 30.08 1.55
CA SER L 20 -62.32 30.06 2.93
C SER L 20 -62.46 28.63 3.46
N HIS L 21 -62.54 27.68 2.56
CA HIS L 21 -62.67 26.28 2.94
C HIS L 21 -61.33 25.84 3.52
N LEU L 22 -60.25 26.36 2.97
CA LEU L 22 -58.90 26.02 3.41
C LEU L 22 -58.41 26.81 4.62
N GLN L 23 -59.32 27.45 5.35
CA GLN L 23 -58.88 28.25 6.49
C GLN L 23 -58.41 27.47 7.71
N ASP L 24 -58.54 26.15 7.68
CA ASP L 24 -58.08 25.34 8.80
C ASP L 24 -56.90 24.45 8.43
N LEU L 25 -56.41 24.60 7.21
CA LEU L 25 -55.28 23.84 6.71
C LEU L 25 -54.13 24.82 6.49
N PRO L 26 -53.39 25.14 7.55
CA PRO L 26 -52.25 26.07 7.51
C PRO L 26 -51.25 25.78 6.40
N GLY L 27 -51.04 26.76 5.52
CA GLY L 27 -50.08 26.61 4.44
C GLY L 27 -50.44 25.74 3.26
N PHE L 28 -51.63 25.14 3.26
CA PHE L 28 -52.07 24.28 2.18
C PHE L 28 -52.39 25.06 0.89
N THR L 29 -52.13 24.44 -0.27
CA THR L 29 -52.46 25.11 -1.53
C THR L 29 -52.36 24.22 -2.76
N ARG L 30 -53.23 24.47 -3.73
CA ARG L 30 -53.27 23.72 -4.96
C ARG L 30 -52.38 24.38 -6.00
N SER L 31 -51.84 25.54 -5.64
CA SER L 31 -50.94 26.25 -6.54
C SER L 31 -49.62 25.51 -6.65
N VAL L 32 -49.00 25.67 -7.81
CA VAL L 32 -47.73 25.06 -8.12
C VAL L 32 -47.08 25.91 -9.22
N TYR L 33 -45.82 26.22 -9.03
CA TYR L 33 -45.11 27.00 -10.01
C TYR L 33 -43.83 26.21 -10.33
N LYS L 34 -43.83 25.59 -11.51
CA LYS L 34 -42.73 24.76 -12.00
C LYS L 34 -41.93 25.46 -13.08
N ARG L 35 -40.91 24.75 -13.55
CA ARG L 35 -39.99 25.24 -14.58
C ARG L 35 -40.60 25.71 -15.90
N ASP L 36 -41.49 24.90 -16.46
CA ASP L 36 -42.09 25.21 -17.74
C ASP L 36 -43.61 25.34 -17.73
N HIS L 37 -44.21 25.38 -16.55
CA HIS L 37 -45.65 25.55 -16.44
C HIS L 37 -46.02 26.00 -15.04
N ALA L 38 -47.31 26.19 -14.81
CA ALA L 38 -47.77 26.63 -13.50
C ALA L 38 -49.28 26.50 -13.35
N LEU L 39 -49.70 26.18 -12.14
CA LEU L 39 -51.11 26.06 -11.82
C LEU L 39 -51.36 27.05 -10.69
N ILE L 40 -52.03 28.14 -11.02
CA ILE L 40 -52.31 29.17 -10.05
C ILE L 40 -53.79 29.06 -9.66
N THR L 41 -54.04 28.89 -8.35
CA THR L 41 -55.40 28.75 -7.85
C THR L 41 -55.85 29.87 -6.92
N PRO L 42 -57.17 30.07 -6.79
CA PRO L 42 -57.78 31.09 -5.94
C PRO L 42 -57.04 31.44 -4.65
N GLU L 43 -56.92 30.46 -3.77
CA GLU L 43 -56.26 30.64 -2.47
C GLU L 43 -54.83 31.17 -2.51
N SER L 44 -54.34 31.51 -3.70
CA SER L 44 -53.00 32.05 -3.80
C SER L 44 -52.94 33.42 -4.51
N HIS L 45 -54.10 33.93 -4.92
CA HIS L 45 -54.15 35.22 -5.59
C HIS L 45 -53.69 36.32 -4.66
N VAL L 46 -52.87 37.22 -5.17
CA VAL L 46 -52.37 38.30 -4.35
C VAL L 46 -52.91 39.59 -4.92
N TYR L 47 -53.97 40.11 -4.29
CA TYR L 47 -54.58 41.36 -4.71
C TYR L 47 -53.92 42.56 -4.05
N SER L 48 -53.68 43.58 -4.84
CA SER L 48 -53.06 44.80 -4.37
C SER L 48 -53.52 45.92 -5.30
N PRO L 49 -53.83 47.10 -4.76
CA PRO L 49 -54.27 48.21 -5.61
C PRO L 49 -53.45 48.25 -6.88
N LEU L 50 -54.14 48.25 -8.02
CA LEU L 50 -53.48 48.28 -9.31
C LEU L 50 -53.04 49.71 -9.63
N PRO L 51 -51.75 49.90 -9.92
CA PRO L 51 -51.26 51.24 -10.23
C PRO L 51 -52.01 51.94 -11.36
N ASP L 52 -52.29 53.23 -11.16
CA ASP L 52 -52.95 54.04 -12.16
C ASP L 52 -54.44 53.77 -12.35
N TRP L 53 -54.97 52.84 -11.56
CA TRP L 53 -56.39 52.50 -11.61
C TRP L 53 -57.06 53.10 -10.38
N THR L 54 -58.36 53.33 -10.46
CA THR L 54 -59.09 53.87 -9.32
C THR L 54 -59.97 52.76 -8.77
N ASN L 55 -59.92 52.58 -7.45
CA ASN L 55 -60.67 51.55 -6.72
C ASN L 55 -60.70 50.19 -7.43
N THR L 56 -59.51 49.68 -7.73
CA THR L 56 -59.36 48.38 -8.41
C THR L 56 -58.21 47.59 -7.81
N LEU L 57 -58.50 46.44 -7.20
CA LEU L 57 -57.43 45.62 -6.67
C LEU L 57 -57.11 44.67 -7.80
N GLY L 58 -55.82 44.54 -8.12
CA GLY L 58 -55.40 43.66 -9.19
C GLY L 58 -54.39 42.62 -8.76
N ALA L 59 -54.53 41.41 -9.30
CA ALA L 59 -53.63 40.31 -8.98
C ALA L 59 -52.93 39.77 -10.23
N TYR L 60 -51.61 39.85 -10.26
CA TYR L 60 -50.84 39.36 -11.40
C TYR L 60 -50.56 37.88 -11.23
N LEU L 61 -51.07 37.09 -12.18
CA LEU L 61 -50.92 35.64 -12.18
C LEU L 61 -49.73 35.23 -13.03
N ILE L 62 -49.48 35.97 -14.11
CA ILE L 62 -48.36 35.68 -15.01
C ILE L 62 -47.63 36.93 -15.50
N THR L 63 -46.30 36.92 -15.43
CA THR L 63 -45.49 38.04 -15.93
C THR L 63 -44.17 37.52 -16.51
N PRO L 64 -43.55 38.30 -17.40
CA PRO L 64 -42.28 37.92 -18.02
C PRO L 64 -41.22 37.33 -17.09
N ALA L 65 -41.36 37.55 -15.80
CA ALA L 65 -40.38 37.00 -14.84
C ALA L 65 -40.41 35.48 -14.93
N THR L 66 -41.46 34.96 -15.55
CA THR L 66 -41.67 33.51 -15.71
C THR L 66 -41.03 33.00 -17.00
N GLY L 67 -40.56 33.93 -17.83
CA GLY L 67 -39.95 33.54 -19.08
C GLY L 67 -40.87 33.91 -20.24
N SER L 68 -42.10 34.26 -19.90
CA SER L 68 -43.09 34.66 -20.89
C SER L 68 -42.79 36.06 -21.44
N HIS L 69 -43.57 36.44 -22.45
CA HIS L 69 -43.44 37.75 -23.07
C HIS L 69 -44.73 38.56 -22.83
N PHE L 70 -45.61 38.03 -22.00
CA PHE L 70 -46.87 38.70 -21.71
C PHE L 70 -47.22 38.64 -20.22
N VAL L 71 -48.28 39.35 -19.84
CA VAL L 71 -48.76 39.36 -18.47
C VAL L 71 -50.24 39.01 -18.50
N MET L 72 -50.70 38.36 -17.45
CA MET L 72 -52.10 37.96 -17.31
C MET L 72 -52.56 38.25 -15.87
N TYR L 73 -53.53 39.15 -15.71
CA TYR L 73 -54.00 39.50 -14.37
C TYR L 73 -55.52 39.70 -14.22
N LEU L 74 -55.96 39.73 -12.97
CA LEU L 74 -57.36 39.91 -12.69
C LEU L 74 -57.59 41.25 -12.04
N ALA L 75 -58.42 42.06 -12.67
CA ALA L 75 -58.74 43.36 -12.15
C ALA L 75 -60.08 43.30 -11.44
N LYS L 76 -60.07 43.60 -10.15
CA LYS L 76 -61.29 43.61 -9.36
C LYS L 76 -61.79 45.04 -9.21
N MET L 77 -62.71 45.44 -10.07
CA MET L 77 -63.24 46.79 -10.03
C MET L 77 -64.43 46.93 -9.07
N LYS L 78 -64.41 47.98 -8.27
CA LYS L 78 -65.50 48.23 -7.34
C LYS L 78 -66.23 49.49 -7.82
N GLU L 79 -67.01 50.13 -6.94
CA GLU L 79 -67.77 51.32 -7.35
C GLU L 79 -66.95 52.54 -7.71
N MET L 80 -67.34 53.16 -8.81
CA MET L 80 -66.65 54.35 -9.31
C MET L 80 -65.16 54.05 -9.46
N SER L 81 -64.88 53.10 -10.35
CA SER L 81 -63.52 52.66 -10.64
C SER L 81 -63.23 52.89 -12.11
N SER L 82 -62.02 53.34 -12.40
CA SER L 82 -61.59 53.59 -13.76
C SER L 82 -60.31 52.81 -14.02
N SER L 83 -59.87 52.75 -15.27
CA SER L 83 -58.64 52.03 -15.57
C SER L 83 -57.51 53.00 -15.92
N GLY L 84 -56.28 52.48 -15.81
CA GLY L 84 -55.10 53.27 -16.14
C GLY L 84 -54.60 52.81 -17.49
N LEU L 85 -53.92 53.69 -18.22
CA LEU L 85 -53.39 53.35 -19.52
C LEU L 85 -52.12 52.52 -19.37
N PRO L 86 -51.91 51.56 -20.29
CA PRO L 86 -50.70 50.73 -20.21
C PRO L 86 -49.50 51.55 -20.69
N PRO L 87 -48.28 51.14 -20.33
CA PRO L 87 -47.11 51.90 -20.77
C PRO L 87 -47.03 51.96 -22.31
N GLN L 88 -46.20 52.86 -22.83
CA GLN L 88 -46.10 53.00 -24.29
C GLN L 88 -45.77 51.68 -25.01
N ASP L 89 -46.40 51.50 -26.16
CA ASP L 89 -46.20 50.33 -27.01
C ASP L 89 -46.72 49.01 -26.46
N ILE L 90 -47.63 49.08 -25.49
CA ILE L 90 -48.21 47.86 -24.93
C ILE L 90 -49.68 47.65 -25.38
N GLU L 91 -49.97 46.48 -25.93
CA GLU L 91 -51.32 46.17 -26.35
C GLU L 91 -52.08 45.65 -25.12
N ARG L 92 -53.42 45.76 -25.16
CA ARG L 92 -54.29 45.33 -24.07
C ARG L 92 -55.56 44.64 -24.55
N LEU L 93 -55.97 43.60 -23.83
CA LEU L 93 -57.15 42.83 -24.17
C LEU L 93 -57.81 42.55 -22.83
N ILE L 94 -59.03 43.02 -22.65
CA ILE L 94 -59.72 42.78 -21.41
C ILE L 94 -60.89 41.86 -21.69
N PHE L 95 -61.23 41.05 -20.71
CA PHE L 95 -62.34 40.10 -20.81
C PHE L 95 -63.17 40.25 -19.53
N VAL L 96 -64.47 40.48 -19.71
CA VAL L 96 -65.36 40.63 -18.58
C VAL L 96 -65.72 39.25 -18.09
N VAL L 97 -65.63 39.05 -16.79
CA VAL L 97 -65.94 37.76 -16.21
C VAL L 97 -67.08 37.92 -15.21
N GLU L 98 -67.15 39.10 -14.60
CA GLU L 98 -68.17 39.41 -13.61
C GLU L 98 -68.47 40.91 -13.73
N GLY L 99 -69.72 41.29 -13.45
CA GLY L 99 -70.10 42.70 -13.51
C GLY L 99 -70.23 43.36 -14.88
N ALA L 100 -70.13 44.69 -14.85
CA ALA L 100 -70.25 45.51 -16.05
C ALA L 100 -69.34 46.72 -15.96
N VAL L 101 -68.80 47.13 -17.09
CA VAL L 101 -67.91 48.28 -17.16
C VAL L 101 -68.05 48.90 -18.55
N THR L 102 -67.63 50.15 -18.70
CA THR L 102 -67.73 50.86 -19.99
C THR L 102 -66.40 51.33 -20.60
N LEU L 103 -66.37 51.36 -21.93
CA LEU L 103 -65.19 51.75 -22.70
C LEU L 103 -65.35 53.14 -23.38
N THR L 104 -64.75 54.18 -22.78
CA THR L 104 -64.89 55.55 -23.32
C THR L 104 -63.62 56.38 -23.58
N ASN L 105 -63.18 56.41 -24.84
CA ASN L 105 -61.99 57.17 -25.25
C ASN L 105 -62.38 58.49 -25.90
N SER L 108 -63.52 54.82 -30.10
CA SER L 108 -64.38 55.89 -30.59
C SER L 108 -65.81 55.35 -30.56
N SER L 109 -66.65 55.95 -29.72
CA SER L 109 -68.06 55.56 -29.53
C SER L 109 -68.18 54.67 -28.29
N SER L 110 -68.77 55.22 -27.24
CA SER L 110 -68.92 54.48 -26.00
C SER L 110 -69.57 53.10 -26.13
N LYS L 111 -68.92 52.09 -25.55
CA LYS L 111 -69.43 50.72 -25.57
C LYS L 111 -69.67 50.22 -24.14
N LYS L 112 -70.74 49.43 -23.95
CA LYS L 112 -71.04 48.88 -22.62
C LYS L 112 -70.65 47.41 -22.58
N LEU L 113 -69.65 47.08 -21.77
CA LEU L 113 -69.18 45.70 -21.65
C LEU L 113 -69.78 44.97 -20.43
N THR L 114 -70.35 43.79 -20.67
CA THR L 114 -70.92 42.96 -19.62
C THR L 114 -70.21 41.62 -19.66
N VAL L 115 -70.53 40.72 -18.73
CA VAL L 115 -69.90 39.41 -18.72
C VAL L 115 -69.96 38.77 -20.11
N ASP L 116 -68.79 38.34 -20.61
CA ASP L 116 -68.62 37.69 -21.92
C ASP L 116 -68.17 38.64 -23.02
N SER L 117 -68.07 39.93 -22.69
CA SER L 117 -67.63 40.95 -23.63
C SER L 117 -66.12 41.10 -23.54
N TYR L 118 -65.52 41.58 -24.62
CA TYR L 118 -64.08 41.76 -24.66
C TYR L 118 -63.64 42.87 -25.59
N ALA L 119 -62.66 43.65 -25.16
CA ALA L 119 -62.12 44.74 -25.98
C ALA L 119 -60.60 44.67 -26.06
N TYR L 120 -60.09 44.56 -27.28
CA TYR L 120 -58.65 44.54 -27.50
C TYR L 120 -58.27 45.96 -27.92
N LEU L 121 -57.25 46.51 -27.27
CA LEU L 121 -56.81 47.86 -27.58
C LEU L 121 -55.37 47.82 -28.07
N PRO L 122 -55.13 48.27 -29.30
CA PRO L 122 -53.79 48.30 -29.92
C PRO L 122 -52.84 49.14 -29.09
N PRO L 123 -51.53 49.00 -29.32
CA PRO L 123 -50.56 49.78 -28.55
C PRO L 123 -50.71 51.25 -28.85
N ASN L 124 -50.73 52.06 -27.78
CA ASN L 124 -50.86 53.51 -27.88
C ASN L 124 -52.25 53.98 -28.28
N PHE L 125 -53.23 53.15 -27.98
CA PHE L 125 -54.63 53.46 -28.28
C PHE L 125 -55.28 53.96 -26.98
N HIS L 126 -55.44 55.28 -26.86
CA HIS L 126 -56.04 55.83 -25.66
C HIS L 126 -57.44 55.31 -25.43
N HIS L 127 -57.73 54.97 -24.18
CA HIS L 127 -59.05 54.45 -23.82
C HIS L 127 -59.27 54.57 -22.31
N SER L 128 -60.42 54.08 -21.84
CA SER L 128 -60.72 54.13 -20.41
C SER L 128 -61.85 53.16 -20.01
N LEU L 129 -61.58 52.32 -19.03
CA LEU L 129 -62.56 51.37 -18.54
C LEU L 129 -63.13 51.89 -17.22
N ASP L 130 -64.41 52.24 -17.26
CA ASP L 130 -65.06 52.82 -16.09
C ASP L 130 -66.21 51.95 -15.56
N CYS L 131 -66.11 51.61 -14.27
CA CYS L 131 -67.10 50.77 -13.63
C CYS L 131 -67.89 51.54 -12.58
N VAL L 132 -69.21 51.39 -12.61
CA VAL L 132 -70.08 52.08 -11.69
C VAL L 132 -70.29 51.33 -10.38
N GLU L 133 -70.65 50.06 -10.51
CA GLU L 133 -70.93 49.20 -9.37
C GLU L 133 -69.75 48.26 -9.08
N SER L 134 -69.54 47.25 -9.91
CA SER L 134 -68.43 46.32 -9.72
C SER L 134 -68.27 45.42 -10.93
N ALA L 135 -67.07 44.86 -11.08
CA ALA L 135 -66.78 43.97 -12.20
C ALA L 135 -65.46 43.26 -11.99
N THR L 136 -65.25 42.19 -12.76
CA THR L 136 -64.01 41.43 -12.68
C THR L 136 -63.49 41.27 -14.08
N LEU L 137 -62.28 41.75 -14.32
CA LEU L 137 -61.67 41.64 -15.65
C LEU L 137 -60.41 40.79 -15.64
N VAL L 138 -60.26 39.98 -16.67
CA VAL L 138 -59.06 39.19 -16.81
C VAL L 138 -58.41 39.80 -18.05
N VAL L 139 -57.36 40.58 -17.83
CA VAL L 139 -56.69 41.24 -18.95
C VAL L 139 -55.35 40.63 -19.31
N PHE L 140 -54.92 40.89 -20.55
CA PHE L 140 -53.67 40.39 -21.09
C PHE L 140 -52.91 41.59 -21.67
N GLU L 141 -51.61 41.63 -21.44
CA GLU L 141 -50.80 42.73 -21.95
C GLU L 141 -49.45 42.25 -22.47
N ARG L 142 -48.90 42.99 -23.43
CA ARG L 142 -47.64 42.63 -24.06
C ARG L 142 -47.05 43.80 -24.86
N ARG L 143 -45.73 43.77 -25.07
CA ARG L 143 -45.08 44.80 -25.86
C ARG L 143 -45.42 44.39 -27.29
N TYR L 144 -46.14 45.23 -28.00
CA TYR L 144 -46.54 44.86 -29.36
C TYR L 144 -45.32 44.64 -30.26
N GLU L 145 -45.33 43.53 -30.99
CA GLU L 145 -44.21 43.23 -31.88
C GLU L 145 -44.49 43.68 -33.29
N TYR L 146 -44.07 44.91 -33.60
CA TYR L 146 -44.27 45.50 -34.93
C TYR L 146 -43.70 44.63 -36.04
N LEU L 147 -44.48 44.53 -37.12
CA LEU L 147 -44.12 43.75 -38.29
C LEU L 147 -44.43 44.59 -39.53
N GLY L 148 -43.40 44.90 -40.31
CA GLY L 148 -43.61 45.71 -41.48
C GLY L 148 -44.24 47.01 -41.02
N SER L 149 -45.31 47.43 -41.68
CA SER L 149 -45.99 48.66 -41.30
C SER L 149 -47.40 48.33 -40.84
N HIS L 150 -47.65 47.03 -40.65
CA HIS L 150 -48.96 46.60 -40.20
C HIS L 150 -49.32 47.31 -38.91
N THR L 151 -50.62 47.41 -38.68
CA THR L 151 -51.16 48.06 -37.50
C THR L 151 -52.45 47.35 -37.14
N THR L 152 -52.76 47.33 -35.85
CA THR L 152 -53.97 46.68 -35.38
C THR L 152 -55.05 47.72 -35.00
N GLU L 153 -56.31 47.35 -35.13
CA GLU L 153 -57.41 48.25 -34.85
C GLU L 153 -58.07 47.88 -33.53
N LEU L 154 -59.16 48.57 -33.20
CA LEU L 154 -59.90 48.31 -31.98
C LEU L 154 -60.86 47.16 -32.24
N ILE L 155 -60.92 46.21 -31.32
CA ILE L 155 -61.83 45.07 -31.49
C ILE L 155 -62.74 45.05 -30.27
N VAL L 156 -64.03 44.82 -30.50
CA VAL L 156 -64.99 44.80 -29.41
C VAL L 156 -66.17 43.87 -29.70
N GLY L 157 -66.24 42.76 -28.97
CA GLY L 157 -67.31 41.81 -29.18
C GLY L 157 -67.63 40.92 -28.00
N SER L 158 -68.35 39.84 -28.30
CA SER L 158 -68.75 38.85 -27.31
C SER L 158 -68.34 37.49 -27.82
N THR L 159 -68.12 36.58 -26.89
CA THR L 159 -67.71 35.23 -27.25
C THR L 159 -68.77 34.66 -28.18
N ASP L 160 -70.02 34.69 -27.72
CA ASP L 160 -71.17 34.18 -28.50
C ASP L 160 -71.30 34.65 -29.95
N LYS L 161 -71.05 35.92 -30.21
CA LYS L 161 -71.15 36.46 -31.58
C LYS L 161 -69.99 36.00 -32.47
N GLN L 162 -69.11 35.15 -31.95
CA GLN L 162 -67.98 34.65 -32.73
C GLN L 162 -68.25 33.24 -33.25
N PRO L 163 -67.97 33.01 -34.54
CA PRO L 163 -68.17 31.74 -35.24
C PRO L 163 -67.34 30.54 -34.76
N LEU L 164 -67.96 29.37 -34.74
CA LEU L 164 -67.25 28.17 -34.35
C LEU L 164 -66.27 27.84 -35.48
N LEU L 165 -65.01 27.61 -35.13
CA LEU L 165 -64.00 27.32 -36.13
C LEU L 165 -63.70 25.82 -36.29
N GLU L 166 -63.23 25.48 -37.48
CA GLU L 166 -62.89 24.11 -37.80
C GLU L 166 -61.64 23.69 -37.00
N THR L 167 -61.72 22.50 -36.40
CA THR L 167 -60.64 21.96 -35.59
C THR L 167 -60.28 20.59 -36.13
N PRO L 168 -59.43 20.53 -37.16
CA PRO L 168 -59.05 19.24 -37.72
C PRO L 168 -58.45 18.29 -36.70
N GLY L 169 -58.92 17.05 -36.74
CA GLY L 169 -58.41 16.04 -35.82
C GLY L 169 -58.70 16.32 -34.36
N GLU L 170 -59.63 17.25 -34.10
CA GLU L 170 -60.00 17.62 -32.74
C GLU L 170 -61.52 17.71 -32.56
N VAL L 171 -62.00 17.36 -31.36
CA VAL L 171 -63.43 17.38 -31.14
C VAL L 171 -63.92 18.53 -30.27
N PHE L 172 -63.01 19.40 -29.84
CA PHE L 172 -63.43 20.52 -29.03
C PHE L 172 -63.93 21.66 -29.90
N GLU L 173 -64.85 22.46 -29.37
CA GLU L 173 -65.37 23.59 -30.10
C GLU L 173 -64.42 24.78 -29.92
N LEU L 174 -64.13 25.45 -31.02
CA LEU L 174 -63.17 26.56 -31.01
C LEU L 174 -63.66 27.91 -31.48
N ARG L 175 -63.21 28.95 -30.78
CA ARG L 175 -63.53 30.32 -31.15
C ARG L 175 -62.35 31.23 -30.85
N LYS L 176 -62.18 32.22 -31.70
CA LYS L 176 -61.12 33.19 -31.53
C LYS L 176 -61.86 34.51 -31.43
N LEU L 177 -61.41 35.37 -30.53
CA LEU L 177 -62.06 36.66 -30.31
C LEU L 177 -61.39 37.69 -31.21
N LEU L 178 -60.17 37.39 -31.62
CA LEU L 178 -59.40 38.31 -32.43
C LEU L 178 -59.17 37.81 -33.84
N PRO L 179 -58.96 38.74 -34.79
CA PRO L 179 -58.72 38.45 -36.20
C PRO L 179 -57.43 37.63 -36.30
N MET L 180 -57.34 36.79 -37.33
CA MET L 180 -56.16 35.96 -37.53
C MET L 180 -55.12 36.62 -38.42
N SER L 181 -55.43 37.82 -38.88
CA SER L 181 -54.54 38.59 -39.77
C SER L 181 -53.18 38.88 -39.13
N VAL L 182 -52.12 38.67 -39.91
CA VAL L 182 -50.75 38.88 -39.45
C VAL L 182 -50.58 40.11 -38.56
N ALA L 183 -51.46 41.10 -38.71
CA ALA L 183 -51.38 42.29 -37.88
C ALA L 183 -51.20 41.88 -36.42
N TYR L 184 -52.18 41.13 -35.92
CA TYR L 184 -52.17 40.68 -34.54
C TYR L 184 -51.01 39.71 -34.26
N ASP L 185 -50.34 39.91 -33.13
CA ASP L 185 -49.22 39.05 -32.75
C ASP L 185 -49.63 38.06 -31.67
N PHE L 186 -50.90 38.13 -31.29
CA PHE L 186 -51.46 37.21 -30.32
C PHE L 186 -52.97 37.11 -30.50
N ASN L 187 -53.55 36.02 -30.06
CA ASN L 187 -54.98 35.80 -30.20
C ASN L 187 -55.48 35.15 -28.93
N ILE L 188 -56.80 35.19 -28.74
CA ILE L 188 -57.41 34.57 -27.57
C ILE L 188 -58.41 33.55 -28.09
N HIS L 189 -58.19 32.29 -27.72
CA HIS L 189 -59.06 31.20 -28.12
C HIS L 189 -60.01 30.82 -27.00
N THR L 190 -61.22 30.40 -27.38
CA THR L 190 -62.19 29.93 -26.42
C THR L 190 -62.27 28.46 -26.82
N MET L 191 -62.36 27.57 -25.86
CA MET L 191 -62.42 26.15 -26.18
C MET L 191 -63.43 25.46 -25.30
N ASP L 192 -64.29 24.66 -25.94
CA ASP L 192 -65.32 23.94 -25.24
C ASP L 192 -65.16 22.45 -25.39
N PHE L 193 -65.25 21.76 -24.26
CA PHE L 193 -65.11 20.32 -24.23
C PHE L 193 -66.33 19.73 -23.53
N GLN L 194 -66.83 18.62 -24.04
CA GLN L 194 -67.96 17.92 -23.43
C GLN L 194 -67.38 16.88 -22.47
N PRO L 195 -68.04 16.64 -21.31
CA PRO L 195 -67.53 15.66 -20.35
C PRO L 195 -67.09 14.37 -21.07
N GLY L 196 -65.82 14.00 -20.94
CA GLY L 196 -65.36 12.78 -21.58
C GLY L 196 -64.45 12.98 -22.77
N GLU L 197 -64.56 14.15 -23.41
CA GLU L 197 -63.73 14.46 -24.57
C GLU L 197 -62.37 14.97 -24.12
N PHE L 198 -61.37 14.75 -24.97
CA PHE L 198 -60.00 15.16 -24.66
C PHE L 198 -59.26 15.58 -25.91
N LEU L 199 -58.00 15.97 -25.73
CA LEU L 199 -57.15 16.38 -26.83
C LEU L 199 -56.49 15.12 -27.39
N ASN L 200 -56.51 14.97 -28.71
CA ASN L 200 -55.90 13.79 -29.29
C ASN L 200 -54.43 14.04 -29.41
N VAL L 201 -54.07 15.23 -29.91
CA VAL L 201 -52.68 15.61 -30.06
C VAL L 201 -52.11 16.10 -28.73
N LYS L 202 -51.06 15.45 -28.23
CA LYS L 202 -50.43 15.86 -26.97
C LYS L 202 -49.39 16.86 -27.43
N GLU L 203 -49.83 18.12 -27.44
CA GLU L 203 -49.04 19.23 -27.94
C GLU L 203 -47.68 19.57 -27.36
N VAL L 204 -46.79 19.90 -28.27
CA VAL L 204 -45.46 20.33 -27.98
C VAL L 204 -45.24 21.32 -29.12
N HIS L 205 -45.57 22.58 -28.82
CA HIS L 205 -45.42 23.68 -29.74
C HIS L 205 -44.65 24.81 -29.07
N TYR L 206 -44.03 25.66 -29.89
CA TYR L 206 -43.27 26.79 -29.38
C TYR L 206 -44.16 27.84 -28.71
N ASN L 207 -45.45 27.88 -29.10
CA ASN L 207 -46.43 28.84 -28.57
C ASN L 207 -46.63 28.73 -27.05
N GLN L 208 -46.70 29.85 -26.38
CA GLN L 208 -46.90 29.88 -24.93
C GLN L 208 -48.36 30.23 -24.63
N HIS L 209 -48.84 29.87 -23.44
CA HIS L 209 -50.22 30.12 -23.05
C HIS L 209 -50.40 30.67 -21.65
N GLY L 210 -51.60 31.18 -21.44
CA GLY L 210 -52.03 31.72 -20.16
C GLY L 210 -53.50 31.38 -20.27
N LEU L 211 -54.06 30.65 -19.32
CA LEU L 211 -55.45 30.30 -19.45
C LEU L 211 -56.29 30.33 -18.19
N LEU L 212 -57.57 30.62 -18.37
CA LEU L 212 -58.53 30.68 -17.29
C LEU L 212 -59.66 29.67 -17.55
N LEU L 213 -60.03 28.93 -16.51
CA LEU L 213 -61.10 27.96 -16.65
C LEU L 213 -62.35 28.71 -16.25
N LEU L 214 -63.12 29.07 -17.27
CA LEU L 214 -64.37 29.79 -17.09
C LEU L 214 -65.47 28.87 -16.61
N GLU L 215 -65.49 27.66 -17.16
CA GLU L 215 -66.52 26.69 -16.78
C GLU L 215 -66.00 25.27 -16.65
N GLY L 216 -66.66 24.50 -15.79
CA GLY L 216 -66.30 23.11 -15.64
C GLY L 216 -65.22 22.67 -14.69
N GLN L 217 -64.70 21.48 -14.98
CA GLN L 217 -63.65 20.86 -14.20
C GLN L 217 -63.19 19.61 -14.95
N GLY L 218 -61.92 19.28 -14.80
CA GLY L 218 -61.38 18.11 -15.47
C GLY L 218 -59.94 17.85 -15.08
N ILE L 219 -59.17 17.29 -16.00
CA ILE L 219 -57.77 16.99 -15.72
C ILE L 219 -56.84 17.57 -16.80
N TYR L 220 -55.80 18.24 -16.34
CA TYR L 220 -54.81 18.84 -17.23
C TYR L 220 -53.45 18.22 -16.94
N ARG L 221 -52.70 17.91 -17.98
CA ARG L 221 -51.37 17.35 -17.80
C ARG L 221 -50.35 18.32 -18.37
N LEU L 222 -49.31 18.60 -17.61
CA LEU L 222 -48.27 19.53 -18.03
C LEU L 222 -46.94 18.82 -17.82
N GLY L 223 -46.20 18.60 -18.89
CA GLY L 223 -44.95 17.88 -18.76
C GLY L 223 -45.36 16.53 -18.22
N ASP L 224 -44.78 16.08 -17.13
CA ASP L 224 -45.14 14.80 -16.54
C ASP L 224 -46.02 14.98 -15.31
N ASN L 225 -46.75 16.09 -15.23
CA ASN L 225 -47.61 16.33 -14.09
C ASN L 225 -49.06 16.24 -14.50
N TRP L 226 -49.91 15.92 -13.54
CA TRP L 226 -51.35 15.78 -13.78
C TRP L 226 -52.09 16.60 -12.73
N TYR L 227 -52.95 17.50 -13.18
CA TYR L 227 -53.65 18.33 -12.23
C TYR L 227 -55.16 18.40 -12.34
N PRO L 228 -55.85 18.05 -11.25
CA PRO L 228 -57.32 18.08 -11.20
C PRO L 228 -57.66 19.57 -11.18
N VAL L 229 -58.44 20.04 -12.15
CA VAL L 229 -58.77 21.46 -12.20
C VAL L 229 -60.25 21.81 -12.23
N GLN L 230 -60.59 22.97 -11.66
CA GLN L 230 -61.98 23.43 -11.61
C GLN L 230 -62.08 24.91 -12.01
N ALA L 231 -63.28 25.35 -12.33
CA ALA L 231 -63.49 26.73 -12.72
C ALA L 231 -62.80 27.67 -11.75
N GLY L 232 -62.16 28.71 -12.31
CA GLY L 232 -61.44 29.66 -11.50
C GLY L 232 -59.94 29.50 -11.59
N ASP L 233 -59.49 28.24 -11.76
CA ASP L 233 -58.07 27.90 -11.86
C ASP L 233 -57.40 28.57 -13.05
N VAL L 234 -56.13 28.92 -12.87
CA VAL L 234 -55.35 29.59 -13.91
C VAL L 234 -54.09 28.79 -14.20
N ILE L 235 -53.72 28.67 -15.48
CA ILE L 235 -52.54 27.92 -15.85
C ILE L 235 -51.56 28.66 -16.75
N TRP L 236 -50.28 28.54 -16.40
CA TRP L 236 -49.17 29.12 -17.13
C TRP L 236 -48.56 27.97 -17.95
N MET L 237 -48.34 28.19 -19.25
CA MET L 237 -47.75 27.16 -20.12
C MET L 237 -46.62 27.70 -20.99
N ALA L 238 -45.39 27.47 -20.54
CA ALA L 238 -44.21 27.92 -21.24
C ALA L 238 -44.08 27.18 -22.56
N PRO L 239 -43.40 27.80 -23.54
CA PRO L 239 -43.22 27.14 -24.83
C PRO L 239 -42.69 25.72 -24.67
N PHE L 240 -43.17 24.83 -25.54
CA PHE L 240 -42.74 23.44 -25.58
C PHE L 240 -43.12 22.49 -24.46
N VAL L 241 -43.85 22.97 -23.45
CA VAL L 241 -44.25 22.09 -22.37
C VAL L 241 -45.37 21.19 -22.86
N PRO L 242 -45.24 19.87 -22.62
CA PRO L 242 -46.31 18.98 -23.08
C PRO L 242 -47.59 19.32 -22.33
N GLN L 243 -48.68 19.42 -23.08
CA GLN L 243 -49.98 19.80 -22.53
C GLN L 243 -51.13 19.00 -23.12
N TRP L 244 -52.00 18.56 -22.24
CA TRP L 244 -53.15 17.76 -22.61
C TRP L 244 -54.23 18.06 -21.61
N TYR L 245 -55.49 17.90 -22.02
CA TYR L 245 -56.62 18.18 -21.15
C TYR L 245 -57.83 17.26 -21.39
N ALA L 246 -58.59 17.02 -20.32
CA ALA L 246 -59.78 16.19 -20.41
C ALA L 246 -60.89 16.79 -19.56
N ALA L 247 -62.07 16.93 -20.17
CA ALA L 247 -63.23 17.49 -19.49
C ALA L 247 -63.97 16.41 -18.73
N LEU L 248 -64.33 16.70 -17.48
CA LEU L 248 -65.05 15.73 -16.65
C LEU L 248 -66.30 16.33 -16.01
N GLY L 249 -67.09 15.48 -15.35
CA GLY L 249 -68.30 15.93 -14.67
C GLY L 249 -69.60 15.87 -15.47
N LYS L 250 -70.62 16.59 -15.00
CA LYS L 250 -71.91 16.66 -15.69
C LYS L 250 -71.94 17.84 -16.66
N THR L 251 -71.36 18.96 -16.23
CA THR L 251 -71.28 20.16 -17.04
C THR L 251 -70.02 20.21 -17.91
N ARG L 252 -70.09 20.94 -19.02
CA ARG L 252 -68.97 21.11 -19.97
C ARG L 252 -67.85 21.97 -19.38
N SER L 253 -66.75 22.08 -20.10
CA SER L 253 -65.63 22.89 -19.66
C SER L 253 -65.34 23.95 -20.72
N ARG L 254 -65.10 25.17 -20.26
CA ARG L 254 -64.77 26.25 -21.17
C ARG L 254 -63.59 27.02 -20.59
N TYR L 255 -62.55 27.19 -21.37
CA TYR L 255 -61.43 27.97 -20.89
C TYR L 255 -60.99 29.01 -21.90
N LEU L 256 -60.58 30.16 -21.36
CA LEU L 256 -60.11 31.28 -22.15
C LEU L 256 -58.62 31.03 -22.38
N LEU L 257 -58.11 31.34 -23.57
CA LEU L 257 -56.71 31.06 -23.86
C LEU L 257 -55.95 32.05 -24.76
N TYR L 258 -54.80 32.53 -24.26
CA TYR L 258 -53.91 33.44 -24.99
C TYR L 258 -52.97 32.60 -25.86
N LYS L 259 -52.61 33.10 -27.03
CA LYS L 259 -51.72 32.36 -27.93
C LYS L 259 -50.95 33.27 -28.88
N ASP L 260 -49.64 33.34 -28.71
CA ASP L 260 -48.80 34.17 -29.57
C ASP L 260 -48.85 33.57 -30.99
N VAL L 261 -48.93 34.43 -32.00
CA VAL L 261 -49.01 33.99 -33.40
C VAL L 261 -48.47 35.03 -34.38
N ASN L 262 -48.47 34.65 -35.65
CA ASN L 262 -48.04 35.47 -36.79
C ASN L 262 -46.69 36.16 -36.68
N ARG L 263 -45.76 35.54 -35.97
CA ARG L 263 -44.42 36.09 -35.82
C ARG L 263 -43.39 34.96 -35.89
N ASN L 264 -42.24 35.24 -36.48
CA ASN L 264 -41.21 34.22 -36.61
C ASN L 264 -40.62 33.85 -35.25
N PRO L 265 -40.65 32.55 -34.91
CA PRO L 265 -40.13 32.01 -33.66
C PRO L 265 -38.60 31.94 -33.54
N LEU L 266 -37.91 32.65 -34.43
CA LEU L 266 -36.46 32.67 -34.39
C LEU L 266 -35.99 33.75 -33.42
N PRO M 7 -9.54 -17.17 -22.87
CA PRO M 7 -10.09 -18.23 -21.99
C PRO M 7 -11.61 -18.07 -21.86
N ILE M 8 -12.29 -19.14 -21.48
CA ILE M 8 -13.75 -19.10 -21.33
C ILE M 8 -14.15 -18.29 -20.10
N TYR M 9 -15.14 -17.41 -20.28
CA TYR M 9 -15.64 -16.60 -19.17
C TYR M 9 -14.51 -15.91 -18.44
N TRP M 10 -13.52 -15.44 -19.18
CA TRP M 10 -12.40 -14.78 -18.51
C TRP M 10 -12.84 -13.47 -17.88
N LYS M 11 -13.28 -12.54 -18.73
CA LYS M 11 -13.73 -11.24 -18.26
C LYS M 11 -14.66 -11.33 -17.04
N ALA M 12 -15.21 -12.52 -16.78
CA ALA M 12 -16.11 -12.73 -15.65
C ALA M 12 -15.36 -12.83 -14.32
N THR M 13 -14.15 -13.37 -14.36
CA THR M 13 -13.33 -13.50 -13.15
C THR M 13 -12.48 -12.24 -13.06
N ASN M 14 -12.20 -11.65 -14.23
CA ASN M 14 -11.41 -10.42 -14.32
C ASN M 14 -12.18 -9.44 -15.21
N PRO M 15 -13.14 -8.71 -14.62
CA PRO M 15 -13.95 -7.73 -15.36
C PRO M 15 -13.16 -6.51 -15.86
N THR M 16 -13.63 -5.95 -16.98
CA THR M 16 -13.01 -4.80 -17.62
C THR M 16 -12.77 -3.65 -16.64
N LEU M 17 -13.81 -3.24 -15.95
CA LEU M 17 -13.66 -2.22 -14.92
C LEU M 17 -13.60 -3.03 -13.63
N SER M 18 -12.43 -3.04 -13.00
CA SER M 18 -12.26 -3.81 -11.78
C SER M 18 -12.21 -2.95 -10.52
N PRO M 19 -12.35 -3.58 -9.35
CA PRO M 19 -12.33 -2.91 -8.05
C PRO M 19 -11.15 -1.97 -7.84
N SER M 20 -9.98 -2.40 -8.28
CA SER M 20 -8.76 -1.63 -8.12
C SER M 20 -8.75 -0.39 -8.98
N HIS M 21 -9.47 -0.42 -10.10
CA HIS M 21 -9.54 0.74 -10.97
C HIS M 21 -10.20 1.92 -10.26
N LEU M 22 -11.05 1.64 -9.28
CA LEU M 22 -11.75 2.67 -8.56
C LEU M 22 -11.08 3.07 -7.26
N GLN M 23 -9.87 2.61 -7.05
CA GLN M 23 -9.19 2.91 -5.80
C GLN M 23 -9.05 4.39 -5.48
N ASP M 24 -9.20 5.27 -6.46
CA ASP M 24 -9.11 6.70 -6.17
C ASP M 24 -10.47 7.39 -6.22
N LEU M 25 -11.54 6.60 -6.25
CA LEU M 25 -12.90 7.11 -6.24
C LEU M 25 -13.56 6.53 -5.01
N PRO M 26 -13.30 7.12 -3.85
CA PRO M 26 -13.80 6.72 -2.53
C PRO M 26 -15.30 6.69 -2.36
N GLY M 27 -15.83 5.52 -2.01
CA GLY M 27 -17.26 5.39 -1.82
C GLY M 27 -18.05 5.23 -3.10
N PHE M 28 -17.35 5.15 -4.23
CA PHE M 28 -18.01 5.00 -5.51
C PHE M 28 -18.27 3.53 -5.82
N THR M 29 -19.49 3.22 -6.23
CA THR M 29 -19.84 1.85 -6.56
C THR M 29 -20.98 1.83 -7.56
N ARG M 30 -21.00 0.82 -8.41
CA ARG M 30 -22.05 0.69 -9.41
C ARG M 30 -23.18 -0.16 -8.85
N SER M 31 -22.98 -0.72 -7.67
CA SER M 31 -24.01 -1.55 -7.06
C SER M 31 -25.25 -0.77 -6.64
N VAL M 32 -26.37 -1.48 -6.60
CA VAL M 32 -27.62 -0.87 -6.24
C VAL M 32 -28.62 -1.92 -5.73
N TYR M 33 -29.23 -1.63 -4.59
CA TYR M 33 -30.19 -2.54 -4.00
C TYR M 33 -31.55 -1.86 -3.79
N LYS M 34 -32.46 -2.01 -4.75
CA LYS M 34 -33.77 -1.38 -4.61
C LYS M 34 -34.76 -2.36 -4.02
N ARG M 35 -36.01 -1.95 -3.99
CA ARG M 35 -37.12 -2.73 -3.46
C ARG M 35 -37.38 -4.06 -4.16
N ASP M 36 -37.29 -4.10 -5.48
CA ASP M 36 -37.57 -5.33 -6.20
C ASP M 36 -36.48 -5.85 -7.13
N HIS M 37 -35.29 -5.25 -7.08
CA HIS M 37 -34.19 -5.73 -7.90
C HIS M 37 -32.88 -5.22 -7.32
N ALA M 38 -31.78 -5.71 -7.86
CA ALA M 38 -30.47 -5.30 -7.40
C ALA M 38 -29.39 -5.52 -8.44
N LEU M 39 -28.61 -4.49 -8.69
CA LEU M 39 -27.51 -4.64 -9.62
C LEU M 39 -26.30 -4.75 -8.71
N ILE M 40 -25.80 -5.97 -8.56
CA ILE M 40 -24.62 -6.20 -7.71
C ILE M 40 -23.36 -6.29 -8.56
N THR M 41 -22.38 -5.43 -8.25
CA THR M 41 -21.13 -5.41 -8.98
C THR M 41 -19.95 -5.83 -8.09
N PRO M 42 -18.80 -6.19 -8.72
CA PRO M 42 -17.57 -6.63 -8.06
C PRO M 42 -16.98 -5.80 -6.92
N GLU M 43 -16.90 -4.50 -7.12
CA GLU M 43 -16.34 -3.63 -6.10
C GLU M 43 -17.09 -3.77 -4.78
N SER M 44 -18.21 -4.50 -4.81
CA SER M 44 -19.03 -4.67 -3.62
C SER M 44 -19.06 -6.07 -3.06
N HIS M 45 -18.54 -7.03 -3.82
CA HIS M 45 -18.50 -8.41 -3.33
C HIS M 45 -17.87 -8.42 -1.94
N VAL M 46 -18.42 -9.20 -1.02
CA VAL M 46 -17.88 -9.28 0.32
C VAL M 46 -17.48 -10.72 0.62
N TYR M 47 -16.24 -11.09 0.28
CA TYR M 47 -15.80 -12.45 0.51
C TYR M 47 -15.34 -12.64 1.94
N SER M 48 -15.56 -13.84 2.46
CA SER M 48 -15.18 -14.20 3.82
C SER M 48 -15.28 -15.73 3.95
N PRO M 49 -14.54 -16.33 4.91
CA PRO M 49 -14.53 -17.78 5.12
C PRO M 49 -15.90 -18.44 5.08
N LEU M 50 -16.13 -19.26 4.05
CA LEU M 50 -17.39 -19.97 3.90
C LEU M 50 -17.52 -21.18 4.84
N PRO M 51 -18.32 -21.04 5.92
CA PRO M 51 -18.52 -22.10 6.92
C PRO M 51 -18.68 -23.50 6.36
N ASP M 52 -18.00 -24.46 6.99
CA ASP M 52 -18.06 -25.87 6.60
C ASP M 52 -17.24 -26.19 5.36
N TRP M 53 -16.62 -25.17 4.81
CA TRP M 53 -15.78 -25.35 3.64
C TRP M 53 -14.33 -25.29 4.12
N THR M 54 -13.40 -25.69 3.27
CA THR M 54 -12.00 -25.62 3.66
C THR M 54 -11.21 -24.79 2.67
N ASN M 55 -10.55 -23.78 3.22
CA ASN M 55 -9.75 -22.87 2.42
C ASN M 55 -10.61 -22.39 1.25
N THR M 56 -11.76 -21.81 1.58
CA THR M 56 -12.66 -21.32 0.56
C THR M 56 -13.36 -20.03 0.99
N LEU M 57 -13.11 -18.96 0.24
CA LEU M 57 -13.74 -17.71 0.55
C LEU M 57 -15.07 -17.74 -0.19
N GLY M 58 -16.04 -17.03 0.37
CA GLY M 58 -17.35 -16.98 -0.25
C GLY M 58 -17.92 -15.59 -0.10
N ALA M 59 -18.89 -15.26 -0.95
CA ALA M 59 -19.52 -13.96 -0.89
C ALA M 59 -20.95 -14.10 -1.37
N TYR M 60 -21.88 -13.83 -0.47
CA TYR M 60 -23.31 -13.93 -0.78
C TYR M 60 -23.78 -12.69 -1.54
N LEU M 61 -24.65 -12.89 -2.53
CA LEU M 61 -25.18 -11.80 -3.34
C LEU M 61 -26.70 -11.65 -3.18
N ILE M 62 -27.37 -12.78 -3.00
CA ILE M 62 -28.81 -12.82 -2.82
C ILE M 62 -29.18 -13.87 -1.77
N THR M 63 -30.00 -13.49 -0.80
CA THR M 63 -30.46 -14.41 0.23
C THR M 63 -31.96 -14.18 0.40
N PRO M 64 -32.63 -14.98 1.23
CA PRO M 64 -34.07 -14.77 1.42
C PRO M 64 -34.33 -13.42 2.09
N ALA M 65 -33.28 -12.84 2.66
CA ALA M 65 -33.41 -11.56 3.31
C ALA M 65 -33.92 -10.50 2.33
N THR M 66 -33.82 -10.77 1.03
CA THR M 66 -34.28 -9.81 0.05
C THR M 66 -35.75 -10.04 -0.28
N GLY M 67 -36.24 -11.21 0.08
CA GLY M 67 -37.61 -11.59 -0.22
C GLY M 67 -37.55 -12.80 -1.14
N SER M 68 -36.34 -13.19 -1.50
CA SER M 68 -36.17 -14.35 -2.36
C SER M 68 -36.41 -15.62 -1.55
N HIS M 69 -36.34 -16.75 -2.22
CA HIS M 69 -36.53 -18.03 -1.56
C HIS M 69 -35.32 -18.88 -1.87
N PHE M 70 -34.27 -18.23 -2.33
CA PHE M 70 -33.01 -18.89 -2.68
C PHE M 70 -31.82 -17.97 -2.40
N VAL M 71 -30.67 -18.56 -2.09
CA VAL M 71 -29.47 -17.77 -1.90
C VAL M 71 -28.60 -17.97 -3.14
N MET M 72 -27.78 -16.98 -3.44
CA MET M 72 -26.87 -17.08 -4.56
C MET M 72 -25.53 -16.57 -4.07
N TYR M 73 -24.50 -17.40 -4.14
CA TYR M 73 -23.21 -16.96 -3.67
C TYR M 73 -22.06 -17.38 -4.56
N LEU M 74 -20.92 -16.75 -4.34
CA LEU M 74 -19.74 -17.06 -5.12
C LEU M 74 -18.72 -17.67 -4.21
N ALA M 75 -18.18 -18.81 -4.61
CA ALA M 75 -17.16 -19.50 -3.84
C ALA M 75 -15.86 -19.51 -4.61
N LYS M 76 -14.82 -19.02 -3.95
CA LYS M 76 -13.49 -18.97 -4.51
C LYS M 76 -12.70 -20.03 -3.76
N MET M 77 -12.42 -21.16 -4.41
CA MET M 77 -11.69 -22.25 -3.77
C MET M 77 -10.21 -22.19 -4.09
N LYS M 78 -9.40 -22.06 -3.03
CA LYS M 78 -7.95 -21.99 -3.14
C LYS M 78 -7.37 -23.42 -3.01
N GLU M 79 -6.07 -23.52 -2.78
CA GLU M 79 -5.37 -24.80 -2.65
C GLU M 79 -6.01 -25.83 -1.70
N MET M 80 -6.02 -27.08 -2.14
CA MET M 80 -6.57 -28.16 -1.32
C MET M 80 -7.81 -27.74 -0.56
N SER M 81 -8.83 -27.35 -1.30
CA SER M 81 -10.08 -26.91 -0.70
C SER M 81 -11.13 -27.99 -0.86
N SER M 82 -12.06 -28.04 0.09
CA SER M 82 -13.15 -29.00 0.02
C SER M 82 -14.41 -28.25 0.45
N SER M 83 -15.55 -28.63 -0.11
CA SER M 83 -16.81 -27.99 0.20
C SER M 83 -17.48 -28.57 1.44
N GLY M 84 -18.52 -27.89 1.92
CA GLY M 84 -19.26 -28.34 3.08
C GLY M 84 -20.69 -28.60 2.66
N LEU M 85 -21.34 -29.57 3.30
CA LEU M 85 -22.72 -29.91 2.97
C LEU M 85 -23.73 -28.85 3.40
N PRO M 86 -24.75 -28.65 2.58
CA PRO M 86 -25.78 -27.65 2.90
C PRO M 86 -26.65 -28.20 4.04
N PRO M 87 -27.59 -27.39 4.53
CA PRO M 87 -28.41 -27.91 5.61
C PRO M 87 -29.36 -28.97 5.07
N GLN M 88 -30.19 -29.50 5.97
CA GLN M 88 -31.18 -30.50 5.64
C GLN M 88 -32.22 -29.97 4.65
N ASP M 89 -32.57 -30.79 3.66
CA ASP M 89 -33.56 -30.41 2.66
C ASP M 89 -33.22 -29.24 1.76
N ILE M 90 -31.94 -28.87 1.73
CA ILE M 90 -31.47 -27.78 0.88
C ILE M 90 -30.78 -28.36 -0.36
N GLU M 91 -31.40 -28.16 -1.52
CA GLU M 91 -30.84 -28.64 -2.78
C GLU M 91 -29.76 -27.64 -3.13
N ARG M 92 -28.69 -28.11 -3.79
CA ARG M 92 -27.60 -27.24 -4.18
C ARG M 92 -27.16 -27.43 -5.63
N LEU M 93 -27.01 -26.33 -6.35
CA LEU M 93 -26.59 -26.37 -7.74
C LEU M 93 -25.32 -25.53 -7.84
N ILE M 94 -24.26 -26.13 -8.35
CA ILE M 94 -23.02 -25.39 -8.51
C ILE M 94 -22.66 -25.37 -9.98
N PHE M 95 -21.93 -24.33 -10.35
CA PHE M 95 -21.53 -24.12 -11.73
C PHE M 95 -20.06 -23.69 -11.71
N VAL M 96 -19.22 -24.30 -12.55
CA VAL M 96 -17.81 -23.91 -12.56
C VAL M 96 -17.58 -22.75 -13.49
N VAL M 97 -17.04 -21.64 -12.96
CA VAL M 97 -16.79 -20.46 -13.77
C VAL M 97 -15.30 -20.16 -13.87
N GLU M 98 -14.49 -20.96 -13.20
CA GLU M 98 -13.05 -20.73 -13.27
C GLU M 98 -12.28 -21.90 -12.67
N GLY M 99 -11.19 -22.27 -13.34
CA GLY M 99 -10.35 -23.34 -12.87
C GLY M 99 -11.01 -24.70 -12.94
N ALA M 100 -10.88 -25.47 -11.86
CA ALA M 100 -11.46 -26.80 -11.81
C ALA M 100 -11.47 -27.38 -10.40
N VAL M 101 -12.45 -28.26 -10.17
CA VAL M 101 -12.64 -28.91 -8.89
C VAL M 101 -13.03 -30.36 -9.18
N THR M 102 -13.23 -31.17 -8.13
CA THR M 102 -13.61 -32.57 -8.30
C THR M 102 -14.96 -32.89 -7.62
N LEU M 103 -15.68 -33.89 -8.14
CA LEU M 103 -16.97 -34.25 -7.56
C LEU M 103 -17.14 -35.73 -7.18
N THR M 104 -17.34 -35.97 -5.89
CA THR M 104 -17.55 -37.30 -5.32
C THR M 104 -18.78 -37.25 -4.45
N ASN M 105 -19.33 -38.42 -4.11
CA ASN M 105 -20.54 -38.50 -3.28
C ASN M 105 -20.24 -39.01 -1.87
N SER M 108 -23.49 -41.88 -7.92
CA SER M 108 -22.20 -42.02 -7.24
C SER M 108 -21.05 -41.95 -8.25
N SER M 109 -19.84 -42.22 -7.76
CA SER M 109 -18.59 -42.23 -8.55
C SER M 109 -17.76 -40.94 -8.40
N SER M 110 -17.10 -40.49 -9.49
CA SER M 110 -16.28 -39.29 -9.42
C SER M 110 -16.14 -38.52 -10.72
N LYS M 111 -16.81 -37.38 -10.80
CA LYS M 111 -16.77 -36.53 -11.99
C LYS M 111 -15.88 -35.30 -11.75
N LYS M 112 -14.98 -35.05 -12.70
CA LYS M 112 -14.08 -33.91 -12.58
C LYS M 112 -14.69 -32.73 -13.34
N LEU M 113 -14.97 -31.64 -12.63
CA LEU M 113 -15.61 -30.47 -13.24
C LEU M 113 -14.68 -29.30 -13.59
N THR M 114 -14.71 -28.90 -14.85
CA THR M 114 -13.90 -27.79 -15.36
C THR M 114 -14.81 -26.61 -15.68
N VAL M 115 -14.25 -25.58 -16.32
CA VAL M 115 -15.03 -24.41 -16.70
C VAL M 115 -16.26 -24.90 -17.47
N ASP M 116 -17.34 -24.13 -17.41
CA ASP M 116 -18.58 -24.46 -18.10
C ASP M 116 -19.29 -25.74 -17.66
N SER M 117 -18.83 -26.33 -16.56
CA SER M 117 -19.44 -27.54 -16.04
C SER M 117 -20.30 -27.25 -14.81
N TYR M 118 -21.22 -28.15 -14.51
CA TYR M 118 -22.11 -27.97 -13.37
C TYR M 118 -22.64 -29.28 -12.83
N ALA M 119 -23.16 -29.23 -11.61
CA ALA M 119 -23.71 -30.42 -10.98
C ALA M 119 -24.83 -30.04 -10.03
N TYR M 120 -26.02 -30.58 -10.29
CA TYR M 120 -27.17 -30.31 -9.42
C TYR M 120 -27.22 -31.44 -8.39
N LEU M 121 -27.35 -31.07 -7.10
CA LEU M 121 -27.37 -32.05 -6.01
C LEU M 121 -28.69 -32.00 -5.23
N PRO M 122 -29.51 -33.07 -5.31
CA PRO M 122 -30.81 -33.18 -4.64
C PRO M 122 -30.77 -32.89 -3.15
N PRO M 123 -31.93 -32.56 -2.56
CA PRO M 123 -32.00 -32.27 -1.12
C PRO M 123 -31.59 -33.49 -0.31
N ASN M 124 -30.58 -33.30 0.54
CA ASN M 124 -30.02 -34.35 1.41
C ASN M 124 -29.05 -35.30 0.68
N PHE M 125 -28.86 -35.11 -0.63
CA PHE M 125 -27.95 -35.97 -1.39
C PHE M 125 -26.50 -35.73 -0.95
N HIS M 126 -25.93 -36.69 -0.25
CA HIS M 126 -24.56 -36.55 0.24
C HIS M 126 -23.51 -36.46 -0.89
N HIS M 127 -22.75 -35.37 -0.90
CA HIS M 127 -21.71 -35.15 -1.90
C HIS M 127 -20.49 -34.46 -1.28
N SER M 128 -19.56 -34.07 -2.14
CA SER M 128 -18.35 -33.39 -1.67
C SER M 128 -17.49 -32.90 -2.83
N LEU M 129 -17.34 -31.58 -2.91
CA LEU M 129 -16.52 -30.95 -3.93
C LEU M 129 -15.15 -30.66 -3.33
N ASP M 130 -14.13 -31.29 -3.91
CA ASP M 130 -12.76 -31.12 -3.45
C ASP M 130 -11.99 -30.53 -4.64
N CYS M 131 -11.20 -29.50 -4.38
CA CYS M 131 -10.42 -28.81 -5.41
C CYS M 131 -8.94 -28.87 -5.08
N VAL M 132 -8.12 -28.87 -6.10
CA VAL M 132 -6.68 -28.92 -5.90
C VAL M 132 -6.03 -27.59 -6.21
N GLU M 133 -6.13 -27.16 -7.46
CA GLU M 133 -5.52 -25.90 -7.90
C GLU M 133 -6.32 -24.76 -7.26
N SER M 134 -7.44 -24.46 -7.92
CA SER M 134 -8.34 -23.41 -7.48
C SER M 134 -9.54 -23.52 -8.38
N ALA M 135 -10.55 -22.70 -8.12
CA ALA M 135 -11.75 -22.68 -8.94
C ALA M 135 -12.72 -21.71 -8.33
N THR M 136 -13.57 -21.14 -9.18
CA THR M 136 -14.56 -20.20 -8.70
C THR M 136 -15.91 -20.79 -9.07
N LEU M 137 -16.81 -20.87 -8.12
CA LEU M 137 -18.12 -21.42 -8.40
C LEU M 137 -19.23 -20.46 -8.01
N VAL M 138 -20.31 -20.52 -8.78
CA VAL M 138 -21.48 -19.73 -8.50
C VAL M 138 -22.47 -20.82 -8.10
N VAL M 139 -22.91 -20.79 -6.85
CA VAL M 139 -23.82 -21.80 -6.39
C VAL M 139 -25.17 -21.22 -5.95
N PHE M 140 -26.21 -22.01 -6.17
CA PHE M 140 -27.59 -21.66 -5.82
C PHE M 140 -28.13 -22.68 -4.83
N GLU M 141 -28.62 -22.20 -3.70
CA GLU M 141 -29.21 -23.08 -2.69
C GLU M 141 -30.64 -22.63 -2.39
N ARG M 142 -31.47 -23.58 -1.97
CA ARG M 142 -32.87 -23.29 -1.68
C ARG M 142 -33.47 -24.44 -0.89
N ARG M 143 -34.56 -24.15 -0.17
CA ARG M 143 -35.25 -25.17 0.61
C ARG M 143 -36.21 -25.90 -0.34
N TYR M 144 -35.78 -27.04 -0.85
CA TYR M 144 -36.57 -27.82 -1.80
C TYR M 144 -38.01 -27.94 -1.37
N GLU M 145 -38.92 -27.69 -2.30
CA GLU M 145 -40.33 -27.78 -2.01
C GLU M 145 -40.89 -29.10 -2.51
N TYR M 146 -40.91 -30.07 -1.59
CA TYR M 146 -41.39 -31.42 -1.86
C TYR M 146 -42.76 -31.46 -2.48
N LEU M 147 -42.84 -31.95 -3.71
CA LEU M 147 -44.11 -32.01 -4.41
C LEU M 147 -44.68 -33.43 -4.38
N GLY M 148 -45.71 -33.60 -3.56
CA GLY M 148 -46.35 -34.89 -3.43
C GLY M 148 -45.34 -35.98 -3.13
N SER M 149 -45.05 -36.80 -4.13
CA SER M 149 -44.12 -37.91 -3.96
C SER M 149 -42.92 -37.83 -4.90
N HIS M 150 -42.88 -36.83 -5.77
CA HIS M 150 -41.76 -36.68 -6.70
C HIS M 150 -40.43 -36.45 -6.01
N THR M 151 -39.34 -36.65 -6.74
CA THR M 151 -37.99 -36.48 -6.20
C THR M 151 -37.01 -36.18 -7.31
N THR M 152 -35.96 -35.41 -6.99
CA THR M 152 -34.96 -35.07 -7.99
C THR M 152 -33.78 -36.01 -7.82
N GLU M 153 -32.91 -36.05 -8.84
CA GLU M 153 -31.73 -36.89 -8.80
C GLU M 153 -30.49 -36.07 -9.19
N LEU M 154 -29.32 -36.66 -9.06
CA LEU M 154 -28.08 -35.97 -9.40
C LEU M 154 -28.06 -35.62 -10.88
N ILE M 155 -27.58 -34.42 -11.20
CA ILE M 155 -27.49 -33.98 -12.58
C ILE M 155 -26.14 -33.30 -12.80
N VAL M 156 -25.25 -33.95 -13.52
CA VAL M 156 -23.93 -33.40 -13.83
C VAL M 156 -23.92 -33.21 -15.35
N GLY M 157 -23.42 -32.08 -15.83
CA GLY M 157 -23.39 -31.85 -17.27
C GLY M 157 -22.53 -30.66 -17.63
N SER M 158 -22.66 -30.19 -18.86
CA SER M 158 -21.89 -29.04 -19.32
C SER M 158 -22.72 -28.27 -20.31
N THR M 159 -22.57 -26.94 -20.25
CA THR M 159 -23.28 -25.98 -21.08
C THR M 159 -23.36 -26.30 -22.57
N ASP M 160 -22.20 -26.42 -23.21
CA ASP M 160 -22.16 -26.70 -24.63
C ASP M 160 -22.86 -28.00 -25.02
N LYS M 161 -22.86 -28.98 -24.11
CA LYS M 161 -23.53 -30.25 -24.39
C LYS M 161 -25.05 -30.10 -24.50
N GLN M 162 -25.65 -29.40 -23.54
CA GLN M 162 -27.09 -29.17 -23.55
C GLN M 162 -27.48 -28.63 -24.91
N PRO M 163 -28.68 -28.99 -25.40
CA PRO M 163 -29.25 -28.58 -26.69
C PRO M 163 -29.96 -27.24 -26.72
N LEU M 164 -30.02 -26.63 -27.91
CA LEU M 164 -30.71 -25.36 -28.08
C LEU M 164 -32.20 -25.65 -28.00
N LEU M 165 -32.98 -24.70 -27.52
CA LEU M 165 -34.41 -24.89 -27.41
C LEU M 165 -35.16 -23.77 -28.11
N GLU M 166 -36.43 -24.02 -28.38
CA GLU M 166 -37.28 -23.07 -29.06
C GLU M 166 -37.57 -21.82 -28.23
N THR M 167 -37.38 -20.66 -28.85
CA THR M 167 -37.62 -19.38 -28.17
C THR M 167 -38.74 -18.62 -28.90
N PRO M 168 -39.99 -19.11 -28.81
CA PRO M 168 -41.10 -18.44 -29.48
C PRO M 168 -41.19 -16.95 -29.07
N GLY M 169 -41.23 -16.08 -30.07
CA GLY M 169 -41.28 -14.65 -29.79
C GLY M 169 -39.90 -14.01 -29.62
N GLU M 170 -38.94 -14.81 -29.17
CA GLU M 170 -37.58 -14.31 -28.95
C GLU M 170 -36.56 -14.82 -29.98
N VAL M 171 -35.41 -14.15 -30.04
CA VAL M 171 -34.36 -14.53 -30.97
C VAL M 171 -33.06 -14.93 -30.29
N PHE M 172 -33.04 -14.93 -28.96
CA PHE M 172 -31.83 -15.33 -28.25
C PHE M 172 -31.79 -16.85 -28.25
N GLU M 173 -30.66 -17.41 -27.81
CA GLU M 173 -30.45 -18.87 -27.78
C GLU M 173 -30.62 -19.46 -26.38
N LEU M 174 -31.61 -20.33 -26.20
CA LEU M 174 -31.85 -20.90 -24.88
C LEU M 174 -31.31 -22.31 -24.64
N ARG M 175 -30.81 -22.53 -23.44
CA ARG M 175 -30.28 -23.83 -23.01
C ARG M 175 -30.65 -23.98 -21.52
N LYS M 176 -31.00 -25.20 -21.11
CA LYS M 176 -31.38 -25.46 -19.73
C LYS M 176 -30.55 -26.57 -19.14
N LEU M 177 -29.83 -26.26 -18.07
CA LEU M 177 -28.97 -27.23 -17.42
C LEU M 177 -29.66 -28.37 -16.65
N LEU M 178 -30.94 -28.19 -16.30
CA LEU M 178 -31.67 -29.21 -15.54
C LEU M 178 -32.96 -29.61 -16.25
N PRO M 179 -33.49 -30.81 -15.95
CA PRO M 179 -34.73 -31.25 -16.59
C PRO M 179 -35.86 -30.27 -16.29
N MET M 180 -36.91 -30.30 -17.12
CA MET M 180 -38.08 -29.44 -16.95
C MET M 180 -39.18 -30.28 -16.30
N SER M 181 -38.77 -31.45 -15.80
CA SER M 181 -39.66 -32.39 -15.14
C SER M 181 -40.23 -31.82 -13.84
N VAL M 182 -41.51 -32.10 -13.58
CA VAL M 182 -42.19 -31.63 -12.37
C VAL M 182 -41.38 -31.66 -11.07
N ALA M 183 -40.55 -32.68 -10.89
CA ALA M 183 -39.76 -32.78 -9.67
C ALA M 183 -38.87 -31.56 -9.37
N TYR M 184 -38.38 -30.92 -10.42
CA TYR M 184 -37.50 -29.76 -10.28
C TYR M 184 -38.23 -28.43 -10.03
N ASP M 185 -37.95 -27.81 -8.90
CA ASP M 185 -38.61 -26.55 -8.57
C ASP M 185 -37.86 -25.32 -9.08
N PHE M 186 -36.76 -25.56 -9.80
CA PHE M 186 -35.97 -24.49 -10.37
C PHE M 186 -35.11 -24.97 -11.54
N ASN M 187 -34.68 -24.04 -12.37
CA ASN M 187 -33.86 -24.37 -13.52
C ASN M 187 -32.77 -23.33 -13.67
N ILE M 188 -31.74 -23.65 -14.44
CA ILE M 188 -30.66 -22.70 -14.68
C ILE M 188 -30.55 -22.49 -16.19
N HIS M 189 -31.03 -21.35 -16.67
CA HIS M 189 -31.01 -21.04 -18.11
C HIS M 189 -29.66 -20.46 -18.56
N THR M 190 -29.39 -20.55 -19.85
CA THR M 190 -28.19 -19.96 -20.42
C THR M 190 -28.72 -19.23 -21.63
N MET M 191 -28.67 -17.91 -21.57
CA MET M 191 -29.19 -17.11 -22.64
C MET M 191 -28.11 -16.33 -23.35
N ASP M 192 -28.08 -16.48 -24.67
CA ASP M 192 -27.10 -15.80 -25.51
C ASP M 192 -27.75 -14.79 -26.44
N PHE M 193 -27.10 -13.65 -26.57
CA PHE M 193 -27.57 -12.57 -27.42
C PHE M 193 -26.43 -12.10 -28.32
N GLN M 194 -26.75 -11.86 -29.58
CA GLN M 194 -25.79 -11.34 -30.54
C GLN M 194 -25.83 -9.81 -30.44
N PRO M 195 -24.68 -9.16 -30.63
CA PRO M 195 -24.62 -7.70 -30.57
C PRO M 195 -25.77 -7.02 -31.31
N GLY M 196 -26.64 -6.33 -30.58
CA GLY M 196 -27.75 -5.64 -31.21
C GLY M 196 -29.09 -6.25 -30.90
N GLU M 197 -29.09 -7.52 -30.55
CA GLU M 197 -30.33 -8.22 -30.22
C GLU M 197 -30.84 -7.86 -28.83
N PHE M 198 -32.14 -7.96 -28.65
CA PHE M 198 -32.75 -7.62 -27.37
C PHE M 198 -34.05 -8.35 -27.17
N LEU M 199 -34.53 -8.33 -25.93
CA LEU M 199 -35.79 -8.99 -25.56
C LEU M 199 -36.98 -8.22 -26.12
N ASN M 200 -37.97 -8.94 -26.63
CA ASN M 200 -39.16 -8.30 -27.19
C ASN M 200 -40.18 -8.08 -26.09
N VAL M 201 -40.66 -9.18 -25.51
CA VAL M 201 -41.61 -9.05 -24.42
C VAL M 201 -40.88 -8.41 -23.24
N LYS M 202 -41.48 -7.35 -22.69
CA LYS M 202 -40.90 -6.67 -21.55
C LYS M 202 -41.41 -7.36 -20.28
N GLU M 203 -40.91 -8.57 -20.07
CA GLU M 203 -41.30 -9.43 -18.96
C GLU M 203 -41.78 -8.81 -17.65
N VAL M 204 -42.79 -9.45 -17.07
CA VAL M 204 -43.41 -9.07 -15.80
C VAL M 204 -44.05 -10.40 -15.36
N HIS M 205 -43.39 -11.12 -14.45
CA HIS M 205 -43.89 -12.42 -14.01
C HIS M 205 -43.54 -12.77 -12.57
N TYR M 206 -44.31 -13.68 -11.96
CA TYR M 206 -44.06 -14.09 -10.57
C TYR M 206 -42.68 -14.73 -10.44
N ASN M 207 -42.19 -15.29 -11.53
CA ASN M 207 -40.87 -15.91 -11.51
C ASN M 207 -39.85 -14.93 -10.94
N GLN M 208 -38.94 -15.43 -10.10
CA GLN M 208 -37.90 -14.60 -9.52
C GLN M 208 -36.55 -15.05 -10.09
N HIS M 209 -35.60 -14.14 -10.21
CA HIS M 209 -34.29 -14.48 -10.77
C HIS M 209 -33.13 -14.04 -9.91
N GLY M 210 -31.95 -14.42 -10.37
CA GLY M 210 -30.70 -14.07 -9.73
C GLY M 210 -29.72 -14.45 -10.82
N LEU M 211 -29.27 -13.49 -11.63
CA LEU M 211 -28.38 -13.81 -12.72
C LEU M 211 -26.92 -13.34 -12.66
N LEU M 212 -26.11 -13.95 -13.52
CA LEU M 212 -24.69 -13.65 -13.65
C LEU M 212 -24.35 -13.48 -15.13
N LEU M 213 -23.72 -12.37 -15.49
CA LEU M 213 -23.34 -12.12 -16.89
C LEU M 213 -21.95 -12.76 -17.06
N LEU M 214 -21.86 -13.76 -17.92
CA LEU M 214 -20.58 -14.45 -18.13
C LEU M 214 -19.71 -13.86 -19.22
N GLU M 215 -20.33 -13.31 -20.26
CA GLU M 215 -19.60 -12.70 -21.35
C GLU M 215 -20.29 -11.47 -21.90
N GLY M 216 -19.49 -10.58 -22.47
CA GLY M 216 -20.04 -9.38 -23.09
C GLY M 216 -20.56 -8.26 -22.22
N GLN M 217 -21.39 -7.43 -22.85
CA GLN M 217 -21.96 -6.27 -22.19
C GLN M 217 -23.27 -5.85 -22.86
N GLY M 218 -23.98 -4.94 -22.21
CA GLY M 218 -25.23 -4.46 -22.75
C GLY M 218 -25.93 -3.57 -21.74
N ILE M 219 -27.20 -3.27 -22.00
CA ILE M 219 -27.98 -2.42 -21.11
C ILE M 219 -29.11 -3.26 -20.51
N TYR M 220 -29.25 -3.24 -19.19
CA TYR M 220 -30.34 -3.98 -18.57
C TYR M 220 -31.38 -2.99 -18.05
N ARG M 221 -32.64 -3.38 -18.11
CA ARG M 221 -33.69 -2.53 -17.61
C ARG M 221 -34.42 -3.27 -16.50
N LEU M 222 -34.49 -2.64 -15.34
CA LEU M 222 -35.18 -3.19 -14.20
C LEU M 222 -36.11 -2.08 -13.76
N GLY M 223 -37.41 -2.30 -13.96
CA GLY M 223 -38.42 -1.32 -13.60
C GLY M 223 -38.18 -0.05 -14.40
N ASP M 224 -38.05 1.08 -13.72
CA ASP M 224 -37.80 2.34 -14.39
C ASP M 224 -36.32 2.70 -14.39
N ASN M 225 -35.46 1.69 -14.21
CA ASN M 225 -34.04 1.97 -14.19
C ASN M 225 -33.31 1.35 -15.35
N TRP M 226 -32.26 2.02 -15.83
CA TRP M 226 -31.48 1.50 -16.93
C TRP M 226 -30.05 1.34 -16.42
N TYR M 227 -29.50 0.14 -16.58
CA TYR M 227 -28.16 -0.14 -16.09
C TYR M 227 -27.19 -0.71 -17.12
N PRO M 228 -26.04 -0.03 -17.29
CA PRO M 228 -25.09 -0.59 -18.25
C PRO M 228 -24.47 -1.76 -17.50
N VAL M 229 -24.17 -2.87 -18.17
CA VAL M 229 -23.58 -4.01 -17.49
C VAL M 229 -22.43 -4.65 -18.25
N GLN M 230 -21.53 -5.29 -17.51
CA GLN M 230 -20.37 -5.95 -18.07
C GLN M 230 -20.24 -7.34 -17.46
N ALA M 231 -19.54 -8.24 -18.14
CA ALA M 231 -19.36 -9.58 -17.61
C ALA M 231 -18.93 -9.44 -16.16
N GLY M 232 -19.39 -10.35 -15.31
CA GLY M 232 -19.04 -10.30 -13.90
C GLY M 232 -20.18 -9.74 -13.09
N ASP M 233 -21.01 -8.91 -13.72
CA ASP M 233 -22.13 -8.31 -13.00
C ASP M 233 -23.13 -9.34 -12.61
N VAL M 234 -23.85 -9.05 -11.52
CA VAL M 234 -24.88 -9.92 -11.00
C VAL M 234 -26.14 -9.11 -10.77
N ILE M 235 -27.29 -9.71 -11.06
CA ILE M 235 -28.57 -9.04 -10.91
C ILE M 235 -29.59 -9.90 -10.15
N TRP M 236 -30.27 -9.28 -9.19
CA TRP M 236 -31.31 -9.93 -8.41
C TRP M 236 -32.62 -9.37 -8.96
N MET M 237 -33.57 -10.25 -9.27
CA MET M 237 -34.86 -9.83 -9.80
C MET M 237 -36.02 -10.38 -8.98
N ALA M 238 -36.60 -9.53 -8.14
CA ALA M 238 -37.74 -9.92 -7.31
C ALA M 238 -38.97 -10.25 -8.17
N PRO M 239 -39.89 -11.05 -7.63
CA PRO M 239 -41.08 -11.39 -8.40
C PRO M 239 -41.77 -10.13 -8.94
N PHE M 240 -42.06 -10.15 -10.24
CA PHE M 240 -42.78 -9.06 -10.92
C PHE M 240 -42.06 -7.78 -11.29
N VAL M 241 -40.75 -7.70 -11.11
CA VAL M 241 -40.06 -6.49 -11.47
C VAL M 241 -39.96 -6.47 -13.00
N PRO M 242 -40.44 -5.38 -13.64
CA PRO M 242 -40.38 -5.27 -15.09
C PRO M 242 -38.94 -5.45 -15.52
N GLN M 243 -38.68 -6.31 -16.50
CA GLN M 243 -37.31 -6.53 -16.94
C GLN M 243 -37.12 -6.58 -18.44
N TRP M 244 -35.91 -6.25 -18.87
CA TRP M 244 -35.58 -6.23 -20.28
C TRP M 244 -34.07 -6.12 -20.40
N TYR M 245 -33.52 -6.65 -21.47
CA TYR M 245 -32.09 -6.60 -21.69
C TYR M 245 -31.82 -6.46 -23.18
N ALA M 246 -30.65 -5.92 -23.49
CA ALA M 246 -30.20 -5.75 -24.86
C ALA M 246 -28.69 -5.96 -24.83
N ALA M 247 -28.16 -6.62 -25.85
CA ALA M 247 -26.73 -6.88 -25.93
C ALA M 247 -26.09 -5.87 -26.86
N LEU M 248 -24.88 -5.42 -26.51
CA LEU M 248 -24.14 -4.45 -27.29
C LEU M 248 -22.64 -4.80 -27.35
N GLY M 249 -21.94 -4.22 -28.33
CA GLY M 249 -20.51 -4.49 -28.44
C GLY M 249 -20.16 -5.34 -29.63
N LYS M 250 -18.92 -5.81 -29.68
CA LYS M 250 -18.45 -6.64 -30.79
C LYS M 250 -18.71 -8.13 -30.56
N THR M 251 -18.61 -8.57 -29.32
CA THR M 251 -18.84 -9.97 -28.99
C THR M 251 -20.25 -10.15 -28.44
N ARG M 252 -20.70 -11.40 -28.35
CA ARG M 252 -22.05 -11.67 -27.85
C ARG M 252 -22.13 -11.61 -26.33
N SER M 253 -23.35 -11.62 -25.81
CA SER M 253 -23.60 -11.57 -24.38
C SER M 253 -24.13 -12.91 -23.90
N ARG M 254 -23.63 -13.40 -22.77
CA ARG M 254 -24.11 -14.67 -22.24
C ARG M 254 -24.28 -14.57 -20.74
N TYR M 255 -25.48 -14.91 -20.27
CA TYR M 255 -25.74 -14.89 -18.83
C TYR M 255 -26.43 -16.13 -18.27
N LEU M 256 -26.04 -16.47 -17.06
CA LEU M 256 -26.59 -17.62 -16.35
C LEU M 256 -27.86 -17.09 -15.67
N LEU M 257 -28.92 -17.90 -15.67
CA LEU M 257 -30.19 -17.48 -15.08
C LEU M 257 -30.96 -18.48 -14.21
N TYR M 258 -31.20 -18.09 -12.96
CA TYR M 258 -31.96 -18.90 -12.00
C TYR M 258 -33.42 -18.56 -12.22
N LYS M 259 -34.27 -19.57 -12.23
CA LYS M 259 -35.69 -19.37 -12.45
C LYS M 259 -36.50 -20.46 -11.78
N ASP M 260 -37.35 -20.05 -10.83
CA ASP M 260 -38.20 -21.00 -10.11
C ASP M 260 -39.32 -21.48 -11.05
N VAL M 261 -39.68 -22.76 -10.92
CA VAL M 261 -40.71 -23.36 -11.78
C VAL M 261 -41.35 -24.59 -11.18
N ASN M 262 -42.40 -25.05 -11.87
CA ASN M 262 -43.17 -26.25 -11.50
C ASN M 262 -43.96 -26.23 -10.19
N ARG M 263 -44.09 -25.05 -9.58
CA ARG M 263 -44.82 -24.92 -8.31
C ARG M 263 -45.91 -23.84 -8.38
N ASN M 264 -47.10 -24.15 -7.85
CA ASN M 264 -48.22 -23.22 -7.85
C ASN M 264 -47.80 -21.88 -7.23
N PRO M 265 -48.04 -20.77 -7.95
CA PRO M 265 -47.67 -19.43 -7.44
C PRO M 265 -48.54 -18.91 -6.30
N LEU M 266 -49.32 -19.78 -5.68
CA LEU M 266 -50.16 -19.35 -4.57
C LEU M 266 -49.31 -19.33 -3.32
N PRO N 7 -70.55 22.47 20.87
CA PRO N 7 -70.48 21.03 20.58
C PRO N 7 -69.04 20.49 20.63
N ILE N 8 -68.77 19.70 21.66
CA ILE N 8 -67.47 19.08 21.86
C ILE N 8 -67.10 18.26 20.59
N TYR N 9 -65.94 18.56 20.00
CA TYR N 9 -65.46 17.85 18.82
C TYR N 9 -66.35 18.01 17.58
N TRP N 10 -66.90 19.19 17.37
CA TRP N 10 -67.78 19.40 16.22
C TRP N 10 -66.98 19.23 14.94
N LYS N 11 -65.90 20.00 14.84
CA LYS N 11 -65.05 19.97 13.67
C LYS N 11 -64.56 18.56 13.31
N ALA N 12 -64.56 17.64 14.27
CA ALA N 12 -64.09 16.28 13.99
C ALA N 12 -65.07 15.46 13.17
N THR N 13 -66.34 15.89 13.17
CA THR N 13 -67.39 15.22 12.42
C THR N 13 -67.80 16.14 11.27
N ASN N 14 -67.41 17.42 11.38
CA ASN N 14 -67.70 18.43 10.37
C ASN N 14 -66.41 19.15 9.98
N PRO N 15 -65.55 18.52 9.19
CA PRO N 15 -64.29 19.17 8.79
C PRO N 15 -64.50 20.47 8.02
N THR N 16 -63.62 21.45 8.27
CA THR N 16 -63.70 22.74 7.60
C THR N 16 -63.66 22.58 6.08
N LEU N 17 -62.81 21.69 5.61
CA LEU N 17 -62.73 21.36 4.19
C LEU N 17 -63.42 20.01 4.15
N SER N 18 -64.68 20.01 3.69
CA SER N 18 -65.49 18.80 3.62
C SER N 18 -65.41 18.19 2.22
N PRO N 19 -65.71 16.88 2.10
CA PRO N 19 -65.67 16.16 0.83
C PRO N 19 -66.36 16.87 -0.31
N SER N 20 -67.51 17.47 0.00
CA SER N 20 -68.30 18.19 -1.01
C SER N 20 -67.57 19.36 -1.69
N HIS N 21 -66.75 20.07 -0.93
CA HIS N 21 -65.99 21.20 -1.47
C HIS N 21 -65.09 20.71 -2.58
N LEU N 22 -65.02 19.39 -2.75
CA LEU N 22 -64.18 18.79 -3.76
C LEU N 22 -64.93 18.28 -4.99
N GLN N 23 -66.24 18.43 -5.01
CA GLN N 23 -67.08 17.95 -6.12
C GLN N 23 -66.59 18.38 -7.50
N ASP N 24 -65.82 19.46 -7.58
CA ASP N 24 -65.31 19.94 -8.86
C ASP N 24 -63.82 19.72 -9.07
N LEU N 25 -63.22 18.86 -8.26
CA LEU N 25 -61.82 18.54 -8.40
C LEU N 25 -61.72 17.02 -8.52
N PRO N 26 -61.88 16.51 -9.75
CA PRO N 26 -61.84 15.09 -10.05
C PRO N 26 -60.52 14.41 -9.67
N GLY N 27 -60.59 13.45 -8.77
CA GLY N 27 -59.41 12.70 -8.37
C GLY N 27 -58.57 13.35 -7.28
N PHE N 28 -58.93 14.56 -6.88
CA PHE N 28 -58.18 15.26 -5.85
C PHE N 28 -58.44 14.68 -4.46
N THR N 29 -57.37 14.55 -3.67
CA THR N 29 -57.47 14.04 -2.31
C THR N 29 -56.29 14.50 -1.49
N ARG N 30 -56.50 14.64 -0.19
CA ARG N 30 -55.43 15.05 0.70
C ARG N 30 -54.77 13.84 1.34
N SER N 31 -55.34 12.67 1.08
CA SER N 31 -54.85 11.40 1.64
C SER N 31 -53.59 10.79 1.00
N VAL N 32 -52.70 10.32 1.85
CA VAL N 32 -51.45 9.70 1.41
C VAL N 32 -51.25 8.40 2.16
N TYR N 33 -50.69 7.41 1.48
CA TYR N 33 -50.40 6.13 2.11
C TYR N 33 -48.99 5.69 1.73
N LYS N 34 -48.04 5.95 2.61
CA LYS N 34 -46.66 5.59 2.33
C LYS N 34 -46.19 4.42 3.18
N ARG N 35 -44.94 4.00 2.94
CA ARG N 35 -44.33 2.87 3.64
C ARG N 35 -44.27 2.91 5.17
N ASP N 36 -44.16 4.09 5.77
CA ASP N 36 -44.05 4.21 7.21
C ASP N 36 -45.06 5.15 7.91
N HIS N 37 -46.05 5.62 7.16
CA HIS N 37 -47.06 6.49 7.73
C HIS N 37 -48.17 6.75 6.74
N ALA N 38 -49.20 7.44 7.18
CA ALA N 38 -50.31 7.78 6.33
C ALA N 38 -51.18 8.91 6.87
N LEU N 39 -51.70 9.72 5.95
CA LEU N 39 -52.61 10.77 6.34
C LEU N 39 -53.92 10.36 5.69
N ILE N 40 -54.90 10.00 6.50
CA ILE N 40 -56.21 9.56 6.02
C ILE N 40 -57.24 10.66 6.25
N THR N 41 -57.69 11.27 5.17
CA THR N 41 -58.66 12.36 5.28
C THR N 41 -60.07 11.96 4.85
N PRO N 42 -61.09 12.69 5.34
CA PRO N 42 -62.52 12.48 5.08
C PRO N 42 -62.98 12.09 3.67
N GLU N 43 -62.51 12.81 2.66
CA GLU N 43 -62.87 12.54 1.27
C GLU N 43 -62.43 11.16 0.75
N SER N 44 -61.73 10.40 1.60
CA SER N 44 -61.23 9.09 1.23
C SER N 44 -61.83 7.97 2.08
N HIS N 45 -62.55 8.34 3.14
CA HIS N 45 -63.16 7.35 4.00
C HIS N 45 -64.08 6.47 3.17
N VAL N 46 -64.13 5.19 3.50
CA VAL N 46 -64.97 4.26 2.79
C VAL N 46 -65.81 3.48 3.77
N TYR N 47 -67.01 3.98 4.04
CA TYR N 47 -67.92 3.32 4.97
C TYR N 47 -68.62 2.13 4.29
N SER N 48 -69.00 1.17 5.12
CA SER N 48 -69.65 -0.02 4.62
C SER N 48 -70.25 -0.76 5.78
N PRO N 49 -71.38 -1.46 5.54
CA PRO N 49 -72.07 -2.23 6.59
C PRO N 49 -71.06 -3.08 7.39
N LEU N 50 -70.92 -2.76 8.66
CA LEU N 50 -70.02 -3.40 9.60
C LEU N 50 -70.53 -4.78 10.04
N PRO N 51 -69.97 -5.86 9.46
CA PRO N 51 -70.38 -7.24 9.80
C PRO N 51 -70.78 -7.42 11.27
N ASP N 52 -71.88 -8.14 11.50
CA ASP N 52 -72.41 -8.45 12.84
C ASP N 52 -73.00 -7.30 13.64
N TRP N 53 -72.93 -6.11 13.10
CA TRP N 53 -73.51 -4.99 13.79
C TRP N 53 -74.89 -4.74 13.20
N THR N 54 -75.64 -3.87 13.87
CA THR N 54 -76.99 -3.54 13.44
C THR N 54 -77.14 -2.05 13.14
N ASN N 55 -77.52 -1.73 11.90
CA ASN N 55 -77.71 -0.34 11.48
C ASN N 55 -76.54 0.53 11.90
N THR N 56 -75.34 0.08 11.53
CA THR N 56 -74.11 0.79 11.84
C THR N 56 -73.13 0.62 10.70
N LEU N 57 -72.74 1.73 10.09
CA LEU N 57 -71.79 1.68 9.02
C LEU N 57 -70.41 1.93 9.60
N GLY N 58 -69.39 1.27 9.04
CA GLY N 58 -68.04 1.43 9.55
C GLY N 58 -66.98 1.64 8.50
N ALA N 59 -65.99 2.47 8.84
CA ALA N 59 -64.91 2.76 7.92
C ALA N 59 -63.58 2.40 8.58
N TYR N 60 -62.85 1.49 7.94
CA TYR N 60 -61.56 1.06 8.47
C TYR N 60 -60.47 1.99 7.96
N LEU N 61 -59.71 2.56 8.88
CA LEU N 61 -58.65 3.49 8.51
C LEU N 61 -57.25 2.87 8.54
N ILE N 62 -57.07 1.88 9.40
CA ILE N 62 -55.79 1.19 9.56
C ILE N 62 -56.05 -0.25 9.98
N THR N 63 -55.28 -1.19 9.41
CA THR N 63 -55.39 -2.61 9.73
C THR N 63 -53.98 -3.23 9.62
N PRO N 64 -53.73 -4.34 10.34
CA PRO N 64 -52.42 -4.98 10.29
C PRO N 64 -51.84 -5.13 8.88
N ALA N 65 -52.70 -5.10 7.86
CA ALA N 65 -52.24 -5.23 6.48
C ALA N 65 -51.26 -4.11 6.12
N THR N 66 -51.15 -3.11 7.00
CA THR N 66 -50.24 -1.99 6.76
C THR N 66 -48.96 -2.21 7.55
N GLY N 67 -48.94 -3.27 8.35
CA GLY N 67 -47.77 -3.56 9.15
C GLY N 67 -48.07 -3.42 10.63
N SER N 68 -49.15 -2.71 10.97
CA SER N 68 -49.52 -2.53 12.37
C SER N 68 -49.97 -3.84 13.01
N HIS N 69 -50.43 -3.75 14.25
CA HIS N 69 -50.90 -4.92 14.96
C HIS N 69 -52.26 -4.61 15.57
N PHE N 70 -52.88 -3.54 15.07
CA PHE N 70 -54.18 -3.11 15.57
C PHE N 70 -55.05 -2.61 14.42
N VAL N 71 -56.32 -2.39 14.72
CA VAL N 71 -57.21 -1.82 13.73
C VAL N 71 -57.83 -0.58 14.36
N MET N 72 -58.01 0.44 13.55
CA MET N 72 -58.61 1.69 13.99
C MET N 72 -59.68 1.96 12.95
N TYR N 73 -60.92 2.03 13.39
CA TYR N 73 -61.99 2.31 12.44
C TYR N 73 -63.06 3.17 13.05
N LEU N 74 -63.80 3.87 12.20
CA LEU N 74 -64.87 4.75 12.65
C LEU N 74 -66.19 4.01 12.48
N ALA N 75 -67.01 3.99 13.53
CA ALA N 75 -68.30 3.31 13.47
C ALA N 75 -69.47 4.29 13.51
N LYS N 76 -70.10 4.48 12.36
CA LYS N 76 -71.24 5.39 12.25
C LYS N 76 -72.55 4.69 12.56
N MET N 77 -72.83 4.52 13.85
CA MET N 77 -74.06 3.86 14.29
C MET N 77 -75.26 4.76 14.01
N LYS N 78 -76.41 4.16 13.76
CA LYS N 78 -77.62 4.93 13.49
C LYS N 78 -78.69 4.59 14.53
N GLU N 79 -79.96 4.68 14.17
CA GLU N 79 -81.02 4.38 15.14
C GLU N 79 -81.22 2.88 15.36
N MET N 80 -81.51 2.51 16.60
CA MET N 80 -81.73 1.12 16.96
C MET N 80 -80.52 0.25 16.64
N SER N 81 -79.39 0.91 16.43
CA SER N 81 -78.15 0.21 16.13
C SER N 81 -77.61 -0.46 17.39
N SER N 82 -76.88 -1.56 17.22
CA SER N 82 -76.29 -2.26 18.35
C SER N 82 -74.86 -2.57 17.93
N SER N 83 -74.06 -3.12 18.86
CA SER N 83 -72.69 -3.47 18.51
C SER N 83 -72.57 -4.95 18.21
N GLY N 84 -71.42 -5.32 17.66
CA GLY N 84 -71.17 -6.71 17.33
C GLY N 84 -69.94 -7.14 18.11
N LEU N 85 -69.90 -8.41 18.50
CA LEU N 85 -68.76 -8.91 19.25
C LEU N 85 -67.51 -9.13 18.39
N PRO N 86 -66.35 -8.76 18.92
CA PRO N 86 -65.08 -8.92 18.21
C PRO N 86 -64.61 -10.38 18.34
N PRO N 87 -63.73 -10.83 17.44
CA PRO N 87 -63.22 -12.21 17.49
C PRO N 87 -62.61 -12.56 18.85
N GLN N 88 -62.31 -13.85 19.01
CA GLN N 88 -61.72 -14.37 20.24
C GLN N 88 -60.35 -13.76 20.49
N ASP N 89 -60.11 -13.35 21.74
CA ASP N 89 -58.82 -12.76 22.12
C ASP N 89 -58.55 -11.40 21.50
N ILE N 90 -59.62 -10.66 21.23
CA ILE N 90 -59.48 -9.34 20.64
C ILE N 90 -59.96 -8.26 21.59
N GLU N 91 -59.03 -7.51 22.16
CA GLU N 91 -59.41 -6.42 23.06
C GLU N 91 -59.99 -5.29 22.22
N ARG N 92 -60.90 -4.53 22.80
CA ARG N 92 -61.54 -3.43 22.10
C ARG N 92 -61.70 -2.22 22.98
N LEU N 93 -61.44 -1.04 22.40
CA LEU N 93 -61.56 0.23 23.08
C LEU N 93 -62.46 1.09 22.19
N ILE N 94 -63.43 1.77 22.80
CA ILE N 94 -64.32 2.62 22.02
C ILE N 94 -64.32 4.03 22.59
N PHE N 95 -64.36 5.02 21.69
CA PHE N 95 -64.36 6.43 22.09
C PHE N 95 -65.50 7.15 21.39
N VAL N 96 -66.37 7.82 22.15
CA VAL N 96 -67.48 8.53 21.52
C VAL N 96 -67.06 9.89 20.99
N VAL N 97 -67.07 10.02 19.66
CA VAL N 97 -66.69 11.28 19.04
C VAL N 97 -67.90 12.20 19.04
N GLU N 98 -69.08 11.60 18.85
CA GLU N 98 -70.35 12.33 18.82
C GLU N 98 -71.50 11.38 19.17
N GLY N 99 -72.68 11.96 19.37
CA GLY N 99 -73.86 11.16 19.68
C GLY N 99 -73.87 10.61 21.10
N ALA N 100 -74.54 9.48 21.28
CA ALA N 100 -74.65 8.82 22.57
C ALA N 100 -75.03 7.33 22.42
N VAL N 101 -74.46 6.50 23.28
CA VAL N 101 -74.72 5.06 23.23
C VAL N 101 -74.67 4.52 24.67
N THR N 102 -75.15 3.30 24.88
CA THR N 102 -75.15 2.70 26.22
C THR N 102 -74.39 1.37 26.33
N LEU N 103 -73.35 1.36 27.14
CA LEU N 103 -72.56 0.15 27.33
C LEU N 103 -73.34 -0.81 28.24
N THR N 104 -73.60 -2.00 27.73
CA THR N 104 -74.33 -3.01 28.50
C THR N 104 -73.40 -4.14 28.91
N ASN N 105 -73.59 -4.62 30.14
CA ASN N 105 -72.81 -5.72 30.68
C ASN N 105 -72.55 -6.79 29.61
N SER N 108 -71.80 -6.38 35.76
CA SER N 108 -71.27 -5.17 35.11
C SER N 108 -72.16 -3.94 35.34
N SER N 109 -73.47 -4.14 35.16
CA SER N 109 -74.52 -3.12 35.30
C SER N 109 -74.84 -2.49 33.94
N SER N 110 -74.94 -1.17 33.88
CA SER N 110 -75.26 -0.46 32.64
C SER N 110 -74.72 0.98 32.71
N LYS N 111 -74.10 1.46 31.62
CA LYS N 111 -73.53 2.82 31.64
C LYS N 111 -73.78 3.64 30.38
N LYS N 112 -74.48 4.77 30.53
CA LYS N 112 -74.79 5.66 29.39
C LYS N 112 -73.57 6.49 28.99
N LEU N 113 -72.99 6.13 27.85
CA LEU N 113 -71.81 6.81 27.34
C LEU N 113 -72.23 7.88 26.35
N THR N 114 -71.47 8.98 26.32
CA THR N 114 -71.77 10.07 25.39
C THR N 114 -70.47 10.67 24.89
N VAL N 115 -70.55 11.76 24.12
CA VAL N 115 -69.39 12.44 23.58
C VAL N 115 -68.28 12.44 24.63
N ASP N 116 -67.05 12.17 24.17
CA ASP N 116 -65.86 12.11 25.02
C ASP N 116 -65.86 11.01 26.10
N SER N 117 -66.69 9.99 25.93
CA SER N 117 -66.74 8.86 26.86
C SER N 117 -66.08 7.66 26.18
N TYR N 118 -65.50 6.76 26.96
CA TYR N 118 -64.83 5.60 26.39
C TYR N 118 -64.97 4.33 27.23
N ALA N 119 -64.59 3.21 26.63
CA ALA N 119 -64.66 1.94 27.31
C ALA N 119 -63.67 0.92 26.75
N TYR N 120 -62.89 0.31 27.65
CA TYR N 120 -61.95 -0.71 27.25
C TYR N 120 -62.66 -2.02 27.55
N LEU N 121 -62.49 -3.00 26.68
CA LEU N 121 -63.14 -4.29 26.84
C LEU N 121 -62.10 -5.39 26.77
N PRO N 122 -61.78 -5.98 27.92
CA PRO N 122 -60.78 -7.05 27.94
C PRO N 122 -61.08 -8.03 26.83
N PRO N 123 -60.06 -8.75 26.35
CA PRO N 123 -60.35 -9.71 25.29
C PRO N 123 -61.28 -10.81 25.81
N ASN N 124 -62.34 -11.08 25.06
CA ASN N 124 -63.32 -12.10 25.42
C ASN N 124 -64.35 -11.62 26.45
N PHE N 125 -64.34 -10.34 26.75
CA PHE N 125 -65.27 -9.76 27.71
C PHE N 125 -66.59 -9.43 27.03
N HIS N 126 -67.66 -10.11 27.46
CA HIS N 126 -68.96 -9.88 26.85
C HIS N 126 -69.40 -8.45 27.07
N HIS N 127 -70.02 -7.88 26.04
CA HIS N 127 -70.47 -6.50 26.13
C HIS N 127 -71.44 -6.16 25.01
N SER N 128 -72.06 -4.99 25.11
CA SER N 128 -72.96 -4.54 24.06
C SER N 128 -73.08 -3.02 24.03
N LEU N 129 -72.96 -2.48 22.82
CA LEU N 129 -73.08 -1.06 22.61
C LEU N 129 -74.32 -0.85 21.77
N ASP N 130 -75.41 -0.57 22.48
CA ASP N 130 -76.71 -0.35 21.87
C ASP N 130 -76.97 1.15 21.88
N CYS N 131 -77.37 1.68 20.73
CA CYS N 131 -77.62 3.09 20.58
C CYS N 131 -79.00 3.36 19.99
N VAL N 132 -79.73 4.29 20.61
CA VAL N 132 -81.07 4.65 20.17
C VAL N 132 -81.08 5.64 19.00
N GLU N 133 -80.58 6.84 19.23
CA GLU N 133 -80.59 7.84 18.16
C GLU N 133 -79.42 7.74 17.20
N SER N 134 -78.23 8.15 17.66
CA SER N 134 -77.07 8.12 16.80
C SER N 134 -75.81 8.21 17.64
N ALA N 135 -74.66 7.96 17.02
CA ALA N 135 -73.38 8.04 17.72
C ALA N 135 -72.22 7.70 16.79
N THR N 136 -71.19 8.52 16.85
CA THR N 136 -70.01 8.31 16.05
C THR N 136 -68.88 7.81 16.95
N LEU N 137 -68.42 6.59 16.67
CA LEU N 137 -67.36 5.99 17.47
C LEU N 137 -66.09 5.72 16.66
N VAL N 138 -64.96 5.86 17.32
CA VAL N 138 -63.66 5.58 16.75
C VAL N 138 -63.22 4.45 17.68
N VAL N 139 -62.92 3.28 17.12
CA VAL N 139 -62.56 2.12 17.92
C VAL N 139 -61.24 1.43 17.59
N PHE N 140 -60.61 0.89 18.62
CA PHE N 140 -59.32 0.20 18.49
C PHE N 140 -59.46 -1.25 18.94
N GLU N 141 -58.87 -2.17 18.17
CA GLU N 141 -58.89 -3.61 18.46
C GLU N 141 -57.53 -4.26 18.17
N ARG N 142 -57.22 -5.33 18.90
CA ARG N 142 -55.95 -6.03 18.76
C ARG N 142 -55.97 -7.39 19.40
N ARG N 143 -55.17 -8.30 18.83
CA ARG N 143 -55.00 -9.67 19.35
C ARG N 143 -54.19 -9.52 20.64
N TYR N 144 -54.88 -9.33 21.75
CA TYR N 144 -54.23 -9.16 23.05
C TYR N 144 -53.03 -10.06 23.23
N GLU N 145 -51.94 -9.51 23.76
CA GLU N 145 -50.73 -10.29 23.99
C GLU N 145 -50.68 -10.79 25.41
N TYR N 146 -51.01 -12.07 25.57
CA TYR N 146 -51.04 -12.72 26.87
C TYR N 146 -49.66 -12.80 27.45
N LEU N 147 -49.41 -11.96 28.44
CA LEU N 147 -48.12 -11.91 29.13
C LEU N 147 -48.24 -12.67 30.43
N GLY N 148 -47.50 -13.78 30.55
CA GLY N 148 -47.58 -14.55 31.77
C GLY N 148 -49.03 -14.84 31.99
N SER N 149 -49.49 -14.82 33.24
CA SER N 149 -50.90 -15.08 33.51
C SER N 149 -51.65 -13.81 33.86
N HIS N 150 -51.15 -12.67 33.37
CA HIS N 150 -51.80 -11.39 33.63
C HIS N 150 -53.08 -11.27 32.80
N THR N 151 -53.99 -10.40 33.23
CA THR N 151 -55.25 -10.17 32.54
C THR N 151 -55.65 -8.72 32.73
N THR N 152 -56.60 -8.25 31.95
CA THR N 152 -57.06 -6.87 32.07
C THR N 152 -58.48 -6.89 32.59
N GLU N 153 -59.04 -5.70 32.81
CA GLU N 153 -60.42 -5.60 33.27
C GLU N 153 -61.13 -4.42 32.62
N LEU N 154 -62.45 -4.41 32.70
CA LEU N 154 -63.25 -3.35 32.11
C LEU N 154 -62.82 -1.94 32.55
N ILE N 155 -62.77 -1.03 31.59
CA ILE N 155 -62.42 0.34 31.89
C ILE N 155 -63.45 1.23 31.23
N VAL N 156 -64.04 2.13 32.01
CA VAL N 156 -65.04 3.07 31.53
C VAL N 156 -64.67 4.40 32.19
N GLY N 157 -64.79 5.51 31.46
CA GLY N 157 -64.44 6.80 32.02
C GLY N 157 -64.61 7.95 31.06
N SER N 158 -64.01 9.09 31.37
CA SER N 158 -64.10 10.26 30.51
C SER N 158 -62.80 11.04 30.50
N THR N 159 -62.38 11.41 29.30
CA THR N 159 -61.15 12.19 29.10
C THR N 159 -60.99 13.33 30.10
N ASP N 160 -62.07 14.09 30.28
CA ASP N 160 -62.12 15.25 31.19
C ASP N 160 -61.92 14.85 32.65
N LYS N 161 -62.42 13.67 32.99
CA LYS N 161 -62.32 13.18 34.35
C LYS N 161 -60.90 12.72 34.66
N GLN N 162 -60.10 12.48 33.62
CA GLN N 162 -58.73 12.00 33.79
C GLN N 162 -57.72 13.10 34.17
N PRO N 163 -56.70 12.72 34.97
CA PRO N 163 -55.63 13.63 35.45
C PRO N 163 -54.58 14.03 34.41
N LEU N 164 -53.86 15.11 34.67
CA LEU N 164 -52.82 15.56 33.76
C LEU N 164 -51.52 14.91 34.17
N LEU N 165 -50.98 14.05 33.32
CA LEU N 165 -49.73 13.36 33.60
C LEU N 165 -48.52 14.22 33.24
N GLU N 166 -47.41 14.00 33.95
CA GLU N 166 -46.18 14.74 33.73
C GLU N 166 -45.63 14.41 32.35
N THR N 167 -45.04 15.40 31.68
CA THR N 167 -44.47 15.21 30.34
C THR N 167 -43.08 15.84 30.29
N PRO N 168 -42.10 15.22 30.96
CA PRO N 168 -40.71 15.68 31.02
C PRO N 168 -40.13 16.17 29.71
N GLY N 169 -39.74 17.44 29.66
CA GLY N 169 -39.16 18.00 28.45
C GLY N 169 -40.14 18.40 27.37
N GLU N 170 -41.43 18.32 27.68
CA GLU N 170 -42.49 18.68 26.73
C GLU N 170 -43.48 19.62 27.41
N VAL N 171 -44.28 20.33 26.63
CA VAL N 171 -45.25 21.24 27.21
C VAL N 171 -46.69 20.77 27.00
N PHE N 172 -47.01 20.21 25.84
CA PHE N 172 -48.36 19.72 25.56
C PHE N 172 -48.94 19.07 26.81
N GLU N 173 -50.26 19.17 27.00
CA GLU N 173 -50.86 18.56 28.18
C GLU N 173 -51.35 17.14 27.89
N LEU N 174 -50.77 16.18 28.59
CA LEU N 174 -51.09 14.76 28.41
C LEU N 174 -52.11 14.19 29.38
N ARG N 175 -52.93 13.28 28.84
CA ARG N 175 -53.94 12.57 29.63
C ARG N 175 -54.01 11.13 29.09
N LYS N 176 -54.10 10.15 29.99
CA LYS N 176 -54.17 8.76 29.54
C LYS N 176 -55.48 8.15 29.99
N LEU N 177 -56.19 7.52 29.05
CA LEU N 177 -57.49 6.93 29.35
C LEU N 177 -57.41 5.62 30.14
N LEU N 178 -56.61 4.67 29.66
CA LEU N 178 -56.47 3.38 30.30
C LEU N 178 -55.40 3.39 31.38
N PRO N 179 -55.35 2.32 32.19
CA PRO N 179 -54.37 2.16 33.29
C PRO N 179 -52.95 1.98 32.75
N MET N 180 -51.95 2.16 33.61
CA MET N 180 -50.56 2.00 33.19
C MET N 180 -49.98 0.67 33.62
N SER N 181 -50.82 -0.17 34.21
CA SER N 181 -50.42 -1.51 34.67
C SER N 181 -49.85 -2.32 33.50
N VAL N 182 -48.94 -3.23 33.81
CA VAL N 182 -48.32 -4.06 32.78
C VAL N 182 -49.29 -4.99 32.07
N ALA N 183 -50.41 -5.30 32.72
CA ALA N 183 -51.40 -6.19 32.11
C ALA N 183 -51.85 -5.61 30.78
N TYR N 184 -51.71 -4.29 30.65
CA TYR N 184 -52.12 -3.57 29.44
C TYR N 184 -51.04 -3.47 28.36
N ASP N 185 -51.34 -3.98 27.17
CA ASP N 185 -50.39 -3.94 26.06
C ASP N 185 -50.56 -2.68 25.19
N PHE N 186 -51.25 -1.67 25.72
CA PHE N 186 -51.44 -0.40 25.02
C PHE N 186 -52.29 0.60 25.80
N ASN N 187 -52.19 1.86 25.44
CA ASN N 187 -52.98 2.89 26.08
C ASN N 187 -53.53 3.78 25.01
N ILE N 188 -54.28 4.80 25.42
CA ILE N 188 -54.82 5.77 24.49
C ILE N 188 -54.50 7.10 25.12
N HIS N 189 -53.63 7.86 24.46
CA HIS N 189 -53.27 9.16 24.99
C HIS N 189 -54.12 10.27 24.43
N THR N 190 -54.09 11.40 25.11
CA THR N 190 -54.80 12.59 24.74
C THR N 190 -53.79 13.70 25.00
N MET N 191 -53.42 14.38 23.93
CA MET N 191 -52.45 15.45 23.99
C MET N 191 -53.06 16.75 23.49
N ASP N 192 -52.87 17.81 24.26
CA ASP N 192 -53.42 19.10 23.90
C ASP N 192 -52.24 20.07 23.74
N PHE N 193 -52.30 20.86 22.67
CA PHE N 193 -51.26 21.83 22.37
C PHE N 193 -51.87 23.22 22.24
N GLN N 194 -51.21 24.23 22.80
CA GLN N 194 -51.70 25.60 22.65
C GLN N 194 -51.09 26.13 21.36
N PRO N 195 -51.73 27.13 20.73
CA PRO N 195 -51.17 27.67 19.48
C PRO N 195 -49.71 28.09 19.61
N GLY N 196 -48.90 27.70 18.62
CA GLY N 196 -47.48 28.04 18.64
C GLY N 196 -46.63 27.00 19.35
N GLU N 197 -47.28 26.00 19.95
CA GLU N 197 -46.59 24.93 20.67
C GLU N 197 -46.33 23.72 19.78
N PHE N 198 -45.23 23.04 20.07
CA PHE N 198 -44.83 21.88 19.28
C PHE N 198 -44.00 20.91 20.10
N LEU N 199 -43.85 19.69 19.59
CA LEU N 199 -43.06 18.66 20.26
C LEU N 199 -41.59 19.00 20.21
N ASN N 200 -40.96 19.01 21.37
CA ASN N 200 -39.55 19.32 21.45
C ASN N 200 -38.74 18.17 20.89
N VAL N 201 -39.01 16.95 21.37
CA VAL N 201 -38.28 15.80 20.88
C VAL N 201 -38.82 15.38 19.52
N LYS N 202 -37.91 15.19 18.56
CA LYS N 202 -38.28 14.77 17.21
C LYS N 202 -38.28 13.26 17.22
N GLU N 203 -39.35 12.71 17.79
CA GLU N 203 -39.55 11.29 17.98
C GLU N 203 -39.26 10.26 16.90
N VAL N 204 -38.57 9.20 17.33
CA VAL N 204 -38.22 8.05 16.50
C VAL N 204 -38.18 6.87 17.47
N HIS N 205 -39.22 6.05 17.45
CA HIS N 205 -39.29 4.91 18.37
C HIS N 205 -40.02 3.71 17.80
N TYR N 206 -39.87 2.57 18.46
CA TYR N 206 -40.51 1.33 18.02
C TYR N 206 -42.05 1.37 18.18
N ASN N 207 -42.54 2.22 19.08
CA ASN N 207 -43.97 2.31 19.31
C ASN N 207 -44.65 2.75 18.02
N GLN N 208 -45.86 2.27 17.79
CA GLN N 208 -46.61 2.65 16.59
C GLN N 208 -47.85 3.45 17.00
N HIS N 209 -48.42 4.20 16.06
CA HIS N 209 -49.58 5.03 16.38
C HIS N 209 -50.76 5.04 15.42
N GLY N 210 -51.92 5.31 15.99
CA GLY N 210 -53.16 5.46 15.24
C GLY N 210 -53.63 6.74 15.89
N LEU N 211 -53.82 7.81 15.11
CA LEU N 211 -54.28 9.06 15.72
C LEU N 211 -55.35 9.79 14.94
N LEU N 212 -56.26 10.41 15.69
CA LEU N 212 -57.36 11.20 15.14
C LEU N 212 -57.31 12.54 15.81
N LEU N 213 -57.25 13.60 15.03
CA LEU N 213 -57.20 14.95 15.59
C LEU N 213 -58.64 15.44 15.86
N LEU N 214 -59.00 15.52 17.15
CA LEU N 214 -60.33 15.97 17.55
C LEU N 214 -60.59 17.46 17.40
N GLU N 215 -59.61 18.29 17.73
CA GLU N 215 -59.76 19.74 17.62
C GLU N 215 -58.51 20.41 17.05
N GLY N 216 -58.69 21.67 16.65
CA GLY N 216 -57.60 22.46 16.12
C GLY N 216 -57.10 22.18 14.71
N GLN N 217 -55.83 22.45 14.53
CA GLN N 217 -55.18 22.26 13.26
C GLN N 217 -53.71 22.66 13.41
N GLY N 218 -52.90 22.27 12.43
CA GLY N 218 -51.49 22.60 12.50
C GLY N 218 -50.72 21.81 11.46
N ILE N 219 -49.40 21.75 11.65
CA ILE N 219 -48.52 21.05 10.74
C ILE N 219 -48.00 19.77 11.37
N TYR N 220 -48.11 18.66 10.63
CA TYR N 220 -47.62 17.40 11.15
C TYR N 220 -46.54 16.85 10.22
N ARG N 221 -45.36 16.60 10.75
CA ARG N 221 -44.28 16.07 9.94
C ARG N 221 -44.16 14.58 10.18
N LEU N 222 -43.86 13.84 9.12
CA LEU N 222 -43.69 12.38 9.19
C LEU N 222 -42.61 11.97 8.17
N GLY N 223 -41.41 11.64 8.69
CA GLY N 223 -40.32 11.30 7.82
C GLY N 223 -39.89 12.60 7.15
N ASP N 224 -39.69 12.58 5.83
CA ASP N 224 -39.30 13.81 5.13
C ASP N 224 -40.53 14.48 4.53
N ASN N 225 -41.69 14.28 5.15
CA ASN N 225 -42.93 14.85 4.65
C ASN N 225 -43.64 15.74 5.68
N TRP N 226 -44.12 16.89 5.21
CA TRP N 226 -44.84 17.82 6.07
C TRP N 226 -46.29 17.88 5.56
N TYR N 227 -47.24 17.78 6.48
CA TYR N 227 -48.66 17.78 6.11
C TYR N 227 -49.55 18.74 6.92
N PRO N 228 -50.25 19.66 6.24
CA PRO N 228 -51.13 20.59 6.96
C PRO N 228 -52.32 19.73 7.42
N VAL N 229 -52.71 19.87 8.69
CA VAL N 229 -53.81 19.05 9.21
C VAL N 229 -54.91 19.81 9.96
N GLN N 230 -56.12 19.28 9.85
CA GLN N 230 -57.30 19.85 10.49
C GLN N 230 -58.05 18.75 11.25
N ALA N 231 -58.97 19.13 12.13
CA ALA N 231 -59.72 18.13 12.89
C ALA N 231 -60.46 17.19 11.94
N GLY N 232 -60.39 15.90 12.24
CA GLY N 232 -61.04 14.91 11.41
C GLY N 232 -59.99 14.05 10.74
N ASP N 233 -58.83 14.64 10.47
CA ASP N 233 -57.74 13.93 9.84
C ASP N 233 -57.24 12.81 10.73
N VAL N 234 -56.89 11.69 10.10
CA VAL N 234 -56.39 10.52 10.81
C VAL N 234 -54.96 10.25 10.36
N ILE N 235 -54.14 9.79 11.28
CA ILE N 235 -52.76 9.49 10.97
C ILE N 235 -52.31 8.09 11.38
N TRP N 236 -51.65 7.42 10.46
CA TRP N 236 -51.10 6.09 10.67
C TRP N 236 -49.60 6.29 10.83
N MET N 237 -49.08 5.94 11.99
CA MET N 237 -47.65 6.08 12.23
C MET N 237 -47.03 4.72 12.48
N ALA N 238 -46.19 4.27 11.55
CA ALA N 238 -45.53 2.98 11.68
C ALA N 238 -44.34 3.04 12.65
N PRO N 239 -43.89 1.89 13.13
CA PRO N 239 -42.77 1.87 14.06
C PRO N 239 -41.51 2.55 13.50
N PHE N 240 -40.97 3.50 14.27
CA PHE N 240 -39.76 4.24 13.92
C PHE N 240 -39.86 5.40 12.94
N VAL N 241 -41.05 5.68 12.42
CA VAL N 241 -41.19 6.78 11.50
C VAL N 241 -40.95 8.07 12.27
N PRO N 242 -40.09 8.96 11.75
CA PRO N 242 -39.84 10.22 12.45
C PRO N 242 -41.16 11.02 12.51
N GLN N 243 -41.50 11.55 13.68
CA GLN N 243 -42.75 12.29 13.81
C GLN N 243 -42.60 13.57 14.63
N TRP N 244 -43.49 14.52 14.36
CA TRP N 244 -43.49 15.81 15.05
C TRP N 244 -44.74 16.62 14.69
N TYR N 245 -45.23 17.39 15.65
CA TYR N 245 -46.41 18.21 15.43
C TYR N 245 -46.30 19.62 15.97
N ALA N 246 -46.97 20.56 15.32
CA ALA N 246 -46.99 21.96 15.74
C ALA N 246 -48.41 22.47 15.65
N ALA N 247 -48.95 22.89 16.78
CA ALA N 247 -50.32 23.42 16.83
C ALA N 247 -50.33 24.83 16.26
N LEU N 248 -51.34 25.13 15.45
CA LEU N 248 -51.46 26.44 14.83
C LEU N 248 -52.90 26.92 14.89
N GLY N 249 -53.08 28.21 14.64
CA GLY N 249 -54.42 28.77 14.63
C GLY N 249 -54.84 29.60 15.83
N LYS N 250 -56.11 29.98 15.84
CA LYS N 250 -56.63 30.79 16.93
C LYS N 250 -57.00 29.90 18.10
N THR N 251 -57.06 28.60 17.86
CA THR N 251 -57.44 27.66 18.91
C THR N 251 -56.47 26.51 19.10
N ARG N 252 -56.64 25.80 20.20
CA ARG N 252 -55.77 24.69 20.57
C ARG N 252 -56.00 23.42 19.74
N SER N 253 -55.00 22.54 19.72
CA SER N 253 -55.09 21.27 19.01
C SER N 253 -55.26 20.13 20.02
N ARG N 254 -55.97 19.09 19.62
CA ARG N 254 -56.18 17.95 20.50
C ARG N 254 -56.35 16.65 19.72
N TYR N 255 -55.42 15.73 19.90
CA TYR N 255 -55.58 14.48 19.20
C TYR N 255 -55.55 13.28 20.16
N LEU N 256 -56.33 12.27 19.79
CA LEU N 256 -56.44 11.03 20.54
C LEU N 256 -55.39 10.12 19.93
N LEU N 257 -54.51 9.59 20.76
CA LEU N 257 -53.43 8.76 20.27
C LEU N 257 -53.39 7.35 20.82
N TYR N 258 -53.17 6.38 19.93
CA TYR N 258 -53.06 4.99 20.33
C TYR N 258 -51.57 4.73 20.52
N LYS N 259 -51.21 3.92 21.51
CA LYS N 259 -49.81 3.63 21.74
C LYS N 259 -49.60 2.28 22.43
N ASP N 260 -48.85 1.40 21.77
CA ASP N 260 -48.54 0.07 22.29
C ASP N 260 -47.46 0.14 23.37
N VAL N 261 -47.63 -0.62 24.44
CA VAL N 261 -46.67 -0.60 25.55
C VAL N 261 -46.64 -1.90 26.34
N ASN N 262 -45.83 -1.89 27.39
CA ASN N 262 -45.64 -2.99 28.35
C ASN N 262 -45.26 -4.39 27.85
N ARG N 263 -44.66 -4.46 26.67
CA ARG N 263 -44.25 -5.75 26.13
C ARG N 263 -42.84 -5.58 25.58
N ASN N 264 -42.03 -6.62 25.69
CA ASN N 264 -40.68 -6.55 25.17
C ASN N 264 -40.80 -6.54 23.66
N PRO N 265 -40.32 -5.46 23.01
CA PRO N 265 -40.37 -5.30 21.55
C PRO N 265 -39.55 -6.33 20.80
N LEU N 266 -38.88 -7.24 21.52
CA LEU N 266 -38.07 -8.26 20.88
C LEU N 266 -38.89 -9.50 20.61
N PRO O 7 -67.66 -6.93 -31.94
CA PRO O 7 -67.79 -8.11 -31.02
C PRO O 7 -67.57 -7.68 -29.55
N ILE O 8 -68.25 -8.36 -28.62
CA ILE O 8 -68.14 -8.05 -27.19
C ILE O 8 -66.74 -8.26 -26.61
N TYR O 9 -66.19 -7.21 -25.98
CA TYR O 9 -64.85 -7.26 -25.34
C TYR O 9 -63.74 -7.47 -26.34
N TRP O 10 -63.94 -7.13 -27.60
CA TRP O 10 -62.91 -7.37 -28.60
C TRP O 10 -61.61 -6.63 -28.33
N LYS O 11 -61.71 -5.42 -27.78
CA LYS O 11 -60.51 -4.64 -27.49
C LYS O 11 -59.74 -5.23 -26.31
N ALA O 12 -60.46 -5.90 -25.41
CA ALA O 12 -59.80 -6.52 -24.27
C ALA O 12 -58.84 -7.61 -24.79
N THR O 13 -59.25 -8.24 -25.89
CA THR O 13 -58.45 -9.30 -26.52
C THR O 13 -57.52 -8.69 -27.58
N ASN O 14 -57.89 -7.52 -28.09
CA ASN O 14 -57.09 -6.84 -29.10
C ASN O 14 -57.09 -5.32 -28.83
N PRO O 15 -56.17 -4.85 -27.99
CA PRO O 15 -56.04 -3.43 -27.61
C PRO O 15 -55.52 -2.49 -28.70
N THR O 16 -56.15 -1.32 -28.76
CA THR O 16 -55.82 -0.28 -29.71
C THR O 16 -54.30 -0.08 -29.79
N LEU O 17 -53.63 0.00 -28.65
CA LEU O 17 -52.17 0.12 -28.65
C LEU O 17 -51.70 -1.29 -28.37
N SER O 18 -51.30 -2.00 -29.42
CA SER O 18 -50.86 -3.38 -29.27
C SER O 18 -49.35 -3.56 -29.15
N PRO O 19 -48.93 -4.78 -28.79
CA PRO O 19 -47.50 -5.03 -28.63
C PRO O 19 -46.76 -4.95 -29.95
N SER O 20 -47.43 -5.34 -31.04
CA SER O 20 -46.80 -5.33 -32.36
C SER O 20 -46.28 -3.95 -32.78
N HIS O 21 -46.94 -2.90 -32.31
CA HIS O 21 -46.56 -1.53 -32.63
C HIS O 21 -45.26 -1.13 -31.93
N LEU O 22 -44.94 -1.83 -30.85
CA LEU O 22 -43.76 -1.52 -30.08
C LEU O 22 -42.53 -2.33 -30.47
N GLN O 23 -42.62 -3.08 -31.58
CA GLN O 23 -41.48 -3.88 -32.00
C GLN O 23 -40.28 -3.03 -32.36
N ASP O 24 -40.49 -1.73 -32.52
CA ASP O 24 -39.39 -0.82 -32.89
C ASP O 24 -38.95 0.11 -31.77
N LEU O 25 -39.41 -0.14 -30.55
CA LEU O 25 -39.04 0.65 -29.38
C LEU O 25 -38.46 -0.30 -28.32
N PRO O 26 -37.18 -0.65 -28.46
CA PRO O 26 -36.46 -1.55 -27.57
C PRO O 26 -36.64 -1.24 -26.09
N GLY O 27 -37.18 -2.20 -25.34
CA GLY O 27 -37.39 -2.03 -23.92
C GLY O 27 -38.49 -1.10 -23.43
N PHE O 28 -39.39 -0.68 -24.31
CA PHE O 28 -40.47 0.20 -23.87
C PHE O 28 -41.71 -0.56 -23.43
N THR O 29 -42.28 -0.13 -22.33
CA THR O 29 -43.47 -0.77 -21.81
C THR O 29 -44.26 0.23 -20.99
N ARG O 30 -45.58 0.08 -21.00
CA ARG O 30 -46.45 0.95 -20.26
C ARG O 30 -46.68 0.34 -18.89
N SER O 31 -45.95 -0.74 -18.60
CA SER O 31 -46.09 -1.43 -17.32
C SER O 31 -45.27 -0.82 -16.20
N VAL O 32 -45.84 -0.89 -15.00
CA VAL O 32 -45.23 -0.38 -13.79
C VAL O 32 -45.64 -1.26 -12.62
N TYR O 33 -44.72 -1.53 -11.71
CA TYR O 33 -45.01 -2.34 -10.53
C TYR O 33 -44.42 -1.64 -9.30
N LYS O 34 -45.29 -1.17 -8.42
CA LYS O 34 -44.84 -0.46 -7.24
C LYS O 34 -45.25 -1.10 -5.94
N ARG O 35 -44.79 -0.51 -4.85
CA ARG O 35 -45.03 -0.95 -3.49
C ARG O 35 -46.48 -1.29 -3.17
N ASP O 36 -47.40 -0.42 -3.55
CA ASP O 36 -48.81 -0.62 -3.24
C ASP O 36 -49.74 -0.82 -4.42
N HIS O 37 -49.20 -0.95 -5.63
CA HIS O 37 -50.04 -1.15 -6.80
C HIS O 37 -49.23 -1.56 -8.02
N ALA O 38 -49.91 -1.75 -9.14
CA ALA O 38 -49.25 -2.13 -10.38
C ALA O 38 -50.14 -1.88 -11.59
N LEU O 39 -49.50 -1.66 -12.74
CA LEU O 39 -50.20 -1.47 -13.99
C LEU O 39 -49.60 -2.46 -14.97
N ILE O 40 -50.18 -3.67 -15.02
CA ILE O 40 -49.73 -4.73 -15.92
C ILE O 40 -50.40 -4.57 -17.29
N THR O 41 -49.60 -4.42 -18.34
CA THR O 41 -50.14 -4.24 -19.69
C THR O 41 -49.72 -5.27 -20.74
N PRO O 42 -50.62 -5.56 -21.70
CA PRO O 42 -50.40 -6.52 -22.77
C PRO O 42 -48.97 -6.84 -23.12
N GLU O 43 -48.20 -5.84 -23.59
CA GLU O 43 -46.81 -6.11 -23.99
C GLU O 43 -45.86 -6.61 -22.92
N SER O 44 -46.37 -6.84 -21.70
CA SER O 44 -45.54 -7.35 -20.62
C SER O 44 -45.96 -8.74 -20.12
N HIS O 45 -47.12 -9.22 -20.58
CA HIS O 45 -47.64 -10.54 -20.19
C HIS O 45 -46.64 -11.65 -20.50
N VAL O 46 -46.50 -12.59 -19.59
CA VAL O 46 -45.57 -13.70 -19.80
C VAL O 46 -46.34 -15.02 -19.83
N TYR O 47 -46.47 -15.61 -21.01
CA TYR O 47 -47.20 -16.86 -21.16
C TYR O 47 -46.33 -18.10 -21.10
N SER O 48 -46.82 -19.09 -20.36
CA SER O 48 -46.14 -20.36 -20.19
C SER O 48 -47.21 -21.44 -20.01
N PRO O 49 -46.86 -22.72 -20.26
CA PRO O 49 -47.83 -23.80 -20.11
C PRO O 49 -48.28 -23.86 -18.67
N LEU O 50 -49.60 -23.91 -18.46
CA LEU O 50 -50.16 -23.97 -17.12
C LEU O 50 -50.20 -25.42 -16.61
N PRO O 51 -49.23 -25.79 -15.75
CA PRO O 51 -49.13 -27.15 -15.18
C PRO O 51 -50.47 -27.82 -14.87
N ASP O 52 -50.63 -29.06 -15.33
CA ASP O 52 -51.85 -29.84 -15.12
C ASP O 52 -53.02 -29.45 -16.03
N TRP O 53 -52.78 -28.58 -17.00
CA TRP O 53 -53.82 -28.19 -17.94
C TRP O 53 -53.42 -28.78 -19.28
N THR O 54 -54.36 -28.90 -20.20
CA THR O 54 -54.01 -29.44 -21.50
C THR O 54 -54.11 -28.41 -22.62
N ASN O 55 -52.97 -28.17 -23.25
CA ASN O 55 -52.88 -27.21 -24.32
C ASN O 55 -53.49 -25.86 -23.90
N THR O 56 -52.94 -25.31 -22.82
CA THR O 56 -53.39 -24.03 -22.29
C THR O 56 -52.22 -23.17 -21.86
N LEU O 57 -52.07 -22.01 -22.49
CA LEU O 57 -51.00 -21.10 -22.13
C LEU O 57 -51.50 -20.12 -21.04
N GLY O 58 -50.73 -19.98 -19.98
CA GLY O 58 -51.13 -19.09 -18.89
C GLY O 58 -50.16 -17.96 -18.61
N ALA O 59 -50.70 -16.82 -18.17
CA ALA O 59 -49.91 -15.64 -17.83
C ALA O 59 -50.37 -15.12 -16.47
N TYR O 60 -49.52 -15.24 -15.46
CA TYR O 60 -49.86 -14.76 -14.13
C TYR O 60 -49.63 -13.26 -14.02
N LEU O 61 -50.68 -12.54 -13.64
CA LEU O 61 -50.64 -11.09 -13.52
C LEU O 61 -50.32 -10.62 -12.10
N ILE O 62 -50.78 -11.39 -11.11
CA ILE O 62 -50.60 -11.06 -9.71
C ILE O 62 -50.56 -12.35 -8.90
N THR O 63 -49.65 -12.42 -7.92
CA THR O 63 -49.60 -13.59 -7.04
C THR O 63 -49.32 -13.04 -5.66
N PRO O 64 -49.53 -13.87 -4.62
CA PRO O 64 -49.28 -13.42 -3.26
C PRO O 64 -47.89 -12.83 -3.04
N ALA O 65 -46.99 -13.02 -4.02
CA ALA O 65 -45.63 -12.48 -3.91
C ALA O 65 -45.68 -10.95 -3.83
N THR O 66 -46.81 -10.38 -4.25
CA THR O 66 -46.99 -8.93 -4.25
C THR O 66 -47.59 -8.44 -2.94
N GLY O 67 -47.97 -9.37 -2.08
CA GLY O 67 -48.58 -9.00 -0.81
C GLY O 67 -50.05 -9.41 -0.78
N SER O 68 -50.62 -9.64 -1.95
CA SER O 68 -52.01 -10.05 -2.07
C SER O 68 -52.21 -11.40 -1.41
N HIS O 69 -53.43 -11.91 -1.49
CA HIS O 69 -53.74 -13.21 -0.91
C HIS O 69 -54.50 -14.05 -1.93
N PHE O 70 -54.43 -13.62 -3.20
CA PHE O 70 -55.11 -14.29 -4.31
C PHE O 70 -54.20 -14.26 -5.53
N VAL O 71 -54.56 -14.98 -6.58
CA VAL O 71 -53.78 -14.94 -7.79
C VAL O 71 -54.72 -14.50 -8.90
N MET O 72 -54.17 -13.90 -9.93
CA MET O 72 -54.96 -13.45 -11.08
C MET O 72 -54.15 -13.77 -12.33
N TYR O 73 -54.69 -14.64 -13.17
CA TYR O 73 -54.02 -15.01 -14.42
C TYR O 73 -54.94 -15.18 -15.61
N LEU O 74 -54.37 -15.01 -16.79
CA LEU O 74 -55.10 -15.16 -18.03
C LEU O 74 -54.66 -16.49 -18.62
N ALA O 75 -55.65 -17.36 -18.83
CA ALA O 75 -55.37 -18.66 -19.43
C ALA O 75 -55.83 -18.60 -20.88
N LYS O 76 -54.99 -19.11 -21.79
CA LYS O 76 -55.33 -19.13 -23.22
C LYS O 76 -55.61 -20.58 -23.62
N MET O 77 -56.86 -20.99 -23.49
CA MET O 77 -57.27 -22.35 -23.83
C MET O 77 -57.39 -22.50 -25.35
N LYS O 78 -56.41 -23.18 -25.96
CA LYS O 78 -56.41 -23.38 -27.41
C LYS O 78 -57.14 -24.65 -27.87
N GLU O 79 -56.99 -24.99 -29.14
CA GLU O 79 -57.67 -26.15 -29.74
C GLU O 79 -57.68 -27.41 -28.87
N MET O 80 -58.89 -27.90 -28.56
CA MET O 80 -59.06 -29.09 -27.71
C MET O 80 -58.27 -28.97 -26.41
N SER O 81 -58.69 -28.09 -25.52
CA SER O 81 -57.96 -27.90 -24.26
C SER O 81 -58.77 -28.23 -23.01
N SER O 82 -58.06 -28.47 -21.91
CA SER O 82 -58.69 -28.81 -20.63
C SER O 82 -57.93 -28.21 -19.45
N SER O 83 -58.66 -27.93 -18.38
CA SER O 83 -58.06 -27.33 -17.18
C SER O 83 -57.74 -28.31 -16.07
N GLY O 84 -56.73 -27.95 -15.27
CA GLY O 84 -56.33 -28.77 -14.14
C GLY O 84 -56.88 -28.30 -12.79
N LEU O 85 -57.06 -29.23 -11.86
CA LEU O 85 -57.57 -28.90 -10.54
C LEU O 85 -56.69 -27.95 -9.74
N PRO O 86 -57.30 -27.05 -8.97
CA PRO O 86 -56.52 -26.13 -8.15
C PRO O 86 -56.17 -26.94 -6.91
N PRO O 87 -55.24 -26.48 -6.09
CA PRO O 87 -54.85 -27.20 -4.87
C PRO O 87 -55.92 -27.24 -3.79
N GLN O 88 -55.71 -28.12 -2.81
CA GLN O 88 -56.62 -28.26 -1.68
C GLN O 88 -57.03 -26.90 -1.11
N ASP O 89 -58.27 -26.80 -0.65
CA ASP O 89 -58.79 -25.58 -0.03
C ASP O 89 -58.62 -24.30 -0.84
N ILE O 90 -58.37 -24.43 -2.13
CA ILE O 90 -58.23 -23.25 -2.94
C ILE O 90 -59.52 -23.07 -3.72
N GLU O 91 -60.08 -21.87 -3.69
CA GLU O 91 -61.30 -21.59 -4.41
C GLU O 91 -60.89 -21.01 -5.77
N ARG O 92 -61.73 -21.19 -6.77
CA ARG O 92 -61.45 -20.68 -8.10
C ARG O 92 -62.66 -19.99 -8.71
N LEU O 93 -62.39 -18.92 -9.45
CA LEU O 93 -63.43 -18.16 -10.14
C LEU O 93 -62.96 -17.90 -11.55
N ILE O 94 -63.84 -18.11 -12.53
CA ILE O 94 -63.45 -17.86 -13.91
C ILE O 94 -64.41 -16.90 -14.60
N PHE O 95 -63.90 -16.24 -15.62
CA PHE O 95 -64.68 -15.29 -16.40
C PHE O 95 -64.26 -15.46 -17.85
N VAL O 96 -65.24 -15.60 -18.73
CA VAL O 96 -64.95 -15.80 -20.15
C VAL O 96 -64.77 -14.45 -20.84
N VAL O 97 -63.60 -14.25 -21.44
CA VAL O 97 -63.28 -13.02 -22.14
C VAL O 97 -63.23 -13.24 -23.65
N GLU O 98 -63.02 -14.49 -24.05
CA GLU O 98 -62.97 -14.81 -25.48
C GLU O 98 -63.39 -16.25 -25.71
N GLY O 99 -64.03 -16.48 -26.86
CA GLY O 99 -64.44 -17.82 -27.23
C GLY O 99 -65.51 -18.46 -26.38
N ALA O 100 -65.30 -19.73 -26.06
CA ALA O 100 -66.25 -20.51 -25.26
C ALA O 100 -65.64 -21.79 -24.69
N VAL O 101 -66.12 -22.18 -23.52
CA VAL O 101 -65.64 -23.38 -22.85
C VAL O 101 -66.79 -24.01 -22.07
N THR O 102 -66.64 -25.28 -21.68
CA THR O 102 -67.70 -25.95 -20.93
C THR O 102 -67.29 -26.45 -19.55
N LEU O 103 -68.17 -26.19 -18.58
CA LEU O 103 -67.96 -26.58 -17.19
C LEU O 103 -68.72 -27.86 -16.83
N THR O 104 -68.01 -28.88 -16.34
CA THR O 104 -68.65 -30.14 -15.95
C THR O 104 -68.33 -30.41 -14.48
N ASN O 105 -69.23 -31.10 -13.77
CA ASN O 105 -69.03 -31.39 -12.35
C ASN O 105 -68.28 -32.70 -12.15
N SER O 108 -75.80 -30.60 -9.69
CA SER O 108 -74.54 -30.34 -10.38
C SER O 108 -74.82 -29.86 -11.79
N SER O 109 -74.87 -30.81 -12.73
CA SER O 109 -75.14 -30.58 -14.15
C SER O 109 -73.95 -29.98 -14.86
N SER O 110 -74.19 -29.45 -16.07
CA SER O 110 -73.15 -28.85 -16.90
C SER O 110 -73.68 -27.80 -17.86
N LYS O 111 -72.96 -26.68 -17.94
CA LYS O 111 -73.34 -25.58 -18.82
C LYS O 111 -72.17 -25.09 -19.68
N LYS O 112 -72.53 -24.48 -20.81
CA LYS O 112 -71.54 -23.96 -21.74
C LYS O 112 -71.34 -22.46 -21.52
N LEU O 113 -70.12 -22.08 -21.19
CA LEU O 113 -69.83 -20.68 -20.92
C LEU O 113 -69.34 -19.94 -22.15
N THR O 114 -69.87 -18.73 -22.33
CA THR O 114 -69.49 -17.88 -23.45
C THR O 114 -69.04 -16.51 -22.91
N VAL O 115 -68.41 -15.72 -23.77
CA VAL O 115 -67.94 -14.40 -23.38
C VAL O 115 -68.97 -13.63 -22.53
N ASP O 116 -68.59 -13.38 -21.28
CA ASP O 116 -69.37 -12.66 -20.26
C ASP O 116 -70.00 -13.62 -19.25
N SER O 117 -69.61 -14.90 -19.35
CA SER O 117 -70.07 -15.94 -18.44
C SER O 117 -69.00 -16.16 -17.36
N TYR O 118 -69.42 -16.68 -16.22
CA TYR O 118 -68.47 -16.90 -15.14
C TYR O 118 -68.81 -18.09 -14.23
N ALA O 119 -67.78 -18.68 -13.62
CA ALA O 119 -68.03 -19.80 -12.72
C ALA O 119 -67.21 -19.74 -11.44
N TYR O 120 -67.89 -19.83 -10.30
CA TYR O 120 -67.19 -19.84 -9.02
C TYR O 120 -67.16 -21.27 -8.52
N LEU O 121 -65.99 -21.73 -8.08
CA LEU O 121 -65.85 -23.08 -7.58
C LEU O 121 -65.33 -23.07 -6.16
N PRO O 122 -66.15 -23.59 -5.21
CA PRO O 122 -65.77 -23.64 -3.79
C PRO O 122 -64.48 -24.43 -3.56
N PRO O 123 -63.91 -24.35 -2.34
CA PRO O 123 -62.69 -25.10 -2.12
C PRO O 123 -63.00 -26.59 -2.19
N ASN O 124 -62.17 -27.34 -2.94
CA ASN O 124 -62.32 -28.79 -3.09
C ASN O 124 -63.64 -29.21 -3.78
N PHE O 125 -64.01 -28.46 -4.81
CA PHE O 125 -65.22 -28.75 -5.59
C PHE O 125 -64.74 -29.28 -6.93
N HIS O 126 -64.75 -30.60 -7.09
CA HIS O 126 -64.28 -31.20 -8.32
C HIS O 126 -65.05 -30.72 -9.52
N HIS O 127 -64.32 -30.31 -10.55
CA HIS O 127 -64.94 -29.79 -11.76
C HIS O 127 -63.91 -29.84 -12.89
N SER O 128 -64.32 -29.37 -14.07
CA SER O 128 -63.45 -29.28 -15.23
C SER O 128 -64.02 -28.35 -16.28
N LEU O 129 -63.12 -27.68 -17.01
CA LEU O 129 -63.48 -26.76 -18.08
C LEU O 129 -62.80 -27.38 -19.28
N ASP O 130 -63.52 -27.47 -20.39
CA ASP O 130 -62.96 -28.06 -21.60
C ASP O 130 -63.27 -27.23 -22.81
N CYS O 131 -62.24 -26.98 -23.61
CA CYS O 131 -62.37 -26.16 -24.79
C CYS O 131 -62.06 -26.89 -26.10
N VAL O 132 -62.96 -26.73 -27.06
CA VAL O 132 -62.83 -27.34 -28.37
C VAL O 132 -62.15 -26.36 -29.34
N GLU O 133 -62.63 -25.12 -29.32
CA GLU O 133 -62.11 -24.08 -30.20
C GLU O 133 -60.99 -23.25 -29.53
N SER O 134 -61.40 -22.17 -28.88
CA SER O 134 -60.49 -21.27 -28.21
C SER O 134 -61.23 -20.43 -27.16
N ALA O 135 -60.67 -20.39 -25.96
CA ALA O 135 -61.27 -19.62 -24.87
C ALA O 135 -60.17 -18.90 -24.09
N THR O 136 -60.35 -17.60 -23.91
CA THR O 136 -59.40 -16.79 -23.14
C THR O 136 -60.18 -16.36 -21.91
N LEU O 137 -59.70 -16.76 -20.74
CA LEU O 137 -60.41 -16.40 -19.54
C LEU O 137 -59.50 -15.82 -18.45
N VAL O 138 -60.11 -15.08 -17.54
CA VAL O 138 -59.39 -14.47 -16.45
C VAL O 138 -59.81 -15.22 -15.19
N VAL O 139 -58.88 -15.91 -14.57
CA VAL O 139 -59.23 -16.65 -13.37
C VAL O 139 -58.56 -16.12 -12.09
N PHE O 140 -59.29 -16.29 -11.00
CA PHE O 140 -58.87 -15.86 -9.67
C PHE O 140 -58.90 -17.05 -8.74
N GLU O 141 -57.86 -17.15 -7.90
CA GLU O 141 -57.77 -18.23 -6.93
C GLU O 141 -57.28 -17.68 -5.59
N ARG O 142 -57.60 -18.41 -4.52
CA ARG O 142 -57.21 -18.01 -3.19
C ARG O 142 -57.44 -19.12 -2.16
N ARG O 143 -56.67 -19.07 -1.09
CA ARG O 143 -56.81 -20.05 -0.02
C ARG O 143 -58.06 -19.64 0.75
N TYR O 144 -59.19 -20.26 0.44
CA TYR O 144 -60.46 -19.94 1.10
C TYR O 144 -60.23 -19.89 2.60
N GLU O 145 -60.71 -18.81 3.23
CA GLU O 145 -60.57 -18.62 4.67
C GLU O 145 -61.82 -19.07 5.36
N TYR O 146 -61.84 -20.33 5.78
CA TYR O 146 -63.00 -20.90 6.47
C TYR O 146 -63.43 -20.11 7.69
N LEU O 147 -64.74 -19.87 7.78
CA LEU O 147 -65.33 -19.13 8.89
C LEU O 147 -66.48 -19.89 9.51
N GLY O 148 -66.37 -20.22 10.80
CA GLY O 148 -67.41 -20.97 11.48
C GLY O 148 -67.68 -22.27 10.75
N SER O 149 -68.95 -22.50 10.40
CA SER O 149 -69.37 -23.71 9.68
C SER O 149 -69.88 -23.41 8.26
N HIS O 150 -69.85 -22.14 7.89
CA HIS O 150 -70.30 -21.72 6.58
C HIS O 150 -69.54 -22.39 5.44
N THR O 151 -70.20 -22.49 4.30
CA THR O 151 -69.58 -23.09 3.13
C THR O 151 -70.15 -22.40 1.89
N THR O 152 -69.35 -22.33 0.84
CA THR O 152 -69.78 -21.72 -0.41
C THR O 152 -70.23 -22.85 -1.34
N GLU O 153 -70.91 -22.48 -2.43
CA GLU O 153 -71.43 -23.45 -3.37
C GLU O 153 -71.28 -23.01 -4.82
N LEU O 154 -71.22 -23.97 -5.74
CA LEU O 154 -71.06 -23.70 -7.17
C LEU O 154 -71.91 -22.55 -7.68
N ILE O 155 -71.27 -21.52 -8.23
CA ILE O 155 -72.01 -20.38 -8.76
C ILE O 155 -71.70 -20.15 -10.23
N VAL O 156 -72.74 -20.19 -11.06
CA VAL O 156 -72.60 -19.99 -12.49
C VAL O 156 -73.54 -18.86 -12.93
N GLY O 157 -73.11 -18.03 -13.86
CA GLY O 157 -73.93 -16.95 -14.31
C GLY O 157 -73.37 -16.08 -15.42
N SER O 158 -74.09 -15.00 -15.71
CA SER O 158 -73.68 -14.06 -16.74
C SER O 158 -73.89 -12.64 -16.26
N THR O 159 -72.90 -11.79 -16.50
CA THR O 159 -72.95 -10.39 -16.09
C THR O 159 -74.31 -9.81 -16.47
N ASP O 160 -74.62 -9.83 -17.77
CA ASP O 160 -75.88 -9.31 -18.29
C ASP O 160 -77.07 -9.76 -17.44
N LYS O 161 -77.03 -10.99 -16.95
CA LYS O 161 -78.12 -11.53 -16.14
C LYS O 161 -78.22 -10.94 -14.73
N GLN O 162 -77.11 -10.39 -14.24
CA GLN O 162 -77.05 -9.84 -12.89
C GLN O 162 -77.69 -8.47 -12.71
N PRO O 163 -78.39 -8.26 -11.59
CA PRO O 163 -79.07 -7.00 -11.28
C PRO O 163 -78.18 -5.82 -10.92
N LEU O 164 -78.59 -4.65 -11.36
CA LEU O 164 -77.88 -3.42 -11.06
C LEU O 164 -78.10 -3.15 -9.59
N LEU O 165 -77.09 -2.62 -8.91
CA LEU O 165 -77.22 -2.36 -7.49
C LEU O 165 -77.15 -0.89 -7.09
N GLU O 166 -77.55 -0.62 -5.85
CA GLU O 166 -77.50 0.72 -5.31
C GLU O 166 -76.02 1.11 -5.13
N THR O 167 -75.65 2.29 -5.65
CA THR O 167 -74.28 2.80 -5.53
C THR O 167 -74.41 4.12 -4.78
N PRO O 168 -74.75 4.07 -3.49
CA PRO O 168 -74.91 5.31 -2.72
C PRO O 168 -73.67 6.18 -2.64
N GLY O 169 -73.71 7.29 -3.37
CA GLY O 169 -72.59 8.21 -3.37
C GLY O 169 -71.92 8.31 -4.73
N GLU O 170 -72.03 7.25 -5.52
CA GLU O 170 -71.41 7.24 -6.85
C GLU O 170 -72.46 7.30 -7.96
N VAL O 171 -71.97 7.28 -9.20
CA VAL O 171 -72.84 7.34 -10.37
C VAL O 171 -72.62 6.11 -11.24
N PHE O 172 -71.48 5.45 -11.10
CA PHE O 172 -71.19 4.28 -11.90
C PHE O 172 -72.30 3.22 -11.72
N GLU O 173 -72.27 2.19 -12.57
CA GLU O 173 -73.24 1.10 -12.48
C GLU O 173 -72.60 -0.12 -11.85
N LEU O 174 -73.20 -0.61 -10.78
CA LEU O 174 -72.66 -1.76 -10.06
C LEU O 174 -73.47 -3.04 -10.19
N ARG O 175 -72.75 -4.15 -10.37
CA ARG O 175 -73.29 -5.50 -10.46
C ARG O 175 -72.32 -6.43 -9.72
N LYS O 176 -72.85 -7.36 -8.93
CA LYS O 176 -71.99 -8.30 -8.19
C LYS O 176 -72.25 -9.74 -8.66
N LEU O 177 -71.24 -10.38 -9.26
CA LEU O 177 -71.39 -11.74 -9.78
C LEU O 177 -71.63 -12.87 -8.78
N LEU O 178 -71.18 -12.69 -7.54
CA LEU O 178 -71.33 -13.71 -6.52
C LEU O 178 -72.29 -13.26 -5.42
N PRO O 179 -72.64 -14.17 -4.51
CA PRO O 179 -73.55 -13.77 -3.43
C PRO O 179 -72.79 -12.96 -2.39
N MET O 180 -73.52 -12.22 -1.57
CA MET O 180 -72.90 -11.42 -0.54
C MET O 180 -72.98 -12.14 0.80
N SER O 181 -73.44 -13.39 0.75
CA SER O 181 -73.54 -14.22 1.94
C SER O 181 -72.20 -14.28 2.66
N VAL O 182 -72.25 -14.11 3.98
CA VAL O 182 -71.08 -14.14 4.85
C VAL O 182 -70.12 -15.29 4.49
N ALA O 183 -70.63 -16.28 3.77
CA ALA O 183 -69.84 -17.43 3.40
C ALA O 183 -68.64 -17.09 2.50
N TYR O 184 -68.90 -16.28 1.48
CA TYR O 184 -67.87 -15.88 0.52
C TYR O 184 -66.93 -14.83 1.10
N ASP O 185 -65.63 -15.06 0.97
CA ASP O 185 -64.63 -14.14 1.49
C ASP O 185 -64.18 -13.11 0.45
N PHE O 186 -64.76 -13.21 -0.74
CA PHE O 186 -64.47 -12.26 -1.80
C PHE O 186 -65.70 -12.07 -2.71
N ASN O 187 -65.53 -11.29 -3.77
CA ASN O 187 -66.61 -11.04 -4.72
C ASN O 187 -66.01 -10.42 -5.97
N ILE O 188 -66.70 -10.55 -7.09
CA ILE O 188 -66.25 -9.96 -8.33
C ILE O 188 -67.32 -8.94 -8.70
N HIS O 189 -66.91 -7.67 -8.84
CA HIS O 189 -67.83 -6.58 -9.19
C HIS O 189 -67.57 -6.12 -10.61
N THR O 190 -68.62 -5.60 -11.26
CA THR O 190 -68.48 -5.04 -12.60
C THR O 190 -68.92 -3.60 -12.44
N MET O 191 -68.12 -2.68 -12.94
CA MET O 191 -68.44 -1.26 -12.83
C MET O 191 -68.43 -0.53 -14.16
N ASP O 192 -69.51 0.23 -14.39
CA ASP O 192 -69.71 0.97 -15.62
C ASP O 192 -69.78 2.48 -15.39
N PHE O 193 -69.10 3.20 -16.25
CA PHE O 193 -69.04 4.65 -16.19
C PHE O 193 -69.29 5.12 -17.59
N GLN O 194 -69.89 6.29 -17.70
CA GLN O 194 -70.12 6.91 -19.01
C GLN O 194 -68.97 7.88 -19.21
N PRO O 195 -68.65 8.21 -20.46
CA PRO O 195 -67.55 9.16 -20.68
C PRO O 195 -67.77 10.43 -19.86
N GLY O 196 -66.80 10.75 -19.00
CA GLY O 196 -66.92 11.95 -18.18
C GLY O 196 -67.24 11.69 -16.72
N GLU O 197 -67.68 10.47 -16.43
CA GLU O 197 -68.01 10.09 -15.07
C GLU O 197 -66.75 9.60 -14.34
N PHE O 198 -66.73 9.79 -13.04
CA PHE O 198 -65.58 9.39 -12.24
C PHE O 198 -66.06 9.07 -10.83
N LEU O 199 -65.15 8.57 -9.99
CA LEU O 199 -65.49 8.25 -8.61
C LEU O 199 -65.58 9.53 -7.79
N ASN O 200 -66.50 9.55 -6.83
CA ASN O 200 -66.64 10.73 -5.97
C ASN O 200 -65.77 10.60 -4.73
N VAL O 201 -65.62 9.37 -4.23
CA VAL O 201 -64.80 9.12 -3.06
C VAL O 201 -63.39 8.69 -3.46
N LYS O 202 -62.38 9.38 -2.94
CA LYS O 202 -60.99 9.05 -3.23
C LYS O 202 -60.64 7.93 -2.26
N GLU O 203 -61.10 6.74 -2.62
CA GLU O 203 -60.96 5.51 -1.84
C GLU O 203 -59.61 5.12 -1.24
N VAL O 204 -59.66 4.83 0.06
CA VAL O 204 -58.54 4.38 0.87
C VAL O 204 -59.14 3.38 1.85
N HIS O 205 -59.04 2.10 1.50
CA HIS O 205 -59.60 1.03 2.32
C HIS O 205 -58.65 -0.16 2.42
N TYR O 206 -58.94 -1.04 3.38
CA TYR O 206 -58.15 -2.24 3.63
C TYR O 206 -58.38 -3.32 2.56
N ASN O 207 -59.46 -3.21 1.78
CA ASN O 207 -59.73 -4.20 0.75
C ASN O 207 -58.64 -4.12 -0.30
N GLN O 208 -58.42 -5.22 -1.01
CA GLN O 208 -57.41 -5.25 -2.07
C GLN O 208 -58.10 -5.59 -3.39
N HIS O 209 -57.55 -5.09 -4.49
CA HIS O 209 -58.13 -5.35 -5.80
C HIS O 209 -57.17 -5.89 -6.83
N GLY O 210 -57.79 -6.38 -7.90
CA GLY O 210 -57.11 -6.91 -9.06
C GLY O 210 -58.19 -6.71 -10.10
N LEU O 211 -58.07 -5.69 -10.94
CA LEU O 211 -59.10 -5.46 -11.94
C LEU O 211 -58.60 -5.58 -13.37
N LEU O 212 -59.53 -5.74 -14.30
CA LEU O 212 -59.19 -5.87 -15.71
C LEU O 212 -60.15 -5.01 -16.49
N LEU O 213 -59.63 -4.04 -17.23
CA LEU O 213 -60.48 -3.17 -18.01
C LEU O 213 -60.97 -3.98 -19.19
N LEU O 214 -62.28 -4.21 -19.23
CA LEU O 214 -62.87 -5.00 -20.30
C LEU O 214 -63.13 -4.21 -21.58
N GLU O 215 -63.60 -2.98 -21.39
CA GLU O 215 -63.88 -2.12 -22.53
C GLU O 215 -63.77 -0.67 -22.11
N GLY O 216 -63.35 0.18 -23.05
CA GLY O 216 -63.24 1.60 -22.78
C GLY O 216 -61.84 2.09 -22.49
N GLN O 217 -61.76 3.34 -22.05
CA GLN O 217 -60.49 3.98 -21.72
C GLN O 217 -60.67 5.05 -20.66
N GLY O 218 -59.57 5.54 -20.10
CA GLY O 218 -59.67 6.56 -19.10
C GLY O 218 -58.37 6.83 -18.38
N ILE O 219 -58.47 7.29 -17.14
CA ILE O 219 -57.31 7.59 -16.32
C ILE O 219 -57.54 7.10 -14.91
N TYR O 220 -56.65 6.22 -14.44
CA TYR O 220 -56.76 5.71 -13.09
C TYR O 220 -55.74 6.47 -12.26
N ARG O 221 -56.02 6.62 -10.97
CA ARG O 221 -55.09 7.27 -10.06
C ARG O 221 -54.79 6.28 -8.94
N LEU O 222 -53.51 5.99 -8.74
CA LEU O 222 -53.05 5.09 -7.71
C LEU O 222 -51.97 5.83 -6.92
N GLY O 223 -52.32 6.25 -5.71
CA GLY O 223 -51.40 7.01 -4.88
C GLY O 223 -51.21 8.35 -5.55
N ASP O 224 -49.96 8.77 -5.72
CA ASP O 224 -49.68 10.03 -6.39
C ASP O 224 -49.34 9.73 -7.83
N ASN O 225 -49.86 8.63 -8.36
CA ASN O 225 -49.58 8.27 -9.74
C ASN O 225 -50.83 8.30 -10.62
N TRP O 226 -50.64 8.75 -11.86
CA TRP O 226 -51.73 8.86 -12.82
C TRP O 226 -51.43 8.08 -14.08
N TYR O 227 -52.29 7.12 -14.40
CA TYR O 227 -52.08 6.28 -15.57
C TYR O 227 -53.18 6.26 -16.65
N PRO O 228 -52.78 6.49 -17.90
CA PRO O 228 -53.73 6.48 -19.03
C PRO O 228 -53.97 4.99 -19.26
N VAL O 229 -55.22 4.55 -19.22
CA VAL O 229 -55.51 3.14 -19.41
C VAL O 229 -56.53 2.85 -20.51
N GLN O 230 -56.38 1.69 -21.14
CA GLN O 230 -57.27 1.26 -22.22
C GLN O 230 -57.70 -0.18 -21.98
N ALA O 231 -58.79 -0.59 -22.62
CA ALA O 231 -59.29 -1.96 -22.46
C ALA O 231 -58.14 -2.97 -22.61
N GLY O 232 -58.08 -3.92 -21.68
CA GLY O 232 -57.04 -4.92 -21.73
C GLY O 232 -55.99 -4.72 -20.64
N ASP O 233 -55.92 -3.53 -20.07
CA ASP O 233 -54.96 -3.28 -19.02
C ASP O 233 -55.42 -3.95 -17.73
N VAL O 234 -54.45 -4.29 -16.89
CA VAL O 234 -54.75 -4.93 -15.62
C VAL O 234 -54.16 -4.07 -14.51
N ILE O 235 -54.86 -3.96 -13.40
CA ILE O 235 -54.37 -3.17 -12.29
C ILE O 235 -54.35 -3.97 -10.98
N TRP O 236 -53.29 -3.78 -10.22
CA TRP O 236 -53.13 -4.44 -8.93
C TRP O 236 -53.22 -3.34 -7.89
N MET O 237 -54.16 -3.48 -6.97
CA MET O 237 -54.33 -2.48 -5.93
C MET O 237 -54.15 -3.12 -4.55
N ALA O 238 -53.02 -2.83 -3.90
CA ALA O 238 -52.76 -3.38 -2.57
C ALA O 238 -53.65 -2.63 -1.58
N PRO O 239 -53.84 -3.19 -0.37
CA PRO O 239 -54.67 -2.58 0.68
C PRO O 239 -54.24 -1.16 0.99
N PHE O 240 -55.21 -0.27 1.07
CA PHE O 240 -54.99 1.12 1.41
C PHE O 240 -54.31 2.07 0.41
N VAL O 241 -54.20 1.67 -0.85
CA VAL O 241 -53.60 2.56 -1.83
C VAL O 241 -54.71 3.46 -2.37
N PRO O 242 -54.47 4.77 -2.37
CA PRO O 242 -55.50 5.68 -2.88
C PRO O 242 -55.83 5.38 -4.34
N GLN O 243 -57.12 5.18 -4.62
CA GLN O 243 -57.59 4.85 -5.97
C GLN O 243 -58.72 5.71 -6.51
N TRP O 244 -58.65 5.98 -7.81
CA TRP O 244 -59.65 6.80 -8.49
C TRP O 244 -59.59 6.54 -9.97
N TYR O 245 -60.75 6.65 -10.62
CA TYR O 245 -60.82 6.44 -12.06
C TYR O 245 -61.77 7.46 -12.70
N ALA O 246 -61.60 7.70 -13.99
CA ALA O 246 -62.46 8.61 -14.70
C ALA O 246 -62.55 8.06 -16.12
N ALA O 247 -63.77 7.91 -16.63
CA ALA O 247 -63.96 7.40 -17.98
C ALA O 247 -63.74 8.49 -19.03
N LEU O 248 -63.18 8.11 -20.17
CA LEU O 248 -62.91 9.05 -21.25
C LEU O 248 -63.19 8.50 -22.65
N GLY O 249 -63.40 9.41 -23.60
CA GLY O 249 -63.66 9.02 -24.97
C GLY O 249 -65.12 8.88 -25.39
N LYS O 250 -65.34 8.13 -26.46
CA LYS O 250 -66.67 7.90 -27.00
C LYS O 250 -67.36 6.72 -26.32
N THR O 251 -66.81 5.52 -26.50
CA THR O 251 -67.38 4.32 -25.89
C THR O 251 -67.33 4.41 -24.36
N ARG O 252 -68.10 3.57 -23.67
CA ARG O 252 -68.13 3.59 -22.21
C ARG O 252 -67.07 2.70 -21.55
N SER O 253 -66.96 2.80 -20.23
CA SER O 253 -65.98 2.02 -19.46
C SER O 253 -66.58 0.88 -18.67
N ARG O 254 -65.88 -0.25 -18.68
CA ARG O 254 -66.30 -1.43 -17.96
C ARG O 254 -65.06 -2.14 -17.47
N TYR O 255 -65.07 -2.52 -16.19
CA TYR O 255 -63.96 -3.26 -15.67
C TYR O 255 -64.38 -4.22 -14.58
N LEU O 256 -63.82 -5.42 -14.66
CA LEU O 256 -64.08 -6.50 -13.71
C LEU O 256 -63.25 -6.14 -12.47
N LEU O 257 -63.65 -6.62 -11.31
CA LEU O 257 -62.92 -6.28 -10.11
C LEU O 257 -63.03 -7.33 -9.01
N TYR O 258 -61.88 -7.77 -8.50
CA TYR O 258 -61.84 -8.71 -7.41
C TYR O 258 -61.95 -7.83 -6.17
N LYS O 259 -62.45 -8.38 -5.06
CA LYS O 259 -62.54 -7.62 -3.83
C LYS O 259 -62.82 -8.53 -2.64
N ASP O 260 -61.89 -8.57 -1.69
CA ASP O 260 -62.04 -9.40 -0.50
C ASP O 260 -63.16 -8.84 0.35
N VAL O 261 -63.89 -9.72 1.04
CA VAL O 261 -65.01 -9.28 1.87
C VAL O 261 -65.31 -10.24 3.03
N ASN O 262 -66.39 -9.96 3.74
CA ASN O 262 -66.86 -10.77 4.85
C ASN O 262 -65.86 -11.40 5.82
N ARG O 263 -64.76 -10.73 6.11
CA ARG O 263 -63.78 -11.28 7.05
C ARG O 263 -63.20 -10.16 7.89
N ASN O 264 -63.06 -10.39 9.18
CA ASN O 264 -62.49 -9.37 10.06
C ASN O 264 -61.08 -9.07 9.54
N PRO O 265 -60.78 -7.80 9.23
CA PRO O 265 -59.47 -7.37 8.73
C PRO O 265 -58.37 -7.32 9.78
N LEU O 266 -58.66 -7.88 10.95
CA LEU O 266 -57.71 -7.93 12.04
C LEU O 266 -56.61 -8.90 11.64
N PRO P 7 -38.31 1.73 -49.68
CA PRO P 7 -38.71 3.16 -49.69
C PRO P 7 -37.79 3.99 -48.78
N ILE P 8 -36.91 4.76 -49.39
CA ILE P 8 -35.95 5.56 -48.61
C ILE P 8 -36.61 6.34 -47.46
N TYR P 9 -36.13 6.10 -46.24
CA TYR P 9 -36.61 6.78 -45.03
C TYR P 9 -38.11 6.63 -44.75
N TRP P 10 -38.69 5.53 -45.22
CA TRP P 10 -40.11 5.29 -45.04
C TRP P 10 -40.61 5.43 -43.59
N LYS P 11 -39.97 4.75 -42.66
CA LYS P 11 -40.42 4.80 -41.25
C LYS P 11 -40.33 6.16 -40.57
N ALA P 12 -39.52 7.06 -41.11
CA ALA P 12 -39.38 8.38 -40.49
C ALA P 12 -40.63 9.25 -40.78
N THR P 13 -41.47 8.77 -41.69
CA THR P 13 -42.72 9.46 -42.10
C THR P 13 -43.94 8.66 -41.61
N ASN P 14 -43.76 7.35 -41.49
CA ASN P 14 -44.81 6.46 -41.02
C ASN P 14 -44.16 5.60 -39.93
N PRO P 15 -44.00 6.18 -38.72
CA PRO P 15 -43.38 5.48 -37.59
C PRO P 15 -44.09 4.19 -37.17
N THR P 16 -43.28 3.18 -36.82
CA THR P 16 -43.77 1.87 -36.40
C THR P 16 -44.77 2.07 -35.27
N LEU P 17 -44.58 3.13 -34.49
CA LEU P 17 -45.54 3.45 -33.46
C LEU P 17 -46.16 4.77 -33.95
N SER P 18 -47.31 4.65 -34.61
CA SER P 18 -48.01 5.80 -35.16
C SER P 18 -48.93 6.40 -34.13
N PRO P 19 -49.12 7.73 -34.17
CA PRO P 19 -50.00 8.40 -33.22
C PRO P 19 -51.37 7.74 -33.08
N SER P 20 -51.87 7.19 -34.19
CA SER P 20 -53.19 6.56 -34.23
C SER P 20 -53.36 5.33 -33.33
N HIS P 21 -52.25 4.70 -32.95
CA HIS P 21 -52.27 3.51 -32.09
C HIS P 21 -52.52 3.90 -30.63
N LEU P 22 -52.50 5.20 -30.36
CA LEU P 22 -52.66 5.72 -29.01
C LEU P 22 -54.01 6.35 -28.75
N GLN P 23 -54.87 6.32 -29.76
CA GLN P 23 -56.17 6.95 -29.65
C GLN P 23 -57.01 6.51 -28.46
N ASP P 24 -56.64 5.40 -27.82
CA ASP P 24 -57.40 4.90 -26.69
C ASP P 24 -56.66 5.05 -25.36
N LEU P 25 -55.64 5.88 -25.37
CA LEU P 25 -54.86 6.16 -24.19
C LEU P 25 -54.79 7.66 -24.01
N PRO P 26 -55.86 8.25 -23.46
CA PRO P 26 -55.99 9.70 -23.21
C PRO P 26 -54.75 10.32 -22.57
N GLY P 27 -54.20 11.34 -23.22
CA GLY P 27 -53.04 12.04 -22.70
C GLY P 27 -51.73 11.27 -22.69
N PHE P 28 -51.64 10.18 -23.43
CA PHE P 28 -50.40 9.43 -23.44
C PHE P 28 -49.43 9.96 -24.48
N THR P 29 -48.16 10.05 -24.14
CA THR P 29 -47.15 10.54 -25.08
C THR P 29 -45.75 10.19 -24.65
N ARG P 30 -44.89 9.93 -25.63
CA ARG P 30 -43.51 9.57 -25.36
C ARG P 30 -42.63 10.81 -25.35
N SER P 31 -43.26 11.97 -25.57
CA SER P 31 -42.55 13.25 -25.61
C SER P 31 -42.20 13.88 -24.26
N VAL P 32 -40.96 14.34 -24.15
CA VAL P 32 -40.49 14.98 -22.93
C VAL P 32 -39.66 16.22 -23.25
N TYR P 33 -39.88 17.29 -22.49
CA TYR P 33 -39.13 18.52 -22.66
C TYR P 33 -38.52 18.85 -21.30
N LYS P 34 -37.20 18.74 -21.22
CA LYS P 34 -36.48 18.99 -19.97
C LYS P 34 -35.49 20.17 -20.05
N ARG P 35 -34.91 20.53 -18.91
CA ARG P 35 -33.97 21.65 -18.83
C ARG P 35 -32.87 21.64 -19.88
N ASP P 36 -32.27 20.49 -20.13
CA ASP P 36 -31.19 20.42 -21.10
C ASP P 36 -31.38 19.51 -22.32
N HIS P 37 -32.59 19.02 -22.54
CA HIS P 37 -32.86 18.16 -23.69
C HIS P 37 -34.34 17.90 -23.89
N ALA P 38 -34.69 17.31 -25.03
CA ALA P 38 -36.08 17.00 -25.32
C ALA P 38 -36.23 15.86 -26.32
N LEU P 39 -37.24 15.03 -26.13
CA LEU P 39 -37.52 13.94 -27.05
C LEU P 39 -38.89 14.22 -27.66
N ILE P 40 -38.91 14.89 -28.81
CA ILE P 40 -40.17 15.19 -29.47
C ILE P 40 -40.55 14.04 -30.37
N THR P 41 -41.76 13.52 -30.15
CA THR P 41 -42.27 12.37 -30.88
C THR P 41 -43.55 12.67 -31.67
N PRO P 42 -43.73 12.00 -32.82
CA PRO P 42 -44.86 12.12 -33.74
C PRO P 42 -46.24 12.46 -33.19
N GLU P 43 -46.71 11.74 -32.18
CA GLU P 43 -48.03 12.03 -31.62
C GLU P 43 -48.05 13.42 -30.96
N SER P 44 -46.90 14.08 -30.90
CA SER P 44 -46.80 15.42 -30.29
C SER P 44 -46.54 16.54 -31.29
N HIS P 45 -46.34 16.21 -32.56
CA HIS P 45 -46.11 17.23 -33.58
C HIS P 45 -47.36 18.07 -33.74
N VAL P 46 -47.18 19.38 -33.72
CA VAL P 46 -48.27 20.31 -33.88
C VAL P 46 -48.10 20.97 -35.24
N TYR P 47 -48.95 20.61 -36.20
CA TYR P 47 -48.86 21.19 -37.54
C TYR P 47 -49.76 22.40 -37.71
N SER P 48 -49.23 23.40 -38.42
CA SER P 48 -49.95 24.64 -38.66
C SER P 48 -49.35 25.35 -39.87
N PRO P 49 -50.20 26.06 -40.65
CA PRO P 49 -49.79 26.80 -41.85
C PRO P 49 -48.48 27.60 -41.64
N LEU P 50 -47.63 27.62 -42.66
CA LEU P 50 -46.36 28.35 -42.59
C LEU P 50 -46.43 29.66 -43.35
N PRO P 51 -46.40 30.78 -42.61
CA PRO P 51 -46.47 32.11 -43.25
C PRO P 51 -45.60 32.23 -44.51
N ASP P 52 -46.12 32.89 -45.54
CA ASP P 52 -45.38 33.10 -46.79
C ASP P 52 -45.32 31.84 -47.66
N TRP P 53 -45.46 30.69 -47.03
CA TRP P 53 -45.45 29.41 -47.74
C TRP P 53 -46.86 29.19 -48.26
N THR P 54 -47.02 28.88 -49.54
CA THR P 54 -48.36 28.63 -50.06
C THR P 54 -48.67 27.16 -49.82
N ASN P 55 -49.77 26.93 -49.12
CA ASN P 55 -50.17 25.57 -48.77
C ASN P 55 -48.99 24.68 -48.33
N THR P 56 -48.62 24.79 -47.06
CA THR P 56 -47.54 24.02 -46.49
C THR P 56 -47.64 24.00 -44.97
N LEU P 57 -48.16 22.91 -44.41
CA LEU P 57 -48.28 22.80 -42.96
C LEU P 57 -46.87 22.64 -42.36
N GLY P 58 -46.61 23.36 -41.27
CA GLY P 58 -45.30 23.27 -40.65
C GLY P 58 -45.40 22.99 -39.17
N ALA P 59 -44.38 22.33 -38.64
CA ALA P 59 -44.35 22.00 -37.22
C ALA P 59 -42.96 22.28 -36.66
N TYR P 60 -42.89 23.28 -35.78
CA TYR P 60 -41.63 23.64 -35.15
C TYR P 60 -41.39 22.66 -34.02
N LEU P 61 -40.23 22.01 -34.04
CA LEU P 61 -39.85 21.06 -33.02
C LEU P 61 -38.92 21.76 -32.04
N ILE P 62 -38.09 22.66 -32.57
CA ILE P 62 -37.14 23.40 -31.73
C ILE P 62 -37.03 24.86 -32.11
N THR P 63 -36.98 25.74 -31.10
CA THR P 63 -36.84 27.19 -31.31
C THR P 63 -35.98 27.76 -30.18
N PRO P 64 -35.36 28.94 -30.40
CA PRO P 64 -34.53 29.58 -29.39
C PRO P 64 -35.23 29.75 -28.05
N ALA P 65 -36.53 29.48 -28.03
CA ALA P 65 -37.30 29.58 -26.80
C ALA P 65 -36.85 28.46 -25.85
N THR P 66 -36.08 27.51 -26.37
CA THR P 66 -35.56 26.39 -25.60
C THR P 66 -34.16 26.71 -25.10
N GLY P 67 -33.49 27.64 -25.77
CA GLY P 67 -32.13 27.98 -25.39
C GLY P 67 -31.23 27.66 -26.56
N SER P 68 -31.83 27.16 -27.62
CA SER P 68 -31.08 26.84 -28.82
C SER P 68 -30.88 28.15 -29.56
N HIS P 69 -29.91 28.20 -30.46
CA HIS P 69 -29.65 29.39 -31.25
C HIS P 69 -30.16 29.11 -32.65
N PHE P 70 -31.03 28.13 -32.77
CA PHE P 70 -31.58 27.76 -34.06
C PHE P 70 -33.01 27.23 -33.92
N VAL P 71 -33.67 27.06 -35.06
CA VAL P 71 -35.02 26.54 -35.12
C VAL P 71 -35.01 25.27 -35.96
N MET P 72 -35.79 24.28 -35.54
CA MET P 72 -35.95 23.05 -36.27
C MET P 72 -37.44 22.90 -36.52
N TYR P 73 -37.80 22.45 -37.70
CA TYR P 73 -39.18 22.22 -38.04
C TYR P 73 -39.31 21.33 -39.28
N LEU P 74 -40.51 20.80 -39.45
CA LEU P 74 -40.83 19.93 -40.55
C LEU P 74 -41.85 20.61 -41.42
N ALA P 75 -41.46 20.89 -42.67
CA ALA P 75 -42.39 21.51 -43.58
C ALA P 75 -43.05 20.40 -44.38
N LYS P 76 -44.37 20.27 -44.26
CA LYS P 76 -45.05 19.27 -45.06
C LYS P 76 -45.74 20.02 -46.20
N MET P 77 -45.01 20.15 -47.31
CA MET P 77 -45.46 20.85 -48.52
C MET P 77 -46.38 20.01 -49.39
N LYS P 78 -47.64 20.43 -49.50
CA LYS P 78 -48.62 19.72 -50.32
C LYS P 78 -48.46 20.19 -51.78
N GLU P 79 -49.36 19.72 -52.65
CA GLU P 79 -49.33 20.09 -54.08
C GLU P 79 -49.51 21.58 -54.32
N MET P 80 -48.82 22.08 -55.34
CA MET P 80 -48.90 23.50 -55.68
C MET P 80 -48.39 24.23 -54.45
N SER P 81 -47.07 24.27 -54.31
CA SER P 81 -46.49 24.89 -53.13
C SER P 81 -45.18 25.59 -53.34
N SER P 82 -45.08 26.73 -52.68
CA SER P 82 -43.90 27.57 -52.72
C SER P 82 -43.49 27.81 -51.26
N SER P 83 -42.22 28.14 -51.06
CA SER P 83 -41.67 28.38 -49.74
C SER P 83 -41.36 29.85 -49.52
N GLY P 84 -41.74 30.37 -48.35
CA GLY P 84 -41.48 31.75 -48.01
C GLY P 84 -40.02 31.92 -47.62
N LEU P 85 -39.46 33.11 -47.84
CA LEU P 85 -38.06 33.35 -47.50
C LEU P 85 -37.89 33.62 -46.03
N PRO P 86 -36.67 33.44 -45.49
CA PRO P 86 -36.40 33.69 -44.07
C PRO P 86 -36.12 35.18 -43.82
N PRO P 87 -36.10 35.60 -42.54
CA PRO P 87 -35.83 37.01 -42.25
C PRO P 87 -34.40 37.42 -42.59
N GLN P 88 -34.14 38.72 -42.61
CA GLN P 88 -32.81 39.23 -42.90
C GLN P 88 -31.79 38.43 -42.11
N ASP P 89 -30.62 38.18 -42.69
CA ASP P 89 -29.55 37.44 -42.02
C ASP P 89 -29.88 36.01 -41.54
N ILE P 90 -31.00 35.45 -41.97
CA ILE P 90 -31.35 34.10 -41.54
C ILE P 90 -30.91 33.06 -42.57
N GLU P 91 -29.95 32.22 -42.18
CA GLU P 91 -29.45 31.16 -43.05
C GLU P 91 -30.38 29.95 -42.97
N ARG P 92 -30.38 29.13 -44.01
CA ARG P 92 -31.25 27.96 -44.04
C ARG P 92 -30.64 26.70 -44.68
N LEU P 93 -31.17 25.56 -44.25
CA LEU P 93 -30.73 24.25 -44.72
C LEU P 93 -31.97 23.36 -44.77
N ILE P 94 -32.29 22.85 -45.96
CA ILE P 94 -33.44 21.96 -46.12
C ILE P 94 -32.92 20.58 -46.47
N PHE P 95 -33.64 19.56 -46.03
CA PHE P 95 -33.26 18.19 -46.27
C PHE P 95 -34.52 17.40 -46.57
N VAL P 96 -34.69 17.03 -47.83
CA VAL P 96 -35.85 16.26 -48.25
C VAL P 96 -35.95 14.96 -47.48
N VAL P 97 -36.89 14.88 -46.55
CA VAL P 97 -37.04 13.64 -45.79
C VAL P 97 -37.68 12.65 -46.74
N GLU P 98 -38.45 13.20 -47.67
CA GLU P 98 -39.17 12.42 -48.67
C GLU P 98 -39.91 13.30 -49.70
N GLY P 99 -40.59 12.64 -50.65
CA GLY P 99 -41.31 13.35 -51.69
C GLY P 99 -40.36 14.02 -52.68
N ALA P 100 -40.80 15.14 -53.25
CA ALA P 100 -39.94 15.85 -54.20
C ALA P 100 -40.32 17.31 -54.31
N VAL P 101 -39.31 18.15 -54.53
CA VAL P 101 -39.50 19.60 -54.67
C VAL P 101 -38.33 20.17 -55.44
N THR P 102 -38.59 21.22 -56.21
CA THR P 102 -37.56 21.86 -57.02
C THR P 102 -37.09 23.19 -56.42
N LEU P 103 -35.78 23.29 -56.20
CA LEU P 103 -35.20 24.50 -55.65
C LEU P 103 -34.92 25.47 -56.81
N THR P 104 -34.96 26.77 -56.52
CA THR P 104 -34.70 27.77 -57.57
C THR P 104 -33.98 29.01 -57.03
N ASN P 105 -34.49 30.19 -57.36
CA ASN P 105 -33.92 31.49 -56.93
C ASN P 105 -34.08 32.59 -57.98
N SER P 108 -32.09 32.13 -62.38
CA SER P 108 -30.76 31.56 -62.47
C SER P 108 -30.79 30.03 -62.39
N SER P 109 -29.68 29.47 -61.92
CA SER P 109 -29.53 28.03 -61.75
C SER P 109 -30.80 27.43 -61.18
N SER P 110 -30.99 26.14 -61.42
CA SER P 110 -32.16 25.45 -60.91
C SER P 110 -31.83 23.95 -60.79
N LYS P 111 -32.31 23.33 -59.72
CA LYS P 111 -32.08 21.90 -59.47
C LYS P 111 -33.36 21.17 -59.07
N LYS P 112 -33.34 19.85 -59.21
CA LYS P 112 -34.48 19.01 -58.86
C LYS P 112 -34.16 18.23 -57.57
N LEU P 113 -34.90 18.49 -56.50
CA LEU P 113 -34.66 17.84 -55.21
C LEU P 113 -35.62 16.70 -54.83
N THR P 114 -35.03 15.59 -54.37
CA THR P 114 -35.79 14.42 -53.97
C THR P 114 -35.24 13.83 -52.67
N VAL P 115 -36.01 12.88 -52.12
CA VAL P 115 -35.66 12.19 -50.87
C VAL P 115 -34.17 11.86 -50.70
N ASP P 116 -33.58 12.49 -49.67
CA ASP P 116 -32.16 12.36 -49.27
C ASP P 116 -31.22 13.42 -49.88
N SER P 117 -31.82 14.47 -50.43
CA SER P 117 -31.07 15.57 -51.06
C SER P 117 -31.23 16.86 -50.25
N TYR P 118 -30.19 17.70 -50.25
CA TYR P 118 -30.25 18.92 -49.46
C TYR P 118 -29.75 20.19 -50.17
N ALA P 119 -29.83 21.30 -49.45
CA ALA P 119 -29.40 22.61 -49.94
C ALA P 119 -29.14 23.60 -48.80
N TYR P 120 -28.21 24.51 -49.02
CA TYR P 120 -27.89 25.53 -48.03
C TYR P 120 -27.94 26.90 -48.68
N LEU P 121 -28.87 27.71 -48.21
CA LEU P 121 -29.09 29.02 -48.75
C LEU P 121 -28.67 30.08 -47.73
N PRO P 122 -27.42 30.57 -47.86
CA PRO P 122 -26.80 31.58 -46.99
C PRO P 122 -27.72 32.72 -46.55
N PRO P 123 -27.25 33.50 -45.56
CA PRO P 123 -28.06 34.61 -45.05
C PRO P 123 -28.45 35.56 -46.20
N ASN P 124 -29.77 35.70 -46.40
CA ASN P 124 -30.36 36.56 -47.44
C ASN P 124 -30.45 35.94 -48.84
N PHE P 125 -29.47 35.13 -49.23
CA PHE P 125 -29.47 34.47 -50.54
C PHE P 125 -30.89 34.14 -50.97
N HIS P 126 -31.45 34.95 -51.86
CA HIS P 126 -32.82 34.72 -52.32
C HIS P 126 -32.93 33.35 -52.98
N HIS P 127 -34.15 32.80 -53.03
CA HIS P 127 -34.37 31.49 -53.64
C HIS P 127 -35.82 31.07 -53.44
N SER P 128 -36.12 29.84 -53.82
CA SER P 128 -37.47 29.30 -53.64
C SER P 128 -37.52 27.81 -53.92
N LEU P 129 -38.33 27.13 -53.13
CA LEU P 129 -38.50 25.69 -53.27
C LEU P 129 -39.95 25.50 -53.69
N ASP P 130 -40.15 24.91 -54.87
CA ASP P 130 -41.48 24.70 -55.40
C ASP P 130 -41.75 23.20 -55.48
N CYS P 131 -42.84 22.75 -54.87
CA CYS P 131 -43.18 21.33 -54.88
C CYS P 131 -44.38 20.99 -55.72
N VAL P 132 -44.15 20.14 -56.71
CA VAL P 132 -45.21 19.71 -57.61
C VAL P 132 -46.33 18.96 -56.89
N GLU P 133 -46.04 17.72 -56.46
CA GLU P 133 -47.06 16.91 -55.76
C GLU P 133 -46.98 16.90 -54.23
N SER P 134 -45.81 16.57 -53.68
CA SER P 134 -45.64 16.51 -52.23
C SER P 134 -44.21 16.35 -51.74
N ALA P 135 -44.03 16.62 -50.45
CA ALA P 135 -42.73 16.52 -49.81
C ALA P 135 -42.83 16.79 -48.30
N THR P 136 -41.70 16.59 -47.62
CA THR P 136 -41.59 16.82 -46.19
C THR P 136 -40.16 17.32 -46.01
N LEU P 137 -39.99 18.40 -45.27
CA LEU P 137 -38.66 18.94 -45.18
C LEU P 137 -38.11 19.33 -43.82
N VAL P 138 -37.22 18.51 -43.27
CA VAL P 138 -36.62 18.90 -42.01
C VAL P 138 -35.80 20.12 -42.41
N VAL P 139 -35.99 21.24 -41.73
CA VAL P 139 -35.23 22.44 -42.07
C VAL P 139 -34.63 23.16 -40.87
N PHE P 140 -33.53 23.85 -41.12
CA PHE P 140 -32.82 24.58 -40.08
C PHE P 140 -32.58 26.04 -40.50
N GLU P 141 -32.87 26.94 -39.56
CA GLU P 141 -32.70 28.38 -39.75
C GLU P 141 -31.99 28.93 -38.52
N ARG P 142 -31.23 30.00 -38.70
CA ARG P 142 -30.47 30.60 -37.60
C ARG P 142 -29.80 31.93 -38.03
N ARG P 143 -29.68 32.87 -37.10
CA ARG P 143 -29.05 34.15 -37.43
C ARG P 143 -27.56 33.91 -37.73
N TYR P 144 -27.19 33.92 -39.01
CA TYR P 144 -25.80 33.70 -39.38
C TYR P 144 -24.88 34.58 -38.56
N GLU P 145 -23.71 34.04 -38.20
CA GLU P 145 -22.74 34.80 -37.42
C GLU P 145 -21.50 35.15 -38.23
N TYR P 146 -21.58 36.31 -38.91
CA TYR P 146 -20.49 36.83 -39.72
C TYR P 146 -19.25 36.88 -38.87
N LEU P 147 -18.17 36.34 -39.41
CA LEU P 147 -16.87 36.29 -38.76
C LEU P 147 -15.88 37.02 -39.68
N GLY P 148 -15.64 38.30 -39.41
CA GLY P 148 -14.73 39.06 -40.23
C GLY P 148 -15.29 39.18 -41.65
N SER P 149 -14.43 39.02 -42.67
CA SER P 149 -14.87 39.14 -44.06
C SER P 149 -15.43 37.86 -44.67
N HIS P 150 -15.46 36.77 -43.91
CA HIS P 150 -15.96 35.50 -44.45
C HIS P 150 -17.43 35.55 -44.89
N THR P 151 -17.82 34.53 -45.66
CA THR P 151 -19.17 34.45 -46.21
C THR P 151 -19.39 33.06 -46.79
N THR P 152 -20.61 32.54 -46.66
CA THR P 152 -20.94 31.21 -47.19
C THR P 152 -21.53 31.29 -48.59
N GLU P 153 -22.15 30.18 -49.02
CA GLU P 153 -22.78 30.13 -50.34
C GLU P 153 -23.70 28.94 -50.55
N LEU P 154 -24.46 29.00 -51.64
CA LEU P 154 -25.40 27.94 -52.01
C LEU P 154 -24.67 26.61 -51.94
N ILE P 155 -25.40 25.55 -51.61
CA ILE P 155 -24.84 24.22 -51.51
C ILE P 155 -25.95 23.21 -51.75
N VAL P 156 -25.69 22.25 -52.65
CA VAL P 156 -26.66 21.21 -52.94
C VAL P 156 -25.93 19.86 -52.94
N GLY P 157 -26.70 18.79 -52.85
CA GLY P 157 -26.09 17.47 -52.85
C GLY P 157 -27.02 16.46 -52.24
N SER P 158 -26.44 15.36 -51.80
CA SER P 158 -27.19 14.29 -51.16
C SER P 158 -26.24 13.51 -50.27
N THR P 159 -26.81 12.80 -49.29
CA THR P 159 -26.00 12.03 -48.37
C THR P 159 -25.17 11.03 -49.15
N ASP P 160 -25.86 10.17 -49.89
CA ASP P 160 -25.18 9.15 -50.67
C ASP P 160 -23.93 9.69 -51.35
N LYS P 161 -24.04 10.87 -51.98
CA LYS P 161 -22.90 11.46 -52.67
C LYS P 161 -21.74 11.96 -51.80
N GLN P 162 -21.97 12.06 -50.49
CA GLN P 162 -20.91 12.54 -49.59
C GLN P 162 -20.03 11.40 -49.08
N PRO P 163 -18.72 11.66 -48.92
CA PRO P 163 -17.71 10.71 -48.45
C PRO P 163 -17.83 10.22 -46.98
N LEU P 164 -16.95 9.29 -46.61
CA LEU P 164 -16.95 8.75 -45.24
C LEU P 164 -15.82 9.37 -44.47
N LEU P 165 -16.10 10.45 -43.74
CA LEU P 165 -15.07 11.12 -42.96
C LEU P 165 -14.62 10.20 -41.84
N GLU P 166 -13.33 10.23 -41.51
CA GLU P 166 -12.85 9.35 -40.46
C GLU P 166 -13.44 9.71 -39.09
N THR P 167 -13.70 8.69 -38.30
CA THR P 167 -14.27 8.82 -36.97
C THR P 167 -13.27 8.25 -35.96
N PRO P 168 -12.20 9.01 -35.67
CA PRO P 168 -11.17 8.57 -34.73
C PRO P 168 -11.70 8.24 -33.34
N GLY P 169 -11.52 6.99 -32.94
CA GLY P 169 -11.97 6.56 -31.63
C GLY P 169 -13.39 6.05 -31.65
N GLU P 170 -14.03 6.14 -32.82
CA GLU P 170 -15.40 5.70 -32.96
C GLU P 170 -15.58 4.70 -34.09
N VAL P 171 -16.78 4.14 -34.20
CA VAL P 171 -17.04 3.15 -35.24
C VAL P 171 -18.17 3.51 -36.18
N PHE P 172 -18.98 4.50 -35.79
CA PHE P 172 -20.08 4.91 -36.65
C PHE P 172 -19.51 5.44 -37.96
N GLU P 173 -20.37 5.56 -38.97
CA GLU P 173 -19.94 6.10 -40.26
C GLU P 173 -20.39 7.54 -40.34
N LEU P 174 -19.40 8.43 -40.30
CA LEU P 174 -19.68 9.85 -40.33
C LEU P 174 -19.65 10.43 -41.74
N ARG P 175 -20.67 11.24 -42.03
CA ARG P 175 -20.80 11.89 -43.31
C ARG P 175 -21.24 13.31 -43.02
N LYS P 176 -20.63 14.28 -43.70
CA LYS P 176 -20.97 15.70 -43.50
C LYS P 176 -21.42 16.39 -44.79
N LEU P 177 -22.62 16.95 -44.77
CA LEU P 177 -23.19 17.64 -45.93
C LEU P 177 -22.48 18.93 -46.35
N LEU P 178 -22.40 19.88 -45.43
CA LEU P 178 -21.78 21.18 -45.72
C LEU P 178 -20.28 21.18 -45.56
N PRO P 179 -19.60 22.20 -46.12
CA PRO P 179 -18.14 22.30 -46.03
C PRO P 179 -17.75 22.53 -44.57
N MET P 180 -16.49 22.24 -44.24
CA MET P 180 -16.00 22.42 -42.88
C MET P 180 -15.23 23.71 -42.72
N SER P 181 -15.14 24.48 -43.81
CA SER P 181 -14.41 25.74 -43.78
C SER P 181 -15.06 26.71 -42.78
N VAL P 182 -14.20 27.46 -42.09
CA VAL P 182 -14.58 28.43 -41.05
C VAL P 182 -15.75 29.40 -41.30
N ALA P 183 -16.11 29.62 -42.55
CA ALA P 183 -17.22 30.55 -42.84
C ALA P 183 -18.58 29.96 -42.51
N TYR P 184 -18.62 28.68 -42.19
CA TYR P 184 -19.87 27.99 -41.85
C TYR P 184 -19.93 27.77 -40.34
N ASP P 185 -20.96 28.32 -39.69
CA ASP P 185 -21.09 28.19 -38.24
C ASP P 185 -21.78 26.89 -37.79
N PHE P 186 -22.19 26.07 -38.74
CA PHE P 186 -22.82 24.80 -38.41
C PHE P 186 -22.63 23.80 -39.55
N ASN P 187 -23.00 22.55 -39.30
CA ASN P 187 -22.86 21.51 -40.30
C ASN P 187 -23.87 20.45 -39.93
N ILE P 188 -24.39 19.72 -40.92
CA ILE P 188 -25.38 18.67 -40.66
C ILE P 188 -24.71 17.33 -40.93
N HIS P 189 -24.56 16.52 -39.88
CA HIS P 189 -23.89 15.22 -40.00
C HIS P 189 -24.85 14.07 -40.21
N THR P 190 -24.32 13.02 -40.83
CA THR P 190 -25.07 11.81 -41.05
C THR P 190 -24.26 10.78 -40.28
N MET P 191 -24.93 10.04 -39.41
CA MET P 191 -24.26 9.03 -38.60
C MET P 191 -24.98 7.70 -38.63
N ASP P 192 -24.34 6.68 -39.19
CA ASP P 192 -24.95 5.35 -39.28
C ASP P 192 -24.39 4.40 -38.24
N PHE P 193 -25.27 3.56 -37.70
CA PHE P 193 -24.91 2.59 -36.67
C PHE P 193 -25.43 1.19 -37.00
N GLN P 194 -24.54 0.20 -36.97
CA GLN P 194 -24.94 -1.18 -37.19
C GLN P 194 -25.42 -1.63 -35.81
N PRO P 195 -26.42 -2.52 -35.74
CA PRO P 195 -26.91 -2.96 -34.42
C PRO P 195 -25.81 -3.44 -33.48
N GLY P 196 -25.83 -2.93 -32.25
CA GLY P 196 -24.83 -3.32 -31.27
C GLY P 196 -23.72 -2.29 -31.11
N GLU P 197 -23.62 -1.41 -32.09
CA GLU P 197 -22.61 -0.36 -32.07
C GLU P 197 -23.10 0.83 -31.27
N PHE P 198 -22.13 1.54 -30.70
CA PHE P 198 -22.45 2.70 -29.90
C PHE P 198 -21.25 3.64 -29.74
N LEU P 199 -21.55 4.86 -29.28
CA LEU P 199 -20.54 5.88 -29.07
C LEU P 199 -19.65 5.54 -27.87
N ASN P 200 -18.34 5.54 -28.08
CA ASN P 200 -17.42 5.24 -27.00
C ASN P 200 -17.30 6.43 -26.08
N VAL P 201 -17.11 7.60 -26.65
CA VAL P 201 -17.00 8.79 -25.83
C VAL P 201 -18.42 9.19 -25.39
N LYS P 202 -18.57 9.48 -24.10
CA LYS P 202 -19.86 9.89 -23.56
C LYS P 202 -19.87 11.41 -23.63
N GLU P 203 -20.19 11.91 -24.81
CA GLU P 203 -20.20 13.33 -25.13
C GLU P 203 -20.80 14.37 -24.19
N VAL P 204 -19.96 15.34 -23.85
CA VAL P 204 -20.35 16.48 -23.03
C VAL P 204 -19.57 17.65 -23.62
N HIS P 205 -20.26 18.53 -24.33
CA HIS P 205 -19.62 19.65 -25.01
C HIS P 205 -20.52 20.87 -25.19
N TYR P 206 -19.89 22.01 -25.46
CA TYR P 206 -20.62 23.26 -25.65
C TYR P 206 -21.53 23.13 -26.87
N ASN P 207 -21.08 22.39 -27.88
CA ASN P 207 -21.85 22.20 -29.10
C ASN P 207 -23.26 21.80 -28.73
N GLN P 208 -24.22 22.23 -29.52
CA GLN P 208 -25.61 21.91 -29.27
C GLN P 208 -26.19 21.12 -30.46
N HIS P 209 -27.23 20.34 -30.22
CA HIS P 209 -27.81 19.53 -31.28
C HIS P 209 -29.31 19.64 -31.51
N GLY P 210 -29.68 19.17 -32.69
CA GLY P 210 -31.05 19.09 -33.14
C GLY P 210 -30.95 17.83 -33.97
N LEU P 211 -31.71 16.78 -33.67
CA LEU P 211 -31.61 15.54 -34.44
C LEU P 211 -32.91 14.87 -34.82
N LEU P 212 -32.83 14.07 -35.86
CA LEU P 212 -33.97 13.30 -36.38
C LEU P 212 -33.47 11.90 -36.77
N LEU P 213 -34.12 10.86 -36.24
CA LEU P 213 -33.74 9.49 -36.54
C LEU P 213 -34.45 9.05 -37.82
N LEU P 214 -33.68 8.98 -38.92
CA LEU P 214 -34.20 8.60 -40.23
C LEU P 214 -34.44 7.08 -40.40
N GLU P 215 -33.64 6.26 -39.71
CA GLU P 215 -33.79 4.80 -39.78
C GLU P 215 -33.48 4.13 -38.45
N GLY P 216 -33.65 2.82 -38.41
CA GLY P 216 -33.36 2.04 -37.22
C GLY P 216 -34.12 2.38 -35.96
N GLN P 217 -33.45 2.14 -34.84
CA GLN P 217 -34.03 2.39 -33.53
C GLN P 217 -33.00 1.97 -32.47
N GLY P 218 -33.16 2.45 -31.25
CA GLY P 218 -32.20 2.08 -30.22
C GLY P 218 -32.47 2.72 -28.89
N ILE P 219 -31.41 2.96 -28.13
CA ILE P 219 -31.55 3.59 -26.83
C ILE P 219 -30.75 4.88 -26.81
N TYR P 220 -31.41 6.00 -26.61
CA TYR P 220 -30.68 7.26 -26.55
C TYR P 220 -30.68 7.76 -25.11
N ARG P 221 -29.50 8.09 -24.62
CA ARG P 221 -29.37 8.59 -23.27
C ARG P 221 -29.14 10.12 -23.28
N LEU P 222 -29.85 10.83 -22.41
CA LEU P 222 -29.73 12.29 -22.31
C LEU P 222 -29.69 12.63 -20.82
N GLY P 223 -28.49 12.90 -20.32
CA GLY P 223 -28.32 13.21 -18.92
C GLY P 223 -28.43 11.91 -18.16
N ASP P 224 -29.28 11.86 -17.14
CA ASP P 224 -29.46 10.61 -16.41
C ASP P 224 -30.78 9.95 -16.87
N ASN P 225 -31.18 10.23 -18.11
CA ASN P 225 -32.40 9.68 -18.67
C ASN P 225 -32.12 8.75 -19.86
N TRP P 226 -32.87 7.66 -19.96
CA TRP P 226 -32.68 6.70 -21.06
C TRP P 226 -33.97 6.59 -21.86
N TYR P 227 -33.87 6.82 -23.17
CA TYR P 227 -35.04 6.78 -24.05
C TYR P 227 -34.97 5.83 -25.23
N PRO P 228 -35.96 4.93 -25.35
CA PRO P 228 -35.97 4.01 -26.46
C PRO P 228 -36.38 4.91 -27.63
N VAL P 229 -35.78 4.74 -28.79
CA VAL P 229 -36.13 5.57 -29.92
C VAL P 229 -36.41 4.77 -31.17
N GLN P 230 -37.27 5.34 -32.02
CA GLN P 230 -37.65 4.72 -33.29
C GLN P 230 -37.60 5.77 -34.38
N ALA P 231 -37.38 5.31 -35.60
CA ALA P 231 -37.32 6.19 -36.74
C ALA P 231 -38.47 7.20 -36.66
N GLY P 232 -38.17 8.45 -36.99
CA GLY P 232 -39.21 9.47 -36.95
C GLY P 232 -39.17 10.30 -35.69
N ASP P 233 -38.39 9.86 -34.71
CA ASP P 233 -38.27 10.59 -33.46
C ASP P 233 -37.29 11.74 -33.58
N VAL P 234 -37.47 12.75 -32.73
CA VAL P 234 -36.59 13.90 -32.73
C VAL P 234 -36.05 14.20 -31.34
N ILE P 235 -34.83 14.71 -31.29
CA ILE P 235 -34.18 15.05 -30.04
C ILE P 235 -33.55 16.43 -30.04
N TRP P 236 -33.65 17.10 -28.89
CA TRP P 236 -33.09 18.43 -28.67
C TRP P 236 -31.99 18.23 -27.66
N MET P 237 -30.78 18.67 -27.98
CA MET P 237 -29.68 18.51 -27.05
C MET P 237 -29.07 19.88 -26.82
N ALA P 238 -29.20 20.36 -25.59
CA ALA P 238 -28.68 21.66 -25.20
C ALA P 238 -27.20 21.57 -24.82
N PRO P 239 -26.47 22.69 -24.98
CA PRO P 239 -25.05 22.64 -24.64
C PRO P 239 -24.78 21.93 -23.33
N PHE P 240 -23.78 21.05 -23.38
CA PHE P 240 -23.29 20.28 -22.23
C PHE P 240 -24.09 19.14 -21.64
N VAL P 241 -25.26 18.83 -22.21
CA VAL P 241 -26.04 17.70 -21.72
C VAL P 241 -25.29 16.41 -22.07
N PRO P 242 -25.06 15.56 -21.07
CA PRO P 242 -24.35 14.30 -21.34
C PRO P 242 -25.13 13.54 -22.42
N GLN P 243 -24.44 12.96 -23.38
CA GLN P 243 -25.15 12.25 -24.43
C GLN P 243 -24.46 10.99 -24.92
N TRP P 244 -25.29 10.02 -25.28
CA TRP P 244 -24.79 8.74 -25.76
C TRP P 244 -25.93 8.02 -26.48
N TYR P 245 -25.56 7.13 -27.41
CA TYR P 245 -26.54 6.36 -28.17
C TYR P 245 -25.99 5.01 -28.59
N ALA P 246 -26.90 4.05 -28.75
CA ALA P 246 -26.55 2.70 -29.19
C ALA P 246 -27.66 2.20 -30.11
N ALA P 247 -27.27 1.53 -31.19
CA ALA P 247 -28.24 0.99 -32.15
C ALA P 247 -28.60 -0.45 -31.80
N LEU P 248 -29.87 -0.80 -32.03
CA LEU P 248 -30.36 -2.14 -31.75
C LEU P 248 -31.28 -2.58 -32.88
N GLY P 249 -31.54 -3.88 -32.97
CA GLY P 249 -32.45 -4.38 -33.99
C GLY P 249 -31.82 -5.12 -35.15
N LYS P 250 -32.58 -5.34 -36.21
CA LYS P 250 -32.06 -6.04 -37.38
C LYS P 250 -31.43 -5.08 -38.35
N THR P 251 -32.14 -4.00 -38.64
CA THR P 251 -31.60 -3.01 -39.56
C THR P 251 -30.76 -2.01 -38.79
N ARG P 252 -29.96 -1.25 -39.52
CA ARG P 252 -29.08 -0.23 -38.96
C ARG P 252 -29.84 1.04 -38.52
N SER P 253 -29.16 1.86 -37.73
CA SER P 253 -29.71 3.13 -37.26
C SER P 253 -28.92 4.23 -37.96
N ARG P 254 -29.64 5.26 -38.39
CA ARG P 254 -29.02 6.40 -39.07
C ARG P 254 -29.78 7.65 -38.66
N TYR P 255 -29.06 8.66 -38.19
CA TYR P 255 -29.72 9.89 -37.80
C TYR P 255 -29.00 11.12 -38.35
N LEU P 256 -29.80 12.16 -38.59
CA LEU P 256 -29.35 13.44 -39.12
C LEU P 256 -29.15 14.35 -37.91
N LEU P 257 -28.00 15.00 -37.83
CA LEU P 257 -27.72 15.84 -36.67
C LEU P 257 -27.17 17.23 -36.99
N TYR P 258 -27.81 18.26 -36.42
CA TYR P 258 -27.36 19.64 -36.60
C TYR P 258 -26.28 19.84 -35.57
N LYS P 259 -25.30 20.68 -35.87
CA LYS P 259 -24.24 20.91 -34.92
C LYS P 259 -23.50 22.19 -35.27
N ASP P 260 -23.43 23.11 -34.31
CA ASP P 260 -22.76 24.37 -34.52
C ASP P 260 -21.26 24.18 -34.46
N VAL P 261 -20.54 24.97 -35.25
CA VAL P 261 -19.09 24.88 -35.35
C VAL P 261 -18.48 26.22 -35.75
N ASN P 262 -17.16 26.26 -35.77
CA ASN P 262 -16.40 27.44 -36.19
C ASN P 262 -16.62 28.80 -35.54
N ARG P 263 -17.02 28.85 -34.28
CA ARG P 263 -17.18 30.15 -33.64
C ARG P 263 -16.73 30.00 -32.20
N ASN P 264 -16.06 31.01 -31.66
CA ASN P 264 -15.59 30.97 -30.28
C ASN P 264 -16.80 30.78 -29.37
N PRO P 265 -16.72 29.82 -28.43
CA PRO P 265 -17.81 29.55 -27.48
C PRO P 265 -18.12 30.69 -26.51
N LEU P 266 -17.16 31.57 -26.27
CA LEU P 266 -17.37 32.70 -25.36
C LEU P 266 -18.64 33.46 -25.70
#